data_7WWJ
#
_entry.id   7WWJ
#
_cell.length_a   1.00
_cell.length_b   1.00
_cell.length_c   1.00
_cell.angle_alpha   90.00
_cell.angle_beta   90.00
_cell.angle_gamma   90.00
#
_symmetry.space_group_name_H-M   'P 1'
#
loop_
_entity.id
_entity.type
_entity.pdbx_description
1 polymer 'Spike glycoprotein'
2 polymer '55A8 light chain'
3 polymer '55A8 heavy chain'
4 branched 2-acetamido-2-deoxy-beta-D-glucopyranose-(1-4)-2-acetamido-2-deoxy-beta-D-glucopyranose
5 non-polymer 2-acetamido-2-deoxy-beta-D-glucopyranose
#
loop_
_entity_poly.entity_id
_entity_poly.type
_entity_poly.pdbx_seq_one_letter_code
_entity_poly.pdbx_strand_id
1 'polypeptide(L)'
;MFVFLVLLPLVSSQCVNLTTRTQLPPAYTNSFTRGVYYPDKVFRSSVLHSTQDLFLPFFSNVTWFHVISGTNGTKRFDNP
VLPFNDGVYFASIEKSNIIRGWIFGTTLDSKTQSLLIVNNATNVVIKVCEFQFCNDPFLDHKNNKSWMESEFRVYSSANN
CTFEYVSQPFLMDLEGKQGNFKNLREFVFKNIDGYFKIYSKHTPIIVREPEDLPQGFSALEPLVDLPIGINITRFQTLLA
LHRSYLTPGDSSSGWTAGAAAYYVGYLQPRTFLLKYNENGTITDAVDCALDPLSETKCTLKSFTVEKGIYQTSNFRVQPT
ESIVRFPNITNLCPFDEVFNATRFASVYAWNRKRISNCVADYSVLYNLAPFFTFKCYGVSPTKLNDLCFTNVYADSFVIR
GDEVRQIAPGQTGNIADYNYKLPDDFTGCVIAWNSNKLDSKVSGNYNYLYRLFRKSNLKPFERDISTEIYQAGNKPCNGV
AGFNCYFPLRSYSFRPTYGVGHQPYRVVVLSFELLHAPATVCGPKKSTNLVKNKCVNFNFNGLKGTGVLTESNKKFLPFQ
QFGRDIADTTDAVRDPQTLEILDITPCSFGGVSVITPGTNTSNQVAVLYQGVNCTEVPVAIHADQLTPTWRVYSTGSNVF
QTRAGCLIGAEYVNNSYECDIPIGAGICASYQTQTKSHGSASSVASQSIIAYTMSLGAENSVAYSNNSIAIPTNFTISVT
TEILPVSMTKTSVDCTMYICGDSTECSNLLLQYGSFCTQLKRALTGIAVEQDKNTQEVFAQVKQIYKTPPIKYFGGFNFS
QILPDPSKPSKRSPIEDLLFNKVTLADAGFIKQYGDCLGDIAARDLICAQKFKGLTVLPPLLTDEMIAQYTSALLAGTIT
SGWTFGAGPALQIPFPMQMAYRFNGIGVTQNVLYENQKLIANQFNSAIGKIQDSLSSTPSALGKLQDVVNHNAQALNTLV
KQLSSKFGAISSVLNDIFSRLDPPEAEVQIDRLITGRLQSLQTYVTQQLIRAAEIRASANLAATKMSECVLGQSKRVDFC
GKGYHLMSFPQSAPHGVVFLHVTYVPAQEKNFTTAPAICHDGKAHFPREGVFVSNGTHWFVTQRNFYEPQIITTDNTFVS
GNCDVVIGIVNNTVYDPLQPELDSFKEELDKYFKNHTSPDVDLGDISGINASVVNIQKEIDRLNEVAKNLNESLIDLQEL
GKYEQ
;
A,B,C
2 'polypeptide(L)'
;DIQMTQSPSTLSASVGDRVTITCRASQSISSWLAWYQQKPGKAPKLLIYKASSLESGVPSRFSGSGSGTEFTLTISSLQP
DDFATYYCQQYNSYSHTFGQGTKLEIKR
;
F,H
3 'polypeptide(L)'
;QVQLVQSGAEVKKPGSSVKVSCKASGGTFSSYSFIWVRQAPGQGLEWMGRIIPILGIANYAQKFQGRVTITADKSTTTAY
MELSSLRSEDTAVYYCARGTEYGDYDVSHDWGQGTLVTVSS
;
G,I
#
# COMPACT_ATOMS: atom_id res chain seq x y z
N CYS A 15 5.73 -66.63 0.97
CA CYS A 15 4.45 -66.22 0.41
C CYS A 15 3.52 -67.42 0.24
N VAL A 16 2.24 -67.22 0.54
CA VAL A 16 1.22 -68.26 0.42
C VAL A 16 0.07 -67.69 -0.39
N ASN A 17 -0.29 -68.36 -1.48
CA ASN A 17 -1.40 -67.93 -2.31
C ASN A 17 -2.72 -68.42 -1.72
N LEU A 18 -3.70 -67.53 -1.66
CA LEU A 18 -5.02 -67.83 -1.09
C LEU A 18 -6.04 -67.83 -2.20
N THR A 19 -6.80 -68.93 -2.33
CA THR A 19 -7.84 -69.07 -3.33
C THR A 19 -9.20 -69.35 -2.71
N THR A 20 -9.35 -69.10 -1.41
CA THR A 20 -10.61 -69.29 -0.71
C THR A 20 -11.46 -68.02 -0.71
N ARG A 21 -11.13 -67.05 -1.57
CA ARG A 21 -11.85 -65.79 -1.62
C ARG A 21 -13.29 -66.01 -2.08
N THR A 22 -14.18 -65.20 -1.52
CA THR A 22 -15.58 -65.13 -1.96
C THR A 22 -15.80 -63.78 -2.61
N GLN A 23 -16.00 -63.79 -3.93
CA GLN A 23 -16.07 -62.55 -4.70
C GLN A 23 -17.46 -61.93 -4.55
N LEU A 24 -17.52 -60.75 -3.95
CA LEU A 24 -18.74 -59.97 -3.83
C LEU A 24 -18.42 -58.52 -4.18
N PRO A 25 -19.38 -57.79 -4.75
CA PRO A 25 -19.13 -56.38 -5.05
C PRO A 25 -18.93 -55.58 -3.78
N PRO A 26 -18.07 -54.55 -3.82
CA PRO A 26 -17.88 -53.71 -2.64
C PRO A 26 -19.16 -52.99 -2.27
N ALA A 27 -19.38 -52.82 -0.97
CA ALA A 27 -20.58 -52.13 -0.52
C ALA A 27 -20.38 -50.62 -0.55
N TYR A 28 -21.47 -49.89 -0.46
CA TYR A 28 -21.44 -48.43 -0.44
C TYR A 28 -22.28 -47.93 0.73
N THR A 29 -21.82 -46.86 1.38
CA THR A 29 -22.61 -46.25 2.44
C THR A 29 -22.34 -44.76 2.49
N ASN A 30 -23.00 -44.09 3.42
CA ASN A 30 -23.03 -42.63 3.50
C ASN A 30 -22.00 -42.13 4.50
N SER A 31 -21.24 -41.12 4.11
CA SER A 31 -20.19 -40.59 4.96
C SER A 31 -20.70 -39.80 6.16
N PHE A 32 -21.94 -39.31 6.09
CA PHE A 32 -22.53 -38.46 7.14
C PHE A 32 -21.60 -37.26 7.33
N THR A 33 -21.16 -36.95 8.55
CA THR A 33 -20.34 -35.78 8.83
C THR A 33 -19.01 -36.18 9.46
N ARG A 34 -18.36 -37.19 8.91
CA ARG A 34 -17.09 -37.67 9.41
C ARG A 34 -15.95 -37.24 8.48
N GLY A 35 -14.77 -37.07 9.07
CA GLY A 35 -13.59 -36.78 8.27
C GLY A 35 -13.05 -35.37 8.42
N VAL A 36 -13.16 -34.81 9.62
CA VAL A 36 -12.65 -33.48 9.90
C VAL A 36 -11.43 -33.59 10.81
N TYR A 37 -10.38 -32.84 10.47
CA TYR A 37 -9.14 -32.88 11.23
C TYR A 37 -8.63 -31.46 11.43
N TYR A 38 -7.75 -31.31 12.42
CA TYR A 38 -7.16 -30.00 12.69
C TYR A 38 -6.23 -29.61 11.55
N PRO A 39 -6.47 -28.48 10.89
CA PRO A 39 -5.61 -28.11 9.74
C PRO A 39 -4.17 -27.87 10.10
N ASP A 40 -3.88 -27.33 11.28
CA ASP A 40 -2.52 -26.91 11.60
C ASP A 40 -2.35 -26.91 13.12
N LYS A 41 -1.26 -26.28 13.57
CA LYS A 41 -0.84 -26.29 14.96
C LYS A 41 -1.36 -25.11 15.76
N VAL A 42 -2.20 -24.27 15.16
CA VAL A 42 -2.62 -23.01 15.77
C VAL A 42 -3.79 -23.26 16.69
N PHE A 43 -3.78 -22.61 17.85
CA PHE A 43 -4.83 -22.72 18.85
C PHE A 43 -5.75 -21.51 18.77
N ARG A 44 -7.06 -21.77 18.64
CA ARG A 44 -8.06 -20.72 18.60
C ARG A 44 -9.23 -21.10 19.49
N SER A 45 -9.85 -20.10 20.11
CA SER A 45 -10.96 -20.31 21.03
C SER A 45 -12.11 -19.39 20.67
N SER A 46 -13.30 -19.97 20.55
CA SER A 46 -14.54 -19.23 20.28
C SER A 46 -14.43 -18.39 19.00
N VAL A 47 -13.84 -18.98 17.96
CA VAL A 47 -13.68 -18.31 16.67
C VAL A 47 -14.19 -19.22 15.58
N LEU A 48 -15.00 -18.68 14.68
CA LEU A 48 -15.41 -19.38 13.47
C LEU A 48 -14.42 -19.08 12.36
N HIS A 49 -13.69 -20.10 11.91
CA HIS A 49 -12.59 -19.90 10.97
C HIS A 49 -12.84 -20.69 9.71
N SER A 50 -12.66 -20.04 8.56
CA SER A 50 -12.86 -20.67 7.26
C SER A 50 -11.49 -21.04 6.68
N THR A 51 -11.33 -22.31 6.30
CA THR A 51 -10.07 -22.80 5.78
C THR A 51 -10.31 -23.62 4.52
N GLN A 52 -9.42 -23.45 3.54
CA GLN A 52 -9.45 -24.22 2.31
C GLN A 52 -8.36 -25.29 2.39
N ASP A 53 -8.75 -26.55 2.17
CA ASP A 53 -7.80 -27.66 2.26
C ASP A 53 -8.50 -28.90 1.70
N LEU A 54 -7.76 -30.01 1.67
CA LEU A 54 -8.31 -31.28 1.24
C LEU A 54 -9.18 -31.84 2.35
N PHE A 55 -10.39 -32.29 1.99
CA PHE A 55 -11.33 -32.83 2.97
C PHE A 55 -12.17 -33.92 2.32
N LEU A 56 -13.01 -34.53 3.16
CA LEU A 56 -13.97 -35.53 2.71
C LEU A 56 -15.35 -34.93 2.68
N PRO A 57 -16.01 -34.83 1.53
CA PRO A 57 -17.31 -34.15 1.47
C PRO A 57 -18.36 -34.85 2.32
N PHE A 58 -19.26 -34.04 2.88
CA PHE A 58 -20.33 -34.56 3.71
C PHE A 58 -21.33 -35.33 2.87
N PHE A 59 -21.88 -36.41 3.45
CA PHE A 59 -22.92 -37.21 2.82
C PHE A 59 -22.48 -37.73 1.46
N SER A 60 -21.24 -38.17 1.36
CA SER A 60 -20.69 -38.70 0.12
C SER A 60 -20.63 -40.22 0.16
N ASN A 61 -20.51 -40.83 -1.02
CA ASN A 61 -20.27 -42.25 -1.10
C ASN A 61 -18.97 -42.62 -0.40
N VAL A 62 -19.00 -43.70 0.38
CA VAL A 62 -17.80 -44.27 0.97
C VAL A 62 -17.86 -45.78 0.83
N THR A 63 -16.75 -46.36 0.37
CA THR A 63 -16.72 -47.78 0.04
C THR A 63 -16.57 -48.63 1.30
N TRP A 64 -17.21 -49.79 1.29
CA TRP A 64 -17.34 -50.65 2.45
C TRP A 64 -16.85 -52.04 2.11
N PHE A 65 -15.93 -52.56 2.93
CA PHE A 65 -15.38 -53.90 2.79
C PHE A 65 -15.61 -54.66 4.09
N HIS A 66 -15.98 -55.94 3.95
CA HIS A 66 -16.19 -56.83 5.07
C HIS A 66 -15.05 -57.84 5.16
N VAL A 67 -14.80 -58.34 6.37
CA VAL A 67 -13.84 -59.40 6.61
C VAL A 67 -14.45 -60.39 7.59
N ILE A 68 -14.50 -61.66 7.20
CA ILE A 68 -15.02 -62.72 8.07
C ILE A 68 -14.54 -64.07 7.56
N LYS A 75 -16.55 -66.87 4.13
CA LYS A 75 -15.17 -66.51 4.39
C LYS A 75 -14.74 -65.33 3.53
N ARG A 76 -15.17 -64.13 3.93
CA ARG A 76 -14.85 -62.92 3.19
C ARG A 76 -13.38 -62.57 3.37
N PHE A 77 -12.65 -62.49 2.26
CA PHE A 77 -11.22 -62.15 2.27
C PHE A 77 -11.04 -60.99 1.30
N ASP A 78 -11.20 -59.77 1.79
CA ASP A 78 -11.19 -58.58 0.95
C ASP A 78 -9.86 -57.85 1.16
N ASN A 79 -8.93 -58.05 0.24
CA ASN A 79 -7.65 -57.34 0.23
C ASN A 79 -7.32 -56.89 -1.18
N PRO A 80 -8.08 -55.94 -1.73
CA PRO A 80 -7.74 -55.37 -3.04
C PRO A 80 -6.76 -54.22 -2.89
N VAL A 81 -6.15 -53.86 -4.01
CA VAL A 81 -5.18 -52.77 -4.07
C VAL A 81 -5.90 -51.51 -4.53
N LEU A 82 -6.08 -50.57 -3.61
CA LEU A 82 -6.89 -49.38 -3.89
C LEU A 82 -6.03 -48.24 -4.40
N PRO A 83 -6.58 -47.38 -5.24
CA PRO A 83 -5.85 -46.16 -5.63
C PRO A 83 -5.71 -45.21 -4.46
N PHE A 84 -4.63 -44.42 -4.50
CA PHE A 84 -4.36 -43.47 -3.43
C PHE A 84 -4.98 -42.10 -3.65
N ASN A 85 -4.98 -41.62 -4.90
CA ASN A 85 -5.51 -40.29 -5.26
C ASN A 85 -4.72 -39.25 -4.47
N ASP A 86 -5.37 -38.19 -3.97
CA ASP A 86 -4.69 -37.13 -3.26
C ASP A 86 -4.69 -37.33 -1.74
N GLY A 87 -5.36 -38.37 -1.26
CA GLY A 87 -5.45 -38.64 0.16
C GLY A 87 -6.48 -39.70 0.42
N VAL A 88 -6.40 -40.30 1.62
CA VAL A 88 -7.25 -41.43 1.96
C VAL A 88 -7.83 -41.24 3.35
N TYR A 89 -9.14 -41.45 3.46
CA TYR A 89 -9.84 -41.54 4.74
C TYR A 89 -10.16 -43.01 4.99
N PHE A 90 -9.66 -43.55 6.09
CA PHE A 90 -9.75 -44.98 6.38
C PHE A 90 -10.41 -45.16 7.74
N ALA A 91 -11.60 -45.76 7.75
CA ALA A 91 -12.33 -46.03 8.97
C ALA A 91 -12.45 -47.53 9.16
N SER A 92 -12.53 -47.97 10.41
CA SER A 92 -12.62 -49.39 10.70
C SER A 92 -13.47 -49.62 11.94
N ILE A 93 -14.49 -50.47 11.80
CA ILE A 93 -15.27 -50.97 12.93
C ILE A 93 -14.80 -52.39 13.19
N GLU A 94 -14.32 -52.62 14.42
CA GLU A 94 -13.58 -53.84 14.70
C GLU A 94 -13.39 -53.97 16.20
N LYS A 95 -13.06 -55.19 16.63
CA LYS A 95 -12.63 -55.46 17.99
C LYS A 95 -11.62 -56.60 17.96
N SER A 96 -10.65 -56.54 18.88
CA SER A 96 -9.55 -57.50 19.03
C SER A 96 -8.48 -57.37 17.96
N ASN A 97 -8.39 -56.21 17.31
CA ASN A 97 -7.23 -55.80 16.50
C ASN A 97 -6.94 -56.80 15.37
N ILE A 98 -7.89 -56.88 14.45
CA ILE A 98 -7.66 -57.64 13.21
C ILE A 98 -6.74 -56.88 12.26
N ILE A 99 -7.00 -55.58 12.06
CA ILE A 99 -6.18 -54.77 11.17
C ILE A 99 -4.82 -54.54 11.80
N ARG A 100 -3.77 -54.52 10.99
CA ARG A 100 -2.43 -54.46 11.56
C ARG A 100 -1.55 -53.36 10.97
N GLY A 101 -1.74 -53.04 9.69
CA GLY A 101 -0.85 -52.07 9.08
C GLY A 101 -1.27 -51.74 7.66
N TRP A 102 -0.40 -50.97 7.00
CA TRP A 102 -0.64 -50.47 5.66
C TRP A 102 0.64 -50.54 4.83
N ILE A 103 0.46 -50.58 3.52
CA ILE A 103 1.53 -50.64 2.54
C ILE A 103 1.31 -49.55 1.50
N PHE A 104 2.37 -48.82 1.16
CA PHE A 104 2.28 -47.76 0.17
C PHE A 104 3.42 -47.90 -0.84
N GLY A 105 3.13 -47.56 -2.08
CA GLY A 105 4.14 -47.62 -3.13
C GLY A 105 3.53 -47.34 -4.48
N THR A 106 4.39 -47.31 -5.49
CA THR A 106 3.99 -47.10 -6.88
C THR A 106 3.94 -48.39 -7.66
N THR A 107 4.95 -49.25 -7.53
CA THR A 107 4.97 -50.53 -8.21
C THR A 107 4.88 -51.71 -7.25
N LEU A 108 4.97 -51.48 -5.94
CA LEU A 108 4.89 -52.54 -4.93
C LEU A 108 5.95 -53.62 -5.18
N ASP A 109 7.13 -53.19 -5.60
CA ASP A 109 8.22 -54.12 -5.90
C ASP A 109 9.54 -53.43 -5.61
N SER A 110 10.62 -54.20 -5.64
CA SER A 110 11.95 -53.67 -5.35
C SER A 110 12.43 -52.66 -6.39
N LYS A 111 11.76 -52.57 -7.54
CA LYS A 111 12.17 -51.61 -8.56
C LYS A 111 12.03 -50.18 -8.04
N THR A 112 10.93 -49.89 -7.34
CA THR A 112 10.68 -48.57 -6.78
C THR A 112 10.65 -48.66 -5.25
N GLN A 113 10.76 -47.50 -4.62
CA GLN A 113 10.76 -47.44 -3.16
C GLN A 113 9.37 -47.72 -2.61
N SER A 114 9.31 -48.39 -1.47
CA SER A 114 8.06 -48.79 -0.85
C SER A 114 8.08 -48.44 0.64
N LEU A 115 6.90 -48.17 1.18
CA LEU A 115 6.72 -47.76 2.56
C LEU A 115 5.81 -48.76 3.28
N LEU A 116 6.20 -49.13 4.49
CA LEU A 116 5.51 -50.13 5.27
C LEU A 116 5.23 -49.58 6.67
N ILE A 117 3.99 -49.71 7.12
CA ILE A 117 3.58 -49.38 8.48
C ILE A 117 2.96 -50.62 9.08
N VAL A 118 3.44 -51.02 10.25
CA VAL A 118 2.83 -52.13 10.98
C VAL A 118 2.75 -51.78 12.46
N ASN A 119 1.77 -52.37 13.14
CA ASN A 119 1.60 -52.20 14.58
C ASN A 119 1.25 -53.56 15.17
N ASN A 120 2.28 -54.31 15.58
CA ASN A 120 2.08 -55.60 16.20
C ASN A 120 1.84 -55.40 17.70
N ALA A 121 1.77 -56.51 18.44
CA ALA A 121 1.59 -56.42 19.89
C ALA A 121 2.78 -55.77 20.59
N THR A 122 3.96 -55.76 19.96
CA THR A 122 5.14 -55.19 20.59
C THR A 122 5.15 -53.67 20.50
N ASN A 123 5.20 -53.13 19.28
CA ASN A 123 5.27 -51.69 19.08
C ASN A 123 4.89 -51.40 17.63
N VAL A 124 5.13 -50.16 17.19
CA VAL A 124 4.84 -49.73 15.83
C VAL A 124 6.14 -49.63 15.06
N VAL A 125 6.17 -50.18 13.85
CA VAL A 125 7.33 -50.15 12.98
C VAL A 125 6.97 -49.40 11.70
N ILE A 126 7.77 -48.39 11.37
CA ILE A 126 7.67 -47.63 10.13
C ILE A 126 8.97 -47.85 9.37
N LYS A 127 8.86 -48.27 8.12
CA LYS A 127 10.05 -48.62 7.36
C LYS A 127 9.90 -48.20 5.90
N VAL A 128 11.01 -47.87 5.26
CA VAL A 128 11.04 -47.42 3.87
C VAL A 128 12.15 -48.20 3.18
N CYS A 129 11.77 -49.17 2.34
CA CYS A 129 12.75 -49.98 1.63
C CYS A 129 12.18 -50.42 0.30
N GLU A 130 13.01 -51.06 -0.51
CA GLU A 130 12.59 -51.63 -1.79
C GLU A 130 12.11 -53.07 -1.56
N PHE A 131 10.95 -53.17 -0.92
CA PHE A 131 10.42 -54.48 -0.57
C PHE A 131 9.95 -55.24 -1.80
N GLN A 132 10.11 -56.56 -1.76
CA GLN A 132 9.49 -57.46 -2.71
C GLN A 132 8.30 -58.10 -2.01
N PHE A 133 7.17 -57.41 -2.04
CA PHE A 133 5.98 -57.84 -1.32
C PHE A 133 5.42 -59.13 -1.92
N CYS A 134 4.89 -59.98 -1.05
CA CYS A 134 4.19 -61.17 -1.50
C CYS A 134 2.91 -60.77 -2.23
N ASN A 135 2.42 -61.69 -3.08
CA ASN A 135 1.18 -61.43 -3.80
C ASN A 135 0.01 -61.24 -2.83
N ASP A 136 -0.03 -62.04 -1.77
CA ASP A 136 -1.05 -61.93 -0.73
C ASP A 136 -0.34 -61.85 0.61
N PRO A 137 0.11 -60.65 0.98
CA PRO A 137 0.82 -60.50 2.26
C PRO A 137 -0.14 -60.34 3.42
N PHE A 138 0.21 -60.94 4.55
CA PHE A 138 -0.61 -60.84 5.75
C PHE A 138 0.19 -61.32 6.97
N LEU A 139 -0.51 -61.43 8.09
CA LEU A 139 0.03 -61.90 9.35
C LEU A 139 -0.79 -63.08 9.84
N ASP A 140 -0.11 -64.09 10.38
CA ASP A 140 -0.77 -65.25 10.96
C ASP A 140 -0.26 -65.50 12.37
N MET A 148 -1.40 -66.70 19.57
CA MET A 148 -0.11 -66.15 19.18
C MET A 148 -0.01 -66.04 17.66
N GLU A 149 0.55 -64.92 17.18
CA GLU A 149 0.69 -64.65 15.76
C GLU A 149 2.11 -64.15 15.51
N SER A 150 2.93 -64.97 14.84
CA SER A 150 4.31 -64.61 14.55
C SER A 150 4.72 -65.04 13.15
N GLU A 151 3.78 -65.04 12.21
CA GLU A 151 4.03 -65.48 10.83
C GLU A 151 3.75 -64.30 9.90
N PHE A 152 4.80 -63.57 9.53
CA PHE A 152 4.67 -62.32 8.79
C PHE A 152 5.02 -62.60 7.33
N ARG A 153 4.01 -62.90 6.51
CA ARG A 153 4.24 -63.15 5.08
C ARG A 153 3.92 -61.87 4.34
N VAL A 154 4.85 -60.92 4.40
CA VAL A 154 4.65 -59.58 3.87
C VAL A 154 5.63 -59.26 2.75
N TYR A 155 6.90 -59.64 2.88
CA TYR A 155 7.87 -59.41 1.82
C TYR A 155 8.97 -60.45 1.92
N SER A 156 9.76 -60.54 0.84
CA SER A 156 10.85 -61.50 0.78
C SER A 156 12.22 -60.87 0.94
N SER A 157 12.39 -59.59 0.60
CA SER A 157 13.71 -58.96 0.67
C SER A 157 13.55 -57.47 0.93
N ALA A 158 14.61 -56.89 1.50
CA ALA A 158 14.68 -55.45 1.78
C ALA A 158 16.10 -55.01 1.45
N ASN A 159 16.30 -54.45 0.25
CA ASN A 159 17.64 -54.19 -0.25
C ASN A 159 18.15 -52.82 0.17
N ASN A 160 17.45 -51.75 -0.20
CA ASN A 160 17.87 -50.38 0.07
C ASN A 160 16.87 -49.76 1.05
N CYS A 161 17.25 -49.68 2.32
CA CYS A 161 16.41 -49.11 3.36
C CYS A 161 16.90 -47.70 3.68
N THR A 162 16.00 -46.72 3.57
CA THR A 162 16.37 -45.33 3.69
C THR A 162 15.73 -44.59 4.86
N PHE A 163 14.82 -45.22 5.59
CA PHE A 163 14.19 -44.55 6.73
C PHE A 163 13.54 -45.59 7.64
N GLU A 164 13.73 -45.42 8.94
CA GLU A 164 13.10 -46.28 9.93
C GLU A 164 12.60 -45.41 11.09
N TYR A 165 11.55 -45.89 11.75
CA TYR A 165 10.95 -45.14 12.85
C TYR A 165 10.14 -46.10 13.72
N VAL A 166 10.25 -45.92 15.03
CA VAL A 166 9.55 -46.75 16.01
C VAL A 166 8.89 -45.84 17.03
N SER A 167 7.62 -46.09 17.32
CA SER A 167 6.89 -45.28 18.30
C SER A 167 5.81 -46.14 18.95
N GLN A 168 5.09 -45.52 19.88
CA GLN A 168 4.15 -46.25 20.72
C GLN A 168 3.00 -46.82 19.90
N PRO A 169 2.37 -47.89 20.37
CA PRO A 169 1.30 -48.52 19.59
C PRO A 169 0.12 -47.58 19.37
N PHE A 170 -0.52 -47.70 18.21
CA PHE A 170 -1.68 -46.87 17.90
C PHE A 170 -2.91 -47.31 18.68
N LEU A 171 -2.99 -48.58 19.03
CA LEU A 171 -4.17 -49.13 19.70
C LEU A 171 -4.16 -48.78 21.18
N ASN A 180 -20.79 -57.35 19.49
CA ASN A 180 -20.80 -55.91 19.71
C ASN A 180 -19.43 -55.30 19.41
N PHE A 181 -19.28 -54.75 18.21
CA PHE A 181 -18.04 -54.08 17.86
C PHE A 181 -17.84 -52.86 18.73
N LYS A 182 -16.70 -52.79 19.41
CA LYS A 182 -16.43 -51.72 20.37
C LYS A 182 -15.36 -50.75 19.92
N ASN A 183 -14.63 -51.03 18.85
CA ASN A 183 -13.57 -50.15 18.38
C ASN A 183 -13.96 -49.52 17.05
N LEU A 184 -14.00 -48.18 17.02
CA LEU A 184 -14.11 -47.43 15.78
C LEU A 184 -12.85 -46.61 15.64
N ARG A 185 -12.01 -46.96 14.66
CA ARG A 185 -10.72 -46.33 14.48
C ARG A 185 -10.72 -45.55 13.18
N GLU A 186 -10.26 -44.30 13.25
CA GLU A 186 -10.34 -43.35 12.15
C GLU A 186 -8.94 -42.87 11.81
N PHE A 187 -8.60 -42.88 10.53
CA PHE A 187 -7.31 -42.41 10.09
C PHE A 187 -7.45 -41.58 8.82
N VAL A 188 -6.56 -40.61 8.67
CA VAL A 188 -6.48 -39.78 7.47
C VAL A 188 -5.02 -39.75 7.04
N PHE A 189 -4.76 -40.17 5.81
CA PHE A 189 -3.42 -40.22 5.25
C PHE A 189 -3.32 -39.20 4.12
N LYS A 190 -2.32 -38.31 4.22
CA LYS A 190 -2.07 -37.30 3.21
C LYS A 190 -0.59 -37.32 2.82
N ASN A 191 -0.33 -37.03 1.54
CA ASN A 191 1.03 -36.94 1.03
C ASN A 191 1.15 -35.61 0.28
N ILE A 192 1.82 -34.64 0.90
CA ILE A 192 1.97 -33.30 0.33
C ILE A 192 3.45 -32.96 0.27
N ASP A 193 3.92 -32.61 -0.92
CA ASP A 193 5.29 -32.18 -1.24
C ASP A 193 6.35 -32.86 -0.37
N GLY A 194 6.40 -34.19 -0.46
CA GLY A 194 7.43 -34.97 0.19
C GLY A 194 7.21 -35.25 1.65
N TYR A 195 6.04 -34.95 2.18
CA TYR A 195 5.72 -35.14 3.59
C TYR A 195 4.48 -36.02 3.70
N PHE A 196 4.55 -37.00 4.60
CA PHE A 196 3.45 -37.91 4.85
C PHE A 196 2.84 -37.56 6.20
N LYS A 197 1.56 -37.18 6.20
CA LYS A 197 0.85 -36.80 7.41
C LYS A 197 -0.23 -37.83 7.71
N ILE A 198 -0.26 -38.30 8.97
CA ILE A 198 -1.23 -39.27 9.42
C ILE A 198 -1.95 -38.70 10.63
N TYR A 199 -3.28 -38.62 10.53
CA TYR A 199 -4.14 -38.18 11.62
C TYR A 199 -4.97 -39.36 12.10
N SER A 200 -5.18 -39.46 13.41
CA SER A 200 -5.80 -40.64 13.99
C SER A 200 -6.84 -40.26 15.03
N LYS A 201 -7.78 -41.17 15.25
CA LYS A 201 -8.82 -41.02 16.26
C LYS A 201 -9.32 -42.40 16.66
N HIS A 202 -9.66 -42.56 17.94
CA HIS A 202 -10.14 -43.82 18.48
C HIS A 202 -11.40 -43.57 19.29
N THR A 203 -12.47 -44.32 19.01
CA THR A 203 -13.73 -44.14 19.72
C THR A 203 -14.34 -45.48 20.11
N PRO A 204 -15.00 -45.54 21.28
CA PRO A 204 -15.76 -46.74 21.64
C PRO A 204 -17.22 -46.62 21.24
N ILE A 205 -17.81 -47.71 20.76
CA ILE A 205 -19.23 -47.72 20.43
C ILE A 205 -19.90 -48.97 21.00
N ASP A 212 -23.48 -49.80 10.58
CA ASP A 212 -23.05 -48.74 9.67
C ASP A 212 -22.29 -47.66 10.41
N LEU A 213 -21.91 -46.61 9.69
CA LEU A 213 -21.15 -45.52 10.30
C LEU A 213 -22.01 -44.80 11.33
N PRO A 214 -21.49 -44.50 12.52
CA PRO A 214 -22.29 -43.80 13.53
C PRO A 214 -22.56 -42.36 13.12
N GLN A 215 -23.67 -41.84 13.63
CA GLN A 215 -24.07 -40.46 13.37
C GLN A 215 -23.50 -39.56 14.46
N GLY A 216 -22.58 -38.68 14.10
CA GLY A 216 -21.99 -37.79 15.07
C GLY A 216 -20.89 -36.96 14.45
N PHE A 217 -20.20 -36.22 15.31
CA PHE A 217 -19.12 -35.33 14.88
C PHE A 217 -17.93 -35.54 15.80
N SER A 218 -16.73 -35.57 15.22
CA SER A 218 -15.52 -35.83 15.98
C SER A 218 -14.32 -35.29 15.21
N ALA A 219 -13.56 -34.41 15.83
CA ALA A 219 -12.36 -33.88 15.20
C ALA A 219 -11.20 -34.86 15.34
N LEU A 220 -10.38 -34.94 14.29
CA LEU A 220 -9.25 -35.86 14.25
C LEU A 220 -7.97 -35.11 14.56
N GLU A 221 -7.24 -35.60 15.56
CA GLU A 221 -6.02 -34.94 16.03
C GLU A 221 -4.83 -35.38 15.18
N PRO A 222 -3.85 -34.48 14.99
CA PRO A 222 -2.62 -34.88 14.30
C PRO A 222 -1.90 -35.97 15.08
N LEU A 223 -1.33 -36.94 14.34
CA LEU A 223 -0.60 -38.02 14.96
C LEU A 223 0.86 -38.08 14.54
N VAL A 224 1.15 -38.13 13.23
CA VAL A 224 2.50 -38.42 12.76
C VAL A 224 2.79 -37.57 11.53
N ASP A 225 3.99 -37.01 11.47
CA ASP A 225 4.53 -36.38 10.26
C ASP A 225 5.85 -37.04 9.91
N LEU A 226 6.04 -37.33 8.62
CA LEU A 226 7.22 -38.05 8.17
C LEU A 226 7.81 -37.39 6.93
N PRO A 227 9.13 -37.16 6.89
CA PRO A 227 9.79 -36.61 5.69
C PRO A 227 10.24 -37.71 4.72
N ILE A 228 9.27 -38.46 4.20
CA ILE A 228 9.58 -39.59 3.32
C ILE A 228 10.16 -39.11 2.00
N GLY A 229 9.50 -38.13 1.36
CA GLY A 229 9.98 -37.59 0.10
C GLY A 229 9.99 -38.57 -1.07
N ILE A 230 8.94 -39.38 -1.20
CA ILE A 230 8.80 -40.31 -2.31
C ILE A 230 7.46 -40.04 -3.01
N ASN A 231 7.20 -40.81 -4.05
CA ASN A 231 5.94 -40.76 -4.77
C ASN A 231 5.13 -42.00 -4.45
N ILE A 232 3.85 -41.81 -4.13
CA ILE A 232 2.92 -42.89 -3.83
C ILE A 232 1.70 -42.73 -4.72
N THR A 233 1.29 -43.82 -5.37
CA THR A 233 0.12 -43.82 -6.23
C THR A 233 -0.84 -44.97 -5.97
N ARG A 234 -0.56 -45.81 -4.97
CA ARG A 234 -1.39 -46.97 -4.69
C ARG A 234 -1.05 -47.47 -3.29
N PHE A 235 -2.00 -48.17 -2.68
CA PHE A 235 -1.79 -48.65 -1.32
C PHE A 235 -2.60 -49.91 -1.08
N GLN A 236 -2.21 -50.64 -0.04
CA GLN A 236 -2.81 -51.93 0.31
C GLN A 236 -2.82 -52.07 1.82
N THR A 237 -3.84 -52.74 2.33
CA THR A 237 -4.03 -52.91 3.77
C THR A 237 -3.47 -54.26 4.22
N LEU A 238 -3.30 -54.40 5.54
CA LEU A 238 -2.68 -55.57 6.13
C LEU A 238 -3.54 -56.08 7.28
N LEU A 239 -3.83 -57.39 7.27
CA LEU A 239 -4.64 -58.02 8.29
C LEU A 239 -3.85 -59.13 8.98
N ALA A 240 -4.41 -59.60 10.10
CA ALA A 240 -3.86 -60.73 10.84
C ALA A 240 -4.90 -61.84 10.87
N LEU A 241 -4.45 -63.07 10.64
CA LEU A 241 -5.33 -64.23 10.60
C LEU A 241 -5.03 -65.14 11.78
N HIS A 242 -6.07 -65.45 12.56
CA HIS A 242 -5.94 -66.32 13.72
C HIS A 242 -5.98 -67.77 13.26
N ARG A 243 -4.86 -68.47 13.38
CA ARG A 243 -4.75 -69.86 12.94
C ARG A 243 -5.53 -70.76 13.89
N SER A 244 -6.37 -71.61 13.33
CA SER A 244 -7.18 -72.54 14.11
C SER A 244 -7.11 -73.95 13.55
N GLY A 254 -7.53 -74.26 9.08
CA GLY A 254 -6.22 -73.62 9.15
C GLY A 254 -6.26 -72.32 9.93
N TRP A 255 -6.78 -71.28 9.30
CA TRP A 255 -6.89 -69.95 9.92
C TRP A 255 -8.29 -69.42 9.74
N THR A 256 -8.79 -68.72 10.76
CA THR A 256 -10.13 -68.17 10.76
C THR A 256 -10.06 -66.65 10.91
N ALA A 257 -10.81 -65.94 10.07
CA ALA A 257 -10.86 -64.49 10.10
C ALA A 257 -12.14 -64.04 10.81
N GLY A 258 -11.98 -63.21 11.84
CA GLY A 258 -13.10 -62.73 12.60
C GLY A 258 -13.90 -61.67 11.85
N ALA A 259 -15.05 -61.33 12.42
CA ALA A 259 -15.94 -60.36 11.81
C ALA A 259 -15.40 -58.95 12.04
N ALA A 260 -15.24 -58.20 10.95
CA ALA A 260 -14.78 -56.82 11.01
C ALA A 260 -15.18 -56.12 9.72
N ALA A 261 -15.18 -54.79 9.76
CA ALA A 261 -15.52 -54.05 8.55
C ALA A 261 -14.70 -52.77 8.50
N TYR A 262 -14.47 -52.28 7.28
CA TYR A 262 -13.77 -51.02 7.13
C TYR A 262 -14.29 -50.27 5.91
N TYR A 263 -14.00 -48.98 5.88
CA TYR A 263 -14.53 -48.06 4.90
C TYR A 263 -13.42 -47.17 4.38
N VAL A 264 -13.47 -46.89 3.08
CA VAL A 264 -12.45 -46.09 2.40
C VAL A 264 -13.14 -44.95 1.67
N GLY A 265 -12.62 -43.73 1.85
CA GLY A 265 -13.10 -42.57 1.14
C GLY A 265 -11.94 -41.74 0.64
N TYR A 266 -12.23 -40.90 -0.34
CA TYR A 266 -11.22 -40.08 -1.00
C TYR A 266 -11.46 -38.60 -0.71
N LEU A 267 -10.36 -37.87 -0.51
CA LEU A 267 -10.41 -36.45 -0.21
C LEU A 267 -10.18 -35.62 -1.48
N GLN A 268 -10.64 -34.38 -1.42
CA GLN A 268 -10.37 -33.42 -2.49
C GLN A 268 -10.48 -32.02 -1.90
N PRO A 269 -9.91 -31.01 -2.56
CA PRO A 269 -9.90 -29.67 -1.97
C PRO A 269 -11.28 -29.04 -1.93
N ARG A 270 -11.55 -28.34 -0.83
CA ARG A 270 -12.76 -27.54 -0.65
C ARG A 270 -12.54 -26.65 0.58
N THR A 271 -13.51 -25.78 0.83
CA THR A 271 -13.44 -24.82 1.92
C THR A 271 -14.46 -25.19 2.99
N PHE A 272 -14.00 -25.30 4.22
CA PHE A 272 -14.86 -25.60 5.36
C PHE A 272 -14.86 -24.43 6.33
N LEU A 273 -15.90 -24.38 7.16
CA LEU A 273 -15.97 -23.44 8.28
C LEU A 273 -15.97 -24.26 9.56
N LEU A 274 -15.06 -23.94 10.47
CA LEU A 274 -14.88 -24.69 11.71
C LEU A 274 -15.18 -23.79 12.90
N LYS A 275 -15.87 -24.34 13.90
CA LYS A 275 -16.22 -23.62 15.11
C LYS A 275 -15.40 -24.18 16.28
N TYR A 276 -14.41 -23.41 16.73
CA TYR A 276 -13.63 -23.77 17.89
C TYR A 276 -14.36 -23.35 19.16
N ASN A 277 -14.41 -24.26 20.13
CA ASN A 277 -14.96 -23.94 21.43
C ASN A 277 -13.93 -23.12 22.21
N GLU A 278 -14.28 -22.69 23.42
CA GLU A 278 -13.35 -21.91 24.23
C GLU A 278 -12.18 -22.74 24.73
N ASN A 279 -12.23 -24.06 24.62
CA ASN A 279 -11.12 -24.93 24.98
C ASN A 279 -10.25 -25.31 23.79
N GLY A 280 -10.52 -24.74 22.61
CA GLY A 280 -9.71 -25.01 21.45
C GLY A 280 -10.05 -26.28 20.69
N THR A 281 -11.17 -26.92 20.99
CA THR A 281 -11.57 -28.15 20.33
C THR A 281 -12.65 -27.87 19.31
N ILE A 282 -12.48 -28.41 18.10
CA ILE A 282 -13.48 -28.24 17.05
C ILE A 282 -14.76 -28.97 17.46
N THR A 283 -15.87 -28.23 17.48
CA THR A 283 -17.15 -28.78 17.86
C THR A 283 -18.13 -28.93 16.71
N ASP A 284 -17.98 -28.13 15.66
CA ASP A 284 -18.87 -28.25 14.51
C ASP A 284 -18.17 -27.69 13.28
N ALA A 285 -18.66 -28.12 12.11
CA ALA A 285 -18.10 -27.70 10.84
C ALA A 285 -19.22 -27.60 9.81
N VAL A 286 -18.99 -26.75 8.82
CA VAL A 286 -19.96 -26.49 7.75
C VAL A 286 -19.24 -26.58 6.42
N ASP A 287 -19.80 -27.37 5.50
CA ASP A 287 -19.28 -27.48 4.14
C ASP A 287 -19.81 -26.32 3.33
N CYS A 288 -18.90 -25.58 2.67
CA CYS A 288 -19.30 -24.38 1.95
C CYS A 288 -19.72 -24.66 0.52
N ALA A 289 -19.75 -25.92 0.08
CA ALA A 289 -20.11 -26.25 -1.28
C ALA A 289 -21.13 -27.38 -1.38
N LEU A 290 -21.90 -27.64 -0.33
CA LEU A 290 -22.85 -28.73 -0.36
C LEU A 290 -24.24 -28.26 -0.78
N ASP A 291 -24.80 -27.31 -0.04
CA ASP A 291 -26.15 -26.84 -0.23
C ASP A 291 -26.18 -25.32 -0.31
N PRO A 292 -27.15 -24.74 -1.02
CA PRO A 292 -27.25 -23.27 -1.04
C PRO A 292 -27.34 -22.65 0.34
N LEU A 293 -28.06 -23.29 1.26
CA LEU A 293 -28.09 -22.80 2.63
C LEU A 293 -26.70 -22.85 3.25
N SER A 294 -25.96 -23.93 2.97
CA SER A 294 -24.60 -24.04 3.48
C SER A 294 -23.70 -22.95 2.91
N GLU A 295 -23.85 -22.67 1.60
CA GLU A 295 -23.06 -21.59 1.00
C GLU A 295 -23.41 -20.24 1.61
N THR A 296 -24.69 -20.01 1.90
CA THR A 296 -25.10 -18.78 2.57
C THR A 296 -24.46 -18.67 3.95
N LYS A 297 -24.48 -19.77 4.71
CA LYS A 297 -23.87 -19.77 6.03
C LYS A 297 -22.38 -19.47 5.94
N CYS A 298 -21.70 -20.07 4.96
CA CYS A 298 -20.27 -19.82 4.78
C CYS A 298 -20.02 -18.36 4.40
N THR A 299 -20.86 -17.79 3.54
CA THR A 299 -20.69 -16.41 3.11
C THR A 299 -20.86 -15.45 4.27
N LEU A 300 -21.90 -15.65 5.08
CA LEU A 300 -22.10 -14.78 6.24
C LEU A 300 -21.20 -15.12 7.40
N LYS A 301 -20.45 -16.22 7.33
CA LYS A 301 -19.53 -16.63 8.39
C LYS A 301 -20.26 -16.78 9.73
N SER A 302 -21.41 -17.44 9.69
CA SER A 302 -22.19 -17.70 10.88
C SER A 302 -23.01 -18.96 10.67
N PHE A 303 -23.41 -19.58 11.78
CA PHE A 303 -24.18 -20.82 11.74
C PHE A 303 -25.68 -20.58 11.65
N THR A 304 -26.13 -19.33 11.81
CA THR A 304 -27.53 -18.99 11.71
C THR A 304 -27.68 -17.76 10.82
N VAL A 305 -28.62 -17.82 9.88
CA VAL A 305 -28.90 -16.72 8.97
C VAL A 305 -30.33 -16.26 9.19
N GLU A 306 -30.51 -14.95 9.32
CA GLU A 306 -31.82 -14.38 9.56
C GLU A 306 -32.62 -14.31 8.26
N LYS A 307 -33.91 -14.02 8.39
CA LYS A 307 -34.79 -13.96 7.24
C LYS A 307 -34.37 -12.84 6.29
N GLY A 308 -34.40 -13.13 5.00
CA GLY A 308 -34.06 -12.16 3.99
C GLY A 308 -33.57 -12.85 2.74
N ILE A 309 -33.00 -12.04 1.84
CA ILE A 309 -32.43 -12.52 0.59
C ILE A 309 -30.95 -12.14 0.57
N TYR A 310 -30.10 -13.12 0.26
CA TYR A 310 -28.65 -12.93 0.32
C TYR A 310 -28.04 -13.30 -1.02
N GLN A 311 -26.97 -12.58 -1.39
CA GLN A 311 -26.22 -12.88 -2.60
C GLN A 311 -25.02 -13.74 -2.22
N THR A 312 -24.94 -14.94 -2.80
CA THR A 312 -23.90 -15.89 -2.45
C THR A 312 -22.77 -15.91 -3.46
N SER A 313 -23.07 -16.19 -4.73
CA SER A 313 -22.03 -16.35 -5.74
C SER A 313 -22.64 -16.16 -7.12
N ASN A 314 -21.90 -16.59 -8.14
CA ASN A 314 -22.32 -16.50 -9.52
C ASN A 314 -22.09 -17.83 -10.21
N PHE A 315 -22.91 -18.12 -11.22
CA PHE A 315 -22.78 -19.33 -12.01
C PHE A 315 -22.39 -18.96 -13.43
N ARG A 316 -21.72 -19.90 -14.09
CA ARG A 316 -21.35 -19.74 -15.49
C ARG A 316 -21.19 -21.13 -16.08
N VAL A 317 -21.91 -21.40 -17.17
CA VAL A 317 -21.87 -22.73 -17.78
C VAL A 317 -20.49 -22.98 -18.37
N GLN A 318 -19.93 -24.15 -18.07
CA GLN A 318 -18.59 -24.48 -18.50
C GLN A 318 -18.60 -24.99 -19.94
N PRO A 319 -17.49 -24.82 -20.66
CA PRO A 319 -17.42 -25.34 -22.04
C PRO A 319 -17.49 -26.86 -22.06
N THR A 320 -18.08 -27.38 -23.14
CA THR A 320 -18.27 -28.82 -23.30
C THR A 320 -17.07 -29.50 -23.95
N GLU A 321 -16.61 -28.99 -25.10
CA GLU A 321 -15.47 -29.56 -25.79
C GLU A 321 -14.64 -28.43 -26.37
N SER A 322 -13.60 -28.79 -27.12
CA SER A 322 -12.70 -27.83 -27.75
C SER A 322 -12.58 -28.11 -29.23
N ILE A 323 -12.39 -27.06 -30.02
CA ILE A 323 -12.22 -27.16 -31.46
C ILE A 323 -10.98 -26.37 -31.87
N VAL A 324 -10.57 -26.56 -33.12
CA VAL A 324 -9.41 -25.86 -33.65
C VAL A 324 -9.59 -25.70 -35.16
N ARG A 325 -9.18 -24.56 -35.69
CA ARG A 325 -9.26 -24.28 -37.11
C ARG A 325 -7.99 -23.56 -37.53
N PHE A 326 -7.26 -24.15 -38.48
CA PHE A 326 -6.02 -23.60 -39.02
C PHE A 326 -6.07 -23.67 -40.53
N PRO A 327 -5.30 -22.83 -41.22
CA PRO A 327 -5.37 -22.81 -42.69
C PRO A 327 -4.97 -24.16 -43.30
N ASN A 328 -5.19 -24.26 -44.61
CA ASN A 328 -5.03 -25.53 -45.34
C ASN A 328 -3.62 -26.11 -45.15
N PRO A 524 2.38 -26.51 -36.73
CA PRO A 524 1.73 -27.83 -36.66
C PRO A 524 0.71 -27.90 -35.53
N LYS A 525 -0.52 -27.48 -35.82
CA LYS A 525 -1.58 -27.49 -34.82
C LYS A 525 -2.81 -28.27 -35.25
N LYS A 526 -2.81 -28.87 -36.44
CA LYS A 526 -3.91 -29.70 -36.93
C LYS A 526 -5.19 -28.90 -37.08
N SER A 527 -6.30 -29.60 -37.31
CA SER A 527 -7.60 -28.94 -37.45
C SER A 527 -8.70 -29.94 -37.09
N THR A 528 -9.83 -29.40 -36.64
CA THR A 528 -10.99 -30.21 -36.30
C THR A 528 -12.25 -29.53 -36.83
N ASN A 529 -13.29 -30.33 -37.02
CA ASN A 529 -14.57 -29.80 -37.47
C ASN A 529 -15.13 -28.82 -36.45
N LEU A 530 -15.65 -27.70 -36.94
CA LEU A 530 -16.19 -26.68 -36.06
C LEU A 530 -17.53 -27.12 -35.47
N VAL A 531 -17.83 -26.57 -34.30
CA VAL A 531 -19.07 -26.87 -33.59
C VAL A 531 -19.82 -25.56 -33.36
N LYS A 532 -21.11 -25.56 -33.65
CA LYS A 532 -21.93 -24.36 -33.56
C LYS A 532 -22.96 -24.49 -32.45
N ASN A 533 -23.29 -23.36 -31.83
CA ASN A 533 -24.34 -23.27 -30.82
C ASN A 533 -24.03 -24.15 -29.60
N LYS A 534 -22.74 -24.30 -29.31
CA LYS A 534 -22.30 -25.05 -28.14
C LYS A 534 -21.17 -24.29 -27.46
N CYS A 535 -21.22 -24.26 -26.12
CA CYS A 535 -20.17 -23.59 -25.35
C CYS A 535 -18.86 -24.34 -25.53
N VAL A 536 -17.94 -23.78 -26.30
CA VAL A 536 -16.67 -24.41 -26.60
C VAL A 536 -15.55 -23.39 -26.45
N ASN A 537 -14.34 -23.89 -26.16
CA ASN A 537 -13.14 -23.07 -26.07
C ASN A 537 -12.30 -23.32 -27.32
N PHE A 538 -12.34 -22.39 -28.26
CA PHE A 538 -11.72 -22.51 -29.56
C PHE A 538 -10.40 -21.74 -29.60
N ASN A 539 -9.62 -22.03 -30.63
CA ASN A 539 -8.38 -21.31 -30.90
C ASN A 539 -8.19 -21.21 -32.41
N PHE A 540 -8.55 -20.06 -32.97
CA PHE A 540 -8.45 -19.80 -34.41
C PHE A 540 -7.12 -19.14 -34.69
N ASN A 541 -6.21 -19.89 -35.31
CA ASN A 541 -4.89 -19.39 -35.69
C ASN A 541 -4.15 -18.82 -34.49
N GLY A 542 -4.30 -19.47 -33.34
CA GLY A 542 -3.68 -19.04 -32.11
C GLY A 542 -4.49 -18.08 -31.28
N LEU A 543 -5.56 -17.50 -31.84
CA LEU A 543 -6.45 -16.62 -31.09
C LEU A 543 -7.38 -17.50 -30.27
N LYS A 544 -7.17 -17.50 -28.96
CA LYS A 544 -7.86 -18.40 -28.04
C LYS A 544 -9.03 -17.67 -27.39
N GLY A 545 -10.20 -18.30 -27.41
CA GLY A 545 -11.37 -17.70 -26.81
C GLY A 545 -12.46 -18.72 -26.55
N THR A 546 -13.23 -18.47 -25.50
CA THR A 546 -14.27 -19.37 -25.05
C THR A 546 -15.64 -18.73 -25.29
N GLY A 547 -16.55 -19.48 -25.90
CA GLY A 547 -17.88 -18.97 -26.14
C GLY A 547 -18.64 -19.90 -27.08
N VAL A 548 -19.72 -19.35 -27.65
CA VAL A 548 -20.53 -20.05 -28.62
C VAL A 548 -20.43 -19.33 -29.95
N LEU A 549 -20.32 -20.10 -31.03
CA LEU A 549 -20.23 -19.57 -32.38
C LEU A 549 -21.57 -19.72 -33.07
N THR A 550 -22.12 -18.60 -33.54
CA THR A 550 -23.40 -18.59 -34.23
C THR A 550 -23.21 -18.00 -35.62
N GLU A 551 -24.19 -18.26 -36.49
CA GLU A 551 -24.13 -17.71 -37.84
C GLU A 551 -24.25 -16.19 -37.79
N SER A 552 -23.38 -15.52 -38.55
CA SER A 552 -23.29 -14.07 -38.54
C SER A 552 -23.70 -13.51 -39.88
N ASN A 553 -24.49 -12.43 -39.85
CA ASN A 553 -24.96 -11.75 -41.04
C ASN A 553 -24.27 -10.40 -41.25
N LYS A 554 -23.20 -10.14 -40.52
CA LYS A 554 -22.46 -8.89 -40.70
C LYS A 554 -21.80 -8.87 -42.08
N LYS A 555 -21.78 -7.69 -42.69
CA LYS A 555 -21.23 -7.52 -44.04
C LYS A 555 -19.75 -7.19 -43.95
N PHE A 556 -18.94 -8.23 -43.80
CA PHE A 556 -17.50 -8.06 -43.80
C PHE A 556 -17.01 -7.64 -45.17
N LEU A 557 -16.04 -6.72 -45.19
CA LEU A 557 -15.34 -6.43 -46.42
C LEU A 557 -14.45 -7.62 -46.79
N PRO A 558 -14.14 -7.79 -48.08
CA PRO A 558 -13.32 -8.96 -48.48
C PRO A 558 -11.99 -9.04 -47.75
N PHE A 559 -11.36 -7.90 -47.49
CA PHE A 559 -10.11 -7.90 -46.74
C PHE A 559 -10.31 -8.00 -45.23
N GLN A 560 -11.46 -7.56 -44.72
CA GLN A 560 -11.71 -7.55 -43.29
C GLN A 560 -11.70 -8.97 -42.73
N GLN A 561 -11.05 -9.14 -41.59
CA GLN A 561 -10.90 -10.45 -40.96
C GLN A 561 -11.58 -10.53 -39.60
N PHE A 562 -11.28 -9.61 -38.69
CA PHE A 562 -11.76 -9.68 -37.33
C PHE A 562 -13.06 -8.88 -37.18
N GLY A 563 -13.57 -8.86 -35.95
CA GLY A 563 -14.71 -8.03 -35.59
C GLY A 563 -14.62 -7.59 -34.14
N ARG A 564 -14.62 -6.28 -33.91
CA ARG A 564 -14.42 -5.73 -32.58
C ARG A 564 -15.68 -5.06 -32.07
N ASP A 565 -15.93 -5.20 -30.78
CA ASP A 565 -17.05 -4.55 -30.13
C ASP A 565 -16.61 -3.18 -29.61
N ILE A 566 -17.44 -2.54 -28.79
CA ILE A 566 -17.07 -1.27 -28.18
C ILE A 566 -15.90 -1.46 -27.23
N ALA A 567 -15.89 -2.55 -26.48
CA ALA A 567 -14.84 -2.84 -25.50
C ALA A 567 -13.57 -3.38 -26.15
N ASP A 568 -13.47 -3.33 -27.48
CA ASP A 568 -12.28 -3.76 -28.20
C ASP A 568 -11.96 -5.23 -27.96
N THR A 569 -12.98 -6.06 -27.83
CA THR A 569 -12.81 -7.50 -27.74
C THR A 569 -13.46 -8.15 -28.95
N THR A 570 -12.87 -9.26 -29.40
CA THR A 570 -13.33 -9.91 -30.62
C THR A 570 -14.78 -10.37 -30.48
N ASP A 571 -15.55 -10.14 -31.54
CA ASP A 571 -16.96 -10.55 -31.59
C ASP A 571 -17.28 -11.40 -32.80
N ALA A 572 -16.69 -11.11 -33.95
CA ALA A 572 -16.88 -11.88 -35.17
C ALA A 572 -15.54 -12.30 -35.72
N VAL A 573 -15.48 -13.50 -36.28
CA VAL A 573 -14.23 -14.09 -36.75
C VAL A 573 -14.46 -14.75 -38.11
N ARG A 574 -13.40 -14.77 -38.91
CA ARG A 574 -13.40 -15.42 -40.22
C ARG A 574 -12.47 -16.62 -40.17
N ASP A 575 -13.05 -17.82 -40.27
CA ASP A 575 -12.28 -19.03 -40.09
C ASP A 575 -11.28 -19.21 -41.24
N PRO A 576 -10.11 -19.78 -40.97
CA PRO A 576 -9.13 -20.01 -42.04
C PRO A 576 -9.64 -20.93 -43.13
N GLN A 577 -10.46 -21.91 -42.80
CA GLN A 577 -11.02 -22.83 -43.77
C GLN A 577 -12.49 -22.50 -44.02
N THR A 578 -12.89 -22.60 -45.28
CA THR A 578 -14.26 -22.39 -45.77
C THR A 578 -14.62 -20.90 -45.73
N LEU A 579 -13.73 -20.10 -45.13
CA LEU A 579 -13.84 -18.64 -45.14
C LEU A 579 -15.24 -18.16 -44.79
N GLU A 580 -15.68 -18.48 -43.58
CA GLU A 580 -17.00 -18.13 -43.11
C GLU A 580 -16.91 -17.20 -41.90
N ILE A 581 -17.90 -16.31 -41.80
CA ILE A 581 -17.98 -15.32 -40.73
C ILE A 581 -18.88 -15.86 -39.64
N LEU A 582 -18.37 -15.86 -38.41
CA LEU A 582 -19.10 -16.41 -37.26
C LEU A 582 -19.11 -15.37 -36.14
N ASP A 583 -20.20 -15.34 -35.39
CA ASP A 583 -20.37 -14.43 -34.26
C ASP A 583 -20.05 -15.17 -32.97
N ILE A 584 -19.22 -14.56 -32.14
CA ILE A 584 -18.82 -15.12 -30.85
C ILE A 584 -19.69 -14.50 -29.77
N THR A 585 -20.30 -15.36 -28.94
CA THR A 585 -21.13 -14.89 -27.84
C THR A 585 -20.69 -15.60 -26.56
N PRO A 586 -20.42 -14.87 -25.49
CA PRO A 586 -20.01 -15.53 -24.24
C PRO A 586 -21.09 -16.45 -23.71
N CYS A 587 -20.66 -17.55 -23.10
CA CYS A 587 -21.60 -18.53 -22.59
C CYS A 587 -22.40 -17.98 -21.42
N SER A 588 -23.54 -18.61 -21.16
CA SER A 588 -24.49 -18.08 -20.18
C SER A 588 -23.86 -17.98 -18.80
N PHE A 589 -24.19 -16.90 -18.10
CA PHE A 589 -23.70 -16.67 -16.76
C PHE A 589 -24.68 -15.76 -16.03
N GLY A 590 -24.54 -15.71 -14.71
CA GLY A 590 -25.40 -14.84 -13.92
C GLY A 590 -25.07 -14.96 -12.46
N GLY A 591 -25.82 -14.21 -11.65
CA GLY A 591 -25.69 -14.25 -10.21
C GLY A 591 -26.76 -15.12 -9.56
N VAL A 592 -26.47 -15.57 -8.35
CA VAL A 592 -27.35 -16.46 -7.60
C VAL A 592 -27.68 -15.79 -6.28
N SER A 593 -28.96 -15.79 -5.93
CA SER A 593 -29.42 -15.28 -4.65
C SER A 593 -30.22 -16.36 -3.94
N VAL A 594 -30.16 -16.37 -2.61
CA VAL A 594 -30.84 -17.35 -1.79
C VAL A 594 -31.89 -16.65 -0.95
N ILE A 595 -33.14 -17.05 -1.12
CA ILE A 595 -34.26 -16.51 -0.36
C ILE A 595 -34.61 -17.53 0.71
N THR A 596 -34.57 -17.13 1.98
CA THR A 596 -34.80 -18.06 3.07
C THR A 596 -35.40 -17.36 4.28
N PRO A 597 -36.34 -18.00 4.97
CA PRO A 597 -36.72 -17.54 6.31
C PRO A 597 -35.63 -17.88 7.30
N GLY A 598 -35.74 -17.28 8.49
CA GLY A 598 -34.75 -17.50 9.53
C GLY A 598 -34.56 -18.95 9.89
N THR A 599 -33.32 -19.35 10.17
CA THR A 599 -33.05 -20.74 10.55
C THR A 599 -33.78 -21.11 11.84
N ASN A 600 -34.11 -20.10 12.66
CA ASN A 600 -34.92 -20.35 13.84
C ASN A 600 -36.29 -20.90 13.45
N THR A 601 -36.80 -20.50 12.29
CA THR A 601 -38.12 -20.94 11.85
C THR A 601 -38.03 -22.28 11.10
N SER A 602 -37.27 -22.31 10.01
CA SER A 602 -37.16 -23.52 9.20
C SER A 602 -35.81 -23.52 8.51
N ASN A 603 -35.60 -24.45 7.57
CA ASN A 603 -34.34 -24.54 6.85
C ASN A 603 -34.53 -24.78 5.37
N GLN A 604 -35.69 -24.44 4.81
CA GLN A 604 -35.90 -24.53 3.37
C GLN A 604 -35.50 -23.21 2.71
N VAL A 605 -35.04 -23.31 1.46
CA VAL A 605 -34.52 -22.17 0.73
C VAL A 605 -35.09 -22.17 -0.68
N ALA A 606 -35.01 -21.02 -1.33
CA ALA A 606 -35.33 -20.88 -2.74
C ALA A 606 -34.18 -20.17 -3.44
N VAL A 607 -34.01 -20.45 -4.72
CA VAL A 607 -32.85 -19.96 -5.47
C VAL A 607 -33.36 -19.03 -6.58
N LEU A 608 -32.73 -17.87 -6.69
CA LEU A 608 -33.05 -16.90 -7.74
C LEU A 608 -31.82 -16.72 -8.62
N TYR A 609 -31.95 -17.11 -9.88
CA TYR A 609 -30.90 -16.88 -10.87
C TYR A 609 -31.21 -15.58 -11.59
N GLN A 610 -30.30 -14.61 -11.49
CA GLN A 610 -30.57 -13.26 -11.96
C GLN A 610 -30.37 -13.13 -13.46
N GLY A 611 -31.37 -12.59 -14.14
CA GLY A 611 -31.25 -12.25 -15.55
C GLY A 611 -30.95 -13.42 -16.46
N VAL A 612 -31.55 -14.58 -16.19
CA VAL A 612 -31.34 -15.78 -17.00
C VAL A 612 -32.68 -16.45 -17.23
N ASN A 613 -32.97 -16.77 -18.49
CA ASN A 613 -34.18 -17.48 -18.82
C ASN A 613 -34.16 -18.89 -18.22
N CYS A 614 -35.34 -19.38 -17.84
CA CYS A 614 -35.44 -20.64 -17.12
C CYS A 614 -35.05 -21.85 -17.95
N THR A 615 -34.89 -21.70 -19.26
CA THR A 615 -34.51 -22.80 -20.13
C THR A 615 -33.00 -22.96 -20.26
N GLU A 616 -32.23 -22.29 -19.41
CA GLU A 616 -30.77 -22.34 -19.46
C GLU A 616 -30.19 -22.74 -18.11
N VAL A 617 -30.75 -23.77 -17.49
CA VAL A 617 -30.24 -24.28 -16.22
C VAL A 617 -29.96 -25.78 -16.32
N ASN A 638 -42.53 -26.21 -9.81
CA ASN A 638 -42.03 -25.27 -8.81
C ASN A 638 -40.99 -24.33 -9.41
N VAL A 639 -41.05 -24.14 -10.72
CA VAL A 639 -40.14 -23.25 -11.44
C VAL A 639 -40.95 -22.07 -11.94
N PHE A 640 -40.49 -20.86 -11.62
CA PHE A 640 -41.20 -19.64 -11.97
C PHE A 640 -40.27 -18.72 -12.75
N GLN A 641 -40.87 -17.94 -13.65
CA GLN A 641 -40.14 -16.98 -14.46
C GLN A 641 -40.65 -15.58 -14.16
N THR A 642 -39.75 -14.72 -13.69
CA THR A 642 -40.07 -13.32 -13.41
C THR A 642 -39.19 -12.42 -14.27
N ARG A 643 -39.40 -11.11 -14.13
CA ARG A 643 -38.57 -10.17 -14.86
C ARG A 643 -37.13 -10.18 -14.37
N ALA A 644 -36.93 -10.39 -13.06
CA ALA A 644 -35.58 -10.43 -12.52
C ALA A 644 -34.79 -11.64 -13.03
N GLY A 645 -35.43 -12.79 -13.11
CA GLY A 645 -34.73 -13.99 -13.55
C GLY A 645 -35.61 -15.22 -13.42
N CYS A 646 -35.01 -16.28 -12.87
CA CYS A 646 -35.68 -17.55 -12.68
C CYS A 646 -35.69 -17.92 -11.20
N LEU A 647 -36.83 -18.41 -10.72
CA LEU A 647 -37.01 -18.77 -9.32
C LEU A 647 -37.26 -20.27 -9.22
N ILE A 648 -36.48 -20.94 -8.36
CA ILE A 648 -36.58 -22.36 -8.14
C ILE A 648 -36.87 -22.61 -6.66
N GLY A 649 -37.90 -23.42 -6.40
CA GLY A 649 -38.26 -23.77 -5.04
C GLY A 649 -39.46 -23.05 -4.48
N ALA A 650 -39.99 -22.06 -5.19
CA ALA A 650 -41.15 -21.30 -4.73
C ALA A 650 -42.25 -21.36 -5.79
N GLU A 651 -43.49 -21.42 -5.32
CA GLU A 651 -44.65 -21.52 -6.19
C GLU A 651 -45.41 -20.21 -6.23
N TYR A 652 -45.87 -19.83 -7.42
CA TYR A 652 -46.63 -18.60 -7.59
C TYR A 652 -48.05 -18.79 -7.09
N VAL A 653 -48.60 -17.74 -6.49
CA VAL A 653 -49.94 -17.76 -5.91
C VAL A 653 -50.72 -16.57 -6.45
N ASN A 654 -51.97 -16.81 -6.87
CA ASN A 654 -52.79 -15.74 -7.39
C ASN A 654 -53.21 -14.75 -6.32
N ASN A 655 -53.06 -15.10 -5.04
CA ASN A 655 -53.43 -14.20 -3.96
C ASN A 655 -52.44 -13.04 -3.88
N SER A 656 -52.73 -12.10 -2.97
CA SER A 656 -51.90 -10.93 -2.78
C SER A 656 -51.81 -10.61 -1.30
N TYR A 657 -50.61 -10.22 -0.86
CA TYR A 657 -50.37 -9.85 0.53
C TYR A 657 -49.40 -8.69 0.56
N GLU A 658 -48.98 -8.31 1.76
CA GLU A 658 -47.94 -7.29 1.92
C GLU A 658 -46.58 -7.91 1.68
N CYS A 659 -45.67 -7.12 1.11
CA CYS A 659 -44.34 -7.62 0.78
C CYS A 659 -43.56 -7.93 2.05
N ASP A 660 -42.97 -9.13 2.10
CA ASP A 660 -42.19 -9.58 3.24
C ASP A 660 -40.72 -9.71 2.91
N ILE A 661 -40.39 -10.48 1.87
CA ILE A 661 -39.02 -10.63 1.38
C ILE A 661 -39.02 -10.12 -0.06
N PRO A 662 -38.53 -8.91 -0.31
CA PRO A 662 -38.63 -8.33 -1.66
C PRO A 662 -37.72 -9.06 -2.64
N ILE A 663 -38.28 -9.47 -3.77
CA ILE A 663 -37.53 -10.05 -4.87
C ILE A 663 -37.28 -9.02 -5.96
N GLY A 664 -38.33 -8.40 -6.46
CA GLY A 664 -38.21 -7.33 -7.43
C GLY A 664 -39.28 -7.41 -8.51
N ALA A 665 -39.40 -6.32 -9.26
CA ALA A 665 -40.37 -6.20 -10.35
C ALA A 665 -41.78 -6.48 -9.89
N GLY A 666 -42.12 -6.04 -8.68
CA GLY A 666 -43.44 -6.28 -8.13
C GLY A 666 -43.67 -7.66 -7.58
N ILE A 667 -42.61 -8.45 -7.43
CA ILE A 667 -42.73 -9.82 -6.94
C ILE A 667 -42.03 -9.91 -5.58
N CYS A 668 -42.73 -10.47 -4.60
CA CYS A 668 -42.20 -10.71 -3.27
C CYS A 668 -42.43 -12.16 -2.89
N ALA A 669 -41.76 -12.58 -1.81
CA ALA A 669 -41.84 -13.95 -1.33
C ALA A 669 -42.12 -13.96 0.17
N SER A 670 -42.75 -15.04 0.63
CA SER A 670 -43.09 -15.18 2.03
C SER A 670 -43.15 -16.65 2.40
N TYR A 671 -43.13 -16.93 3.70
CA TYR A 671 -43.18 -18.27 4.23
C TYR A 671 -44.49 -18.47 4.98
N GLN A 672 -45.19 -19.56 4.66
CA GLN A 672 -46.45 -19.87 5.34
C GLN A 672 -46.66 -21.37 5.45
N SER A 688 -44.80 -23.84 3.64
CA SER A 688 -43.76 -23.75 2.63
C SER A 688 -43.52 -22.31 2.20
N ILE A 689 -42.80 -22.12 1.11
CA ILE A 689 -42.43 -20.81 0.61
C ILE A 689 -43.26 -20.50 -0.63
N ILE A 690 -43.86 -19.31 -0.66
CA ILE A 690 -44.70 -18.88 -1.76
C ILE A 690 -44.20 -17.54 -2.28
N ALA A 691 -44.56 -17.23 -3.51
CA ALA A 691 -44.23 -15.97 -4.15
C ALA A 691 -45.49 -15.37 -4.75
N TYR A 692 -45.57 -14.04 -4.73
CA TYR A 692 -46.78 -13.35 -5.15
C TYR A 692 -46.44 -11.95 -5.60
N THR A 693 -47.48 -11.22 -6.02
CA THR A 693 -47.36 -9.80 -6.33
C THR A 693 -47.84 -9.00 -5.13
N MET A 694 -47.00 -8.06 -4.68
CA MET A 694 -47.34 -7.28 -3.50
C MET A 694 -48.58 -6.43 -3.74
N SER A 695 -49.35 -6.24 -2.67
CA SER A 695 -50.57 -5.44 -2.73
C SER A 695 -50.28 -4.06 -2.18
N LEU A 696 -50.68 -3.03 -2.93
CA LEU A 696 -50.37 -1.66 -2.52
C LEU A 696 -51.07 -1.29 -1.22
N GLY A 697 -52.33 -1.69 -1.08
CA GLY A 697 -53.07 -1.37 0.13
C GLY A 697 -54.53 -1.70 -0.04
N ALA A 698 -55.29 -1.44 1.03
CA ALA A 698 -56.72 -1.72 1.01
C ALA A 698 -57.43 -0.68 0.16
N GLU A 699 -58.18 -1.16 -0.84
CA GLU A 699 -58.92 -0.26 -1.73
C GLU A 699 -60.06 0.41 -0.97
N ASN A 700 -60.32 1.66 -1.33
CA ASN A 700 -61.37 2.43 -0.68
C ASN A 700 -62.03 3.33 -1.72
N SER A 701 -63.28 3.71 -1.45
CA SER A 701 -64.04 4.61 -2.31
C SER A 701 -64.75 5.63 -1.45
N VAL A 702 -64.75 6.88 -1.89
CA VAL A 702 -65.38 7.97 -1.17
C VAL A 702 -66.69 8.33 -1.85
N ALA A 703 -67.70 8.63 -1.04
CA ALA A 703 -69.02 9.00 -1.55
C ALA A 703 -69.06 10.51 -1.79
N TYR A 704 -68.52 10.90 -2.94
CA TYR A 704 -68.50 12.31 -3.31
C TYR A 704 -69.75 12.69 -4.09
N SER A 705 -70.33 13.83 -3.73
CA SER A 705 -71.49 14.36 -4.44
C SER A 705 -71.40 15.88 -4.41
N ASN A 706 -72.39 16.52 -5.05
CA ASN A 706 -72.30 17.95 -5.28
C ASN A 706 -72.55 18.78 -4.01
N ASN A 707 -73.34 18.27 -3.06
CA ASN A 707 -73.72 19.08 -1.91
C ASN A 707 -73.72 18.29 -0.61
N SER A 708 -72.86 17.30 -0.48
CA SER A 708 -72.77 16.51 0.74
C SER A 708 -71.40 16.72 1.40
N ILE A 709 -71.40 16.72 2.73
CA ILE A 709 -70.19 16.93 3.51
C ILE A 709 -70.15 15.89 4.64
N ALA A 710 -68.95 15.70 5.19
CA ALA A 710 -68.76 14.81 6.33
C ALA A 710 -68.08 15.58 7.44
N ILE A 711 -68.61 15.50 8.65
CA ILE A 711 -68.08 16.26 9.77
C ILE A 711 -67.81 15.31 10.94
N PRO A 712 -66.63 15.40 11.57
CA PRO A 712 -66.35 14.53 12.71
C PRO A 712 -67.19 14.91 13.92
N THR A 713 -67.45 13.90 14.76
CA THR A 713 -68.17 14.11 16.01
C THR A 713 -67.40 13.61 17.23
N ASN A 714 -66.19 13.09 17.04
CA ASN A 714 -65.40 12.59 18.15
C ASN A 714 -63.93 12.74 17.76
N PHE A 715 -63.05 12.63 18.76
CA PHE A 715 -61.64 12.78 18.52
C PHE A 715 -60.87 11.69 19.26
N THR A 716 -59.56 11.65 19.00
CA THR A 716 -58.68 10.68 19.63
C THR A 716 -57.29 11.30 19.75
N ILE A 717 -56.74 11.24 20.95
CA ILE A 717 -55.37 11.70 21.19
C ILE A 717 -54.44 10.52 20.95
N SER A 718 -53.49 10.69 20.04
CA SER A 718 -52.57 9.64 19.66
C SER A 718 -51.15 10.04 19.99
N VAL A 719 -50.31 9.05 20.29
CA VAL A 719 -48.90 9.26 20.58
C VAL A 719 -48.10 8.41 19.62
N THR A 720 -47.12 9.01 18.96
CA THR A 720 -46.26 8.32 18.01
C THR A 720 -44.80 8.50 18.40
N THR A 721 -43.96 7.58 17.95
CA THR A 721 -42.54 7.60 18.25
C THR A 721 -41.74 7.85 16.98
N GLU A 722 -40.63 8.57 17.12
CA GLU A 722 -39.75 8.84 15.99
C GLU A 722 -38.30 8.82 16.47
N ILE A 723 -37.49 7.94 15.88
CA ILE A 723 -36.12 7.70 16.31
C ILE A 723 -35.18 8.38 15.32
N LEU A 724 -34.20 9.12 15.84
CA LEU A 724 -33.26 9.82 14.98
C LEU A 724 -31.83 9.69 15.50
N PRO A 725 -30.92 9.11 14.73
CA PRO A 725 -29.51 9.10 15.13
C PRO A 725 -28.92 10.51 15.09
N VAL A 726 -27.95 10.76 15.97
CA VAL A 726 -27.34 12.06 16.11
C VAL A 726 -25.83 12.01 15.87
N SER A 727 -25.14 11.09 16.55
CA SER A 727 -23.69 11.00 16.45
C SER A 727 -23.28 9.54 16.38
N MET A 728 -22.07 9.30 15.90
CA MET A 728 -21.50 7.96 15.84
C MET A 728 -20.22 7.91 16.69
N THR A 729 -19.55 6.77 16.63
CA THR A 729 -18.37 6.56 17.47
C THR A 729 -17.18 7.36 16.96
N LYS A 730 -16.53 8.09 17.86
CA LYS A 730 -15.33 8.84 17.54
C LYS A 730 -14.13 7.91 17.59
N THR A 731 -13.47 7.69 16.45
CA THR A 731 -12.38 6.76 16.34
C THR A 731 -11.09 7.47 15.95
N SER A 732 -9.96 6.83 16.23
CA SER A 732 -8.65 7.33 15.87
C SER A 732 -7.76 6.15 15.50
N VAL A 733 -6.73 6.42 14.70
CA VAL A 733 -5.86 5.37 14.20
C VAL A 733 -4.41 5.81 14.35
N ASP A 734 -3.56 4.84 14.73
CA ASP A 734 -2.11 5.03 14.71
C ASP A 734 -1.57 4.53 13.38
N CYS A 735 -1.06 5.46 12.57
CA CYS A 735 -0.66 5.12 11.21
C CYS A 735 0.49 4.12 11.20
N THR A 736 1.55 4.42 11.95
CA THR A 736 2.80 3.66 11.81
C THR A 736 2.64 2.23 12.28
N MET A 737 1.95 2.01 13.41
CA MET A 737 1.82 0.65 13.92
C MET A 737 0.93 -0.20 13.02
N TYR A 738 -0.17 0.35 12.53
CA TYR A 738 -1.03 -0.42 11.62
C TYR A 738 -0.30 -0.74 10.34
N ILE A 739 0.39 0.24 9.74
CA ILE A 739 1.07 -0.01 8.46
C ILE A 739 2.22 -0.98 8.65
N CYS A 740 3.03 -0.77 9.68
CA CYS A 740 4.26 -1.54 9.86
C CYS A 740 4.26 -2.44 11.09
N GLY A 741 4.01 -1.89 12.26
CA GLY A 741 4.05 -2.67 13.49
C GLY A 741 5.26 -2.32 14.34
N ASP A 742 6.11 -3.31 14.58
CA ASP A 742 7.28 -3.15 15.44
C ASP A 742 8.59 -3.18 14.67
N SER A 743 8.55 -3.09 13.33
CA SER A 743 9.75 -3.08 12.52
C SER A 743 10.24 -1.64 12.35
N THR A 744 11.44 -1.37 12.86
CA THR A 744 11.99 -0.01 12.80
C THR A 744 12.32 0.39 11.38
N GLU A 745 12.99 -0.50 10.63
CA GLU A 745 13.32 -0.20 9.25
C GLU A 745 12.06 -0.05 8.39
N CYS A 746 10.96 -0.68 8.80
CA CYS A 746 9.69 -0.41 8.13
C CYS A 746 9.28 1.04 8.31
N SER A 747 9.46 1.59 9.52
CA SER A 747 9.19 3.01 9.73
C SER A 747 10.16 3.88 8.95
N ASN A 748 11.42 3.46 8.83
CA ASN A 748 12.38 4.21 8.04
C ASN A 748 11.97 4.24 6.57
N LEU A 749 11.41 3.14 6.06
CA LEU A 749 10.87 3.15 4.71
C LEU A 749 9.62 4.03 4.63
N LEU A 750 8.79 3.98 5.67
CA LEU A 750 7.52 4.72 5.66
C LEU A 750 7.75 6.22 5.61
N LEU A 751 8.77 6.70 6.33
CA LEU A 751 8.93 8.15 6.49
C LEU A 751 9.16 8.88 5.16
N GLN A 752 9.55 8.17 4.11
CA GLN A 752 9.79 8.80 2.82
C GLN A 752 8.62 8.65 1.85
N TYR A 753 7.49 8.09 2.27
CA TYR A 753 6.30 8.06 1.42
C TYR A 753 5.47 9.34 1.49
N GLY A 754 5.83 10.30 2.33
CA GLY A 754 5.12 11.55 2.38
C GLY A 754 4.40 11.82 3.69
N SER A 755 3.23 12.44 3.60
CA SER A 755 2.48 12.89 4.77
C SER A 755 1.05 12.36 4.74
N PHE A 756 0.88 11.10 4.34
CA PHE A 756 -0.46 10.51 4.32
C PHE A 756 -1.03 10.40 5.73
N CYS A 757 -0.21 9.98 6.69
CA CYS A 757 -0.68 9.80 8.06
C CYS A 757 -1.18 11.11 8.64
N THR A 758 -0.52 12.22 8.31
CA THR A 758 -0.99 13.52 8.76
C THR A 758 -2.38 13.82 8.22
N GLN A 759 -2.61 13.54 6.94
CA GLN A 759 -3.93 13.77 6.34
C GLN A 759 -4.99 12.93 7.04
N LEU A 760 -4.69 11.65 7.29
CA LEU A 760 -5.67 10.79 7.93
C LEU A 760 -5.98 11.25 9.35
N LYS A 761 -4.94 11.62 10.10
CA LYS A 761 -5.15 12.12 11.46
C LYS A 761 -5.99 13.39 11.45
N ARG A 762 -5.71 14.31 10.53
CA ARG A 762 -6.47 15.53 10.43
C ARG A 762 -7.94 15.25 10.13
N ALA A 763 -8.20 14.34 9.18
CA ALA A 763 -9.57 14.01 8.82
C ALA A 763 -10.31 13.38 10.00
N LEU A 764 -9.66 12.47 10.72
CA LEU A 764 -10.33 11.81 11.84
C LEU A 764 -10.60 12.79 12.99
N THR A 765 -9.66 13.70 13.27
CA THR A 765 -9.93 14.72 14.29
C THR A 765 -11.08 15.62 13.87
N GLY A 766 -11.14 15.99 12.59
CA GLY A 766 -12.27 16.76 12.10
C GLY A 766 -13.58 16.02 12.29
N ILE A 767 -13.60 14.71 12.01
CA ILE A 767 -14.81 13.93 12.20
C ILE A 767 -15.22 13.91 13.67
N ALA A 768 -14.25 13.75 14.57
CA ALA A 768 -14.56 13.71 16.00
C ALA A 768 -15.16 15.04 16.48
N VAL A 769 -14.53 16.15 16.09
CA VAL A 769 -15.08 17.44 16.52
C VAL A 769 -16.43 17.68 15.87
N GLU A 770 -16.66 17.14 14.66
CA GLU A 770 -17.98 17.24 14.05
C GLU A 770 -19.03 16.49 14.88
N GLN A 771 -18.68 15.31 15.37
CA GLN A 771 -19.62 14.56 16.21
C GLN A 771 -19.93 15.34 17.48
N ASP A 772 -18.92 15.91 18.12
CA ASP A 772 -19.15 16.67 19.35
C ASP A 772 -20.04 17.89 19.07
N LYS A 773 -19.76 18.61 17.97
CA LYS A 773 -20.59 19.76 17.61
C LYS A 773 -22.02 19.34 17.31
N ASN A 774 -22.19 18.19 16.66
CA ASN A 774 -23.54 17.69 16.38
C ASN A 774 -24.32 17.48 17.66
N THR A 775 -23.72 16.78 18.63
CA THR A 775 -24.41 16.54 19.89
C THR A 775 -24.73 17.85 20.60
N GLN A 776 -23.75 18.77 20.63
CA GLN A 776 -23.95 20.04 21.31
C GLN A 776 -25.10 20.83 20.68
N GLU A 777 -25.13 20.87 19.34
CA GLU A 777 -26.19 21.60 18.66
C GLU A 777 -27.55 20.97 18.89
N VAL A 778 -27.63 19.63 18.83
CA VAL A 778 -28.92 18.98 18.97
C VAL A 778 -29.49 19.18 20.37
N PHE A 779 -28.68 19.00 21.40
CA PHE A 779 -29.22 18.99 22.75
C PHE A 779 -29.13 20.34 23.48
N ALA A 780 -27.97 20.99 23.43
CA ALA A 780 -27.76 22.23 24.18
C ALA A 780 -28.47 23.37 23.46
N GLN A 781 -29.73 23.59 23.83
CA GLN A 781 -30.53 24.66 23.25
C GLN A 781 -31.10 25.63 24.26
N VAL A 782 -31.04 25.32 25.56
CA VAL A 782 -31.54 26.20 26.60
C VAL A 782 -30.40 26.48 27.58
N LYS A 783 -30.27 27.74 27.98
CA LYS A 783 -29.20 28.15 28.89
C LYS A 783 -29.61 28.11 30.34
N GLN A 784 -30.81 27.64 30.65
CA GLN A 784 -31.30 27.51 32.02
C GLN A 784 -31.71 26.06 32.26
N ILE A 785 -31.32 25.52 33.41
CA ILE A 785 -31.66 24.14 33.77
C ILE A 785 -32.92 24.23 34.64
N TYR A 786 -34.08 24.14 34.00
CA TYR A 786 -35.33 24.23 34.71
C TYR A 786 -35.56 22.97 35.55
N LYS A 787 -36.34 23.14 36.63
CA LYS A 787 -36.59 22.07 37.58
C LYS A 787 -38.09 21.98 37.84
N THR A 788 -38.63 20.77 37.77
CA THR A 788 -40.06 20.57 37.95
C THR A 788 -40.45 20.79 39.41
N PRO A 789 -41.66 21.30 39.65
CA PRO A 789 -42.11 21.44 41.04
C PRO A 789 -42.31 20.08 41.68
N PRO A 790 -42.15 19.98 43.01
CA PRO A 790 -42.26 18.66 43.66
C PRO A 790 -43.63 18.02 43.51
N ILE A 791 -44.71 18.80 43.51
CA ILE A 791 -46.06 18.25 43.40
C ILE A 791 -46.40 18.02 41.94
N LYS A 792 -46.27 16.76 41.50
CA LYS A 792 -46.45 16.42 40.09
C LYS A 792 -47.91 16.05 39.81
N TYR A 793 -48.76 17.07 39.89
CA TYR A 793 -50.17 16.93 39.52
C TYR A 793 -50.50 18.03 38.51
N PHE A 794 -51.05 17.63 37.37
CA PHE A 794 -51.30 18.54 36.25
C PHE A 794 -52.71 18.36 35.72
N GLY A 795 -53.68 18.30 36.61
CA GLY A 795 -55.08 18.22 36.21
C GLY A 795 -55.46 16.94 35.49
N GLY A 796 -54.98 15.80 35.97
CA GLY A 796 -55.33 14.52 35.39
C GLY A 796 -54.31 13.93 34.44
N PHE A 797 -53.34 14.72 33.98
CA PHE A 797 -52.29 14.21 33.11
C PHE A 797 -51.21 13.55 33.97
N ASN A 798 -50.68 12.43 33.49
CA ASN A 798 -49.73 11.62 34.25
C ASN A 798 -48.44 11.53 33.46
N PHE A 799 -47.40 12.23 33.94
CA PHE A 799 -46.12 12.33 33.25
C PHE A 799 -45.06 11.46 33.89
N SER A 800 -45.47 10.49 34.71
CA SER A 800 -44.50 9.67 35.44
C SER A 800 -43.63 8.86 34.50
N GLN A 801 -44.15 8.51 33.32
CA GLN A 801 -43.40 7.67 32.39
C GLN A 801 -42.24 8.40 31.74
N ILE A 802 -42.25 9.73 31.74
CA ILE A 802 -41.20 10.49 31.08
C ILE A 802 -40.39 11.37 32.03
N LEU A 803 -40.90 11.67 33.21
CA LEU A 803 -40.13 12.46 34.16
C LEU A 803 -39.06 11.60 34.82
N PRO A 804 -37.96 12.21 35.25
CA PRO A 804 -36.86 11.42 35.84
C PRO A 804 -37.30 10.71 37.11
N ASP A 805 -36.69 9.55 37.34
CA ASP A 805 -36.99 8.74 38.52
C ASP A 805 -35.87 8.91 39.54
N PRO A 806 -36.11 9.58 40.67
CA PRO A 806 -35.04 9.74 41.67
C PRO A 806 -34.54 8.43 42.24
N SER A 807 -35.38 7.39 42.30
CA SER A 807 -34.97 6.13 42.93
C SER A 807 -33.81 5.49 42.17
N LYS A 808 -33.86 5.49 40.85
CA LYS A 808 -32.76 4.93 40.06
C LYS A 808 -31.52 5.80 40.22
N PRO A 809 -30.34 5.20 40.43
CA PRO A 809 -29.13 6.01 40.59
C PRO A 809 -28.79 6.84 39.36
N SER A 810 -29.16 6.38 38.17
CA SER A 810 -28.84 7.10 36.94
C SER A 810 -29.74 8.30 36.69
N LYS A 811 -30.82 8.45 37.46
CA LYS A 811 -31.76 9.57 37.31
C LYS A 811 -32.34 9.61 35.90
N ARG A 812 -33.07 8.56 35.55
CA ARG A 812 -33.60 8.39 34.21
C ARG A 812 -35.06 7.94 34.27
N SER A 813 -35.85 8.38 33.30
CA SER A 813 -37.24 7.96 33.22
C SER A 813 -37.31 6.51 32.73
N PRO A 814 -38.42 5.82 33.00
CA PRO A 814 -38.54 4.43 32.56
C PRO A 814 -38.38 4.24 31.06
N ILE A 815 -38.87 5.17 30.25
CA ILE A 815 -38.82 5.00 28.80
C ILE A 815 -37.37 5.01 28.31
N GLU A 816 -36.59 5.99 28.74
CA GLU A 816 -35.20 6.06 28.30
C GLU A 816 -34.36 4.96 28.91
N ASP A 817 -34.71 4.51 30.12
CA ASP A 817 -34.03 3.36 30.70
C ASP A 817 -34.25 2.11 29.85
N LEU A 818 -35.50 1.90 29.41
CA LEU A 818 -35.79 0.80 28.50
C LEU A 818 -35.05 0.97 27.18
N LEU A 819 -34.94 2.21 26.70
CA LEU A 819 -34.21 2.46 25.47
C LEU A 819 -32.74 2.04 25.60
N PHE A 820 -32.09 2.44 26.69
CA PHE A 820 -30.71 2.03 26.91
C PHE A 820 -30.59 0.52 27.06
N ASN A 821 -31.52 -0.10 27.78
CA ASN A 821 -31.46 -1.55 27.97
C ASN A 821 -31.72 -2.32 26.68
N LYS A 822 -32.41 -1.72 25.72
CA LYS A 822 -32.73 -2.40 24.47
C LYS A 822 -31.65 -2.29 23.41
N VAL A 823 -30.60 -1.51 23.64
CA VAL A 823 -29.54 -1.31 22.66
C VAL A 823 -28.22 -1.80 23.27
N THR A 824 -27.52 -2.66 22.53
CA THR A 824 -26.24 -3.18 22.96
C THR A 824 -25.10 -2.23 22.58
N GLN A 850 -11.21 -5.19 23.93
CA GLN A 850 -10.91 -5.41 22.53
C GLN A 850 -9.41 -5.39 22.28
N LYS A 851 -8.99 -5.91 21.13
CA LYS A 851 -7.60 -5.83 20.72
C LYS A 851 -7.44 -4.75 19.67
N PHE A 852 -6.54 -3.80 19.93
CA PHE A 852 -6.29 -2.70 19.01
C PHE A 852 -4.81 -2.69 18.64
N LYS A 853 -4.54 -2.53 17.35
CA LYS A 853 -3.19 -2.36 16.84
C LYS A 853 -2.95 -0.91 16.39
N GLY A 854 -3.59 0.04 17.07
CA GLY A 854 -3.55 1.43 16.68
C GLY A 854 -4.93 2.01 16.56
N LEU A 855 -5.94 1.14 16.60
CA LEU A 855 -7.33 1.54 16.39
C LEU A 855 -7.98 1.83 17.74
N THR A 856 -8.02 3.10 18.13
CA THR A 856 -8.55 3.50 19.43
C THR A 856 -9.88 4.20 19.26
N VAL A 857 -10.64 4.24 20.35
CA VAL A 857 -11.96 4.88 20.38
C VAL A 857 -11.92 5.94 21.47
N LEU A 858 -12.09 7.19 21.09
CA LEU A 858 -12.11 8.27 22.06
C LEU A 858 -13.48 8.37 22.73
N PRO A 859 -13.55 8.85 23.97
CA PRO A 859 -14.85 8.99 24.62
C PRO A 859 -15.54 10.25 24.18
N PRO A 860 -16.87 10.30 24.24
CA PRO A 860 -17.59 11.54 23.90
C PRO A 860 -17.39 12.60 24.96
N LEU A 861 -17.59 13.86 24.54
CA LEU A 861 -17.40 14.98 25.46
C LEU A 861 -18.50 15.03 26.50
N LEU A 862 -19.74 14.77 26.11
CA LEU A 862 -20.89 14.82 27.01
C LEU A 862 -21.25 13.40 27.43
N THR A 863 -21.25 13.15 28.74
CA THR A 863 -21.68 11.85 29.23
C THR A 863 -23.19 11.77 29.20
N ASP A 864 -23.70 10.55 29.43
CA ASP A 864 -25.14 10.34 29.41
C ASP A 864 -25.86 11.17 30.46
N GLU A 865 -25.20 11.46 31.58
CA GLU A 865 -25.85 12.22 32.64
C GLU A 865 -26.17 13.65 32.19
N MET A 866 -25.24 14.29 31.48
CA MET A 866 -25.50 15.64 30.99
C MET A 866 -26.64 15.65 29.98
N ILE A 867 -26.69 14.65 29.09
CA ILE A 867 -27.77 14.57 28.11
C ILE A 867 -29.10 14.36 28.82
N ALA A 868 -29.13 13.50 29.83
CA ALA A 868 -30.34 13.31 30.61
C ALA A 868 -30.75 14.60 31.31
N GLN A 869 -29.77 15.38 31.77
CA GLN A 869 -30.08 16.65 32.42
C GLN A 869 -30.71 17.62 31.44
N TYR A 870 -30.19 17.70 30.22
CA TYR A 870 -30.82 18.51 29.19
C TYR A 870 -32.24 18.05 28.89
N THR A 871 -32.46 16.74 28.77
CA THR A 871 -33.80 16.25 28.49
C THR A 871 -34.76 16.59 29.61
N SER A 872 -34.33 16.42 30.86
CA SER A 872 -35.18 16.76 32.00
C SER A 872 -35.49 18.25 32.04
N ALA A 873 -34.50 19.09 31.77
CA ALA A 873 -34.72 20.53 31.75
C ALA A 873 -35.71 20.92 30.67
N LEU A 874 -35.56 20.34 29.47
CA LEU A 874 -36.50 20.64 28.39
C LEU A 874 -37.91 20.18 28.73
N LEU A 875 -38.04 18.99 29.32
CA LEU A 875 -39.36 18.51 29.72
C LEU A 875 -40.01 19.42 30.76
N ALA A 876 -39.23 19.83 31.77
CA ALA A 876 -39.78 20.72 32.79
C ALA A 876 -40.18 22.06 32.19
N GLY A 877 -39.35 22.60 31.29
CA GLY A 877 -39.69 23.87 30.66
C GLY A 877 -40.94 23.79 29.81
N THR A 878 -41.08 22.72 29.04
CA THR A 878 -42.26 22.58 28.18
C THR A 878 -43.50 22.13 28.94
N ILE A 879 -43.36 21.65 30.16
CA ILE A 879 -44.52 21.28 30.96
C ILE A 879 -45.02 22.46 31.78
N THR A 880 -44.12 23.19 32.44
CA THR A 880 -44.53 24.24 33.36
C THR A 880 -44.80 25.58 32.69
N SER A 881 -44.12 25.89 31.58
CA SER A 881 -44.19 27.22 30.99
C SER A 881 -44.59 27.23 29.53
N GLY A 882 -45.26 26.18 29.04
CA GLY A 882 -45.70 26.18 27.66
C GLY A 882 -44.52 26.24 26.70
N TRP A 883 -44.61 27.14 25.73
CA TRP A 883 -43.55 27.33 24.74
C TRP A 883 -42.82 28.65 24.89
N THR A 884 -43.19 29.47 25.88
CA THR A 884 -42.60 30.79 26.00
C THR A 884 -41.12 30.72 26.37
N PHE A 885 -40.72 29.66 27.07
CA PHE A 885 -39.33 29.55 27.51
C PHE A 885 -38.36 29.43 26.33
N GLY A 886 -38.86 29.09 25.14
CA GLY A 886 -38.02 29.07 23.96
C GLY A 886 -37.91 30.39 23.23
N ALA A 887 -38.64 31.41 23.67
CA ALA A 887 -38.65 32.71 23.01
C ALA A 887 -38.51 33.83 24.04
N GLY A 888 -37.56 33.67 24.96
CA GLY A 888 -37.34 34.66 25.99
C GLY A 888 -37.41 34.08 27.38
N PRO A 889 -37.94 34.84 28.33
CA PRO A 889 -38.08 34.34 29.69
C PRO A 889 -39.17 33.29 29.79
N ALA A 890 -39.16 32.56 30.91
CA ALA A 890 -40.13 31.52 31.16
C ALA A 890 -41.37 32.11 31.82
N LEU A 891 -42.54 31.78 31.27
CA LEU A 891 -43.82 32.30 31.75
C LEU A 891 -44.67 31.13 32.19
N GLN A 892 -44.90 31.01 33.49
CA GLN A 892 -45.68 29.89 34.00
C GLN A 892 -47.15 30.04 33.62
N ILE A 893 -47.84 28.91 33.51
CA ILE A 893 -49.23 28.87 33.07
C ILE A 893 -49.82 27.51 33.43
N PRO A 894 -51.05 27.44 33.91
CA PRO A 894 -51.65 26.14 34.20
C PRO A 894 -51.71 25.26 32.96
N PHE A 895 -51.44 23.97 33.15
CA PHE A 895 -51.37 23.05 32.02
C PHE A 895 -52.68 22.94 31.25
N PRO A 896 -53.86 22.86 31.89
CA PRO A 896 -55.09 22.84 31.09
C PRO A 896 -55.25 24.06 30.20
N MET A 897 -54.84 25.24 30.67
CA MET A 897 -54.90 26.43 29.82
C MET A 897 -53.95 26.31 28.63
N GLN A 898 -52.77 25.73 28.86
CA GLN A 898 -51.84 25.52 27.76
C GLN A 898 -52.42 24.58 26.71
N MET A 899 -53.04 23.48 27.15
CA MET A 899 -53.62 22.55 26.19
C MET A 899 -54.82 23.15 25.50
N ALA A 900 -55.57 24.03 26.18
CA ALA A 900 -56.65 24.76 25.52
C ALA A 900 -56.10 25.68 24.44
N TYR A 901 -54.99 26.36 24.73
CA TYR A 901 -54.33 27.17 23.71
C TYR A 901 -53.94 26.30 22.52
N ARG A 902 -53.40 25.12 22.79
CA ARG A 902 -52.93 24.25 21.70
C ARG A 902 -54.09 23.74 20.86
N PHE A 903 -55.24 23.45 21.48
CA PHE A 903 -56.44 23.17 20.70
C PHE A 903 -56.86 24.38 19.87
N ASN A 904 -56.79 25.58 20.46
CA ASN A 904 -57.15 26.78 19.73
C ASN A 904 -56.24 26.97 18.52
N GLY A 905 -55.01 26.44 18.60
CA GLY A 905 -54.10 26.56 17.47
C GLY A 905 -54.56 25.79 16.25
N ILE A 906 -55.16 24.63 16.45
CA ILE A 906 -55.53 23.75 15.34
C ILE A 906 -56.97 24.02 14.90
N GLY A 907 -57.55 25.12 15.35
CA GLY A 907 -58.87 25.50 14.91
C GLY A 907 -60.03 24.87 15.65
N VAL A 908 -59.86 24.60 16.95
CA VAL A 908 -60.94 24.06 17.79
C VAL A 908 -61.07 24.96 19.01
N THR A 909 -62.31 25.34 19.33
CA THR A 909 -62.55 26.24 20.44
C THR A 909 -62.23 25.56 21.77
N GLN A 910 -61.91 26.39 22.77
CA GLN A 910 -61.45 25.89 24.06
C GLN A 910 -62.54 25.16 24.84
N ASN A 911 -63.82 25.45 24.57
CA ASN A 911 -64.88 24.82 25.33
C ASN A 911 -64.87 23.30 25.17
N VAL A 912 -64.40 22.80 24.02
CA VAL A 912 -64.28 21.36 23.83
C VAL A 912 -63.37 20.77 24.89
N LEU A 913 -62.18 21.37 25.09
CA LEU A 913 -61.28 20.89 26.12
C LEU A 913 -61.87 21.08 27.51
N TYR A 914 -62.41 22.27 27.78
CA TYR A 914 -62.91 22.52 29.13
C TYR A 914 -64.12 21.69 29.47
N GLU A 915 -64.73 21.01 28.49
CA GLU A 915 -65.81 20.07 28.78
C GLU A 915 -65.38 18.61 28.68
N ASN A 916 -64.27 18.30 28.01
CA ASN A 916 -63.82 16.92 27.86
C ASN A 916 -62.44 16.69 28.45
N GLN A 917 -62.07 17.51 29.44
CA GLN A 917 -60.75 17.40 30.07
C GLN A 917 -60.48 16.00 30.60
N LYS A 918 -61.43 15.44 31.35
CA LYS A 918 -61.18 14.13 31.98
C LYS A 918 -61.00 13.04 30.94
N LEU A 919 -61.85 13.04 29.91
CA LEU A 919 -61.72 12.04 28.85
C LEU A 919 -60.40 12.19 28.11
N ILE A 920 -59.99 13.44 27.83
CA ILE A 920 -58.73 13.66 27.14
C ILE A 920 -57.57 13.16 27.98
N ALA A 921 -57.59 13.43 29.29
CA ALA A 921 -56.52 12.97 30.16
C ALA A 921 -56.45 11.44 30.20
N ASN A 922 -57.61 10.79 30.29
CA ASN A 922 -57.62 9.33 30.29
C ASN A 922 -57.07 8.78 28.98
N GLN A 923 -57.46 9.37 27.85
CA GLN A 923 -56.94 8.91 26.57
C GLN A 923 -55.43 9.11 26.49
N PHE A 924 -54.93 10.24 26.99
CA PHE A 924 -53.50 10.50 26.96
C PHE A 924 -52.74 9.47 27.79
N ASN A 925 -53.24 9.17 29.00
CA ASN A 925 -52.57 8.19 29.84
C ASN A 925 -52.58 6.80 29.19
N SER A 926 -53.71 6.40 28.64
CA SER A 926 -53.78 5.11 27.96
C SER A 926 -52.82 5.06 26.78
N ALA A 927 -52.74 6.15 26.02
CA ALA A 927 -51.84 6.19 24.87
C ALA A 927 -50.39 6.07 25.29
N ILE A 928 -49.98 6.78 26.34
CA ILE A 928 -48.58 6.70 26.75
C ILE A 928 -48.25 5.32 27.31
N GLY A 929 -49.20 4.71 28.02
CA GLY A 929 -48.99 3.34 28.46
C GLY A 929 -48.83 2.37 27.29
N LYS A 930 -49.67 2.54 26.26
CA LYS A 930 -49.54 1.71 25.07
C LYS A 930 -48.19 1.92 24.38
N ILE A 931 -47.71 3.16 24.36
CA ILE A 931 -46.39 3.42 23.78
C ILE A 931 -45.31 2.70 24.56
N GLN A 932 -45.37 2.75 25.89
CA GLN A 932 -44.39 2.03 26.69
C GLN A 932 -44.43 0.54 26.39
N ASP A 933 -45.63 -0.04 26.34
CA ASP A 933 -45.75 -1.47 26.08
C ASP A 933 -45.21 -1.83 24.69
N SER A 934 -45.57 -1.04 23.67
CA SER A 934 -45.14 -1.33 22.32
C SER A 934 -43.62 -1.23 22.19
N LEU A 935 -43.02 -0.23 22.85
CA LEU A 935 -41.57 -0.12 22.85
C LEU A 935 -40.95 -1.32 23.55
N SER A 936 -41.55 -1.77 24.65
CA SER A 936 -41.03 -2.93 25.37
C SER A 936 -41.21 -4.23 24.59
N SER A 937 -42.10 -4.26 23.60
CA SER A 937 -42.42 -5.49 22.89
C SER A 937 -41.67 -5.67 21.58
N THR A 938 -41.79 -4.73 20.65
CA THR A 938 -41.19 -4.89 19.33
C THR A 938 -39.67 -4.74 19.42
N PRO A 939 -38.89 -5.69 18.92
CA PRO A 939 -37.43 -5.58 19.03
C PRO A 939 -36.80 -4.72 17.94
N SER A 940 -37.46 -4.61 16.79
CA SER A 940 -36.92 -3.88 15.66
C SER A 940 -37.15 -2.38 15.74
N ALA A 941 -37.91 -1.91 16.73
CA ALA A 941 -38.29 -0.51 16.79
C ALA A 941 -37.07 0.41 16.83
N LEU A 942 -35.98 -0.03 17.47
CA LEU A 942 -34.76 0.75 17.57
C LEU A 942 -33.71 0.30 16.56
N GLY A 943 -34.14 -0.13 15.37
CA GLY A 943 -33.19 -0.53 14.36
C GLY A 943 -32.29 0.59 13.91
N LYS A 944 -32.86 1.78 13.68
CA LYS A 944 -32.10 2.88 13.06
C LYS A 944 -30.84 3.22 13.84
N LEU A 945 -30.95 3.30 15.17
CA LEU A 945 -29.75 3.49 15.98
C LEU A 945 -28.82 2.29 15.89
N GLN A 946 -29.37 1.08 16.08
CA GLN A 946 -28.54 -0.12 16.13
C GLN A 946 -27.74 -0.29 14.85
N ASP A 947 -28.37 -0.09 13.69
CA ASP A 947 -27.68 -0.19 12.42
C ASP A 947 -26.41 0.64 12.42
N VAL A 948 -26.47 1.87 12.96
CA VAL A 948 -25.27 2.70 13.05
C VAL A 948 -24.13 1.91 13.65
N VAL A 949 -24.32 1.41 14.88
CA VAL A 949 -23.28 0.61 15.50
C VAL A 949 -22.97 -0.60 14.63
N ASN A 950 -24.02 -1.30 14.17
CA ASN A 950 -23.82 -2.51 13.38
C ASN A 950 -23.04 -2.19 12.11
N HIS A 951 -23.06 -0.93 11.68
CA HIS A 951 -22.17 -0.53 10.60
C HIS A 951 -20.74 -0.38 11.10
N ASN A 952 -20.53 0.56 12.03
CA ASN A 952 -19.19 1.00 12.36
C ASN A 952 -18.27 -0.17 12.67
N ALA A 953 -18.63 -0.96 13.68
CA ALA A 953 -17.77 -2.07 14.10
C ALA A 953 -17.40 -2.95 12.92
N GLN A 954 -18.39 -3.37 12.12
CA GLN A 954 -18.05 -4.30 11.05
C GLN A 954 -17.09 -3.66 10.07
N ALA A 955 -17.30 -2.38 9.73
CA ALA A 955 -16.34 -1.70 8.87
C ALA A 955 -14.96 -1.75 9.49
N LEU A 956 -14.85 -1.41 10.77
CA LEU A 956 -13.57 -1.50 11.46
C LEU A 956 -13.03 -2.91 11.38
N ASN A 957 -13.90 -3.90 11.60
CA ASN A 957 -13.48 -5.30 11.49
C ASN A 957 -12.83 -5.56 10.15
N THR A 958 -13.45 -5.08 9.06
CA THR A 958 -12.89 -5.30 7.74
C THR A 958 -11.47 -4.78 7.66
N LEU A 959 -11.21 -3.59 8.23
CA LEU A 959 -9.87 -3.05 8.20
C LEU A 959 -8.88 -4.02 8.82
N VAL A 960 -9.22 -4.59 9.98
CA VAL A 960 -8.33 -5.54 10.63
C VAL A 960 -8.07 -6.73 9.69
N LYS A 961 -9.13 -7.22 9.03
CA LYS A 961 -8.94 -8.33 8.11
C LYS A 961 -7.98 -7.98 6.99
N GLN A 962 -8.00 -6.72 6.53
CA GLN A 962 -7.10 -6.33 5.46
C GLN A 962 -5.64 -6.41 5.87
N LEU A 963 -5.36 -6.45 7.17
CA LEU A 963 -3.97 -6.58 7.61
C LEU A 963 -3.42 -7.97 7.31
N SER A 964 -4.29 -8.95 7.05
CA SER A 964 -3.86 -10.32 6.81
C SER A 964 -3.96 -10.70 5.34
N SER A 965 -3.67 -9.77 4.44
CA SER A 965 -3.70 -10.03 3.01
C SER A 965 -2.30 -9.89 2.42
N LYS A 966 -1.91 -10.86 1.60
CA LYS A 966 -0.58 -10.83 1.00
C LYS A 966 -0.44 -9.73 -0.04
N PHE A 967 -1.54 -9.24 -0.61
CA PHE A 967 -1.52 -8.16 -1.59
C PHE A 967 -0.69 -8.55 -2.82
N GLY A 968 -0.66 -9.85 -3.13
CA GLY A 968 0.08 -10.34 -4.26
C GLY A 968 1.54 -10.68 -3.99
N ALA A 969 2.03 -10.43 -2.78
CA ALA A 969 3.40 -10.73 -2.45
C ALA A 969 3.55 -12.21 -2.12
N ILE A 970 4.80 -12.65 -1.94
CA ILE A 970 5.06 -14.06 -1.66
C ILE A 970 4.52 -14.46 -0.29
N SER A 971 4.61 -13.56 0.69
CA SER A 971 4.14 -13.83 2.04
C SER A 971 3.54 -12.57 2.65
N SER A 972 2.65 -12.78 3.62
CA SER A 972 2.01 -11.69 4.33
C SER A 972 2.73 -11.31 5.62
N VAL A 973 3.87 -11.93 5.90
CA VAL A 973 4.58 -11.71 7.15
C VAL A 973 5.82 -10.87 6.84
N LEU A 974 5.83 -9.63 7.34
CA LEU A 974 6.84 -8.66 6.94
C LEU A 974 8.24 -9.04 7.43
N ASN A 975 8.37 -9.35 8.72
CA ASN A 975 9.67 -9.77 9.24
C ASN A 975 10.14 -11.06 8.58
N ASP A 976 9.21 -11.93 8.17
CA ASP A 976 9.59 -13.09 7.37
C ASP A 976 10.20 -12.66 6.05
N ILE A 977 9.63 -11.64 5.42
CA ILE A 977 10.20 -11.12 4.16
C ILE A 977 11.61 -10.61 4.39
N PHE A 978 11.83 -9.90 5.50
CA PHE A 978 13.18 -9.45 5.83
C PHE A 978 14.13 -10.63 6.02
N SER A 979 13.73 -11.62 6.83
CA SER A 979 14.67 -12.66 7.24
C SER A 979 14.97 -13.65 6.12
N ARG A 980 13.96 -14.02 5.34
CA ARG A 980 14.08 -15.11 4.37
C ARG A 980 14.69 -14.69 3.05
N LEU A 981 14.72 -13.39 2.74
CA LEU A 981 15.20 -12.93 1.45
C LEU A 981 16.16 -11.77 1.62
N ASP A 982 17.02 -11.60 0.62
CA ASP A 982 17.97 -10.51 0.56
C ASP A 982 17.26 -9.19 0.22
N PRO A 983 17.90 -8.05 0.49
CA PRO A 983 17.23 -6.74 0.31
C PRO A 983 16.70 -6.50 -1.10
N PRO A 984 17.42 -6.92 -2.19
CA PRO A 984 16.95 -6.56 -3.55
C PRO A 984 15.46 -6.68 -3.82
N GLU A 985 14.89 -7.88 -3.68
CA GLU A 985 13.46 -8.04 -3.92
C GLU A 985 12.63 -7.96 -2.64
N ALA A 986 13.26 -8.08 -1.47
CA ALA A 986 12.55 -7.82 -0.23
C ALA A 986 12.02 -6.39 -0.20
N GLU A 987 12.78 -5.46 -0.78
CA GLU A 987 12.31 -4.08 -0.88
C GLU A 987 11.05 -4.00 -1.71
N VAL A 988 11.01 -4.73 -2.84
CA VAL A 988 9.81 -4.73 -3.69
C VAL A 988 8.63 -5.29 -2.93
N GLN A 989 8.83 -6.41 -2.23
CA GLN A 989 7.74 -7.03 -1.47
C GLN A 989 7.21 -6.09 -0.40
N ILE A 990 8.11 -5.44 0.34
CA ILE A 990 7.70 -4.52 1.39
C ILE A 990 6.97 -3.32 0.80
N ASP A 991 7.43 -2.83 -0.35
CA ASP A 991 6.74 -1.72 -1.01
C ASP A 991 5.33 -2.11 -1.39
N ARG A 992 5.15 -3.33 -1.90
CA ARG A 992 3.82 -3.82 -2.24
C ARG A 992 2.93 -3.87 -1.01
N LEU A 993 3.46 -4.40 0.09
CA LEU A 993 2.68 -4.47 1.33
C LEU A 993 2.28 -3.08 1.81
N ILE A 994 3.23 -2.14 1.79
CA ILE A 994 2.95 -0.79 2.27
C ILE A 994 1.88 -0.13 1.42
N THR A 995 1.99 -0.27 0.09
CA THR A 995 1.00 0.32 -0.80
C THR A 995 -0.38 -0.26 -0.54
N GLY A 996 -0.46 -1.59 -0.39
CA GLY A 996 -1.75 -2.20 -0.13
C GLY A 996 -2.38 -1.72 1.16
N ARG A 997 -1.60 -1.69 2.24
CA ARG A 997 -2.14 -1.27 3.53
C ARG A 997 -2.54 0.20 3.51
N LEU A 998 -1.73 1.05 2.88
CA LEU A 998 -2.07 2.46 2.79
C LEU A 998 -3.35 2.67 1.99
N GLN A 999 -3.52 1.94 0.90
CA GLN A 999 -4.74 2.06 0.10
C GLN A 999 -5.95 1.62 0.91
N SER A 1000 -5.82 0.53 1.66
CA SER A 1000 -6.94 0.08 2.49
C SER A 1000 -7.31 1.12 3.53
N LEU A 1001 -6.31 1.72 4.18
CA LEU A 1001 -6.59 2.73 5.19
C LEU A 1001 -7.24 3.96 4.57
N GLN A 1002 -6.79 4.36 3.38
CA GLN A 1002 -7.39 5.49 2.68
C GLN A 1002 -8.86 5.21 2.36
N THR A 1003 -9.16 4.00 1.88
CA THR A 1003 -10.54 3.64 1.58
C THR A 1003 -11.41 3.71 2.83
N TYR A 1004 -10.88 3.19 3.95
CA TYR A 1004 -11.63 3.26 5.20
C TYR A 1004 -11.90 4.70 5.61
N VAL A 1005 -10.90 5.58 5.46
CA VAL A 1005 -11.08 6.98 5.84
C VAL A 1005 -12.15 7.63 4.98
N THR A 1006 -12.13 7.37 3.67
CA THR A 1006 -13.13 7.97 2.79
C THR A 1006 -14.53 7.49 3.14
N GLN A 1007 -14.68 6.19 3.39
CA GLN A 1007 -16.00 5.66 3.74
C GLN A 1007 -16.49 6.28 5.03
N GLN A 1008 -15.60 6.43 6.02
CA GLN A 1008 -15.96 7.08 7.27
C GLN A 1008 -16.40 8.51 7.03
N LEU A 1009 -15.72 9.24 6.14
CA LEU A 1009 -16.10 10.61 5.84
C LEU A 1009 -17.51 10.68 5.27
N ILE A 1010 -17.84 9.76 4.36
CA ILE A 1010 -19.18 9.76 3.77
C ILE A 1010 -20.24 9.50 4.84
N ARG A 1011 -19.98 8.50 5.70
CA ARG A 1011 -20.93 8.22 6.77
C ARG A 1011 -21.07 9.40 7.71
N ALA A 1012 -19.97 10.10 7.99
CA ALA A 1012 -20.03 11.27 8.85
C ALA A 1012 -20.89 12.37 8.24
N ALA A 1013 -20.76 12.58 6.93
CA ALA A 1013 -21.60 13.58 6.26
C ALA A 1013 -23.08 13.22 6.38
N GLU A 1014 -23.42 11.95 6.15
CA GLU A 1014 -24.81 11.53 6.27
C GLU A 1014 -25.32 11.74 7.70
N ILE A 1015 -24.51 11.37 8.69
CA ILE A 1015 -24.91 11.50 10.08
C ILE A 1015 -25.10 12.97 10.44
N ARG A 1016 -24.25 13.85 9.90
CA ARG A 1016 -24.39 15.27 10.16
C ARG A 1016 -25.69 15.82 9.58
N ALA A 1017 -26.06 15.35 8.39
CA ALA A 1017 -27.35 15.76 7.82
C ALA A 1017 -28.50 15.31 8.72
N SER A 1018 -28.43 14.06 9.19
CA SER A 1018 -29.48 13.57 10.09
C SER A 1018 -29.54 14.37 11.38
N ALA A 1019 -28.37 14.75 11.90
CA ALA A 1019 -28.31 15.54 13.12
C ALA A 1019 -28.92 16.93 12.92
N ASN A 1020 -28.68 17.54 11.75
CA ASN A 1020 -29.30 18.83 11.46
C ASN A 1020 -30.82 18.69 11.39
N LEU A 1021 -31.31 17.61 10.77
CA LEU A 1021 -32.75 17.39 10.75
C LEU A 1021 -33.31 17.23 12.16
N ALA A 1022 -32.61 16.48 13.01
CA ALA A 1022 -33.06 16.29 14.38
C ALA A 1022 -33.06 17.61 15.14
N ALA A 1023 -32.06 18.46 14.91
CA ALA A 1023 -32.02 19.77 15.56
C ALA A 1023 -33.21 20.62 15.13
N THR A 1024 -33.54 20.60 13.85
CA THR A 1024 -34.71 21.34 13.38
C THR A 1024 -35.99 20.82 14.04
N LYS A 1025 -36.13 19.50 14.13
CA LYS A 1025 -37.31 18.92 14.77
C LYS A 1025 -37.40 19.33 16.23
N MET A 1026 -36.27 19.30 16.94
CA MET A 1026 -36.27 19.71 18.34
C MET A 1026 -36.63 21.17 18.49
N SER A 1027 -36.12 22.03 17.60
CA SER A 1027 -36.41 23.45 17.70
C SER A 1027 -37.87 23.76 17.40
N GLU A 1028 -38.49 23.03 16.47
CA GLU A 1028 -39.83 23.40 16.02
C GLU A 1028 -40.94 22.62 16.73
N CYS A 1029 -40.87 21.30 16.75
CA CYS A 1029 -41.98 20.52 17.31
C CYS A 1029 -42.02 20.57 18.83
N VAL A 1030 -40.87 20.77 19.49
CA VAL A 1030 -40.81 20.72 20.94
C VAL A 1030 -41.03 22.11 21.53
N LEU A 1031 -40.17 23.05 21.18
CA LEU A 1031 -40.24 24.40 21.73
C LEU A 1031 -41.42 25.20 21.18
N GLY A 1032 -42.29 24.60 20.40
CA GLY A 1032 -43.44 25.31 19.87
C GLY A 1032 -44.35 24.35 19.14
N GLN A 1033 -45.44 24.89 18.62
CA GLN A 1033 -46.41 24.12 17.84
C GLN A 1033 -46.24 24.46 16.37
N SER A 1034 -46.14 23.43 15.53
CA SER A 1034 -45.85 23.60 14.12
C SER A 1034 -47.07 23.20 13.30
N LYS A 1035 -47.32 23.96 12.24
CA LYS A 1035 -48.44 23.70 11.33
C LYS A 1035 -48.01 22.96 10.08
N ARG A 1036 -46.77 22.49 10.02
CA ARG A 1036 -46.31 21.71 8.88
C ARG A 1036 -46.89 20.31 8.96
N VAL A 1037 -47.51 19.86 7.88
CA VAL A 1037 -48.20 18.57 7.89
C VAL A 1037 -47.18 17.44 7.90
N ASP A 1038 -47.42 16.44 8.75
CA ASP A 1038 -46.62 15.23 8.88
C ASP A 1038 -45.18 15.50 9.30
N PHE A 1039 -44.84 16.73 9.67
CA PHE A 1039 -43.49 17.01 10.12
C PHE A 1039 -43.26 16.53 11.55
N CYS A 1040 -44.26 16.64 12.41
CA CYS A 1040 -44.15 16.27 13.81
C CYS A 1040 -45.23 15.26 14.19
N GLY A 1041 -45.41 14.25 13.36
CA GLY A 1041 -46.34 13.19 13.65
C GLY A 1041 -47.50 13.15 12.66
N LYS A 1042 -48.19 12.01 12.65
CA LYS A 1042 -49.33 11.81 11.77
C LYS A 1042 -50.58 12.39 12.41
N GLY A 1043 -51.25 13.29 11.70
CA GLY A 1043 -52.43 13.97 12.20
C GLY A 1043 -52.12 15.42 12.53
N TYR A 1044 -53.09 16.05 13.19
CA TYR A 1044 -52.92 17.43 13.62
C TYR A 1044 -52.00 17.45 14.84
N HIS A 1045 -50.88 18.14 14.72
CA HIS A 1045 -49.88 18.15 15.77
C HIS A 1045 -50.34 18.96 16.96
N LEU A 1046 -50.13 18.43 18.16
CA LEU A 1046 -50.39 19.13 19.40
C LEU A 1046 -49.12 19.52 20.14
N MET A 1047 -48.26 18.56 20.46
CA MET A 1047 -47.02 18.85 21.19
C MET A 1047 -46.14 17.61 21.15
N SER A 1048 -45.00 17.68 21.86
CA SER A 1048 -44.04 16.59 21.76
C SER A 1048 -43.11 16.61 22.97
N PHE A 1049 -42.42 15.47 23.15
CA PHE A 1049 -41.44 15.26 24.20
C PHE A 1049 -40.17 14.64 23.61
N PRO A 1050 -39.00 15.08 24.08
CA PRO A 1050 -37.75 14.39 23.71
C PRO A 1050 -37.32 13.38 24.75
N GLN A 1051 -36.57 12.38 24.30
CA GLN A 1051 -35.92 11.41 25.16
C GLN A 1051 -34.56 11.07 24.56
N SER A 1052 -33.61 10.75 25.43
CA SER A 1052 -32.28 10.38 24.97
C SER A 1052 -32.25 8.91 24.57
N ALA A 1053 -31.21 8.55 23.81
CA ALA A 1053 -31.01 7.18 23.39
C ALA A 1053 -29.57 7.03 22.95
N PRO A 1054 -29.02 5.81 22.95
CA PRO A 1054 -27.61 5.63 22.58
C PRO A 1054 -27.34 6.14 21.18
N HIS A 1055 -26.58 7.23 21.08
CA HIS A 1055 -26.27 7.87 19.81
C HIS A 1055 -27.53 8.30 19.07
N GLY A 1056 -28.52 8.81 19.80
CA GLY A 1056 -29.73 9.25 19.14
C GLY A 1056 -30.73 9.87 20.10
N VAL A 1057 -31.83 10.33 19.51
CA VAL A 1057 -32.91 10.97 20.24
C VAL A 1057 -34.24 10.38 19.78
N VAL A 1058 -35.15 10.16 20.72
CA VAL A 1058 -36.46 9.60 20.43
C VAL A 1058 -37.51 10.65 20.78
N PHE A 1059 -38.33 11.00 19.79
CA PHE A 1059 -39.39 11.98 19.97
C PHE A 1059 -40.71 11.26 20.16
N LEU A 1060 -41.50 11.73 21.14
CA LEU A 1060 -42.86 11.29 21.35
C LEU A 1060 -43.78 12.44 20.92
N HIS A 1061 -44.49 12.24 19.82
CA HIS A 1061 -45.40 13.24 19.28
C HIS A 1061 -46.80 12.95 19.80
N VAL A 1062 -47.41 13.93 20.46
CA VAL A 1062 -48.80 13.86 20.88
C VAL A 1062 -49.60 14.68 19.88
N THR A 1063 -50.59 14.01 19.27
CA THR A 1063 -51.33 14.55 18.14
C THR A 1063 -52.81 14.26 18.31
N TYR A 1064 -53.62 14.95 17.49
CA TYR A 1064 -55.07 14.91 17.57
C TYR A 1064 -55.61 14.38 16.25
N VAL A 1065 -56.52 13.40 16.32
CA VAL A 1065 -57.05 12.75 15.14
C VAL A 1065 -58.57 12.66 15.23
N PRO A 1066 -59.32 13.16 14.25
CA PRO A 1066 -60.78 13.06 14.31
C PRO A 1066 -61.26 11.65 14.05
N ALA A 1067 -62.50 11.38 14.45
CA ALA A 1067 -63.12 10.08 14.29
C ALA A 1067 -64.62 10.20 14.52
N GLN A 1068 -65.34 9.16 14.10
CA GLN A 1068 -66.79 9.09 14.18
C GLN A 1068 -67.45 10.23 13.39
N GLU A 1069 -67.17 10.24 12.09
CA GLU A 1069 -67.72 11.26 11.22
C GLU A 1069 -69.20 10.97 10.94
N LYS A 1070 -69.87 12.00 10.41
CA LYS A 1070 -71.29 11.92 10.13
C LYS A 1070 -71.59 12.70 8.85
N ASN A 1071 -72.52 12.18 8.06
CA ASN A 1071 -72.92 12.82 6.81
C ASN A 1071 -73.85 14.00 7.07
N PHE A 1072 -73.77 15.00 6.20
CA PHE A 1072 -74.61 16.18 6.30
C PHE A 1072 -74.80 16.79 4.92
N THR A 1073 -75.85 17.60 4.80
CA THR A 1073 -76.14 18.33 3.58
C THR A 1073 -75.76 19.80 3.78
N THR A 1074 -75.01 20.35 2.82
CA THR A 1074 -74.40 21.67 2.99
C THR A 1074 -74.84 22.60 1.86
N ALA A 1075 -74.64 23.89 2.10
CA ALA A 1075 -74.89 24.95 1.14
C ALA A 1075 -73.85 26.04 1.33
N PRO A 1076 -73.48 26.74 0.26
CA PRO A 1076 -72.43 27.77 0.41
C PRO A 1076 -72.87 29.00 1.16
N ALA A 1077 -74.07 29.51 0.87
CA ALA A 1077 -74.55 30.73 1.50
C ALA A 1077 -76.04 30.62 1.75
N ILE A 1078 -76.62 31.66 2.36
CA ILE A 1078 -78.04 31.71 2.66
C ILE A 1078 -78.62 32.98 2.07
N CYS A 1079 -79.72 32.85 1.33
CA CYS A 1079 -80.41 34.02 0.79
C CYS A 1079 -81.54 34.41 1.73
N HIS A 1080 -81.58 35.68 2.12
CA HIS A 1080 -82.54 36.16 3.09
C HIS A 1080 -82.79 37.64 2.83
N ASP A 1081 -84.04 37.99 2.52
CA ASP A 1081 -84.42 39.36 2.19
C ASP A 1081 -83.56 39.92 1.06
N GLY A 1082 -83.28 39.07 0.06
CA GLY A 1082 -82.44 39.48 -1.05
C GLY A 1082 -81.00 39.72 -0.70
N LYS A 1083 -80.54 39.27 0.45
CA LYS A 1083 -79.15 39.41 0.87
C LYS A 1083 -78.50 38.04 1.01
N ALA A 1084 -77.19 37.99 0.79
CA ALA A 1084 -76.44 36.76 0.89
C ALA A 1084 -75.64 36.74 2.19
N HIS A 1085 -75.86 35.71 3.01
CA HIS A 1085 -75.14 35.52 4.25
C HIS A 1085 -74.14 34.39 4.07
N PHE A 1086 -72.88 34.64 4.45
CA PHE A 1086 -71.82 33.67 4.44
C PHE A 1086 -71.33 33.44 5.87
N PRO A 1087 -70.88 32.23 6.20
CA PRO A 1087 -70.39 31.99 7.56
C PRO A 1087 -69.12 32.78 7.82
N ARG A 1088 -69.04 33.34 9.03
CA ARG A 1088 -67.87 34.13 9.39
C ARG A 1088 -66.67 33.23 9.65
N GLU A 1089 -66.87 32.12 10.36
CA GLU A 1089 -65.79 31.21 10.68
C GLU A 1089 -66.15 29.74 10.50
N GLY A 1090 -67.43 29.40 10.38
CA GLY A 1090 -67.82 28.01 10.31
C GLY A 1090 -68.27 27.54 8.94
N VAL A 1091 -69.25 26.64 8.92
CA VAL A 1091 -69.76 26.04 7.69
C VAL A 1091 -71.22 25.68 7.93
N PHE A 1092 -72.03 25.82 6.89
CA PHE A 1092 -73.46 25.55 6.99
C PHE A 1092 -73.73 24.06 6.79
N VAL A 1093 -74.58 23.50 7.65
CA VAL A 1093 -74.99 22.11 7.56
C VAL A 1093 -76.49 22.04 7.87
N SER A 1094 -77.07 20.86 7.61
CA SER A 1094 -78.49 20.65 7.87
C SER A 1094 -78.74 19.17 8.04
N ASN A 1095 -79.38 18.80 9.15
CA ASN A 1095 -79.71 17.40 9.40
C ASN A 1095 -80.85 16.91 8.53
N GLY A 1096 -81.53 17.80 7.81
CA GLY A 1096 -82.63 17.40 6.95
C GLY A 1096 -83.80 18.35 7.04
N THR A 1097 -83.98 18.98 8.19
CA THR A 1097 -85.08 19.90 8.42
C THR A 1097 -84.62 21.31 8.74
N HIS A 1098 -83.61 21.46 9.61
CA HIS A 1098 -83.14 22.77 10.04
C HIS A 1098 -81.70 22.98 9.63
N TRP A 1099 -81.31 24.25 9.52
CA TRP A 1099 -79.98 24.64 9.09
C TRP A 1099 -79.21 25.25 10.25
N PHE A 1100 -77.95 24.85 10.38
CA PHE A 1100 -77.08 25.35 11.45
C PHE A 1100 -75.72 25.69 10.85
N VAL A 1101 -74.92 26.39 11.66
CA VAL A 1101 -73.52 26.68 11.33
C VAL A 1101 -72.67 26.03 12.40
N THR A 1102 -71.59 25.37 11.98
CA THR A 1102 -70.74 24.64 12.90
C THR A 1102 -69.27 24.83 12.50
N GLN A 1103 -68.39 24.63 13.48
CA GLN A 1103 -66.97 24.68 13.19
C GLN A 1103 -66.54 23.49 12.36
N ARG A 1104 -65.40 23.63 11.69
CA ARG A 1104 -65.01 22.67 10.66
C ARG A 1104 -64.68 21.30 11.25
N ASN A 1105 -63.91 21.27 12.33
CA ASN A 1105 -63.32 20.02 12.81
C ASN A 1105 -64.11 19.35 13.92
N PHE A 1106 -65.25 19.90 14.32
CA PHE A 1106 -66.03 19.29 15.39
C PHE A 1106 -67.48 19.69 15.23
N TYR A 1107 -68.38 18.71 15.34
CA TYR A 1107 -69.80 18.95 15.15
C TYR A 1107 -70.35 19.64 16.39
N GLU A 1108 -70.50 20.97 16.31
CA GLU A 1108 -71.11 21.75 17.39
C GLU A 1108 -72.16 22.67 16.78
N PRO A 1109 -73.33 22.14 16.46
CA PRO A 1109 -74.34 22.94 15.77
C PRO A 1109 -74.80 24.11 16.62
N GLN A 1110 -75.09 25.23 15.95
CA GLN A 1110 -75.55 26.44 16.61
C GLN A 1110 -76.58 27.13 15.73
N ILE A 1111 -77.44 27.91 16.37
CA ILE A 1111 -78.46 28.66 15.64
C ILE A 1111 -77.78 29.74 14.81
N ILE A 1112 -78.20 29.86 13.55
CA ILE A 1112 -77.62 30.84 12.64
C ILE A 1112 -78.18 32.22 12.98
N THR A 1113 -77.28 33.18 13.23
CA THR A 1113 -77.67 34.55 13.54
C THR A 1113 -76.93 35.53 12.66
N THR A 1114 -77.06 36.82 12.96
CA THR A 1114 -76.40 37.87 12.17
C THR A 1114 -75.04 38.27 12.73
N ASP A 1115 -74.58 37.63 13.81
CA ASP A 1115 -73.27 37.94 14.37
C ASP A 1115 -72.21 36.95 13.93
N ASN A 1116 -72.57 35.70 13.68
CA ASN A 1116 -71.65 34.69 13.20
C ASN A 1116 -71.67 34.55 11.68
N THR A 1117 -72.38 35.43 10.99
CA THR A 1117 -72.42 35.45 9.54
C THR A 1117 -72.24 36.88 9.05
N PHE A 1118 -71.74 37.03 7.83
CA PHE A 1118 -71.53 38.34 7.24
C PHE A 1118 -72.18 38.40 5.86
N VAL A 1119 -72.57 39.61 5.47
CA VAL A 1119 -73.39 39.84 4.29
C VAL A 1119 -72.56 40.52 3.22
N SER A 1120 -72.72 40.06 1.97
CA SER A 1120 -72.01 40.66 0.84
C SER A 1120 -72.85 40.45 -0.41
N GLY A 1121 -73.48 41.53 -0.88
CA GLY A 1121 -74.24 41.49 -2.11
C GLY A 1121 -75.59 40.78 -1.96
N ASN A 1122 -76.24 40.60 -3.10
CA ASN A 1122 -77.52 39.91 -3.15
C ASN A 1122 -77.30 38.41 -3.37
N CYS A 1123 -78.41 37.67 -3.44
CA CYS A 1123 -78.37 36.22 -3.56
C CYS A 1123 -78.68 35.75 -4.97
N ASP A 1124 -78.24 36.49 -5.99
CA ASP A 1124 -78.51 36.15 -7.37
C ASP A 1124 -77.28 35.76 -8.16
N VAL A 1125 -76.10 35.76 -7.54
CA VAL A 1125 -74.86 35.49 -8.24
C VAL A 1125 -74.24 34.16 -7.82
N VAL A 1126 -74.34 33.80 -6.54
CA VAL A 1126 -73.75 32.57 -6.05
C VAL A 1126 -74.53 31.38 -6.56
N ILE A 1127 -73.87 30.23 -6.63
CA ILE A 1127 -74.46 29.00 -7.16
C ILE A 1127 -74.71 28.04 -6.00
N GLY A 1128 -75.91 27.49 -5.94
CA GLY A 1128 -76.27 26.55 -4.90
C GLY A 1128 -76.81 27.15 -3.63
N ILE A 1129 -77.10 28.46 -3.62
CA ILE A 1129 -77.65 29.09 -2.42
C ILE A 1129 -79.04 28.53 -2.14
N VAL A 1130 -79.40 28.52 -0.86
CA VAL A 1130 -80.67 27.97 -0.41
C VAL A 1130 -81.42 29.04 0.38
N ASN A 1131 -82.72 28.82 0.55
CA ASN A 1131 -83.61 29.75 1.23
C ASN A 1131 -83.78 29.35 2.68
N ASN A 1132 -83.59 30.30 3.59
CA ASN A 1132 -83.84 30.09 5.01
C ASN A 1132 -83.84 31.45 5.71
N THR A 1133 -84.39 31.47 6.92
CA THR A 1133 -84.42 32.67 7.73
C THR A 1133 -83.17 32.74 8.61
N VAL A 1134 -82.88 33.96 9.08
CA VAL A 1134 -81.75 34.22 9.96
C VAL A 1134 -82.24 35.00 11.15
N TYR A 1135 -82.20 34.39 12.33
CA TYR A 1135 -82.65 35.05 13.54
C TYR A 1135 -81.71 36.20 13.91
N ASP A 1136 -82.31 37.28 14.43
CA ASP A 1136 -81.55 38.43 14.88
C ASP A 1136 -81.70 38.59 16.38
N PRO A 1137 -80.61 38.64 17.14
CA PRO A 1137 -80.74 38.71 18.60
C PRO A 1137 -81.33 40.01 19.10
N LEU A 1138 -81.15 41.12 18.39
CA LEU A 1138 -81.58 42.42 18.87
C LEU A 1138 -83.06 42.69 18.64
N GLN A 1139 -83.72 41.88 17.81
CA GLN A 1139 -85.16 42.07 17.57
C GLN A 1139 -85.99 41.83 18.83
N PRO A 1140 -85.82 40.74 19.59
CA PRO A 1140 -86.58 40.63 20.85
C PRO A 1140 -86.26 41.74 21.84
N GLU A 1141 -85.00 42.19 21.87
CA GLU A 1141 -84.64 43.26 22.78
C GLU A 1141 -85.35 44.57 22.43
N LEU A 1142 -85.43 44.89 21.13
CA LEU A 1142 -86.15 46.09 20.74
C LEU A 1142 -87.66 45.90 20.89
N ASP A 1143 -88.12 44.65 20.88
CA ASP A 1143 -89.56 44.39 21.05
C ASP A 1143 -90.05 44.86 22.41
N SER A 1144 -89.27 44.60 23.46
CA SER A 1144 -89.65 45.01 24.81
C SER A 1144 -89.47 46.51 24.99
N CYS B 15 60.79 22.33 24.80
CA CYS B 15 59.61 22.24 25.65
C CYS B 15 59.87 22.87 27.02
N VAL B 16 58.90 23.66 27.48
CA VAL B 16 58.98 24.33 28.76
C VAL B 16 57.80 23.88 29.62
N ASN B 17 58.10 23.37 30.81
CA ASN B 17 57.07 22.91 31.73
C ASN B 17 56.63 24.05 32.64
N LEU B 18 55.32 24.22 32.77
CA LEU B 18 54.73 25.26 33.60
C LEU B 18 54.17 24.64 34.85
N THR B 19 54.51 25.20 36.01
CA THR B 19 54.11 24.67 37.31
C THR B 19 53.28 25.67 38.11
N THR B 20 52.74 26.69 37.46
CA THR B 20 51.91 27.69 38.12
C THR B 20 50.41 27.43 37.93
N ARG B 21 50.05 26.27 37.40
CA ARG B 21 48.65 25.92 37.24
C ARG B 21 47.98 25.74 38.59
N THR B 22 46.77 26.28 38.72
CA THR B 22 45.95 26.14 39.93
C THR B 22 44.82 25.17 39.63
N GLN B 23 44.75 24.09 40.39
CA GLN B 23 43.75 23.06 40.15
C GLN B 23 42.41 23.45 40.75
N LEU B 24 41.40 23.58 39.90
CA LEU B 24 40.05 23.90 40.33
C LEU B 24 39.05 23.11 39.50
N PRO B 25 37.87 22.80 40.05
CA PRO B 25 36.85 22.12 39.24
C PRO B 25 36.39 22.99 38.10
N PRO B 26 36.03 22.40 36.96
CA PRO B 26 35.57 23.20 35.82
C PRO B 26 34.25 23.91 36.14
N ALA B 27 34.06 25.06 35.51
CA ALA B 27 32.80 25.76 35.74
C ALA B 27 31.73 25.23 34.80
N TYR B 28 30.48 25.52 35.12
CA TYR B 28 29.34 25.08 34.33
C TYR B 28 28.49 26.28 33.96
N THR B 29 28.03 26.33 32.71
CA THR B 29 27.15 27.41 32.28
C THR B 29 26.13 26.86 31.30
N ASN B 30 25.14 27.68 30.97
CA ASN B 30 24.00 27.26 30.18
C ASN B 30 24.20 27.62 28.71
N SER B 31 23.82 26.70 27.83
CA SER B 31 24.01 26.90 26.40
C SER B 31 23.00 27.87 25.80
N PHE B 32 21.77 27.89 26.30
CA PHE B 32 20.68 28.72 25.79
C PHE B 32 20.43 28.30 24.33
N THR B 33 20.41 29.24 23.38
CA THR B 33 20.03 28.91 22.01
C THR B 33 21.16 29.20 21.03
N ARG B 34 22.38 28.81 21.38
CA ARG B 34 23.53 28.96 20.52
C ARG B 34 23.95 27.62 19.94
N GLY B 35 24.58 27.65 18.77
CA GLY B 35 25.06 26.44 18.14
C GLY B 35 24.26 26.00 16.94
N VAL B 36 23.83 26.95 16.11
CA VAL B 36 23.08 26.66 14.89
C VAL B 36 23.97 26.98 13.69
N TYR B 37 24.05 26.04 12.76
CA TYR B 37 24.88 26.19 11.58
C TYR B 37 24.11 25.70 10.36
N TYR B 38 24.47 26.25 9.20
CA TYR B 38 23.84 25.82 7.96
C TYR B 38 24.25 24.38 7.66
N PRO B 39 23.30 23.45 7.60
CA PRO B 39 23.68 22.04 7.40
C PRO B 39 24.12 21.72 5.99
N ASP B 40 23.42 22.23 4.98
CA ASP B 40 23.69 21.90 3.59
C ASP B 40 24.13 23.15 2.84
N LYS B 41 24.44 22.97 1.56
CA LYS B 41 24.96 24.05 0.73
C LYS B 41 23.90 24.63 -0.20
N VAL B 42 22.64 24.28 0.00
CA VAL B 42 21.56 24.85 -0.81
C VAL B 42 21.13 26.17 -0.21
N PHE B 43 20.38 26.96 -0.98
CA PHE B 43 19.91 28.27 -0.57
C PHE B 43 18.39 28.27 -0.50
N ARG B 44 17.86 28.66 0.65
CA ARG B 44 16.42 28.77 0.86
C ARG B 44 16.11 30.13 1.47
N SER B 45 14.95 30.68 1.12
CA SER B 45 14.56 32.01 1.58
C SER B 45 13.13 31.99 2.08
N SER B 46 12.92 32.55 3.27
CA SER B 46 11.59 32.73 3.87
C SER B 46 10.79 31.42 3.84
N VAL B 47 11.30 30.43 4.56
CA VAL B 47 10.66 29.12 4.61
C VAL B 47 11.08 28.41 5.89
N LEU B 48 10.22 27.50 6.35
CA LEU B 48 10.49 26.71 7.55
C LEU B 48 10.85 25.29 7.11
N HIS B 49 12.03 24.83 7.48
CA HIS B 49 12.52 23.52 7.05
C HIS B 49 12.97 22.70 8.24
N SER B 50 12.62 21.42 8.25
CA SER B 50 12.99 20.51 9.32
C SER B 50 14.13 19.61 8.83
N THR B 51 15.16 19.47 9.66
CA THR B 51 16.30 18.64 9.30
C THR B 51 16.87 17.94 10.52
N GLN B 52 17.36 16.73 10.32
CA GLN B 52 17.95 15.91 11.38
C GLN B 52 19.44 15.84 11.16
N ASP B 53 20.22 16.25 12.16
CA ASP B 53 21.67 16.30 12.04
C ASP B 53 22.28 16.47 13.42
N LEU B 54 23.59 16.64 13.46
CA LEU B 54 24.30 16.87 14.71
C LEU B 54 24.17 18.33 15.11
N PHE B 55 23.60 18.57 16.30
CA PHE B 55 23.41 19.92 16.81
C PHE B 55 23.67 19.92 18.31
N LEU B 56 23.97 21.09 18.83
CA LEU B 56 24.12 21.26 20.27
C LEU B 56 22.74 21.46 20.89
N PRO B 57 22.32 20.59 21.81
CA PRO B 57 20.96 20.71 22.38
C PRO B 57 20.76 22.06 23.05
N PHE B 58 19.55 22.60 22.91
CA PHE B 58 19.22 23.87 23.55
C PHE B 58 19.24 23.72 25.06
N PHE B 59 19.68 24.78 25.74
CA PHE B 59 19.76 24.82 27.20
C PHE B 59 20.60 23.67 27.75
N SER B 60 21.68 23.32 27.06
CA SER B 60 22.58 22.31 27.56
C SER B 60 23.57 22.93 28.55
N ASN B 61 24.30 22.06 29.26
CA ASN B 61 25.26 22.49 30.27
C ASN B 61 26.65 22.33 29.68
N VAL B 62 27.31 23.46 29.41
CA VAL B 62 28.61 23.46 28.77
C VAL B 62 29.68 23.84 29.79
N THR B 63 30.88 23.32 29.56
CA THR B 63 32.00 23.49 30.48
C THR B 63 32.67 24.85 30.24
N TRP B 64 33.07 25.48 31.34
CA TRP B 64 33.63 26.83 31.33
C TRP B 64 35.02 26.80 31.91
N PHE B 65 35.99 27.34 31.17
CA PHE B 65 37.37 27.46 31.59
C PHE B 65 37.82 28.91 31.44
N HIS B 66 38.67 29.36 32.36
CA HIS B 66 39.18 30.72 32.38
C HIS B 66 40.66 30.74 32.02
N VAL B 67 41.18 31.94 31.80
CA VAL B 67 42.62 32.17 31.74
C VAL B 67 42.89 33.61 32.17
N ILE B 68 43.78 33.78 33.15
CA ILE B 68 44.17 35.09 33.62
C ILE B 68 45.67 35.12 33.86
N LYS B 75 45.69 33.68 39.21
CA LYS B 75 46.58 32.95 38.31
C LYS B 75 45.95 31.64 37.88
N ARG B 76 45.19 31.67 36.78
CA ARG B 76 44.46 30.51 36.29
C ARG B 76 45.00 30.12 34.92
N PHE B 77 45.52 28.90 34.82
CA PHE B 77 45.96 28.29 33.56
C PHE B 77 45.12 27.03 33.37
N ASP B 78 44.29 27.01 32.33
CA ASP B 78 43.39 25.90 32.06
C ASP B 78 43.69 25.35 30.66
N ASN B 79 44.55 24.33 30.61
CA ASN B 79 44.88 23.65 29.35
C ASN B 79 44.83 22.13 29.56
N PRO B 80 43.64 21.58 29.78
CA PRO B 80 43.53 20.11 29.90
C PRO B 80 43.28 19.48 28.54
N VAL B 81 43.12 18.16 28.51
CA VAL B 81 42.78 17.43 27.29
C VAL B 81 41.36 16.92 27.44
N LEU B 82 40.53 17.22 26.44
CA LEU B 82 39.12 16.89 26.50
C LEU B 82 38.75 15.86 25.44
N PRO B 83 37.84 14.94 25.74
CA PRO B 83 37.37 14.00 24.73
C PRO B 83 36.67 14.71 23.58
N PHE B 84 36.82 14.17 22.38
CA PHE B 84 36.21 14.77 21.20
C PHE B 84 34.79 14.27 20.99
N ASN B 85 34.57 12.97 21.13
CA ASN B 85 33.26 12.33 20.89
C ASN B 85 32.84 12.66 19.45
N ASP B 86 31.57 12.99 19.22
CA ASP B 86 31.05 13.15 17.86
C ASP B 86 31.26 14.55 17.30
N GLY B 87 31.64 15.53 18.11
CA GLY B 87 31.84 16.88 17.63
C GLY B 87 32.06 17.82 18.78
N VAL B 88 32.55 19.01 18.45
CA VAL B 88 32.92 19.99 19.47
C VAL B 88 32.33 21.35 19.09
N TYR B 89 31.69 22.00 20.05
CA TYR B 89 31.32 23.41 19.95
C TYR B 89 32.21 24.18 20.90
N PHE B 90 33.09 25.00 20.35
CA PHE B 90 34.10 25.73 21.12
C PHE B 90 33.80 27.22 21.00
N ALA B 91 33.44 27.83 22.12
CA ALA B 91 33.18 29.27 22.16
C ALA B 91 34.25 29.96 22.97
N SER B 92 34.55 31.21 22.60
CA SER B 92 35.61 31.96 23.27
C SER B 92 35.18 33.40 23.44
N ILE B 93 35.18 33.87 24.69
CA ILE B 93 35.06 35.28 25.01
C ILE B 93 36.50 35.80 25.16
N GLU B 94 36.87 36.74 24.29
CA GLU B 94 38.27 37.02 24.01
C GLU B 94 38.48 38.50 23.76
N LYS B 95 39.61 38.99 24.25
CA LYS B 95 40.12 40.31 23.93
C LYS B 95 41.64 40.21 23.76
N SER B 96 42.15 40.83 22.69
CA SER B 96 43.57 40.87 22.31
C SER B 96 44.08 39.55 21.75
N ASN B 97 43.19 38.63 21.36
CA ASN B 97 43.54 37.43 20.60
C ASN B 97 44.54 36.54 21.35
N ILE B 98 44.06 36.03 22.49
CA ILE B 98 44.90 35.13 23.28
C ILE B 98 44.91 33.72 22.71
N ILE B 99 43.75 33.16 22.37
CA ILE B 99 43.68 31.83 21.80
C ILE B 99 44.32 31.84 20.42
N ARG B 100 45.19 30.87 20.14
CA ARG B 100 45.94 30.86 18.89
C ARG B 100 45.66 29.67 18.00
N GLY B 101 45.31 28.52 18.54
CA GLY B 101 45.11 27.37 17.69
C GLY B 101 44.50 26.20 18.43
N TRP B 102 44.52 25.05 17.75
CA TRP B 102 43.92 23.83 18.27
C TRP B 102 44.78 22.63 17.91
N ILE B 103 44.65 21.58 18.73
CA ILE B 103 45.31 20.30 18.56
C ILE B 103 44.24 19.22 18.43
N PHE B 104 44.48 18.25 17.56
CA PHE B 104 43.57 17.12 17.42
C PHE B 104 44.37 15.83 17.25
N GLY B 105 43.92 14.77 17.91
CA GLY B 105 44.59 13.49 17.81
C GLY B 105 44.00 12.50 18.79
N THR B 106 44.65 11.33 18.87
CA THR B 106 44.25 10.28 19.79
C THR B 106 45.31 10.01 20.84
N THR B 107 46.54 9.70 20.43
CA THR B 107 47.63 9.43 21.36
C THR B 107 48.56 10.62 21.54
N LEU B 108 48.42 11.67 20.73
CA LEU B 108 49.11 12.93 20.92
C LEU B 108 50.63 12.77 20.91
N ASP B 109 51.13 11.94 20.01
CA ASP B 109 52.57 11.74 19.86
C ASP B 109 52.84 11.21 18.46
N SER B 110 54.10 10.87 18.19
CA SER B 110 54.51 10.41 16.87
C SER B 110 53.94 9.04 16.51
N LYS B 111 53.37 8.31 17.47
CA LYS B 111 52.82 6.99 17.17
C LYS B 111 51.66 7.08 16.20
N THR B 112 50.79 8.07 16.37
CA THR B 112 49.64 8.27 15.50
C THR B 112 49.66 9.69 14.96
N GLN B 113 49.28 9.84 13.69
CA GLN B 113 49.26 11.15 13.06
C GLN B 113 48.28 12.07 13.77
N SER B 114 48.66 13.35 13.86
CA SER B 114 47.86 14.34 14.57
C SER B 114 47.74 15.59 13.73
N LEU B 115 46.68 16.35 13.99
CA LEU B 115 46.35 17.55 13.23
C LEU B 115 46.54 18.79 14.09
N LEU B 116 47.05 19.85 13.47
CA LEU B 116 47.41 21.07 14.17
C LEU B 116 46.89 22.27 13.41
N ILE B 117 46.23 23.19 14.13
CA ILE B 117 45.77 24.45 13.59
C ILE B 117 46.42 25.56 14.39
N VAL B 118 47.04 26.53 13.71
CA VAL B 118 47.49 27.74 14.37
C VAL B 118 47.11 28.94 13.52
N ASN B 119 47.01 30.10 14.17
CA ASN B 119 46.69 31.37 13.51
C ASN B 119 47.66 32.41 14.05
N ASN B 120 48.79 32.59 13.36
CA ASN B 120 49.75 33.61 13.75
C ASN B 120 49.26 34.99 13.30
N ALA B 121 50.12 36.00 13.47
CA ALA B 121 49.75 37.36 13.10
C ALA B 121 49.64 37.55 11.60
N THR B 122 50.10 36.59 10.79
CA THR B 122 50.12 36.73 9.35
C THR B 122 49.05 35.90 8.65
N ASN B 123 48.93 34.61 8.98
CA ASN B 123 48.05 33.72 8.25
C ASN B 123 47.58 32.63 9.21
N VAL B 124 47.03 31.56 8.64
CA VAL B 124 46.68 30.35 9.39
C VAL B 124 47.46 29.19 8.80
N VAL B 125 47.95 28.31 9.68
CA VAL B 125 48.70 27.13 9.28
C VAL B 125 47.94 25.90 9.74
N ILE B 126 47.65 25.00 8.80
CA ILE B 126 46.96 23.75 9.06
C ILE B 126 47.89 22.63 8.61
N LYS B 127 48.27 21.75 9.54
CA LYS B 127 49.26 20.72 9.24
C LYS B 127 48.87 19.42 9.92
N VAL B 128 48.79 18.35 9.16
CA VAL B 128 48.55 17.02 9.69
C VAL B 128 49.80 16.18 9.47
N CYS B 129 50.42 15.77 10.58
CA CYS B 129 51.68 15.04 10.54
C CYS B 129 51.80 14.20 11.81
N GLU B 130 52.70 13.22 11.77
CA GLU B 130 53.04 12.43 12.95
C GLU B 130 53.97 13.25 13.83
N PHE B 131 53.40 14.30 14.44
CA PHE B 131 54.15 15.22 15.26
C PHE B 131 54.53 14.60 16.60
N GLN B 132 55.47 15.25 17.28
CA GLN B 132 55.81 14.95 18.67
C GLN B 132 55.63 16.26 19.45
N PHE B 133 54.50 16.38 20.12
CA PHE B 133 54.14 17.59 20.85
C PHE B 133 54.81 17.68 22.21
N CYS B 134 55.14 18.90 22.60
CA CYS B 134 55.54 19.19 23.97
C CYS B 134 54.36 19.00 24.90
N ASN B 135 54.64 18.54 26.13
CA ASN B 135 53.57 18.33 27.09
C ASN B 135 52.88 19.63 27.46
N ASP B 136 53.54 20.76 27.25
CA ASP B 136 52.98 22.08 27.55
C ASP B 136 53.10 22.96 26.31
N PRO B 137 52.25 22.78 25.32
CA PRO B 137 52.31 23.62 24.11
C PRO B 137 51.80 25.03 24.40
N PHE B 138 52.60 26.01 23.99
CA PHE B 138 52.32 27.40 24.30
C PHE B 138 53.07 28.28 23.31
N LEU B 139 52.65 29.55 23.25
CA LEU B 139 53.28 30.56 22.41
C LEU B 139 53.60 31.79 23.24
N ASP B 140 54.65 32.51 22.83
CA ASP B 140 55.04 33.72 23.53
C ASP B 140 55.09 34.92 22.58
N MET B 148 54.93 41.18 22.34
CA MET B 148 55.45 40.71 21.06
C MET B 148 55.58 39.19 21.11
N GLU B 149 55.36 38.53 19.98
CA GLU B 149 55.32 37.08 19.90
C GLU B 149 56.39 36.60 18.92
N SER B 150 57.43 35.96 19.46
CA SER B 150 58.50 35.39 18.62
C SER B 150 58.98 34.05 19.16
N GLU B 151 58.19 33.39 19.99
CA GLU B 151 58.58 32.11 20.58
C GLU B 151 57.47 31.10 20.34
N PHE B 152 57.85 29.90 19.87
CA PHE B 152 56.92 28.82 19.61
C PHE B 152 57.55 27.52 20.11
N ARG B 153 56.98 26.97 21.19
CA ARG B 153 57.43 25.71 21.78
C ARG B 153 56.18 24.85 21.96
N VAL B 154 55.81 24.13 20.90
CA VAL B 154 54.57 23.37 20.91
C VAL B 154 54.82 21.94 20.43
N TYR B 155 55.99 21.70 19.84
CA TYR B 155 56.33 20.38 19.33
C TYR B 155 57.84 20.25 19.30
N SER B 156 58.30 19.01 19.17
CA SER B 156 59.72 18.71 19.09
C SER B 156 60.16 18.15 17.75
N SER B 157 59.31 17.36 17.08
CA SER B 157 59.69 16.74 15.82
C SER B 157 58.46 16.54 14.96
N ALA B 158 58.69 16.44 13.65
CA ALA B 158 57.65 16.11 12.68
C ALA B 158 58.19 15.05 11.74
N ASN B 159 57.55 13.88 11.70
CA ASN B 159 58.09 12.73 10.99
C ASN B 159 57.46 12.53 9.61
N ASN B 160 56.15 12.36 9.56
CA ASN B 160 55.44 12.08 8.31
C ASN B 160 54.28 13.04 8.17
N CYS B 161 54.38 13.95 7.20
CA CYS B 161 53.36 14.96 6.94
C CYS B 161 52.53 14.54 5.73
N THR B 162 51.21 14.72 5.84
CA THR B 162 50.33 14.34 4.73
C THR B 162 49.57 15.50 4.11
N PHE B 163 49.44 16.65 4.78
CA PHE B 163 48.76 17.78 4.17
C PHE B 163 49.18 19.06 4.86
N GLU B 164 49.30 20.13 4.09
CA GLU B 164 49.56 21.47 4.61
C GLU B 164 48.63 22.45 3.90
N TYR B 165 48.20 23.48 4.64
CA TYR B 165 47.29 24.47 4.08
C TYR B 165 47.55 25.81 4.75
N VAL B 166 47.57 26.87 3.93
CA VAL B 166 47.79 28.23 4.39
C VAL B 166 46.77 29.14 3.71
N SER B 167 46.12 29.99 4.51
CA SER B 167 45.12 30.91 3.98
C SER B 167 45.08 32.16 4.86
N GLN B 168 44.06 32.98 4.62
CA GLN B 168 43.89 34.23 5.35
C GLN B 168 43.57 33.94 6.82
N PRO B 169 44.12 34.74 7.74
CA PRO B 169 43.90 34.47 9.18
C PRO B 169 42.43 34.57 9.56
N PHE B 170 42.04 33.74 10.52
CA PHE B 170 40.65 33.76 11.00
C PHE B 170 40.31 35.10 11.63
N LEU B 171 41.21 35.65 12.42
CA LEU B 171 40.93 36.84 13.21
C LEU B 171 41.51 38.09 12.57
N ASN B 180 37.13 46.34 28.09
CA ASN B 180 35.83 45.91 27.60
C ASN B 180 35.96 44.69 26.70
N PHE B 181 35.23 43.64 27.03
CA PHE B 181 35.19 42.46 26.17
C PHE B 181 34.61 42.83 24.81
N LYS B 182 35.28 42.42 23.74
CA LYS B 182 34.88 42.79 22.39
C LYS B 182 34.86 41.65 21.40
N ASN B 183 35.44 40.49 21.71
CA ASN B 183 35.49 39.38 20.78
C ASN B 183 34.68 38.20 21.32
N LEU B 184 33.76 37.69 20.50
CA LEU B 184 33.08 36.43 20.76
C LEU B 184 33.28 35.56 19.53
N ARG B 185 34.02 34.47 19.68
CA ARG B 185 34.35 33.60 18.56
C ARG B 185 33.77 32.22 18.80
N GLU B 186 32.89 31.79 17.91
CA GLU B 186 32.22 30.49 18.02
C GLU B 186 32.71 29.60 16.90
N PHE B 187 33.03 28.35 17.23
CA PHE B 187 33.52 27.39 16.25
C PHE B 187 32.85 26.05 16.48
N VAL B 188 32.66 25.31 15.38
CA VAL B 188 32.12 23.97 15.42
C VAL B 188 33.06 23.07 14.62
N PHE B 189 33.52 21.99 15.25
CA PHE B 189 34.42 21.04 14.62
C PHE B 189 33.74 19.68 14.54
N LYS B 190 33.73 19.10 13.34
CA LYS B 190 33.11 17.80 13.12
C LYS B 190 34.01 16.91 12.26
N ASN B 191 33.93 15.60 12.52
CA ASN B 191 34.61 14.58 11.73
C ASN B 191 33.55 13.63 11.15
N ILE B 192 33.15 13.87 9.91
CA ILE B 192 32.13 13.05 9.26
C ILE B 192 32.63 12.61 7.89
N ASP B 193 32.57 11.31 7.63
CA ASP B 193 32.87 10.73 6.32
C ASP B 193 34.28 11.12 5.85
N GLY B 194 35.23 11.04 6.76
CA GLY B 194 36.61 11.36 6.44
C GLY B 194 36.81 12.82 6.11
N TYR B 195 35.89 13.67 6.55
CA TYR B 195 35.93 15.10 6.30
C TYR B 195 35.95 15.84 7.63
N PHE B 196 36.83 16.83 7.73
CA PHE B 196 36.96 17.69 8.89
C PHE B 196 36.27 19.02 8.57
N LYS B 197 35.13 19.27 9.21
CA LYS B 197 34.37 20.49 8.97
C LYS B 197 34.59 21.48 10.11
N ILE B 198 34.93 22.71 9.74
CA ILE B 198 35.09 23.82 10.68
C ILE B 198 34.11 24.91 10.30
N TYR B 199 33.24 25.26 11.25
CA TYR B 199 32.29 26.35 11.11
C TYR B 199 32.69 27.46 12.07
N SER B 200 32.62 28.71 11.63
CA SER B 200 33.13 29.82 12.42
C SER B 200 32.14 30.97 12.43
N LYS B 201 32.20 31.77 13.49
CA LYS B 201 31.41 32.98 13.60
C LYS B 201 32.10 33.96 14.55
N HIS B 202 32.17 35.22 14.13
CA HIS B 202 32.78 36.30 14.89
C HIS B 202 31.71 37.32 15.27
N THR B 203 31.75 37.80 16.51
CA THR B 203 30.76 38.74 16.99
C THR B 203 31.37 39.77 17.92
N PRO B 204 31.07 41.06 17.71
CA PRO B 204 31.46 42.08 18.69
C PRO B 204 30.38 42.30 19.73
N ILE B 205 30.80 42.35 20.99
CA ILE B 205 29.88 42.54 22.09
C ILE B 205 30.28 43.74 22.93
N ASP B 212 28.90 36.18 31.10
CA ASP B 212 28.52 34.84 30.64
C ASP B 212 28.07 34.88 29.18
N LEU B 213 27.47 33.79 28.72
CA LEU B 213 27.02 33.71 27.34
C LEU B 213 25.87 34.69 27.09
N PRO B 214 25.97 35.57 26.10
CA PRO B 214 24.87 36.49 25.83
C PRO B 214 23.67 35.76 25.27
N GLN B 215 22.49 36.34 25.48
CA GLN B 215 21.24 35.80 24.95
C GLN B 215 21.01 36.37 23.56
N GLY B 216 21.04 35.52 22.55
CA GLY B 216 20.86 35.96 21.19
C GLY B 216 20.88 34.78 20.25
N PHE B 217 20.73 35.08 18.97
CA PHE B 217 20.69 34.06 17.92
C PHE B 217 21.59 34.49 16.77
N SER B 218 22.40 33.55 16.27
CA SER B 218 23.31 33.84 15.17
C SER B 218 23.71 32.52 14.52
N ALA B 219 23.46 32.40 13.21
CA ALA B 219 23.83 31.19 12.50
C ALA B 219 25.33 31.15 12.25
N LEU B 220 25.87 29.94 12.16
CA LEU B 220 27.29 29.71 11.92
C LEU B 220 27.49 29.20 10.50
N GLU B 221 28.03 30.05 9.63
CA GLU B 221 28.27 29.63 8.26
C GLU B 221 29.45 28.66 8.19
N PRO B 222 29.41 27.69 7.27
CA PRO B 222 30.52 26.74 7.13
C PRO B 222 31.75 27.44 6.58
N LEU B 223 32.86 27.33 7.30
CA LEU B 223 34.08 28.01 6.89
C LEU B 223 34.97 27.13 6.03
N VAL B 224 35.44 26.00 6.57
CA VAL B 224 36.47 25.22 5.89
C VAL B 224 36.13 23.73 5.96
N ASP B 225 36.40 23.03 4.86
CA ASP B 225 36.33 21.58 4.80
C ASP B 225 37.72 21.02 4.54
N LEU B 226 38.05 19.92 5.21
CA LEU B 226 39.35 19.27 5.08
C LEU B 226 39.13 17.83 4.62
N PRO B 227 39.66 17.43 3.47
CA PRO B 227 39.61 16.03 3.03
C PRO B 227 40.79 15.22 3.56
N ILE B 228 40.75 14.91 4.86
CA ILE B 228 41.86 14.27 5.55
C ILE B 228 41.48 12.86 6.03
N GLY B 229 40.49 12.77 6.90
CA GLY B 229 40.03 11.47 7.38
C GLY B 229 41.00 10.74 8.28
N ILE B 230 41.22 11.25 9.49
CA ILE B 230 42.11 10.61 10.45
C ILE B 230 41.34 10.20 11.70
N ASN B 231 42.04 9.58 12.64
CA ASN B 231 41.43 9.07 13.86
C ASN B 231 41.55 10.12 14.95
N ILE B 232 40.43 10.57 15.49
CA ILE B 232 40.40 11.67 16.45
C ILE B 232 39.52 11.28 17.63
N THR B 233 40.07 11.36 18.84
CA THR B 233 39.29 11.19 20.06
C THR B 233 39.60 12.21 21.15
N ARG B 234 40.65 13.01 21.01
CA ARG B 234 41.04 13.96 22.04
C ARG B 234 41.53 15.24 21.38
N PHE B 235 41.54 16.33 22.13
CA PHE B 235 41.97 17.61 21.61
C PHE B 235 42.39 18.52 22.77
N GLN B 236 43.06 19.61 22.42
CA GLN B 236 43.56 20.57 23.39
C GLN B 236 43.86 21.88 22.67
N THR B 237 43.55 23.00 23.32
CA THR B 237 43.73 24.31 22.73
C THR B 237 45.14 24.86 23.01
N LEU B 238 45.45 25.99 22.39
CA LEU B 238 46.73 26.66 22.56
C LEU B 238 46.50 28.14 22.80
N LEU B 239 47.24 28.70 23.75
CA LEU B 239 47.13 30.11 24.12
C LEU B 239 48.48 30.79 23.93
N ALA B 240 48.43 32.13 23.95
CA ALA B 240 49.61 32.97 23.79
C ALA B 240 49.94 33.63 25.12
N LEU B 241 51.15 33.38 25.63
CA LEU B 241 51.60 33.97 26.88
C LEU B 241 52.46 35.18 26.61
N HIS B 242 52.21 36.25 27.37
CA HIS B 242 52.95 37.49 27.24
C HIS B 242 54.10 37.51 28.22
N ARG B 243 55.31 37.75 27.72
CA ARG B 243 56.53 37.76 28.52
C ARG B 243 56.96 39.19 28.77
N SER B 244 57.22 39.52 30.04
CA SER B 244 57.65 40.85 30.42
C SER B 244 58.98 40.81 31.17
N GLY B 254 58.17 37.23 34.73
CA GLY B 254 58.04 36.01 33.97
C GLY B 254 57.09 36.13 32.79
N TRP B 255 56.05 35.31 32.78
CA TRP B 255 55.06 35.31 31.71
C TRP B 255 53.69 35.65 32.29
N THR B 256 52.97 36.51 31.57
CA THR B 256 51.67 36.99 32.00
C THR B 256 50.62 36.63 30.94
N ALA B 257 49.48 36.11 31.40
CA ALA B 257 48.38 35.73 30.54
C ALA B 257 47.22 36.69 30.72
N GLY B 258 46.65 37.14 29.61
CA GLY B 258 45.51 38.04 29.69
C GLY B 258 44.24 37.33 30.12
N ALA B 259 43.23 38.12 30.43
CA ALA B 259 41.94 37.59 30.90
C ALA B 259 41.08 37.21 29.70
N ALA B 260 40.67 35.95 29.65
CA ALA B 260 39.79 35.45 28.61
C ALA B 260 39.11 34.19 29.12
N ALA B 261 38.10 33.73 28.38
CA ALA B 261 37.38 32.54 28.79
C ALA B 261 36.97 31.73 27.57
N TYR B 262 36.78 30.43 27.76
CA TYR B 262 36.30 29.59 26.68
C TYR B 262 35.41 28.48 27.22
N TYR B 263 34.40 28.16 26.43
CA TYR B 263 33.34 27.21 26.77
C TYR B 263 33.38 26.07 25.78
N VAL B 264 33.13 24.86 26.27
CA VAL B 264 33.15 23.64 25.47
C VAL B 264 31.81 22.94 25.61
N GLY B 265 31.22 22.57 24.47
CA GLY B 265 30.00 21.80 24.45
C GLY B 265 30.09 20.68 23.44
N TYR B 266 29.21 19.70 23.60
CA TYR B 266 29.26 18.48 22.82
C TYR B 266 28.02 18.36 21.94
N LEU B 267 28.19 17.73 20.79
CA LEU B 267 27.14 17.63 19.79
C LEU B 267 26.31 16.37 20.03
N GLN B 268 25.05 16.41 19.60
CA GLN B 268 24.17 15.25 19.66
C GLN B 268 23.31 15.21 18.42
N PRO B 269 22.93 14.00 17.97
CA PRO B 269 22.07 13.87 16.78
C PRO B 269 20.62 14.14 17.12
N ARG B 270 20.12 15.29 16.65
CA ARG B 270 18.76 15.71 16.95
C ARG B 270 18.15 16.36 15.71
N THR B 271 16.84 16.59 15.76
CA THR B 271 16.09 17.17 14.66
C THR B 271 15.66 18.58 15.02
N PHE B 272 15.97 19.53 14.16
CA PHE B 272 15.66 20.94 14.38
C PHE B 272 14.74 21.45 13.28
N LEU B 273 14.01 22.51 13.61
CA LEU B 273 13.20 23.25 12.64
C LEU B 273 13.78 24.65 12.51
N LEU B 274 14.12 25.05 11.29
CA LEU B 274 14.86 26.27 11.05
C LEU B 274 14.04 27.20 10.17
N LYS B 275 14.12 28.50 10.48
CA LYS B 275 13.39 29.52 9.76
C LYS B 275 14.34 30.37 8.93
N TYR B 276 14.09 30.46 7.62
CA TYR B 276 14.87 31.27 6.71
C TYR B 276 14.06 32.53 6.38
N ASN B 277 14.70 33.69 6.52
CA ASN B 277 14.05 34.96 6.27
C ASN B 277 14.12 35.30 4.79
N GLU B 278 13.76 36.55 4.44
CA GLU B 278 13.80 36.97 3.05
C GLU B 278 15.24 37.05 2.53
N ASN B 279 16.17 37.44 3.41
CA ASN B 279 17.57 37.50 3.00
C ASN B 279 18.12 36.13 2.62
N GLY B 280 17.57 35.07 3.23
CA GLY B 280 18.11 33.74 3.08
C GLY B 280 18.94 33.28 4.26
N THR B 281 19.02 34.07 5.33
CA THR B 281 19.79 33.71 6.51
C THR B 281 18.88 33.17 7.59
N ILE B 282 19.43 32.27 8.42
CA ILE B 282 18.65 31.66 9.49
C ILE B 282 18.44 32.67 10.60
N THR B 283 17.18 32.83 11.02
CA THR B 283 16.85 33.78 12.07
C THR B 283 16.35 33.12 13.34
N ASP B 284 15.84 31.89 13.28
CA ASP B 284 15.36 31.22 14.48
C ASP B 284 15.34 29.72 14.23
N ALA B 285 15.43 28.96 15.34
CA ALA B 285 15.40 27.51 15.27
C ALA B 285 14.64 26.99 16.49
N VAL B 286 14.08 25.80 16.33
CA VAL B 286 13.29 25.15 17.37
C VAL B 286 13.77 23.71 17.50
N ASP B 287 14.09 23.31 18.72
CA ASP B 287 14.47 21.93 19.01
C ASP B 287 13.21 21.08 19.11
N CYS B 288 13.16 20.00 18.33
CA CYS B 288 11.95 19.21 18.23
C CYS B 288 11.85 18.11 19.27
N ALA B 289 12.74 18.09 20.28
CA ALA B 289 12.65 17.09 21.33
C ALA B 289 12.95 17.66 22.71
N LEU B 290 12.81 18.97 22.90
CA LEU B 290 13.18 19.57 24.18
C LEU B 290 12.06 19.42 25.21
N ASP B 291 10.89 20.00 24.92
CA ASP B 291 9.74 19.94 25.80
C ASP B 291 8.49 19.79 24.95
N PRO B 292 7.37 19.36 25.55
CA PRO B 292 6.16 19.12 24.74
C PRO B 292 5.71 20.32 23.93
N LEU B 293 5.91 21.54 24.42
CA LEU B 293 5.54 22.72 23.63
C LEU B 293 6.34 22.77 22.34
N SER B 294 7.66 22.52 22.42
CA SER B 294 8.47 22.49 21.21
C SER B 294 8.11 21.31 20.33
N GLU B 295 7.73 20.18 20.91
CA GLU B 295 7.27 19.06 20.11
C GLU B 295 6.02 19.41 19.32
N THR B 296 5.08 20.11 19.95
CA THR B 296 3.88 20.57 19.24
C THR B 296 4.23 21.58 18.16
N LYS B 297 5.16 22.48 18.45
CA LYS B 297 5.60 23.44 17.44
C LYS B 297 6.19 22.72 16.23
N CYS B 298 7.00 21.70 16.47
CA CYS B 298 7.57 20.92 15.37
C CYS B 298 6.48 20.17 14.60
N THR B 299 5.51 19.61 15.32
CA THR B 299 4.43 18.86 14.66
C THR B 299 3.61 19.77 13.75
N LEU B 300 3.28 20.98 14.21
CA LEU B 300 2.46 21.89 13.43
C LEU B 300 3.24 22.65 12.36
N LYS B 301 4.58 22.54 12.36
CA LYS B 301 5.43 23.27 11.42
C LYS B 301 5.17 24.77 11.50
N SER B 302 4.98 25.28 12.72
CA SER B 302 4.75 26.70 12.93
C SER B 302 5.41 27.12 14.24
N PHE B 303 5.70 28.41 14.34
CA PHE B 303 6.36 28.95 15.52
C PHE B 303 5.39 29.53 16.54
N THR B 304 4.10 29.56 16.23
CA THR B 304 3.08 30.02 17.16
C THR B 304 1.95 28.99 17.20
N VAL B 305 1.49 28.68 18.40
CA VAL B 305 0.43 27.70 18.61
C VAL B 305 -0.74 28.40 19.30
N GLU B 306 -1.91 28.34 18.69
CA GLU B 306 -3.11 28.93 19.27
C GLU B 306 -3.69 28.00 20.32
N LYS B 307 -4.62 28.54 21.10
CA LYS B 307 -5.24 27.78 22.19
C LYS B 307 -5.96 26.56 21.64
N GLY B 308 -5.78 25.42 22.31
CA GLY B 308 -6.44 24.21 21.90
C GLY B 308 -5.71 23.00 22.44
N ILE B 309 -6.10 21.84 21.95
CA ILE B 309 -5.51 20.55 22.33
C ILE B 309 -5.04 19.86 21.05
N TYR B 310 -3.81 19.33 21.10
CA TYR B 310 -3.17 18.76 19.93
C TYR B 310 -2.57 17.41 20.28
N GLN B 311 -2.43 16.57 19.25
CA GLN B 311 -1.79 15.26 19.38
C GLN B 311 -0.42 15.33 18.72
N THR B 312 0.60 14.92 19.46
CA THR B 312 1.98 14.98 18.95
C THR B 312 2.47 13.62 18.46
N SER B 313 2.49 12.62 19.32
CA SER B 313 3.06 11.33 18.94
C SER B 313 2.53 10.25 19.89
N ASN B 314 3.18 9.09 19.84
CA ASN B 314 2.82 7.94 20.66
C ASN B 314 3.95 7.62 21.62
N PHE B 315 3.57 7.28 22.84
CA PHE B 315 4.50 6.85 23.89
C PHE B 315 4.61 5.33 23.81
N ARG B 316 5.82 4.86 23.54
CA ARG B 316 6.08 3.43 23.37
C ARG B 316 7.36 3.06 24.12
N VAL B 317 7.34 1.91 24.77
CA VAL B 317 8.50 1.40 25.49
C VAL B 317 9.32 0.52 24.56
N GLN B 318 10.64 0.49 24.78
CA GLN B 318 11.53 -0.23 23.88
C GLN B 318 12.12 -1.46 24.55
N PRO B 319 12.32 -2.55 23.80
CA PRO B 319 12.98 -3.72 24.36
C PRO B 319 14.49 -3.55 24.39
N THR B 320 15.14 -4.38 25.21
CA THR B 320 16.59 -4.30 25.37
C THR B 320 17.27 -5.67 25.38
N GLU B 321 16.52 -6.76 25.29
CA GLU B 321 17.12 -8.09 25.35
C GLU B 321 16.67 -8.92 24.15
N SER B 322 17.49 -9.90 23.79
CA SER B 322 17.19 -10.82 22.70
C SER B 322 17.14 -12.23 23.25
N ILE B 323 16.06 -12.94 22.94
CA ILE B 323 15.82 -14.29 23.44
C ILE B 323 15.58 -15.21 22.26
N VAL B 324 16.28 -16.34 22.23
CA VAL B 324 16.06 -17.38 21.22
C VAL B 324 15.89 -18.71 21.93
N ARG B 325 14.92 -19.51 21.48
CA ARG B 325 14.65 -20.81 22.07
C ARG B 325 14.48 -21.82 20.95
N PHE B 326 15.22 -22.92 21.03
CA PHE B 326 15.17 -24.02 20.08
C PHE B 326 15.14 -25.32 20.85
N PRO B 327 14.58 -26.38 20.26
CA PRO B 327 14.45 -27.64 21.00
C PRO B 327 15.81 -28.23 21.37
N ASN B 328 15.77 -29.14 22.35
CA ASN B 328 16.99 -29.79 22.81
C ASN B 328 17.70 -30.49 21.65
N ILE B 329 19.01 -30.33 21.60
CA ILE B 329 19.80 -31.00 20.57
C ILE B 329 19.84 -32.49 20.85
N THR B 330 19.71 -33.29 19.79
CA THR B 330 19.64 -34.74 19.94
C THR B 330 20.01 -35.39 18.62
N ASN B 331 20.17 -36.72 18.68
CA ASN B 331 20.64 -37.55 17.56
C ASN B 331 21.79 -36.88 16.82
N LEU B 332 22.87 -36.66 17.55
CA LEU B 332 24.08 -36.10 16.96
C LEU B 332 24.57 -36.97 15.82
N CYS B 333 25.03 -36.33 14.75
CA CYS B 333 25.27 -37.04 13.50
C CYS B 333 26.54 -37.89 13.63
N PRO B 334 26.55 -39.09 13.05
CA PRO B 334 27.70 -39.99 13.25
C PRO B 334 28.94 -39.57 12.47
N PHE B 335 29.72 -38.66 13.04
CA PHE B 335 30.99 -38.26 12.45
C PHE B 335 32.19 -38.84 13.17
N ASP B 336 32.03 -39.29 14.41
CA ASP B 336 33.17 -39.81 15.16
C ASP B 336 33.76 -41.05 14.49
N GLU B 337 32.92 -41.96 14.03
CA GLU B 337 33.41 -43.17 13.37
C GLU B 337 33.90 -42.91 11.96
N VAL B 338 33.69 -41.72 11.43
CA VAL B 338 34.18 -41.39 10.09
C VAL B 338 35.58 -40.80 10.14
N PHE B 339 35.86 -39.94 11.11
CA PHE B 339 37.14 -39.26 11.19
C PHE B 339 38.11 -39.92 12.16
N ASN B 340 37.62 -40.71 13.11
CA ASN B 340 38.46 -41.34 14.12
C ASN B 340 38.55 -42.85 13.93
N ALA B 341 38.19 -43.36 12.75
CA ALA B 341 38.28 -44.78 12.48
C ALA B 341 39.74 -45.22 12.45
N THR B 342 39.97 -46.48 12.86
CA THR B 342 41.34 -46.98 12.97
C THR B 342 41.99 -47.11 11.60
N ARG B 343 41.24 -47.63 10.61
CA ARG B 343 41.78 -47.90 9.29
C ARG B 343 40.81 -47.41 8.22
N PHE B 344 41.35 -46.71 7.23
CA PHE B 344 40.59 -46.28 6.07
C PHE B 344 40.84 -47.22 4.90
N ALA B 345 39.85 -47.30 4.01
CA ALA B 345 39.96 -48.18 2.86
C ALA B 345 40.99 -47.63 1.87
N SER B 346 41.48 -48.52 1.01
CA SER B 346 42.43 -48.12 -0.02
C SER B 346 41.77 -47.16 -1.01
N VAL B 347 42.61 -46.38 -1.69
CA VAL B 347 42.10 -45.32 -2.55
C VAL B 347 41.27 -45.89 -3.69
N TYR B 348 41.72 -47.00 -4.29
CA TYR B 348 40.97 -47.57 -5.40
C TYR B 348 39.65 -48.17 -4.95
N ALA B 349 39.65 -48.84 -3.80
CA ALA B 349 38.41 -49.35 -3.20
C ALA B 349 37.93 -48.41 -2.10
N TRP B 350 37.57 -47.20 -2.50
CA TRP B 350 37.21 -46.16 -1.54
C TRP B 350 35.81 -46.40 -0.99
N ASN B 351 35.66 -46.18 0.32
CA ASN B 351 34.37 -46.37 0.97
C ASN B 351 33.37 -45.31 0.54
N ARG B 352 32.08 -45.64 0.74
CA ARG B 352 31.00 -44.71 0.48
C ARG B 352 30.05 -44.75 1.67
N LYS B 353 29.84 -43.61 2.32
CA LYS B 353 28.99 -43.50 3.49
C LYS B 353 27.87 -42.52 3.22
N ARG B 354 26.64 -42.92 3.55
CA ARG B 354 25.47 -42.08 3.41
C ARG B 354 25.10 -41.52 4.78
N ILE B 355 24.66 -40.26 4.79
CA ILE B 355 24.31 -39.55 6.02
C ILE B 355 22.98 -38.84 5.80
N SER B 356 22.02 -39.10 6.69
CA SER B 356 20.72 -38.46 6.62
C SER B 356 20.07 -38.50 8.00
N ASN B 357 19.15 -37.57 8.22
CA ASN B 357 18.40 -37.46 9.47
C ASN B 357 19.33 -37.36 10.67
N CYS B 358 20.13 -36.29 10.68
CA CYS B 358 21.10 -36.08 11.74
C CYS B 358 21.43 -34.60 11.83
N VAL B 359 22.04 -34.22 12.95
CA VAL B 359 22.51 -32.86 13.17
C VAL B 359 24.03 -32.86 13.26
N ALA B 360 24.67 -32.04 12.45
CA ALA B 360 26.12 -32.04 12.31
C ALA B 360 26.70 -30.71 12.78
N ASP B 361 27.74 -30.78 13.61
CA ASP B 361 28.46 -29.62 14.11
C ASP B 361 29.88 -29.65 13.54
N TYR B 362 30.07 -28.98 12.40
CA TYR B 362 31.32 -29.09 11.65
C TYR B 362 32.47 -28.34 12.29
N SER B 363 32.20 -27.47 13.28
CA SER B 363 33.26 -26.69 13.89
C SER B 363 34.32 -27.57 14.52
N VAL B 364 33.90 -28.71 15.10
CA VAL B 364 34.84 -29.64 15.73
C VAL B 364 35.88 -30.10 14.72
N LEU B 365 35.54 -30.10 13.43
CA LEU B 365 36.44 -30.56 12.37
C LEU B 365 37.67 -29.68 12.28
N TYR B 366 37.65 -28.52 12.93
CA TYR B 366 38.79 -27.63 12.96
C TYR B 366 39.84 -28.06 13.98
N ASN B 367 39.58 -29.10 14.77
CA ASN B 367 40.50 -29.57 15.79
C ASN B 367 41.29 -30.80 15.37
N LEU B 368 41.19 -31.21 14.10
CA LEU B 368 41.87 -32.42 13.67
C LEU B 368 43.38 -32.26 13.70
N ALA B 369 43.89 -31.19 13.10
CA ALA B 369 45.33 -30.98 12.99
C ALA B 369 45.63 -29.50 13.20
N PRO B 370 46.82 -29.16 13.68
CA PRO B 370 47.18 -27.73 13.79
C PRO B 370 47.15 -27.01 12.46
N PHE B 371 47.55 -27.67 11.38
CA PHE B 371 47.52 -27.10 10.04
C PHE B 371 47.07 -28.18 9.07
N PHE B 372 45.94 -27.94 8.39
CA PHE B 372 45.39 -28.94 7.48
C PHE B 372 44.55 -28.24 6.42
N THR B 373 44.41 -28.90 5.28
CA THR B 373 43.64 -28.36 4.18
C THR B 373 42.15 -28.50 4.44
N PHE B 374 41.40 -27.43 4.16
CA PHE B 374 39.95 -27.41 4.32
C PHE B 374 39.29 -26.74 3.12
N LYS B 375 39.74 -27.08 1.92
CA LYS B 375 39.18 -26.48 0.72
C LYS B 375 37.73 -26.89 0.54
N CYS B 376 36.86 -25.90 0.31
CA CYS B 376 35.44 -26.13 0.10
C CYS B 376 35.01 -25.50 -1.21
N TYR B 377 34.25 -26.25 -1.99
CA TYR B 377 33.82 -25.83 -3.33
C TYR B 377 32.32 -25.61 -3.32
N GLY B 378 31.90 -24.42 -3.78
CA GLY B 378 30.49 -24.12 -3.92
C GLY B 378 29.78 -23.72 -2.65
N VAL B 379 30.47 -23.68 -1.52
CA VAL B 379 29.85 -23.30 -0.26
C VAL B 379 30.90 -22.77 0.71
N SER B 380 30.60 -21.69 1.40
CA SER B 380 31.54 -21.13 2.36
C SER B 380 31.59 -22.00 3.60
N PRO B 381 32.78 -22.38 4.08
CA PRO B 381 32.86 -23.25 5.27
C PRO B 381 32.24 -22.63 6.51
N THR B 382 32.32 -21.31 6.67
CA THR B 382 31.80 -20.68 7.88
C THR B 382 30.27 -20.59 7.88
N LYS B 383 29.61 -20.85 6.76
CA LYS B 383 28.16 -20.79 6.69
C LYS B 383 27.61 -22.18 6.35
N LEU B 384 28.22 -23.22 6.91
CA LEU B 384 27.70 -24.57 6.77
C LEU B 384 26.74 -24.95 7.89
N ASN B 385 26.58 -24.09 8.89
CA ASN B 385 25.73 -24.35 10.04
C ASN B 385 24.36 -23.68 9.90
N ASP B 386 24.06 -23.07 8.76
CA ASP B 386 22.82 -22.33 8.58
C ASP B 386 21.87 -23.02 7.60
N LEU B 387 22.30 -23.25 6.37
CA LEU B 387 21.46 -24.00 5.45
C LEU B 387 21.67 -25.49 5.67
N CYS B 388 20.83 -26.30 5.03
CA CYS B 388 20.96 -27.74 5.15
C CYS B 388 20.36 -28.42 3.92
N PHE B 389 20.72 -29.69 3.75
CA PHE B 389 20.50 -30.44 2.54
C PHE B 389 19.66 -31.67 2.85
N THR B 390 19.48 -32.52 1.83
CA THR B 390 18.69 -33.73 1.99
C THR B 390 19.54 -34.95 2.33
N ASN B 391 20.75 -35.06 1.78
CA ASN B 391 21.65 -36.16 2.08
C ASN B 391 23.09 -35.66 2.04
N VAL B 392 23.95 -36.37 2.74
CA VAL B 392 25.38 -36.09 2.77
C VAL B 392 26.14 -37.36 2.42
N TYR B 393 27.15 -37.23 1.57
CA TYR B 393 27.95 -38.38 1.15
C TYR B 393 29.38 -38.19 1.59
N ALA B 394 29.91 -39.18 2.32
CA ALA B 394 31.26 -39.12 2.87
C ALA B 394 32.10 -40.21 2.23
N ASP B 395 33.25 -39.83 1.69
CA ASP B 395 34.20 -40.77 1.08
C ASP B 395 35.56 -40.60 1.75
N SER B 396 36.06 -41.66 2.36
CA SER B 396 37.29 -41.59 3.13
C SER B 396 38.32 -42.59 2.61
N PHE B 397 39.57 -42.16 2.50
CA PHE B 397 40.67 -43.04 2.12
C PHE B 397 41.98 -42.38 2.48
N VAL B 398 43.09 -42.97 2.02
CA VAL B 398 44.44 -42.51 2.34
C VAL B 398 45.24 -42.42 1.05
N ILE B 399 45.95 -41.31 0.86
CA ILE B 399 46.74 -41.09 -0.34
C ILE B 399 48.10 -40.51 0.03
N ARG B 400 49.03 -40.58 -0.91
CA ARG B 400 50.33 -39.95 -0.71
C ARG B 400 50.18 -38.44 -0.65
N GLY B 401 51.05 -37.80 0.15
CA GLY B 401 50.87 -36.39 0.46
C GLY B 401 50.89 -35.50 -0.77
N ASP B 402 51.95 -35.60 -1.58
CA ASP B 402 52.11 -34.71 -2.71
C ASP B 402 51.04 -34.88 -3.77
N GLU B 403 50.27 -35.97 -3.72
CA GLU B 403 49.17 -36.21 -4.64
C GLU B 403 47.88 -35.55 -4.21
N VAL B 404 47.85 -34.92 -3.03
CA VAL B 404 46.61 -34.38 -2.50
C VAL B 404 46.00 -33.33 -3.42
N ARG B 405 46.81 -32.63 -4.21
CA ARG B 405 46.29 -31.60 -5.10
C ARG B 405 45.48 -32.20 -6.26
N GLN B 406 45.55 -33.51 -6.46
CA GLN B 406 44.79 -34.12 -7.54
C GLN B 406 43.32 -34.31 -7.22
N ILE B 407 42.93 -34.14 -5.96
CA ILE B 407 41.52 -34.31 -5.57
C ILE B 407 40.89 -32.92 -5.65
N ALA B 408 40.36 -32.61 -6.83
CA ALA B 408 39.70 -31.34 -7.11
C ALA B 408 39.01 -31.43 -8.47
N PRO B 409 37.96 -30.64 -8.70
CA PRO B 409 37.30 -30.69 -10.01
C PRO B 409 38.25 -30.30 -11.14
N GLY B 410 38.17 -31.01 -12.25
CA GLY B 410 38.94 -30.69 -13.43
C GLY B 410 40.42 -31.03 -13.35
N GLN B 411 40.85 -31.74 -12.32
CA GLN B 411 42.25 -32.09 -12.17
C GLN B 411 42.59 -33.33 -12.99
N THR B 412 43.88 -33.46 -13.33
CA THR B 412 44.37 -34.56 -14.13
C THR B 412 45.60 -35.15 -13.49
N GLY B 413 45.83 -36.44 -13.76
CA GLY B 413 46.97 -37.14 -13.21
C GLY B 413 46.79 -38.64 -13.24
N ASN B 414 47.09 -39.32 -12.13
CA ASN B 414 46.89 -40.76 -12.02
C ASN B 414 45.82 -41.15 -11.02
N ILE B 415 45.89 -40.63 -9.78
CA ILE B 415 44.80 -40.88 -8.83
C ILE B 415 43.53 -40.20 -9.31
N ALA B 416 43.65 -39.08 -10.03
CA ALA B 416 42.47 -38.35 -10.48
C ALA B 416 41.63 -39.16 -11.46
N ASP B 417 42.28 -39.87 -12.38
CA ASP B 417 41.58 -40.53 -13.46
C ASP B 417 41.58 -42.06 -13.38
N TYR B 418 42.30 -42.66 -12.43
CA TYR B 418 42.35 -44.11 -12.31
C TYR B 418 41.78 -44.63 -11.01
N ASN B 419 41.72 -43.82 -9.97
CA ASN B 419 41.19 -44.25 -8.68
C ASN B 419 39.94 -43.49 -8.26
N TYR B 420 40.00 -42.16 -8.23
CA TYR B 420 38.90 -41.34 -7.74
C TYR B 420 38.84 -40.06 -8.55
N LYS B 421 37.70 -39.82 -9.20
CA LYS B 421 37.50 -38.64 -10.03
C LYS B 421 36.33 -37.84 -9.50
N LEU B 422 36.52 -36.52 -9.38
CA LEU B 422 35.45 -35.64 -8.93
C LEU B 422 34.79 -34.99 -10.13
N PRO B 423 33.46 -34.80 -10.10
CA PRO B 423 32.80 -34.10 -11.20
C PRO B 423 33.22 -32.65 -11.26
N ASP B 424 33.19 -32.08 -12.47
CA ASP B 424 33.52 -30.67 -12.63
C ASP B 424 32.53 -29.78 -11.90
N ASP B 425 31.24 -30.09 -11.98
CA ASP B 425 30.21 -29.35 -11.27
C ASP B 425 29.95 -30.00 -9.90
N PHE B 426 30.97 -29.92 -9.04
CA PHE B 426 30.96 -30.54 -7.73
C PHE B 426 30.81 -29.47 -6.66
N THR B 427 29.94 -29.73 -5.68
CA THR B 427 29.79 -28.89 -4.51
C THR B 427 29.99 -29.72 -3.26
N GLY B 428 30.68 -29.15 -2.28
CA GLY B 428 31.00 -29.85 -1.06
C GLY B 428 32.35 -29.39 -0.54
N CYS B 429 33.02 -30.29 0.18
CA CYS B 429 34.29 -29.98 0.81
C CYS B 429 35.21 -31.20 0.75
N VAL B 430 36.51 -30.93 0.81
CA VAL B 430 37.53 -31.96 0.92
C VAL B 430 38.44 -31.61 2.09
N ILE B 431 38.70 -32.59 2.95
CA ILE B 431 39.50 -32.39 4.16
C ILE B 431 40.60 -33.44 4.15
N ALA B 432 41.85 -32.99 4.05
CA ALA B 432 43.00 -33.88 4.03
C ALA B 432 43.98 -33.46 5.11
N TRP B 433 44.44 -34.41 5.92
CA TRP B 433 45.41 -34.09 6.96
C TRP B 433 46.42 -35.21 7.09
N ASN B 434 47.62 -34.83 7.56
CA ASN B 434 48.69 -35.79 7.75
C ASN B 434 48.35 -36.77 8.85
N SER B 435 48.67 -38.05 8.62
CA SER B 435 48.45 -39.10 9.60
C SER B 435 49.66 -40.02 9.66
N ASN B 436 50.86 -39.43 9.65
CA ASN B 436 52.07 -40.24 9.68
C ASN B 436 52.21 -41.02 10.98
N LYS B 437 51.66 -40.50 12.08
CA LYS B 437 51.76 -41.17 13.36
C LYS B 437 50.86 -42.39 13.48
N LEU B 438 49.94 -42.59 12.53
CA LEU B 438 48.98 -43.69 12.61
C LEU B 438 49.09 -44.70 11.49
N ASP B 439 49.58 -44.31 10.31
CA ASP B 439 49.61 -45.19 9.15
C ASP B 439 51.01 -45.30 8.58
N SER B 440 51.99 -45.49 9.45
CA SER B 440 53.38 -45.66 9.04
C SER B 440 54.00 -46.83 9.80
N LYS B 441 54.71 -47.68 9.06
CA LYS B 441 55.39 -48.83 9.62
C LYS B 441 56.88 -48.70 9.36
N VAL B 442 57.69 -49.00 10.38
CA VAL B 442 59.15 -48.94 10.23
C VAL B 442 59.61 -49.92 9.15
N SER B 443 59.08 -51.15 9.18
CA SER B 443 59.33 -52.07 8.09
C SER B 443 58.71 -51.58 6.79
N GLY B 444 57.54 -50.95 6.88
CA GLY B 444 56.87 -50.43 5.72
C GLY B 444 55.47 -50.97 5.56
N ASN B 445 54.49 -50.08 5.44
CA ASN B 445 53.11 -50.49 5.24
C ASN B 445 52.92 -50.94 3.78
N TYR B 446 52.15 -52.00 3.59
CA TYR B 446 51.81 -52.49 2.26
C TYR B 446 50.32 -52.68 2.06
N ASN B 447 49.49 -52.35 3.04
CA ASN B 447 48.06 -52.59 2.96
C ASN B 447 47.32 -51.54 2.15
N TYR B 448 47.98 -50.46 1.76
CA TYR B 448 47.36 -49.40 0.97
C TYR B 448 47.74 -49.58 -0.49
N LEU B 449 46.73 -49.73 -1.35
CA LEU B 449 46.94 -50.06 -2.75
C LEU B 449 46.29 -49.01 -3.64
N TYR B 450 46.90 -48.78 -4.80
CA TYR B 450 46.36 -47.84 -5.78
C TYR B 450 46.50 -48.44 -7.17
N ARG B 451 45.49 -48.23 -8.00
CA ARG B 451 45.54 -48.69 -9.37
C ARG B 451 46.49 -47.82 -10.19
N LEU B 452 47.33 -48.47 -10.99
CA LEU B 452 48.30 -47.78 -11.82
C LEU B 452 47.98 -47.85 -13.31
N PHE B 453 47.54 -48.99 -13.81
CA PHE B 453 47.26 -49.19 -15.22
C PHE B 453 45.76 -49.42 -15.43
N ARG B 454 45.19 -48.66 -16.36
CA ARG B 454 43.79 -48.82 -16.71
C ARG B 454 43.61 -48.52 -18.19
N LYS B 455 42.63 -49.19 -18.80
CA LYS B 455 42.40 -49.02 -20.22
C LYS B 455 41.91 -47.61 -20.55
N SER B 456 41.02 -47.06 -19.72
CA SER B 456 40.44 -45.75 -19.98
C SER B 456 40.35 -44.98 -18.67
N ASN B 457 39.84 -43.76 -18.74
CA ASN B 457 39.71 -42.90 -17.57
C ASN B 457 38.46 -43.30 -16.77
N LEU B 458 38.30 -42.68 -15.61
CA LEU B 458 37.21 -42.99 -14.70
C LEU B 458 36.18 -41.89 -14.72
N LYS B 459 34.92 -42.26 -14.96
CA LYS B 459 33.81 -41.33 -14.85
C LYS B 459 33.66 -40.93 -13.38
N PRO B 460 33.33 -39.68 -13.09
CA PRO B 460 33.30 -39.21 -11.70
C PRO B 460 32.36 -40.05 -10.83
N PHE B 461 32.79 -40.31 -9.60
CA PHE B 461 32.08 -41.17 -8.66
C PHE B 461 31.88 -42.57 -9.24
N GLU B 462 33.00 -43.23 -9.51
CA GLU B 462 33.00 -44.60 -10.01
C GLU B 462 34.05 -45.41 -9.27
N ARG B 463 33.70 -46.67 -9.00
CA ARG B 463 34.59 -47.60 -8.30
C ARG B 463 35.01 -48.70 -9.25
N ASP B 464 36.31 -49.04 -9.24
CA ASP B 464 36.85 -50.12 -10.04
C ASP B 464 37.71 -51.00 -9.13
N ILE B 465 37.19 -52.17 -8.79
CA ILE B 465 37.87 -53.11 -7.90
C ILE B 465 38.47 -54.26 -8.69
N SER B 466 38.44 -54.19 -10.02
CA SER B 466 38.96 -55.25 -10.86
C SER B 466 40.46 -55.44 -10.63
N THR B 467 40.88 -56.71 -10.57
CA THR B 467 42.27 -57.06 -10.34
C THR B 467 42.84 -57.89 -11.48
N GLU B 468 42.12 -58.00 -12.59
CA GLU B 468 42.59 -58.79 -13.72
C GLU B 468 43.82 -58.12 -14.35
N ILE B 469 44.75 -58.96 -14.82
CA ILE B 469 46.05 -58.48 -15.26
C ILE B 469 45.91 -57.54 -16.46
N TYR B 470 46.79 -56.56 -16.53
CA TYR B 470 46.78 -55.57 -17.60
C TYR B 470 47.82 -55.95 -18.65
N GLN B 471 47.37 -56.10 -19.89
CA GLN B 471 48.25 -56.45 -21.01
C GLN B 471 48.70 -55.17 -21.68
N ALA B 472 49.92 -54.72 -21.34
CA ALA B 472 50.43 -53.47 -21.91
C ALA B 472 50.65 -53.60 -23.41
N GLY B 473 51.16 -54.75 -23.86
CA GLY B 473 51.47 -54.96 -25.26
C GLY B 473 50.36 -55.65 -26.01
N ASN B 474 50.74 -56.30 -27.11
CA ASN B 474 49.77 -56.99 -27.96
C ASN B 474 49.67 -58.48 -27.68
N LYS B 475 50.69 -59.08 -27.06
CA LYS B 475 50.66 -60.51 -26.78
C LYS B 475 49.78 -60.79 -25.56
N PRO B 476 48.76 -61.62 -25.67
CA PRO B 476 47.91 -61.94 -24.51
C PRO B 476 48.63 -62.92 -23.57
N CYS B 477 49.06 -62.41 -22.43
CA CYS B 477 49.76 -63.23 -21.44
C CYS B 477 48.83 -64.11 -20.63
N ASN B 478 47.52 -63.83 -20.65
CA ASN B 478 46.51 -64.67 -20.01
C ASN B 478 46.77 -64.88 -18.52
N GLY B 479 47.25 -63.85 -17.84
CA GLY B 479 47.39 -63.88 -16.41
C GLY B 479 48.77 -64.17 -15.86
N VAL B 480 49.83 -63.71 -16.52
CA VAL B 480 51.19 -63.83 -16.02
C VAL B 480 51.86 -62.47 -16.10
N ALA B 481 52.54 -62.07 -15.03
CA ALA B 481 53.20 -60.77 -14.95
C ALA B 481 54.60 -60.88 -15.53
N GLY B 482 54.67 -60.90 -16.85
CA GLY B 482 55.95 -60.96 -17.53
C GLY B 482 56.30 -59.66 -18.24
N PHE B 483 56.48 -59.72 -19.55
CA PHE B 483 56.75 -58.55 -20.36
C PHE B 483 55.45 -58.01 -20.94
N ASN B 484 55.28 -56.69 -20.86
CA ASN B 484 54.08 -56.01 -21.36
C ASN B 484 52.81 -56.51 -20.66
N CYS B 485 52.97 -56.99 -19.42
CA CYS B 485 51.84 -57.44 -18.60
C CYS B 485 52.16 -57.08 -17.16
N TYR B 486 51.50 -56.05 -16.64
CA TYR B 486 51.79 -55.52 -15.32
C TYR B 486 50.56 -55.62 -14.44
N PHE B 487 50.77 -55.91 -13.17
CA PHE B 487 49.67 -55.99 -12.23
C PHE B 487 49.19 -54.58 -11.89
N PRO B 488 47.92 -54.26 -12.13
CA PRO B 488 47.49 -52.85 -12.08
C PRO B 488 47.62 -52.18 -10.72
N LEU B 489 47.69 -52.95 -9.64
CA LEU B 489 47.70 -52.38 -8.30
C LEU B 489 49.11 -52.35 -7.73
N ARG B 490 49.50 -51.19 -7.20
CA ARG B 490 50.79 -51.01 -6.57
C ARG B 490 50.58 -50.50 -5.14
N SER B 491 51.60 -50.72 -4.31
CA SER B 491 51.49 -50.44 -2.88
C SER B 491 52.40 -49.28 -2.49
N TYR B 492 51.87 -48.38 -1.65
CA TYR B 492 52.65 -47.31 -1.04
C TYR B 492 53.41 -47.90 0.13
N SER B 493 54.74 -47.98 -0.01
CA SER B 493 55.59 -48.48 1.07
C SER B 493 55.81 -47.36 2.08
N PHE B 494 54.76 -47.07 2.85
CA PHE B 494 54.81 -45.99 3.82
C PHE B 494 55.79 -46.31 4.94
N ARG B 495 56.67 -45.36 5.24
CA ARG B 495 57.61 -45.49 6.34
C ARG B 495 57.72 -44.16 7.07
N PRO B 496 57.91 -44.19 8.39
CA PRO B 496 58.06 -42.92 9.14
C PRO B 496 59.29 -42.13 8.75
N THR B 497 60.31 -42.78 8.17
CA THR B 497 61.53 -42.09 7.78
C THR B 497 61.39 -41.34 6.46
N TYR B 498 60.27 -41.49 5.76
CA TYR B 498 60.06 -40.79 4.50
C TYR B 498 59.89 -39.29 4.76
N GLY B 499 60.02 -38.52 3.68
CA GLY B 499 59.80 -37.09 3.75
C GLY B 499 58.33 -36.73 3.81
N VAL B 500 58.08 -35.43 3.95
CA VAL B 500 56.70 -34.96 4.02
C VAL B 500 56.00 -35.13 2.69
N GLY B 501 56.76 -35.21 1.59
CA GLY B 501 56.16 -35.38 0.28
C GLY B 501 55.67 -36.76 -0.04
N HIS B 502 55.95 -37.75 0.81
CA HIS B 502 55.53 -39.12 0.57
C HIS B 502 54.83 -39.75 1.76
N GLN B 503 54.70 -39.04 2.88
CA GLN B 503 54.02 -39.59 4.04
C GLN B 503 52.52 -39.74 3.75
N PRO B 504 51.86 -40.70 4.37
CA PRO B 504 50.43 -40.89 4.12
C PRO B 504 49.60 -39.74 4.64
N TYR B 505 48.48 -39.48 3.96
CA TYR B 505 47.56 -38.42 4.32
C TYR B 505 46.15 -38.97 4.24
N ARG B 506 45.35 -38.73 5.27
CA ARG B 506 43.97 -39.18 5.28
C ARG B 506 43.08 -38.11 4.66
N VAL B 507 42.22 -38.53 3.74
CA VAL B 507 41.38 -37.63 2.96
C VAL B 507 39.92 -38.06 3.14
N VAL B 508 39.06 -37.09 3.45
CA VAL B 508 37.63 -37.31 3.60
C VAL B 508 36.91 -36.25 2.78
N VAL B 509 36.01 -36.68 1.90
CA VAL B 509 35.29 -35.79 1.00
C VAL B 509 33.83 -35.81 1.39
N LEU B 510 33.26 -34.63 1.61
CA LEU B 510 31.85 -34.45 1.90
C LEU B 510 31.16 -33.86 0.69
N SER B 511 30.07 -34.49 0.26
CA SER B 511 29.29 -34.06 -0.90
C SER B 511 27.86 -33.78 -0.47
N PHE B 512 27.34 -32.62 -0.87
CA PHE B 512 25.98 -32.21 -0.59
C PHE B 512 25.23 -32.05 -1.90
N GLU B 513 23.90 -32.02 -1.80
CA GLU B 513 23.03 -31.84 -2.97
C GLU B 513 21.65 -31.46 -2.50
N LEU B 514 20.85 -30.94 -3.44
CA LEU B 514 19.48 -30.52 -3.17
C LEU B 514 18.52 -31.29 -4.06
N LEU B 515 17.51 -31.89 -3.44
CA LEU B 515 16.45 -32.58 -4.16
C LEU B 515 15.10 -32.03 -3.71
N HIS B 516 14.03 -32.49 -4.37
CA HIS B 516 12.69 -32.08 -3.98
C HIS B 516 12.29 -32.62 -2.61
N ALA B 517 12.96 -33.67 -2.14
CA ALA B 517 12.69 -34.18 -0.80
C ALA B 517 13.07 -33.14 0.25
N PRO B 518 12.35 -33.09 1.37
CA PRO B 518 12.64 -32.07 2.38
C PRO B 518 14.04 -32.26 2.97
N ALA B 519 14.69 -31.14 3.27
CA ALA B 519 16.01 -31.17 3.88
C ALA B 519 15.91 -31.70 5.31
N THR B 520 16.88 -32.52 5.69
CA THR B 520 16.88 -33.14 7.01
C THR B 520 18.17 -33.03 7.79
N VAL B 521 19.32 -32.89 7.13
CA VAL B 521 20.60 -32.84 7.84
C VAL B 521 20.96 -31.38 8.11
N CYS B 522 20.45 -30.84 9.21
CA CYS B 522 20.65 -29.44 9.56
C CYS B 522 21.42 -29.32 10.86
N GLY B 523 22.28 -28.30 10.95
CA GLY B 523 23.17 -28.16 12.07
C GLY B 523 22.47 -27.63 13.31
N PRO B 524 23.25 -27.46 14.37
CA PRO B 524 22.68 -26.98 15.64
C PRO B 524 22.18 -25.54 15.53
N LYS B 525 21.24 -25.21 16.40
CA LYS B 525 20.60 -23.90 16.38
C LYS B 525 20.79 -23.07 17.64
N LYS B 526 21.50 -23.59 18.64
CA LYS B 526 21.80 -22.87 19.88
C LYS B 526 20.54 -22.47 20.63
N SER B 527 20.70 -21.70 21.71
CA SER B 527 19.57 -21.29 22.55
C SER B 527 20.05 -20.18 23.48
N THR B 528 19.12 -19.69 24.29
CA THR B 528 19.39 -18.63 25.27
C THR B 528 18.40 -18.76 26.42
N ASN B 529 18.83 -18.34 27.60
CA ASN B 529 17.99 -18.45 28.79
C ASN B 529 16.74 -17.59 28.65
N LEU B 530 15.65 -18.04 29.27
CA LEU B 530 14.37 -17.34 29.20
C LEU B 530 14.32 -16.17 30.17
N VAL B 531 13.47 -15.21 29.85
CA VAL B 531 13.21 -14.04 30.70
C VAL B 531 11.72 -13.78 30.71
N LYS B 532 11.20 -13.29 31.84
CA LYS B 532 9.77 -13.05 32.00
C LYS B 532 9.54 -11.63 32.49
N ASN B 533 8.32 -11.14 32.22
CA ASN B 533 7.85 -9.84 32.71
C ASN B 533 8.76 -8.69 32.29
N LYS B 534 9.25 -8.73 31.05
CA LYS B 534 10.07 -7.64 30.54
C LYS B 534 9.90 -7.55 29.03
N CYS B 535 9.80 -6.33 28.52
CA CYS B 535 9.67 -6.10 27.08
C CYS B 535 10.97 -6.47 26.39
N VAL B 536 10.96 -7.59 25.66
CA VAL B 536 12.15 -8.13 25.02
C VAL B 536 11.83 -8.53 23.59
N ASN B 537 12.89 -8.68 22.78
CA ASN B 537 12.80 -9.29 21.47
C ASN B 537 13.05 -10.77 21.61
N PHE B 538 12.21 -11.59 20.99
CA PHE B 538 12.27 -13.03 21.17
C PHE B 538 12.14 -13.76 19.83
N ASN B 539 12.69 -14.97 19.81
CA ASN B 539 12.54 -15.90 18.70
C ASN B 539 12.09 -17.24 19.26
N PHE B 540 11.08 -17.83 18.64
CA PHE B 540 10.56 -19.15 19.03
C PHE B 540 10.38 -20.00 17.79
N ASN B 541 11.33 -20.90 17.55
CA ASN B 541 11.28 -21.83 16.42
C ASN B 541 11.05 -21.09 15.10
N GLY B 542 11.85 -20.05 14.87
CA GLY B 542 11.73 -19.25 13.68
C GLY B 542 10.64 -18.19 13.72
N LEU B 543 9.98 -18.02 14.86
CA LEU B 543 8.96 -16.99 15.02
C LEU B 543 9.58 -15.78 15.70
N LYS B 544 9.76 -14.70 14.95
CA LYS B 544 10.21 -13.43 15.51
C LYS B 544 9.10 -12.80 16.32
N GLY B 545 9.48 -11.94 17.26
CA GLY B 545 8.49 -11.17 17.97
C GLY B 545 9.12 -10.22 18.95
N THR B 546 8.28 -9.32 19.48
CA THR B 546 8.70 -8.34 20.48
C THR B 546 7.54 -8.15 21.45
N GLY B 547 7.81 -8.23 22.74
CA GLY B 547 6.76 -8.06 23.71
C GLY B 547 7.19 -8.55 25.08
N VAL B 548 6.19 -8.71 25.95
CA VAL B 548 6.39 -9.14 27.33
C VAL B 548 5.86 -10.56 27.46
N LEU B 549 6.72 -11.45 27.98
CA LEU B 549 6.35 -12.84 28.24
C LEU B 549 5.82 -12.94 29.66
N THR B 550 4.64 -13.51 29.83
CA THR B 550 4.05 -13.70 31.14
C THR B 550 3.52 -15.13 31.25
N GLU B 551 3.31 -15.57 32.49
CA GLU B 551 2.72 -16.87 32.73
C GLU B 551 1.31 -16.91 32.15
N SER B 552 0.98 -18.03 31.49
CA SER B 552 -0.26 -18.15 30.74
C SER B 552 -1.21 -19.11 31.43
N ASN B 553 -2.49 -18.76 31.45
CA ASN B 553 -3.53 -19.62 31.97
C ASN B 553 -4.23 -20.44 30.90
N LYS B 554 -3.93 -20.19 29.63
CA LYS B 554 -4.51 -20.95 28.54
C LYS B 554 -3.98 -22.38 28.54
N LYS B 555 -4.83 -23.31 28.15
CA LYS B 555 -4.48 -24.73 28.10
C LYS B 555 -4.50 -25.20 26.65
N PHE B 556 -3.33 -25.34 26.06
CA PHE B 556 -3.23 -25.86 24.70
C PHE B 556 -3.53 -27.36 24.69
N LEU B 557 -3.87 -27.86 23.51
CA LEU B 557 -3.86 -29.30 23.29
C LEU B 557 -2.40 -29.76 23.24
N PRO B 558 -2.16 -31.07 23.43
CA PRO B 558 -0.76 -31.54 23.44
C PRO B 558 0.03 -31.17 22.20
N PHE B 559 -0.60 -31.18 21.03
CA PHE B 559 0.11 -30.88 19.79
C PHE B 559 0.12 -29.39 19.45
N GLN B 560 -0.68 -28.57 20.13
CA GLN B 560 -0.77 -27.16 19.78
C GLN B 560 0.54 -26.44 20.11
N GLN B 561 0.95 -25.53 19.21
CA GLN B 561 2.18 -24.77 19.36
C GLN B 561 1.90 -23.29 19.60
N PHE B 562 1.09 -22.67 18.76
CA PHE B 562 0.86 -21.23 18.79
C PHE B 562 -0.54 -20.93 19.28
N GLY B 563 -0.78 -19.67 19.58
CA GLY B 563 -2.10 -19.19 19.97
C GLY B 563 -2.43 -17.89 19.28
N ARG B 564 -3.66 -17.79 18.77
CA ARG B 564 -4.10 -16.63 18.02
C ARG B 564 -5.39 -16.10 18.60
N ASP B 565 -5.51 -14.77 18.64
CA ASP B 565 -6.65 -14.10 19.25
C ASP B 565 -7.73 -13.84 18.20
N ILE B 566 -8.70 -12.99 18.55
CA ILE B 566 -9.79 -12.67 17.63
C ILE B 566 -9.25 -11.94 16.40
N ALA B 567 -8.33 -11.00 16.60
CA ALA B 567 -7.79 -10.18 15.51
C ALA B 567 -6.76 -10.92 14.67
N ASP B 568 -6.64 -12.24 14.82
CA ASP B 568 -5.71 -13.05 14.03
C ASP B 568 -4.28 -12.59 14.21
N THR B 569 -3.86 -12.53 15.48
CA THR B 569 -2.49 -12.17 15.84
C THR B 569 -2.00 -13.15 16.89
N THR B 570 -0.68 -13.34 16.95
CA THR B 570 -0.11 -14.27 17.91
C THR B 570 -0.17 -13.68 19.32
N ASP B 571 -0.71 -14.44 20.26
CA ASP B 571 -0.79 -14.02 21.65
C ASP B 571 -0.33 -15.07 22.65
N ALA B 572 -0.27 -16.35 22.28
CA ALA B 572 0.20 -17.39 23.17
C ALA B 572 1.22 -18.25 22.45
N VAL B 573 2.28 -18.61 23.15
CA VAL B 573 3.38 -19.38 22.58
C VAL B 573 3.76 -20.49 23.54
N ARG B 574 4.41 -21.53 23.01
CA ARG B 574 4.87 -22.66 23.80
C ARG B 574 6.38 -22.76 23.69
N ASP B 575 7.06 -22.83 24.82
CA ASP B 575 8.51 -22.86 24.83
C ASP B 575 9.01 -24.21 24.32
N PRO B 576 9.83 -24.24 23.25
CA PRO B 576 10.24 -25.53 22.68
C PRO B 576 11.03 -26.41 23.62
N GLN B 577 11.88 -25.83 24.49
CA GLN B 577 12.70 -26.66 25.36
C GLN B 577 11.89 -27.23 26.52
N THR B 578 11.34 -26.36 27.36
CA THR B 578 10.51 -26.77 28.48
C THR B 578 9.05 -26.51 28.13
N LEU B 579 8.23 -27.55 28.21
CA LEU B 579 6.87 -27.51 27.66
C LEU B 579 5.97 -26.72 28.60
N GLU B 580 6.02 -25.39 28.47
CA GLU B 580 5.12 -24.50 29.19
C GLU B 580 4.47 -23.53 28.22
N ILE B 581 3.34 -22.99 28.64
CA ILE B 581 2.55 -22.05 27.85
C ILE B 581 2.78 -20.65 28.40
N LEU B 582 3.04 -19.71 27.50
CA LEU B 582 3.33 -18.33 27.87
C LEU B 582 2.45 -17.39 27.06
N ASP B 583 2.08 -16.26 27.66
CA ASP B 583 1.35 -15.21 26.96
C ASP B 583 2.32 -14.12 26.55
N ILE B 584 2.09 -13.55 25.38
CA ILE B 584 2.87 -12.43 24.86
C ILE B 584 1.95 -11.22 24.78
N THR B 585 2.36 -10.14 25.43
CA THR B 585 1.60 -8.92 25.28
C THR B 585 2.49 -7.80 24.74
N PRO B 586 1.99 -6.99 23.81
CA PRO B 586 2.81 -5.89 23.30
C PRO B 586 3.20 -4.93 24.42
N CYS B 587 4.41 -4.39 24.30
CA CYS B 587 4.92 -3.49 25.33
C CYS B 587 4.04 -2.26 25.45
N SER B 588 4.19 -1.55 26.57
CA SER B 588 3.28 -0.46 26.93
C SER B 588 3.22 0.57 25.80
N PHE B 589 1.99 0.97 25.46
CA PHE B 589 1.73 1.83 24.33
C PHE B 589 0.62 2.81 24.69
N GLY B 590 0.77 4.06 24.25
CA GLY B 590 -0.29 5.05 24.42
C GLY B 590 -0.07 6.21 23.48
N GLY B 591 -1.02 7.15 23.51
CA GLY B 591 -0.93 8.36 22.72
C GLY B 591 -0.74 9.57 23.63
N VAL B 592 -0.03 10.57 23.13
CA VAL B 592 0.30 11.77 23.91
C VAL B 592 -0.42 12.95 23.28
N SER B 593 -1.13 13.72 24.11
CA SER B 593 -1.78 14.94 23.68
C SER B 593 -1.29 16.10 24.53
N VAL B 594 -1.17 17.27 23.89
CA VAL B 594 -0.63 18.46 24.53
C VAL B 594 -1.76 19.48 24.65
N ILE B 595 -1.94 20.01 25.86
CA ILE B 595 -2.97 20.99 26.16
C ILE B 595 -2.26 22.30 26.44
N THR B 596 -2.61 23.35 25.70
CA THR B 596 -1.91 24.61 25.87
C THR B 596 -2.82 25.77 25.49
N PRO B 597 -2.72 26.89 26.19
CA PRO B 597 -3.29 28.14 25.68
C PRO B 597 -2.40 28.69 24.58
N GLY B 598 -2.87 29.74 23.93
CA GLY B 598 -2.09 30.34 22.86
C GLY B 598 -0.73 30.79 23.36
N THR B 599 0.31 30.47 22.57
CA THR B 599 1.66 30.87 22.93
C THR B 599 1.82 32.38 22.97
N ASN B 600 0.92 33.12 22.32
CA ASN B 600 0.89 34.56 22.48
C ASN B 600 0.56 34.97 23.91
N THR B 601 -0.13 34.10 24.65
CA THR B 601 -0.50 34.36 26.03
C THR B 601 0.50 33.80 27.04
N SER B 602 0.75 32.49 27.00
CA SER B 602 1.66 31.84 27.94
C SER B 602 2.29 30.64 27.26
N ASN B 603 3.33 30.10 27.90
CA ASN B 603 4.06 28.96 27.37
C ASN B 603 3.90 27.69 28.20
N GLN B 604 3.06 27.69 29.22
CA GLN B 604 2.83 26.49 30.00
C GLN B 604 2.01 25.48 29.21
N VAL B 605 2.20 24.20 29.51
CA VAL B 605 1.50 23.12 28.83
C VAL B 605 1.09 22.06 29.86
N ALA B 606 0.20 21.18 29.43
CA ALA B 606 -0.19 20.01 30.18
C ALA B 606 -0.18 18.81 29.25
N VAL B 607 0.01 17.62 29.80
CA VAL B 607 0.17 16.42 29.00
C VAL B 607 -0.92 15.42 29.37
N LEU B 608 -1.61 14.91 28.36
CA LEU B 608 -2.64 13.89 28.55
C LEU B 608 -2.19 12.61 27.87
N TYR B 609 -2.03 11.55 28.65
CA TYR B 609 -1.73 10.22 28.14
C TYR B 609 -3.05 9.49 27.96
N GLN B 610 -3.34 9.09 26.73
CA GLN B 610 -4.67 8.61 26.39
C GLN B 610 -4.84 7.14 26.77
N GLY B 611 -5.88 6.87 27.56
CA GLY B 611 -6.23 5.49 27.89
C GLY B 611 -5.16 4.74 28.66
N VAL B 612 -4.46 5.41 29.57
CA VAL B 612 -3.41 4.79 30.36
C VAL B 612 -3.61 5.20 31.82
N ASN B 613 -3.60 4.22 32.71
CA ASN B 613 -3.70 4.51 34.13
C ASN B 613 -2.46 5.29 34.59
N CYS B 614 -2.66 6.14 35.59
CA CYS B 614 -1.62 7.09 36.00
C CYS B 614 -0.41 6.41 36.62
N THR B 615 -0.50 5.14 37.00
CA THR B 615 0.61 4.43 37.63
C THR B 615 1.49 3.67 36.64
N GLU B 616 1.27 3.84 35.34
CA GLU B 616 2.06 3.17 34.32
C GLU B 616 2.78 4.13 33.39
N VAL B 617 3.32 5.22 33.93
CA VAL B 617 4.03 6.20 33.12
C VAL B 617 5.51 6.25 33.51
N ASN B 638 -0.36 16.98 41.26
CA ASN B 638 -0.62 17.52 39.93
C ASN B 638 -0.87 16.42 38.91
N VAL B 639 -1.28 15.26 39.41
CA VAL B 639 -1.60 14.10 38.58
C VAL B 639 -3.07 13.78 38.77
N PHE B 640 -3.81 13.67 37.67
CA PHE B 640 -5.24 13.42 37.71
C PHE B 640 -5.58 12.22 36.84
N GLN B 641 -6.56 11.44 37.30
CA GLN B 641 -7.04 10.27 36.57
C GLN B 641 -8.40 10.60 35.97
N THR B 642 -8.50 10.53 34.65
CA THR B 642 -9.72 10.82 33.93
C THR B 642 -10.13 9.60 33.12
N ARG B 643 -11.37 9.62 32.63
CA ARG B 643 -11.85 8.54 31.77
C ARG B 643 -11.04 8.45 30.48
N ALA B 644 -10.68 9.60 29.91
CA ALA B 644 -9.88 9.61 28.69
C ALA B 644 -8.47 9.09 28.95
N GLY B 645 -7.91 9.41 30.12
CA GLY B 645 -6.56 8.97 30.43
C GLY B 645 -6.02 9.67 31.66
N CYS B 646 -4.70 9.85 31.66
CA CYS B 646 -3.99 10.45 32.78
C CYS B 646 -3.54 11.86 32.39
N LEU B 647 -3.85 12.84 33.25
CA LEU B 647 -3.54 14.23 33.00
C LEU B 647 -2.45 14.70 33.96
N ILE B 648 -1.41 15.33 33.42
CA ILE B 648 -0.28 15.81 34.18
C ILE B 648 -0.09 17.29 33.89
N GLY B 649 0.09 18.09 34.94
CA GLY B 649 0.31 19.52 34.80
C GLY B 649 -0.88 20.38 35.15
N ALA B 650 -2.06 19.79 35.33
CA ALA B 650 -3.26 20.55 35.66
C ALA B 650 -3.83 20.05 36.97
N GLU B 651 -4.28 20.99 37.81
CA GLU B 651 -4.83 20.69 39.11
C GLU B 651 -6.36 20.70 39.02
N TYR B 652 -6.98 19.67 39.60
CA TYR B 652 -8.44 19.59 39.60
C TYR B 652 -9.03 20.62 40.55
N VAL B 653 -10.18 21.17 40.18
CA VAL B 653 -10.86 22.20 40.96
C VAL B 653 -12.31 21.79 41.13
N ASN B 654 -12.81 21.89 42.36
CA ASN B 654 -14.20 21.53 42.63
C ASN B 654 -15.19 22.53 42.03
N ASN B 655 -14.72 23.71 41.61
CA ASN B 655 -15.60 24.71 41.05
C ASN B 655 -16.08 24.29 39.67
N SER B 656 -17.08 25.01 39.15
CA SER B 656 -17.68 24.71 37.86
C SER B 656 -17.67 25.93 36.97
N TYR B 657 -17.34 25.72 35.70
CA TYR B 657 -17.36 26.78 34.68
C TYR B 657 -17.77 26.15 33.36
N GLU B 658 -17.92 26.99 32.35
CA GLU B 658 -18.18 26.49 31.01
C GLU B 658 -16.89 25.92 30.40
N CYS B 659 -17.05 25.13 29.35
CA CYS B 659 -15.92 24.44 28.75
C CYS B 659 -15.13 25.40 27.87
N ASP B 660 -13.83 25.51 28.14
CA ASP B 660 -12.93 26.32 27.32
C ASP B 660 -12.13 25.45 26.36
N ILE B 661 -11.41 24.47 26.88
CA ILE B 661 -10.70 23.50 26.05
C ILE B 661 -11.26 22.12 26.38
N PRO B 662 -11.86 21.41 25.42
CA PRO B 662 -12.51 20.14 25.74
C PRO B 662 -11.49 19.03 25.93
N ILE B 663 -11.62 18.32 27.05
CA ILE B 663 -10.78 17.16 27.34
C ILE B 663 -11.54 15.86 27.13
N GLY B 664 -12.71 15.74 27.72
CA GLY B 664 -13.57 14.59 27.49
C GLY B 664 -14.24 14.11 28.76
N ALA B 665 -15.32 13.36 28.58
CA ALA B 665 -16.09 12.78 29.69
C ALA B 665 -16.52 13.85 30.68
N GLY B 666 -16.92 15.00 30.18
CA GLY B 666 -17.34 16.10 31.01
C GLY B 666 -16.22 16.87 31.67
N ILE B 667 -14.98 16.64 31.26
CA ILE B 667 -13.81 17.32 31.84
C ILE B 667 -13.29 18.31 30.80
N CYS B 668 -13.07 19.56 31.23
CA CYS B 668 -12.52 20.60 30.39
C CYS B 668 -11.46 21.38 31.16
N ALA B 669 -10.42 21.81 30.46
CA ALA B 669 -9.31 22.52 31.05
C ALA B 669 -9.27 23.96 30.55
N SER B 670 -8.70 24.84 31.36
CA SER B 670 -8.63 26.25 31.01
C SER B 670 -7.47 26.89 31.77
N TYR B 671 -7.17 28.14 31.41
CA TYR B 671 -6.07 28.90 31.99
C TYR B 671 -6.63 30.10 32.74
N GLN B 672 -6.21 30.27 33.99
CA GLN B 672 -6.65 31.41 34.78
C GLN B 672 -5.45 32.16 35.36
N SER B 688 -1.79 29.68 35.86
CA SER B 688 -1.82 28.22 35.98
C SER B 688 -2.97 27.64 35.17
N ILE B 689 -2.97 26.31 35.03
CA ILE B 689 -3.97 25.60 34.24
C ILE B 689 -4.81 24.76 35.19
N ILE B 690 -6.13 24.88 35.09
CA ILE B 690 -7.06 24.18 35.95
C ILE B 690 -8.00 23.35 35.11
N ALA B 691 -8.23 22.10 35.52
CA ALA B 691 -9.17 21.19 34.88
C ALA B 691 -10.37 21.02 35.79
N TYR B 692 -11.57 20.96 35.20
CA TYR B 692 -12.80 20.99 35.98
C TYR B 692 -13.89 20.26 35.23
N THR B 693 -14.99 20.00 35.93
CA THR B 693 -16.20 19.49 35.31
C THR B 693 -16.99 20.65 34.75
N MET B 694 -17.35 20.56 33.46
CA MET B 694 -18.05 21.66 32.80
C MET B 694 -19.42 21.89 33.43
N SER B 695 -19.80 23.16 33.50
CA SER B 695 -21.06 23.56 34.12
C SER B 695 -22.14 23.63 33.07
N LEU B 696 -23.26 22.96 33.32
CA LEU B 696 -24.31 22.87 32.30
C LEU B 696 -24.95 24.22 32.04
N GLY B 697 -25.23 24.97 33.09
CA GLY B 697 -25.85 26.27 32.96
C GLY B 697 -26.37 26.75 34.29
N ALA B 698 -26.92 27.95 34.27
CA ALA B 698 -27.49 28.54 35.47
C ALA B 698 -28.80 27.85 35.82
N GLU B 699 -28.86 27.26 37.00
CA GLU B 699 -30.07 26.59 37.44
C GLU B 699 -31.18 27.60 37.71
N ASN B 700 -32.40 27.24 37.35
CA ASN B 700 -33.54 28.13 37.54
C ASN B 700 -34.77 27.27 37.77
N SER B 701 -35.54 27.61 38.80
CA SER B 701 -36.80 26.92 39.10
C SER B 701 -37.95 27.89 38.92
N VAL B 702 -38.96 27.48 38.16
CA VAL B 702 -40.13 28.29 37.89
C VAL B 702 -41.29 27.78 38.72
N ALA B 703 -42.01 28.69 39.35
CA ALA B 703 -43.12 28.34 40.24
C ALA B 703 -44.37 28.09 39.40
N TYR B 704 -44.82 26.85 39.38
CA TYR B 704 -46.03 26.46 38.66
C TYR B 704 -47.15 26.19 39.63
N SER B 705 -48.30 26.80 39.40
CA SER B 705 -49.48 26.55 40.22
C SER B 705 -50.71 26.60 39.33
N ASN B 706 -51.71 25.81 39.70
CA ASN B 706 -52.91 25.61 38.88
C ASN B 706 -53.88 26.78 38.91
N ASN B 707 -53.50 27.94 39.47
CA ASN B 707 -54.36 29.10 39.36
C ASN B 707 -53.57 30.39 39.13
N SER B 708 -52.34 30.32 38.65
CA SER B 708 -51.50 31.50 38.47
C SER B 708 -50.91 31.51 37.06
N ILE B 709 -50.87 32.70 36.47
CA ILE B 709 -50.29 32.93 35.16
C ILE B 709 -49.33 34.11 35.27
N ALA B 710 -48.53 34.31 34.22
CA ALA B 710 -47.62 35.44 34.16
C ALA B 710 -47.70 36.08 32.78
N ILE B 711 -47.77 37.40 32.74
CA ILE B 711 -48.00 38.15 31.51
C ILE B 711 -46.89 39.19 31.38
N PRO B 712 -46.29 39.36 30.22
CA PRO B 712 -45.28 40.42 30.04
C PRO B 712 -45.93 41.79 30.02
N THR B 713 -45.13 42.81 30.35
CA THR B 713 -45.58 44.19 30.34
C THR B 713 -44.73 45.11 29.48
N ASN B 714 -43.63 44.61 28.92
CA ASN B 714 -42.78 45.43 28.07
C ASN B 714 -42.12 44.52 27.05
N PHE B 715 -41.47 45.13 26.06
CA PHE B 715 -40.85 44.36 24.99
C PHE B 715 -39.46 44.90 24.68
N THR B 716 -38.78 44.20 23.79
CA THR B 716 -37.45 44.58 23.35
C THR B 716 -37.25 44.10 21.92
N ILE B 717 -36.80 45.00 21.06
CA ILE B 717 -36.46 44.67 19.67
C ILE B 717 -35.00 44.25 19.65
N SER B 718 -34.74 43.02 19.25
CA SER B 718 -33.39 42.48 19.22
C SER B 718 -32.95 42.23 17.78
N VAL B 719 -31.64 42.28 17.56
CA VAL B 719 -31.06 42.01 16.25
C VAL B 719 -29.96 40.98 16.44
N THR B 720 -30.00 39.92 15.61
CA THR B 720 -29.03 38.84 15.69
C THR B 720 -28.41 38.63 14.32
N THR B 721 -27.23 38.03 14.31
CA THR B 721 -26.50 37.78 13.07
C THR B 721 -26.35 36.29 12.83
N GLU B 722 -26.42 35.90 11.56
CA GLU B 722 -26.21 34.51 11.16
C GLU B 722 -25.35 34.50 9.91
N ILE B 723 -24.23 33.78 9.96
CA ILE B 723 -23.26 33.75 8.88
C ILE B 723 -23.34 32.40 8.19
N LEU B 724 -23.46 32.41 6.86
CA LEU B 724 -23.58 31.17 6.11
C LEU B 724 -22.68 31.17 4.88
N PRO B 725 -21.78 30.20 4.74
CA PRO B 725 -21.02 30.08 3.52
C PRO B 725 -21.90 29.65 2.35
N VAL B 726 -21.52 30.07 1.15
CA VAL B 726 -22.30 29.83 -0.05
C VAL B 726 -21.49 29.09 -1.11
N SER B 727 -20.31 29.59 -1.44
CA SER B 727 -19.51 29.01 -2.51
C SER B 727 -18.06 28.91 -2.06
N MET B 728 -17.37 27.91 -2.60
CA MET B 728 -15.94 27.72 -2.38
C MET B 728 -15.17 28.25 -3.59
N THR B 729 -13.86 28.03 -3.58
CA THR B 729 -13.00 28.55 -4.63
C THR B 729 -12.88 27.53 -5.77
N LYS B 730 -13.13 27.99 -7.00
CA LYS B 730 -13.07 27.13 -8.17
C LYS B 730 -11.61 26.95 -8.58
N THR B 731 -11.16 25.70 -8.62
CA THR B 731 -9.78 25.38 -8.96
C THR B 731 -9.72 24.43 -10.15
N SER B 732 -8.57 24.43 -10.82
CA SER B 732 -8.32 23.55 -11.95
C SER B 732 -6.90 23.03 -11.87
N VAL B 733 -6.68 21.84 -12.43
CA VAL B 733 -5.41 21.14 -12.34
C VAL B 733 -4.97 20.72 -13.74
N ASP B 734 -3.67 20.87 -14.01
CA ASP B 734 -3.06 20.41 -15.25
C ASP B 734 -2.37 19.09 -14.94
N CYS B 735 -3.05 17.98 -15.24
CA CYS B 735 -2.56 16.65 -14.88
C CYS B 735 -1.24 16.34 -15.57
N THR B 736 -1.18 16.54 -16.89
CA THR B 736 -0.08 16.01 -17.67
C THR B 736 1.25 16.69 -17.34
N MET B 737 1.20 17.92 -16.82
CA MET B 737 2.42 18.60 -16.44
C MET B 737 2.68 18.52 -14.95
N TYR B 738 1.64 18.36 -14.13
CA TYR B 738 1.87 18.10 -12.71
C TYR B 738 2.54 16.75 -12.49
N ILE B 739 2.06 15.71 -13.19
CA ILE B 739 2.64 14.38 -13.00
C ILE B 739 4.04 14.31 -13.57
N CYS B 740 4.22 14.79 -14.79
CA CYS B 740 5.47 14.58 -15.53
C CYS B 740 6.37 15.80 -15.60
N GLY B 741 5.81 17.00 -15.71
CA GLY B 741 6.64 18.18 -15.89
C GLY B 741 7.00 18.37 -17.35
N ASP B 742 8.24 18.77 -17.59
CA ASP B 742 8.70 19.07 -18.94
C ASP B 742 9.25 17.86 -19.68
N SER B 743 9.32 16.70 -19.02
CA SER B 743 9.79 15.49 -19.68
C SER B 743 8.75 15.02 -20.69
N THR B 744 9.19 14.72 -21.91
CA THR B 744 8.27 14.29 -22.95
C THR B 744 8.07 12.78 -23.00
N GLU B 745 9.13 12.00 -22.77
CA GLU B 745 8.96 10.55 -22.73
C GLU B 745 8.18 10.12 -21.49
N CYS B 746 8.20 10.93 -20.43
CA CYS B 746 7.30 10.68 -19.31
C CYS B 746 5.84 10.76 -19.75
N SER B 747 5.51 11.77 -20.56
CA SER B 747 4.16 11.87 -21.10
C SER B 747 3.85 10.71 -22.03
N ASN B 748 4.83 10.31 -22.83
CA ASN B 748 4.63 9.17 -23.73
C ASN B 748 4.30 7.91 -22.94
N LEU B 749 5.00 7.68 -21.84
CA LEU B 749 4.70 6.54 -20.98
C LEU B 749 3.33 6.70 -20.32
N LEU B 750 3.01 7.93 -19.90
CA LEU B 750 1.73 8.18 -19.22
C LEU B 750 0.55 7.94 -20.15
N LEU B 751 0.74 8.13 -21.46
CA LEU B 751 -0.34 7.93 -22.41
C LEU B 751 -0.91 6.52 -22.36
N GLN B 752 -0.14 5.54 -21.87
CA GLN B 752 -0.61 4.17 -21.77
C GLN B 752 -1.52 3.92 -20.59
N TYR B 753 -1.45 4.79 -19.56
CA TYR B 753 -2.23 4.57 -18.32
C TYR B 753 -3.73 4.56 -18.63
N GLY B 754 -4.28 5.67 -19.13
CA GLY B 754 -5.72 5.75 -19.43
C GLY B 754 -6.22 7.18 -19.48
N SER B 755 -7.53 7.37 -19.34
CA SER B 755 -8.13 8.74 -19.44
C SER B 755 -8.38 9.29 -18.02
N PHE B 756 -7.70 8.74 -17.01
CA PHE B 756 -7.84 9.26 -15.63
C PHE B 756 -7.92 10.79 -15.68
N CYS B 757 -7.01 11.42 -16.44
CA CYS B 757 -6.97 12.87 -16.52
C CYS B 757 -8.30 13.44 -16.98
N THR B 758 -8.94 12.77 -17.94
CA THR B 758 -10.26 13.20 -18.40
C THR B 758 -11.26 13.18 -17.26
N GLN B 759 -11.23 12.11 -16.45
CA GLN B 759 -12.16 12.00 -15.34
C GLN B 759 -11.96 13.13 -14.33
N LEU B 760 -10.69 13.39 -13.97
CA LEU B 760 -10.41 14.46 -13.02
C LEU B 760 -10.84 15.81 -13.57
N LYS B 761 -10.55 16.07 -14.84
CA LYS B 761 -10.93 17.34 -15.45
C LYS B 761 -12.44 17.52 -15.46
N ARG B 762 -13.16 16.44 -15.79
CA ARG B 762 -14.62 16.50 -15.81
C ARG B 762 -15.18 16.78 -14.42
N ALA B 763 -14.65 16.11 -13.39
CA ALA B 763 -15.13 16.34 -12.03
C ALA B 763 -14.86 17.78 -11.59
N LEU B 764 -13.65 18.29 -11.89
CA LEU B 764 -13.33 19.65 -11.50
C LEU B 764 -14.21 20.66 -12.24
N THR B 765 -14.50 20.41 -13.51
CA THR B 765 -15.39 21.29 -14.26
C THR B 765 -16.80 21.27 -13.65
N GLY B 766 -17.27 20.09 -13.26
CA GLY B 766 -18.56 20.00 -12.62
C GLY B 766 -18.62 20.82 -11.34
N ILE B 767 -17.59 20.71 -10.50
CA ILE B 767 -17.55 21.49 -9.27
C ILE B 767 -17.52 22.99 -9.57
N ALA B 768 -16.70 23.38 -10.56
CA ALA B 768 -16.56 24.80 -10.88
C ALA B 768 -17.89 25.39 -11.34
N VAL B 769 -18.62 24.69 -12.20
CA VAL B 769 -19.92 25.22 -12.63
C VAL B 769 -20.94 25.14 -11.49
N GLU B 770 -20.81 24.14 -10.61
CA GLU B 770 -21.77 24.00 -9.53
C GLU B 770 -21.67 25.17 -8.56
N GLN B 771 -20.45 25.70 -8.36
CA GLN B 771 -20.29 26.86 -7.49
C GLN B 771 -21.07 28.07 -8.02
N ASP B 772 -20.94 28.34 -9.31
CA ASP B 772 -21.67 29.46 -9.91
C ASP B 772 -23.17 29.22 -9.84
N LYS B 773 -23.61 27.98 -10.05
CA LYS B 773 -25.02 27.66 -9.90
C LYS B 773 -25.49 27.95 -8.47
N ASN B 774 -24.66 27.63 -7.48
CA ASN B 774 -25.00 27.92 -6.09
C ASN B 774 -25.19 29.41 -5.87
N THR B 775 -24.23 30.22 -6.33
CA THR B 775 -24.33 31.65 -6.13
C THR B 775 -25.58 32.21 -6.81
N GLN B 776 -25.87 31.74 -8.03
CA GLN B 776 -27.06 32.18 -8.73
C GLN B 776 -28.32 31.83 -7.97
N GLU B 777 -28.39 30.62 -7.42
CA GLU B 777 -29.58 30.23 -6.66
C GLU B 777 -29.75 31.07 -5.41
N VAL B 778 -28.65 31.35 -4.70
CA VAL B 778 -28.77 32.10 -3.45
C VAL B 778 -29.20 33.54 -3.72
N PHE B 779 -28.56 34.21 -4.67
CA PHE B 779 -28.78 35.64 -4.80
C PHE B 779 -29.77 36.04 -5.88
N ALA B 780 -29.71 35.42 -7.05
CA ALA B 780 -30.57 35.82 -8.18
C ALA B 780 -31.98 35.29 -7.95
N GLN B 781 -32.73 36.02 -7.13
CA GLN B 781 -34.11 35.68 -6.84
C GLN B 781 -35.12 36.69 -7.36
N VAL B 782 -34.75 37.96 -7.49
CA VAL B 782 -35.65 39.00 -8.00
C VAL B 782 -35.13 39.45 -9.35
N LYS B 783 -36.01 39.47 -10.34
CA LYS B 783 -35.64 39.84 -11.70
C LYS B 783 -35.76 41.33 -11.97
N GLN B 784 -36.16 42.12 -10.98
CA GLN B 784 -36.28 43.56 -11.11
C GLN B 784 -35.39 44.21 -10.07
N ILE B 785 -34.55 45.15 -10.52
CA ILE B 785 -33.58 45.80 -9.66
C ILE B 785 -34.23 47.08 -9.11
N TYR B 786 -34.79 46.98 -7.91
CA TYR B 786 -35.43 48.13 -7.29
C TYR B 786 -34.38 49.12 -6.81
N LYS B 787 -34.84 50.35 -6.55
CA LYS B 787 -33.97 51.42 -6.07
C LYS B 787 -34.66 52.17 -4.95
N THR B 788 -33.90 52.51 -3.92
CA THR B 788 -34.45 53.24 -2.79
C THR B 788 -34.79 54.68 -3.21
N PRO B 789 -35.84 55.26 -2.62
CA PRO B 789 -36.16 56.65 -2.93
C PRO B 789 -35.07 57.58 -2.41
N PRO B 790 -34.88 58.74 -3.03
CA PRO B 790 -33.81 59.65 -2.58
C PRO B 790 -33.97 60.08 -1.13
N ILE B 791 -35.21 60.28 -0.66
CA ILE B 791 -35.43 60.65 0.73
C ILE B 791 -35.35 59.40 1.60
N LYS B 792 -34.69 59.52 2.74
CA LYS B 792 -34.42 58.39 3.62
C LYS B 792 -35.15 58.55 4.95
N TYR B 793 -36.41 58.97 4.90
CA TYR B 793 -37.23 59.11 6.10
C TYR B 793 -38.26 57.98 6.11
N PHE B 794 -38.24 57.19 7.17
CA PHE B 794 -39.14 56.05 7.32
C PHE B 794 -39.80 56.07 8.70
N GLY B 795 -40.28 57.23 9.11
CA GLY B 795 -40.92 57.36 10.41
C GLY B 795 -40.01 57.17 11.59
N GLY B 796 -38.76 57.59 11.48
CA GLY B 796 -37.81 57.53 12.57
C GLY B 796 -36.83 56.37 12.49
N PHE B 797 -37.12 55.34 11.71
CA PHE B 797 -36.19 54.24 11.56
C PHE B 797 -34.99 54.66 10.74
N ASN B 798 -33.81 54.21 11.15
CA ASN B 798 -32.55 54.61 10.54
C ASN B 798 -31.95 53.41 9.83
N PHE B 799 -31.69 53.57 8.52
CA PHE B 799 -31.18 52.47 7.69
C PHE B 799 -29.83 52.81 7.07
N SER B 800 -29.14 53.82 7.59
CA SER B 800 -27.88 54.24 6.97
C SER B 800 -26.80 53.18 7.09
N GLN B 801 -26.89 52.29 8.08
CA GLN B 801 -25.85 51.30 8.30
C GLN B 801 -25.91 50.13 7.32
N ILE B 802 -27.02 49.95 6.61
CA ILE B 802 -27.16 48.82 5.69
C ILE B 802 -27.38 49.25 4.25
N LEU B 803 -27.84 50.46 3.99
CA LEU B 803 -28.02 50.90 2.62
C LEU B 803 -26.67 51.26 2.00
N PRO B 804 -26.56 51.19 0.67
CA PRO B 804 -25.27 51.49 0.03
C PRO B 804 -24.84 52.93 0.25
N ASP B 805 -23.52 53.12 0.30
CA ASP B 805 -22.93 54.43 0.50
C ASP B 805 -22.35 54.93 -0.82
N PRO B 806 -22.87 56.03 -1.38
CA PRO B 806 -22.30 56.54 -2.64
C PRO B 806 -20.85 56.99 -2.52
N SER B 807 -20.39 57.30 -1.31
CA SER B 807 -19.03 57.79 -1.14
C SER B 807 -18.01 56.70 -1.51
N LYS B 808 -18.28 55.46 -1.12
CA LYS B 808 -17.36 54.38 -1.43
C LYS B 808 -17.31 54.15 -2.94
N PRO B 809 -16.12 53.95 -3.52
CA PRO B 809 -16.07 53.63 -4.95
C PRO B 809 -16.77 52.34 -5.31
N SER B 810 -16.76 51.35 -4.41
CA SER B 810 -17.40 50.07 -4.67
C SER B 810 -18.89 50.06 -4.36
N LYS B 811 -19.41 51.15 -3.77
CA LYS B 811 -20.82 51.27 -3.43
C LYS B 811 -21.27 50.12 -2.51
N ARG B 812 -20.68 50.08 -1.33
CA ARG B 812 -20.96 49.04 -0.35
C ARG B 812 -21.43 49.67 0.96
N SER B 813 -22.30 48.94 1.67
CA SER B 813 -22.74 49.39 2.98
C SER B 813 -21.58 49.34 3.97
N PRO B 814 -21.59 50.21 4.98
CA PRO B 814 -20.51 50.16 5.99
C PRO B 814 -20.36 48.81 6.65
N ILE B 815 -21.47 48.13 6.95
CA ILE B 815 -21.38 46.78 7.50
C ILE B 815 -20.77 45.83 6.47
N GLU B 816 -21.19 45.96 5.20
CA GLU B 816 -20.61 45.13 4.16
C GLU B 816 -19.12 45.40 4.00
N ASP B 817 -18.71 46.67 4.08
CA ASP B 817 -17.29 47.00 3.99
C ASP B 817 -16.52 46.40 5.15
N LEU B 818 -17.07 46.47 6.36
CA LEU B 818 -16.41 45.88 7.52
C LEU B 818 -16.28 44.36 7.36
N LEU B 819 -17.33 43.71 6.87
CA LEU B 819 -17.26 42.27 6.63
C LEU B 819 -16.21 41.95 5.57
N PHE B 820 -16.13 42.76 4.52
CA PHE B 820 -15.14 42.54 3.48
C PHE B 820 -13.73 42.68 4.05
N ASN B 821 -13.52 43.65 4.93
CA ASN B 821 -12.20 43.84 5.54
C ASN B 821 -11.84 42.70 6.49
N LYS B 822 -12.81 42.18 7.24
CA LYS B 822 -12.54 41.20 8.27
C LYS B 822 -12.13 39.83 7.74
N VAL B 823 -12.28 39.58 6.44
CA VAL B 823 -11.94 38.30 5.84
C VAL B 823 -10.82 38.52 4.82
N THR B 824 -9.74 37.75 4.96
CA THR B 824 -8.61 37.85 4.04
C THR B 824 -8.95 37.24 2.69
N ALA B 849 2.15 31.30 -3.49
CA ALA B 849 0.96 31.59 -4.29
C ALA B 849 1.30 31.59 -5.77
N GLN B 850 2.53 31.18 -6.09
CA GLN B 850 3.00 31.09 -7.46
C GLN B 850 3.24 29.61 -7.75
N LYS B 851 2.27 28.98 -8.42
CA LYS B 851 2.29 27.54 -8.68
C LYS B 851 2.53 27.31 -10.16
N PHE B 852 3.74 26.87 -10.50
CA PHE B 852 4.06 26.42 -11.84
C PHE B 852 3.73 24.95 -12.06
N LYS B 853 3.22 24.27 -11.03
CA LYS B 853 2.98 22.83 -11.14
C LYS B 853 1.75 22.51 -11.99
N GLY B 854 0.86 23.48 -12.19
CA GLY B 854 -0.33 23.24 -13.00
C GLY B 854 -1.62 23.42 -12.23
N LEU B 855 -1.55 24.13 -11.11
CA LEU B 855 -2.72 24.40 -10.28
C LEU B 855 -3.13 25.85 -10.48
N THR B 856 -4.38 26.07 -10.91
CA THR B 856 -4.88 27.41 -11.19
C THR B 856 -6.20 27.62 -10.48
N VAL B 857 -6.56 28.88 -10.29
CA VAL B 857 -7.81 29.28 -9.67
C VAL B 857 -8.62 30.07 -10.69
N LEU B 858 -9.83 29.60 -10.98
CA LEU B 858 -10.65 30.33 -11.95
C LEU B 858 -11.47 31.39 -11.24
N PRO B 859 -11.59 32.59 -11.83
CA PRO B 859 -12.39 33.63 -11.19
C PRO B 859 -13.87 33.30 -11.25
N PRO B 860 -14.66 33.76 -10.29
CA PRO B 860 -16.09 33.47 -10.32
C PRO B 860 -16.80 34.29 -11.38
N LEU B 861 -17.97 33.80 -11.79
CA LEU B 861 -18.75 34.49 -12.81
C LEU B 861 -19.33 35.79 -12.28
N LEU B 862 -19.84 35.77 -11.05
CA LEU B 862 -20.48 36.94 -10.45
C LEU B 862 -19.44 37.77 -9.72
N THR B 863 -19.23 39.00 -10.15
CA THR B 863 -18.34 39.90 -9.43
C THR B 863 -19.01 40.35 -8.14
N ASP B 864 -18.18 40.83 -7.20
CA ASP B 864 -18.69 41.28 -5.91
C ASP B 864 -19.67 42.44 -6.06
N GLU B 865 -19.44 43.32 -7.03
CA GLU B 865 -20.31 44.46 -7.20
C GLU B 865 -21.72 44.03 -7.58
N MET B 866 -21.83 42.99 -8.41
CA MET B 866 -23.16 42.49 -8.78
C MET B 866 -23.87 41.88 -7.59
N ILE B 867 -23.13 41.19 -6.71
CA ILE B 867 -23.73 40.65 -5.50
C ILE B 867 -24.23 41.78 -4.60
N ALA B 868 -23.42 42.84 -4.47
CA ALA B 868 -23.85 44.01 -3.70
C ALA B 868 -25.09 44.65 -4.33
N GLN B 869 -25.17 44.65 -5.66
CA GLN B 869 -26.33 45.18 -6.34
C GLN B 869 -27.59 44.37 -6.02
N TYR B 870 -27.48 43.04 -6.05
CA TYR B 870 -28.60 42.21 -5.65
C TYR B 870 -29.01 42.47 -4.21
N THR B 871 -28.04 42.59 -3.30
CA THR B 871 -28.39 42.84 -1.90
C THR B 871 -29.10 44.18 -1.74
N SER B 872 -28.62 45.22 -2.43
CA SER B 872 -29.26 46.52 -2.35
C SER B 872 -30.67 46.47 -2.93
N ALA B 873 -30.86 45.76 -4.03
CA ALA B 873 -32.19 45.62 -4.61
C ALA B 873 -33.13 44.92 -3.65
N LEU B 874 -32.66 43.85 -3.01
CA LEU B 874 -33.50 43.13 -2.05
C LEU B 874 -33.85 44.01 -0.86
N LEU B 875 -32.88 44.80 -0.38
CA LEU B 875 -33.15 45.69 0.74
C LEU B 875 -34.20 46.74 0.36
N ALA B 876 -34.06 47.33 -0.82
CA ALA B 876 -35.03 48.33 -1.26
C ALA B 876 -36.42 47.71 -1.41
N GLY B 877 -36.49 46.51 -1.99
CA GLY B 877 -37.78 45.86 -2.15
C GLY B 877 -38.44 45.53 -0.83
N THR B 878 -37.66 45.04 0.14
CA THR B 878 -38.23 44.69 1.44
C THR B 878 -38.52 45.91 2.29
N ILE B 879 -37.91 47.05 1.99
CA ILE B 879 -38.21 48.27 2.74
C ILE B 879 -39.45 48.96 2.19
N THR B 880 -39.57 49.07 0.87
CA THR B 880 -40.65 49.85 0.27
C THR B 880 -41.90 49.03 -0.04
N SER B 881 -41.80 47.71 -0.10
CA SER B 881 -42.92 46.88 -0.51
C SER B 881 -43.29 45.78 0.46
N GLY B 882 -42.62 45.68 1.60
CA GLY B 882 -42.91 44.59 2.52
C GLY B 882 -42.54 43.26 1.91
N TRP B 883 -43.49 42.33 1.94
CA TRP B 883 -43.30 41.01 1.34
C TRP B 883 -44.07 40.85 0.04
N THR B 884 -44.74 41.90 -0.43
CA THR B 884 -45.58 41.78 -1.62
C THR B 884 -44.75 41.51 -2.86
N PHE B 885 -43.56 42.10 -2.95
CA PHE B 885 -42.74 41.94 -4.15
C PHE B 885 -42.20 40.53 -4.32
N GLY B 886 -42.31 39.68 -3.31
CA GLY B 886 -41.90 38.30 -3.44
C GLY B 886 -42.95 37.37 -4.00
N ALA B 887 -44.15 37.89 -4.29
CA ALA B 887 -45.23 37.05 -4.81
C ALA B 887 -45.98 37.71 -5.95
N GLY B 888 -45.37 38.68 -6.63
CA GLY B 888 -46.03 39.38 -7.71
C GLY B 888 -45.47 40.79 -7.87
N PRO B 889 -46.28 41.70 -8.39
CA PRO B 889 -45.85 43.08 -8.53
C PRO B 889 -45.64 43.73 -7.16
N ALA B 890 -44.67 44.64 -7.11
CA ALA B 890 -44.37 45.32 -5.85
C ALA B 890 -45.41 46.40 -5.58
N LEU B 891 -45.94 46.40 -4.35
CA LEU B 891 -46.95 47.37 -3.93
C LEU B 891 -46.37 48.16 -2.77
N GLN B 892 -46.31 49.48 -2.92
CA GLN B 892 -45.71 50.32 -1.90
C GLN B 892 -46.63 50.44 -0.69
N ILE B 893 -46.03 50.52 0.49
CA ILE B 893 -46.74 50.63 1.76
C ILE B 893 -45.89 51.43 2.73
N PRO B 894 -46.46 52.38 3.48
CA PRO B 894 -45.68 53.09 4.48
C PRO B 894 -45.11 52.14 5.53
N PHE B 895 -43.87 52.40 5.93
CA PHE B 895 -43.15 51.48 6.80
C PHE B 895 -43.84 51.26 8.15
N PRO B 896 -44.34 52.28 8.86
CA PRO B 896 -45.04 51.99 10.12
C PRO B 896 -46.21 51.04 9.96
N MET B 897 -46.96 51.14 8.87
CA MET B 897 -48.03 50.19 8.64
C MET B 897 -47.50 48.78 8.36
N GLN B 898 -46.34 48.67 7.71
CA GLN B 898 -45.73 47.36 7.54
C GLN B 898 -45.36 46.75 8.90
N MET B 899 -44.80 47.57 9.79
CA MET B 899 -44.50 47.07 11.13
C MET B 899 -45.76 46.71 11.90
N ALA B 900 -46.84 47.47 11.69
CA ALA B 900 -48.11 47.12 12.33
C ALA B 900 -48.61 45.77 11.83
N TYR B 901 -48.51 45.54 10.52
CA TYR B 901 -48.89 44.24 9.97
C TYR B 901 -48.04 43.12 10.56
N ARG B 902 -46.73 43.37 10.69
CA ARG B 902 -45.85 42.33 11.22
C ARG B 902 -46.17 42.02 12.68
N PHE B 903 -46.46 43.05 13.49
CA PHE B 903 -46.90 42.79 14.85
C PHE B 903 -48.22 42.02 14.87
N ASN B 904 -49.16 42.39 14.00
CA ASN B 904 -50.41 41.64 13.93
C ASN B 904 -50.17 40.20 13.54
N GLY B 905 -49.05 39.93 12.85
CA GLY B 905 -48.73 38.57 12.47
C GLY B 905 -48.38 37.70 13.67
N ILE B 906 -47.69 38.28 14.66
CA ILE B 906 -47.20 37.50 15.80
C ILE B 906 -48.19 37.59 16.97
N GLY B 907 -49.41 38.01 16.68
CA GLY B 907 -50.44 38.02 17.69
C GLY B 907 -50.46 39.20 18.62
N VAL B 908 -49.96 40.36 18.20
CA VAL B 908 -50.00 41.58 18.99
C VAL B 908 -50.72 42.65 18.16
N THR B 909 -51.66 43.34 18.78
CA THR B 909 -52.50 44.30 18.07
C THR B 909 -51.67 45.50 17.59
N GLN B 910 -52.27 46.27 16.68
CA GLN B 910 -51.57 47.35 16.01
C GLN B 910 -51.36 48.56 16.93
N ASN B 911 -52.33 48.84 17.81
CA ASN B 911 -52.22 50.00 18.68
C ASN B 911 -50.99 49.91 19.57
N VAL B 912 -50.52 48.70 19.86
CA VAL B 912 -49.30 48.54 20.64
C VAL B 912 -48.12 49.21 19.95
N LEU B 913 -48.01 49.01 18.63
CA LEU B 913 -46.98 49.72 17.87
C LEU B 913 -47.30 51.20 17.77
N TYR B 914 -48.54 51.53 17.41
CA TYR B 914 -48.87 52.91 17.10
C TYR B 914 -48.74 53.83 18.31
N GLU B 915 -48.81 53.30 19.52
CA GLU B 915 -48.63 54.11 20.71
C GLU B 915 -47.20 54.09 21.24
N ASN B 916 -46.32 53.28 20.66
CA ASN B 916 -44.94 53.12 21.11
C ASN B 916 -43.99 53.16 19.92
N GLN B 917 -44.14 54.17 19.06
CA GLN B 917 -43.41 54.17 17.80
C GLN B 917 -41.97 54.62 17.99
N LYS B 918 -41.77 55.82 18.54
CA LYS B 918 -40.42 56.38 18.60
C LYS B 918 -39.52 55.57 19.54
N LEU B 919 -40.10 54.98 20.58
CA LEU B 919 -39.32 54.10 21.44
C LEU B 919 -38.81 52.89 20.65
N ILE B 920 -39.66 52.32 19.81
CA ILE B 920 -39.25 51.19 18.97
C ILE B 920 -38.16 51.63 17.99
N ALA B 921 -38.31 52.83 17.42
CA ALA B 921 -37.29 53.32 16.50
C ALA B 921 -35.94 53.48 17.21
N ASN B 922 -35.96 54.03 18.42
CA ASN B 922 -34.72 54.18 19.19
C ASN B 922 -34.10 52.82 19.50
N GLN B 923 -34.93 51.85 19.91
CA GLN B 923 -34.41 50.53 20.19
C GLN B 923 -33.80 49.90 18.95
N PHE B 924 -34.45 50.05 17.80
CA PHE B 924 -33.94 49.48 16.56
C PHE B 924 -32.61 50.10 16.17
N ASN B 925 -32.49 51.43 16.25
CA ASN B 925 -31.24 52.09 15.91
C ASN B 925 -30.13 51.67 16.87
N SER B 926 -30.43 51.61 18.17
CA SER B 926 -29.42 51.19 19.14
C SER B 926 -28.98 49.76 18.89
N ALA B 927 -29.92 48.88 18.54
CA ALA B 927 -29.56 47.50 18.23
C ALA B 927 -28.66 47.41 17.02
N ILE B 928 -28.96 48.20 15.97
CA ILE B 928 -28.10 48.18 14.80
C ILE B 928 -26.69 48.66 15.15
N GLY B 929 -26.60 49.74 15.92
CA GLY B 929 -25.29 50.22 16.34
C GLY B 929 -24.53 49.19 17.15
N LYS B 930 -25.22 48.51 18.07
CA LYS B 930 -24.58 47.46 18.86
C LYS B 930 -24.08 46.33 17.97
N ILE B 931 -24.87 45.93 16.97
CA ILE B 931 -24.42 44.89 16.05
C ILE B 931 -23.16 45.33 15.32
N GLN B 932 -23.15 46.57 14.82
CA GLN B 932 -21.97 47.06 14.11
C GLN B 932 -20.74 47.02 15.01
N ASP B 933 -20.85 47.55 16.22
CA ASP B 933 -19.70 47.63 17.11
C ASP B 933 -19.23 46.24 17.54
N SER B 934 -20.17 45.36 17.91
CA SER B 934 -19.80 44.01 18.33
C SER B 934 -19.16 43.22 17.19
N LEU B 935 -19.70 43.36 15.98
CA LEU B 935 -19.11 42.69 14.83
C LEU B 935 -17.71 43.21 14.56
N SER B 936 -17.49 44.52 14.74
CA SER B 936 -16.16 45.08 14.58
C SER B 936 -15.19 44.53 15.62
N SER B 937 -15.64 44.42 16.87
CA SER B 937 -14.75 44.12 17.99
C SER B 937 -14.47 42.65 18.19
N THR B 938 -15.21 41.75 17.54
CA THR B 938 -15.04 40.32 17.72
C THR B 938 -14.43 39.71 16.47
N PRO B 939 -13.20 39.18 16.54
CA PRO B 939 -12.58 38.64 15.31
C PRO B 939 -13.01 37.22 14.97
N SER B 940 -13.50 36.44 15.92
CA SER B 940 -13.86 35.05 15.69
C SER B 940 -15.29 34.88 15.20
N ALA B 941 -16.02 35.98 15.01
CA ALA B 941 -17.40 35.87 14.52
C ALA B 941 -17.45 35.29 13.11
N LEU B 942 -16.51 35.68 12.25
CA LEU B 942 -16.48 35.27 10.85
C LEU B 942 -15.55 34.09 10.62
N GLY B 943 -15.41 33.21 11.61
CA GLY B 943 -14.54 32.05 11.44
C GLY B 943 -14.97 31.15 10.31
N LYS B 944 -16.26 30.81 10.25
CA LYS B 944 -16.77 29.84 9.28
C LYS B 944 -16.26 30.13 7.88
N LEU B 945 -16.63 31.30 7.33
CA LEU B 945 -16.14 31.68 6.01
C LEU B 945 -14.63 31.59 5.94
N GLN B 946 -13.94 32.22 6.91
CA GLN B 946 -12.49 32.14 6.94
C GLN B 946 -12.03 30.69 6.89
N ASP B 947 -12.64 29.85 7.74
CA ASP B 947 -12.27 28.44 7.77
C ASP B 947 -12.30 27.84 6.37
N VAL B 948 -13.39 28.11 5.63
CA VAL B 948 -13.51 27.58 4.27
C VAL B 948 -12.23 27.84 3.49
N VAL B 949 -11.84 29.11 3.40
CA VAL B 949 -10.67 29.47 2.59
C VAL B 949 -9.47 28.65 3.05
N ASN B 950 -9.25 28.63 4.37
CA ASN B 950 -8.08 27.93 4.90
C ASN B 950 -8.01 26.52 4.35
N HIS B 951 -9.13 25.78 4.46
CA HIS B 951 -9.16 24.41 3.97
C HIS B 951 -8.56 24.32 2.57
N ASN B 952 -9.17 25.05 1.63
CA ASN B 952 -8.70 24.94 0.25
C ASN B 952 -7.22 25.24 0.17
N ALA B 953 -6.80 26.37 0.75
CA ALA B 953 -5.38 26.72 0.70
C ALA B 953 -4.54 25.58 1.22
N GLN B 954 -4.85 25.10 2.43
CA GLN B 954 -4.06 24.02 3.01
C GLN B 954 -4.03 22.83 2.08
N ALA B 955 -5.20 22.44 1.56
CA ALA B 955 -5.26 21.30 0.65
C ALA B 955 -4.28 21.49 -0.49
N LEU B 956 -4.33 22.64 -1.15
CA LEU B 956 -3.44 22.86 -2.29
C LEU B 956 -2.00 22.73 -1.86
N ASN B 957 -1.65 23.34 -0.72
CA ASN B 957 -0.28 23.25 -0.24
C ASN B 957 0.13 21.80 -0.09
N THR B 958 -0.73 20.98 0.53
CA THR B 958 -0.39 19.59 0.73
C THR B 958 -0.05 18.92 -0.59
N LEU B 959 -0.84 19.19 -1.63
CA LEU B 959 -0.60 18.56 -2.91
C LEU B 959 0.79 18.89 -3.43
N VAL B 960 1.20 20.15 -3.28
CA VAL B 960 2.53 20.55 -3.74
C VAL B 960 3.59 19.75 -3.01
N LYS B 961 3.41 19.58 -1.69
CA LYS B 961 4.39 18.84 -0.91
C LYS B 961 4.53 17.40 -1.40
N GLN B 962 3.47 16.85 -1.98
CA GLN B 962 3.53 15.47 -2.46
C GLN B 962 4.51 15.30 -3.61
N LEU B 963 4.95 16.40 -4.21
CA LEU B 963 5.95 16.29 -5.27
C LEU B 963 7.36 16.08 -4.72
N SER B 964 7.54 16.21 -3.41
CA SER B 964 8.86 16.07 -2.79
C SER B 964 9.09 14.70 -2.19
N SER B 965 8.24 13.73 -2.49
CA SER B 965 8.34 12.39 -1.92
C SER B 965 8.83 11.41 -2.99
N LYS B 966 9.78 10.55 -2.60
CA LYS B 966 10.38 9.60 -3.52
C LYS B 966 9.48 8.42 -3.85
N PHE B 967 8.53 8.10 -2.97
CA PHE B 967 7.60 6.97 -3.16
C PHE B 967 8.35 5.66 -3.39
N GLY B 968 9.48 5.47 -2.70
CA GLY B 968 10.23 4.25 -2.82
C GLY B 968 11.17 4.17 -4.01
N ALA B 969 11.18 5.19 -4.87
CA ALA B 969 12.09 5.20 -6.00
C ALA B 969 13.46 5.72 -5.55
N ILE B 970 14.45 5.52 -6.42
CA ILE B 970 15.81 5.96 -6.09
C ILE B 970 15.95 7.47 -6.10
N SER B 971 15.06 8.19 -6.77
CA SER B 971 15.09 9.64 -6.77
C SER B 971 13.70 10.17 -7.09
N SER B 972 13.48 11.45 -6.80
CA SER B 972 12.20 12.10 -6.99
C SER B 972 12.21 13.10 -8.15
N VAL B 973 13.20 13.02 -9.03
CA VAL B 973 13.30 13.91 -10.18
C VAL B 973 13.28 13.07 -11.45
N LEU B 974 12.38 13.43 -12.38
CA LEU B 974 12.17 12.62 -13.56
C LEU B 974 13.39 12.61 -14.45
N ASN B 975 13.93 13.79 -14.77
CA ASN B 975 15.11 13.87 -15.61
C ASN B 975 16.31 13.22 -14.94
N ASP B 976 16.37 13.27 -13.62
CA ASP B 976 17.45 12.59 -12.90
C ASP B 976 17.42 11.09 -13.18
N ILE B 977 16.24 10.48 -13.12
CA ILE B 977 16.12 9.06 -13.43
C ILE B 977 16.46 8.79 -14.89
N PHE B 978 15.99 9.65 -15.80
CA PHE B 978 16.24 9.42 -17.21
C PHE B 978 17.73 9.59 -17.54
N SER B 979 18.46 10.35 -16.73
CA SER B 979 19.87 10.57 -16.99
C SER B 979 20.78 9.56 -16.29
N ARG B 980 20.37 9.02 -15.13
CA ARG B 980 21.24 8.11 -14.39
C ARG B 980 21.03 6.64 -14.73
N LEU B 981 19.93 6.28 -15.39
CA LEU B 981 19.60 4.88 -15.62
C LEU B 981 19.26 4.65 -17.09
N ASP B 982 19.60 3.45 -17.56
CA ASP B 982 19.11 2.97 -18.85
C ASP B 982 17.63 2.60 -18.71
N PRO B 983 16.92 2.51 -19.83
CA PRO B 983 15.47 2.26 -19.76
C PRO B 983 15.10 1.06 -18.89
N PRO B 984 15.63 -0.14 -19.17
CA PRO B 984 14.98 -1.38 -18.66
C PRO B 984 14.47 -1.32 -17.22
N GLU B 985 15.16 -0.62 -16.33
CA GLU B 985 14.65 -0.35 -14.99
C GLU B 985 14.16 1.08 -14.81
N ALA B 986 14.49 1.97 -15.74
CA ALA B 986 13.88 3.29 -15.74
C ALA B 986 12.37 3.21 -15.88
N GLU B 987 11.85 2.25 -16.67
CA GLU B 987 10.39 2.12 -16.71
C GLU B 987 9.83 1.78 -15.33
N VAL B 988 10.49 0.90 -14.60
CA VAL B 988 10.00 0.53 -13.27
C VAL B 988 10.00 1.74 -12.34
N GLN B 989 11.11 2.47 -12.29
CA GLN B 989 11.19 3.64 -11.42
C GLN B 989 10.14 4.67 -11.79
N ILE B 990 10.02 4.97 -13.08
CA ILE B 990 9.08 5.98 -13.53
C ILE B 990 7.65 5.55 -13.25
N ASP B 991 7.36 4.25 -13.41
CA ASP B 991 6.03 3.73 -13.12
C ASP B 991 5.69 3.92 -11.64
N ARG B 992 6.64 3.63 -10.75
CA ARG B 992 6.39 3.83 -9.33
C ARG B 992 6.07 5.29 -9.02
N LEU B 993 6.90 6.20 -9.55
CA LEU B 993 6.67 7.63 -9.28
C LEU B 993 5.32 8.08 -9.84
N ILE B 994 5.00 7.67 -11.06
CA ILE B 994 3.77 8.11 -11.71
C ILE B 994 2.56 7.61 -10.96
N THR B 995 2.56 6.32 -10.57
CA THR B 995 1.39 5.80 -9.86
C THR B 995 1.22 6.47 -8.50
N GLY B 996 2.33 6.77 -7.81
CA GLY B 996 2.20 7.49 -6.55
C GLY B 996 1.57 8.86 -6.72
N ARG B 997 2.06 9.63 -7.69
CA ARG B 997 1.52 10.97 -7.90
C ARG B 997 0.06 10.91 -8.36
N LEU B 998 -0.28 9.93 -9.20
CA LEU B 998 -1.65 9.79 -9.66
C LEU B 998 -2.59 9.49 -8.50
N GLN B 999 -2.15 8.61 -7.58
CA GLN B 999 -2.97 8.31 -6.41
C GLN B 999 -3.17 9.56 -5.55
N SER B 1000 -2.11 10.36 -5.38
CA SER B 1000 -2.24 11.60 -4.61
C SER B 1000 -3.28 12.53 -5.25
N LEU B 1001 -3.22 12.67 -6.58
CA LEU B 1001 -4.19 13.52 -7.28
C LEU B 1001 -5.61 12.99 -7.10
N GLN B 1002 -5.77 11.67 -7.19
CA GLN B 1002 -7.11 11.08 -6.98
C GLN B 1002 -7.60 11.53 -5.61
N THR B 1003 -6.81 11.29 -4.57
CA THR B 1003 -7.25 11.62 -3.22
C THR B 1003 -7.68 13.08 -3.12
N TYR B 1004 -6.87 13.98 -3.69
CA TYR B 1004 -7.23 15.39 -3.63
C TYR B 1004 -8.58 15.63 -4.28
N VAL B 1005 -8.83 15.00 -5.42
CA VAL B 1005 -10.12 15.15 -6.11
C VAL B 1005 -11.25 14.64 -5.23
N THR B 1006 -11.06 13.51 -4.56
CA THR B 1006 -12.15 12.94 -3.77
C THR B 1006 -12.55 13.85 -2.62
N GLN B 1007 -11.57 14.32 -1.83
CA GLN B 1007 -11.92 15.27 -0.78
C GLN B 1007 -12.48 16.58 -1.32
N GLN B 1008 -12.04 17.02 -2.50
CA GLN B 1008 -12.66 18.21 -3.09
C GLN B 1008 -14.14 17.96 -3.37
N LEU B 1009 -14.47 16.78 -3.91
CA LEU B 1009 -15.88 16.47 -4.19
C LEU B 1009 -16.70 16.45 -2.90
N ILE B 1010 -16.17 15.85 -1.85
CA ILE B 1010 -16.92 15.77 -0.59
C ILE B 1010 -17.18 17.16 -0.03
N ARG B 1011 -16.14 18.01 -0.01
CA ARG B 1011 -16.34 19.37 0.49
C ARG B 1011 -17.31 20.16 -0.39
N ALA B 1012 -17.29 19.92 -1.70
CA ALA B 1012 -18.25 20.59 -2.58
C ALA B 1012 -19.67 20.17 -2.24
N ALA B 1013 -19.89 18.89 -1.94
CA ALA B 1013 -21.24 18.46 -1.56
C ALA B 1013 -21.68 19.12 -0.26
N GLU B 1014 -20.78 19.22 0.72
CA GLU B 1014 -21.14 19.89 1.97
C GLU B 1014 -21.49 21.35 1.73
N ILE B 1015 -20.71 22.03 0.88
CA ILE B 1015 -20.99 23.43 0.56
C ILE B 1015 -22.33 23.55 -0.15
N ARG B 1016 -22.68 22.57 -0.99
CA ARG B 1016 -24.00 22.57 -1.61
C ARG B 1016 -25.11 22.50 -0.57
N ALA B 1017 -24.95 21.64 0.44
CA ALA B 1017 -25.97 21.57 1.49
C ALA B 1017 -26.11 22.91 2.19
N SER B 1018 -24.98 23.53 2.54
CA SER B 1018 -25.02 24.83 3.21
C SER B 1018 -25.67 25.89 2.34
N ALA B 1019 -25.35 25.90 1.05
CA ALA B 1019 -25.92 26.90 0.14
C ALA B 1019 -27.42 26.72 -0.02
N ASN B 1020 -27.90 25.47 -0.08
CA ASN B 1020 -29.33 25.24 -0.14
C ASN B 1020 -30.03 25.74 1.12
N LEU B 1021 -29.43 25.51 2.29
CA LEU B 1021 -30.00 26.05 3.51
C LEU B 1021 -30.05 27.57 3.47
N ALA B 1022 -28.97 28.20 2.99
CA ALA B 1022 -28.96 29.66 2.90
C ALA B 1022 -30.03 30.16 1.93
N ALA B 1023 -30.24 29.47 0.81
CA ALA B 1023 -31.27 29.87 -0.13
C ALA B 1023 -32.65 29.77 0.50
N THR B 1024 -32.90 28.71 1.26
CA THR B 1024 -34.18 28.60 1.95
C THR B 1024 -34.38 29.74 2.95
N LYS B 1025 -33.33 30.07 3.71
CA LYS B 1025 -33.42 31.17 4.65
C LYS B 1025 -33.71 32.49 3.94
N MET B 1026 -33.04 32.73 2.81
CA MET B 1026 -33.29 33.95 2.05
C MET B 1026 -34.73 33.99 1.52
N SER B 1027 -35.24 32.85 1.06
CA SER B 1027 -36.59 32.82 0.52
C SER B 1027 -37.64 33.07 1.60
N GLU B 1028 -37.42 32.53 2.81
CA GLU B 1028 -38.45 32.60 3.84
C GLU B 1028 -38.29 33.78 4.79
N CYS B 1029 -37.15 33.93 5.46
CA CYS B 1029 -37.00 35.01 6.43
C CYS B 1029 -37.01 36.39 5.81
N VAL B 1030 -36.45 36.55 4.61
CA VAL B 1030 -36.31 37.87 4.00
C VAL B 1030 -37.56 38.27 3.23
N LEU B 1031 -37.98 37.45 2.27
CA LEU B 1031 -39.11 37.76 1.41
C LEU B 1031 -40.45 37.55 2.10
N GLY B 1032 -40.46 37.37 3.42
CA GLY B 1032 -41.70 37.18 4.14
C GLY B 1032 -41.44 37.02 5.62
N GLN B 1033 -42.52 36.76 6.35
CA GLN B 1033 -42.44 36.54 7.79
C GLN B 1033 -42.64 35.06 8.07
N SER B 1034 -41.77 34.49 8.89
CA SER B 1034 -41.75 33.07 9.16
C SER B 1034 -42.31 32.78 10.54
N LYS B 1035 -43.21 31.81 10.61
CA LYS B 1035 -43.80 31.38 11.87
C LYS B 1035 -43.04 30.23 12.52
N ARG B 1036 -42.01 29.71 11.86
CA ARG B 1036 -41.24 28.61 12.43
C ARG B 1036 -40.35 29.12 13.56
N VAL B 1037 -40.32 28.38 14.66
CA VAL B 1037 -39.58 28.82 15.84
C VAL B 1037 -38.09 28.64 15.61
N ASP B 1038 -37.32 29.67 15.93
CA ASP B 1038 -35.86 29.67 15.90
C ASP B 1038 -35.28 29.45 14.50
N PHE B 1039 -36.11 29.47 13.46
CA PHE B 1039 -35.58 29.34 12.11
C PHE B 1039 -34.95 30.63 11.62
N CYS B 1040 -35.47 31.77 12.05
CA CYS B 1040 -35.00 33.08 11.60
C CYS B 1040 -34.60 33.94 12.80
N GLY B 1041 -33.86 33.34 13.71
CA GLY B 1041 -33.38 34.04 14.89
C GLY B 1041 -34.21 33.71 16.12
N LYS B 1042 -33.56 33.83 17.28
CA LYS B 1042 -34.19 33.53 18.55
C LYS B 1042 -35.28 34.56 18.87
N GLY B 1043 -36.42 34.08 19.35
CA GLY B 1043 -37.53 34.95 19.66
C GLY B 1043 -38.56 34.98 18.57
N TYR B 1044 -39.58 35.81 18.78
CA TYR B 1044 -40.62 36.00 17.77
C TYR B 1044 -40.05 36.80 16.61
N HIS B 1045 -40.09 36.22 15.42
CA HIS B 1045 -39.43 36.83 14.27
C HIS B 1045 -40.27 37.99 13.73
N LEU B 1046 -39.59 39.08 13.36
CA LEU B 1046 -40.23 40.24 12.77
C LEU B 1046 -39.83 40.43 11.31
N MET B 1047 -38.53 40.51 11.03
CA MET B 1047 -38.05 40.69 9.67
C MET B 1047 -36.57 40.35 9.62
N SER B 1048 -35.95 40.52 8.45
CA SER B 1048 -34.53 40.24 8.32
C SER B 1048 -33.98 41.02 7.13
N PHE B 1049 -32.66 41.17 7.12
CA PHE B 1049 -31.95 41.88 6.07
C PHE B 1049 -30.71 41.09 5.66
N PRO B 1050 -30.45 40.98 4.36
CA PRO B 1050 -29.25 40.27 3.90
C PRO B 1050 -28.07 41.20 3.66
N GLN B 1051 -26.88 40.63 3.79
CA GLN B 1051 -25.63 41.32 3.46
C GLN B 1051 -24.68 40.31 2.82
N SER B 1052 -23.85 40.82 1.90
CA SER B 1052 -22.88 39.97 1.23
C SER B 1052 -21.62 39.84 2.05
N ALA B 1053 -20.83 38.82 1.74
CA ALA B 1053 -19.53 38.62 2.37
C ALA B 1053 -18.71 37.71 1.49
N PRO B 1054 -17.37 37.76 1.59
CA PRO B 1054 -16.54 36.87 0.77
C PRO B 1054 -16.94 35.41 0.91
N HIS B 1055 -17.46 34.84 -0.16
CA HIS B 1055 -17.88 33.44 -0.20
C HIS B 1055 -18.98 33.15 0.82
N GLY B 1056 -19.88 34.10 1.03
CA GLY B 1056 -20.96 33.84 1.97
C GLY B 1056 -21.91 35.00 2.12
N VAL B 1057 -22.91 34.78 2.97
CA VAL B 1057 -23.98 35.74 3.23
C VAL B 1057 -24.12 35.90 4.73
N VAL B 1058 -24.58 37.07 5.16
CA VAL B 1058 -24.79 37.40 6.56
C VAL B 1058 -26.21 37.93 6.72
N PHE B 1059 -27.01 37.26 7.53
CA PHE B 1059 -28.39 37.66 7.78
C PHE B 1059 -28.46 38.42 9.10
N LEU B 1060 -29.17 39.54 9.09
CA LEU B 1060 -29.49 40.29 10.30
C LEU B 1060 -30.97 40.10 10.56
N HIS B 1061 -31.28 39.32 11.60
CA HIS B 1061 -32.66 39.03 11.97
C HIS B 1061 -33.11 40.02 13.03
N VAL B 1062 -34.21 40.72 12.75
CA VAL B 1062 -34.83 41.63 13.70
C VAL B 1062 -36.03 40.91 14.28
N THR B 1063 -36.05 40.78 15.61
CA THR B 1063 -37.00 39.92 16.31
C THR B 1063 -37.53 40.65 17.55
N TYR B 1064 -38.57 40.07 18.12
CA TYR B 1064 -39.34 40.66 19.22
C TYR B 1064 -39.23 39.76 20.44
N VAL B 1065 -38.88 40.33 21.59
CA VAL B 1065 -38.67 39.56 22.81
C VAL B 1065 -39.42 40.21 23.96
N PRO B 1066 -40.30 39.50 24.66
CA PRO B 1066 -40.99 40.10 25.81
C PRO B 1066 -40.06 40.28 27.00
N ALA B 1067 -40.50 41.12 27.93
CA ALA B 1067 -39.73 41.41 29.13
C ALA B 1067 -40.63 42.10 30.15
N GLN B 1068 -40.14 42.14 31.40
CA GLN B 1068 -40.86 42.74 32.53
C GLN B 1068 -42.21 42.06 32.75
N GLU B 1069 -42.14 40.78 33.09
CA GLU B 1069 -43.34 39.99 33.33
C GLU B 1069 -43.90 40.28 34.72
N LYS B 1070 -45.18 39.92 34.90
CA LYS B 1070 -45.89 40.13 36.16
C LYS B 1070 -46.87 38.98 36.37
N ASN B 1071 -46.96 38.51 37.61
CA ASN B 1071 -47.83 37.39 37.93
C ASN B 1071 -49.27 37.86 38.16
N PHE B 1072 -50.21 36.95 37.93
CA PHE B 1072 -51.62 37.24 38.07
C PHE B 1072 -52.36 35.95 38.39
N THR B 1073 -53.58 36.09 38.90
CA THR B 1073 -54.47 34.96 39.16
C THR B 1073 -55.47 34.84 38.03
N THR B 1074 -55.55 33.65 37.44
CA THR B 1074 -56.35 33.43 36.25
C THR B 1074 -57.49 32.46 36.55
N ALA B 1075 -58.47 32.45 35.65
CA ALA B 1075 -59.59 31.53 35.71
C ALA B 1075 -59.91 31.06 34.30
N PRO B 1076 -60.41 29.83 34.14
CA PRO B 1076 -60.68 29.33 32.79
C PRO B 1076 -61.89 29.97 32.14
N ALA B 1077 -62.98 30.15 32.89
CA ALA B 1077 -64.22 30.69 32.33
C ALA B 1077 -64.95 31.47 33.41
N ILE B 1078 -65.97 32.21 33.00
CA ILE B 1078 -66.75 33.04 33.92
C ILE B 1078 -68.19 32.55 33.93
N CYS B 1079 -68.68 32.17 35.10
CA CYS B 1079 -70.07 31.75 35.25
C CYS B 1079 -70.91 32.97 35.65
N HIS B 1080 -71.86 33.32 34.78
CA HIS B 1080 -72.70 34.50 34.98
C HIS B 1080 -74.10 34.16 34.50
N ASP B 1081 -75.09 34.32 35.38
CA ASP B 1081 -76.48 33.93 35.11
C ASP B 1081 -76.57 32.48 34.64
N GLY B 1082 -75.77 31.60 35.25
CA GLY B 1082 -75.76 30.21 34.83
C GLY B 1082 -75.23 29.96 33.44
N LYS B 1083 -74.44 30.89 32.88
CA LYS B 1083 -73.84 30.73 31.56
C LYS B 1083 -72.33 30.85 31.67
N ALA B 1084 -71.64 30.00 30.93
CA ALA B 1084 -70.17 29.95 30.95
C ALA B 1084 -69.64 30.78 29.79
N HIS B 1085 -69.02 31.91 30.10
CA HIS B 1085 -68.42 32.79 29.12
C HIS B 1085 -66.93 32.50 29.03
N PHE B 1086 -66.43 32.37 27.80
CA PHE B 1086 -65.03 32.15 27.49
C PHE B 1086 -64.48 33.32 26.69
N PRO B 1087 -63.21 33.68 26.89
CA PRO B 1087 -62.63 34.77 26.09
C PRO B 1087 -62.55 34.39 24.62
N ARG B 1088 -62.79 35.36 23.75
CA ARG B 1088 -62.78 35.08 22.32
C ARG B 1088 -61.37 34.90 21.79
N GLU B 1089 -60.44 35.78 22.21
CA GLU B 1089 -59.06 35.66 21.76
C GLU B 1089 -58.07 35.74 22.92
N GLY B 1090 -58.46 36.41 23.99
CA GLY B 1090 -57.56 36.72 25.10
C GLY B 1090 -57.61 35.71 26.22
N VAL B 1091 -57.20 36.15 27.40
CA VAL B 1091 -57.14 35.34 28.60
C VAL B 1091 -57.63 36.18 29.78
N PHE B 1092 -58.32 35.53 30.71
CA PHE B 1092 -58.83 36.19 31.90
C PHE B 1092 -57.71 36.35 32.92
N VAL B 1093 -57.64 37.52 33.54
CA VAL B 1093 -56.68 37.82 34.60
C VAL B 1093 -57.38 38.64 35.68
N SER B 1094 -56.70 38.79 36.81
CA SER B 1094 -57.24 39.56 37.93
C SER B 1094 -56.14 40.03 38.85
N ASN B 1095 -56.12 41.32 39.17
CA ASN B 1095 -55.11 41.81 40.11
C ASN B 1095 -55.43 41.45 41.55
N GLY B 1096 -56.61 40.90 41.81
CA GLY B 1096 -56.97 40.48 43.16
C GLY B 1096 -58.39 40.84 43.53
N THR B 1097 -58.91 41.93 42.98
CA THR B 1097 -60.25 42.38 43.28
C THR B 1097 -61.15 42.49 42.05
N HIS B 1098 -60.59 42.67 40.86
CA HIS B 1098 -61.37 42.85 39.64
C HIS B 1098 -60.81 41.96 38.54
N TRP B 1099 -61.67 41.60 37.60
CA TRP B 1099 -61.32 40.69 36.53
C TRP B 1099 -61.30 41.41 35.20
N PHE B 1100 -60.30 41.10 34.38
CA PHE B 1100 -60.16 41.68 33.05
C PHE B 1100 -59.79 40.58 32.07
N VAL B 1101 -59.79 40.93 30.79
CA VAL B 1101 -59.34 40.04 29.72
C VAL B 1101 -58.29 40.76 28.91
N THR B 1102 -57.20 40.07 28.61
CA THR B 1102 -56.09 40.70 27.89
C THR B 1102 -55.44 39.68 26.96
N GLN B 1103 -54.82 40.18 25.89
CA GLN B 1103 -54.16 39.28 24.97
C GLN B 1103 -52.90 38.69 25.60
N ARG B 1104 -52.47 37.56 25.05
CA ARG B 1104 -51.48 36.72 25.74
C ARG B 1104 -50.12 37.39 25.83
N ASN B 1105 -49.68 38.05 24.76
CA ASN B 1105 -48.32 38.52 24.66
C ASN B 1105 -48.11 39.95 25.15
N PHE B 1106 -49.15 40.59 25.68
CA PHE B 1106 -49.01 41.96 26.15
C PHE B 1106 -50.09 42.25 27.17
N TYR B 1107 -49.74 43.00 28.21
CA TYR B 1107 -50.67 43.33 29.28
C TYR B 1107 -51.52 44.52 28.84
N GLU B 1108 -52.82 44.29 28.66
CA GLU B 1108 -53.75 45.33 28.23
C GLU B 1108 -55.12 45.00 28.82
N PRO B 1109 -55.38 45.42 30.05
CA PRO B 1109 -56.65 45.05 30.69
C PRO B 1109 -57.84 45.66 29.98
N GLN B 1110 -58.94 44.91 29.94
CA GLN B 1110 -60.17 45.34 29.32
C GLN B 1110 -61.35 44.87 30.17
N ILE B 1111 -62.42 45.66 30.16
CA ILE B 1111 -63.63 45.28 30.90
C ILE B 1111 -64.32 44.14 30.15
N ILE B 1112 -64.77 43.14 30.92
CA ILE B 1112 -65.38 41.95 30.34
C ILE B 1112 -66.79 42.30 29.89
N THR B 1113 -67.02 42.29 28.58
CA THR B 1113 -68.33 42.52 27.99
C THR B 1113 -68.75 41.31 27.18
N THR B 1114 -69.85 41.43 26.45
CA THR B 1114 -70.38 40.34 25.66
C THR B 1114 -69.88 40.34 24.22
N ASP B 1115 -68.97 41.25 23.87
CA ASP B 1115 -68.42 41.27 22.51
C ASP B 1115 -67.09 40.56 22.42
N ASN B 1116 -66.28 40.57 23.48
CA ASN B 1116 -65.01 39.87 23.50
C ASN B 1116 -65.09 38.50 24.15
N THR B 1117 -66.29 38.07 24.54
CA THR B 1117 -66.50 36.75 25.12
C THR B 1117 -67.63 36.05 24.39
N PHE B 1118 -67.62 34.72 24.46
CA PHE B 1118 -68.67 33.91 23.85
C PHE B 1118 -69.17 32.87 24.83
N VAL B 1119 -70.42 32.46 24.63
CA VAL B 1119 -71.15 31.63 25.58
C VAL B 1119 -71.17 30.19 25.09
N SER B 1120 -70.96 29.24 26.00
CA SER B 1120 -71.02 27.83 25.66
C SER B 1120 -71.53 27.07 26.89
N GLY B 1121 -72.82 26.79 26.92
CA GLY B 1121 -73.41 25.99 27.98
C GLY B 1121 -73.45 26.72 29.31
N ASN B 1122 -73.74 25.94 30.34
CA ASN B 1122 -73.78 26.44 31.71
C ASN B 1122 -72.42 26.26 32.39
N CYS B 1123 -72.36 26.62 33.67
CA CYS B 1123 -71.11 26.57 34.43
C CYS B 1123 -71.06 25.37 35.37
N ASP B 1124 -71.60 24.22 34.94
CA ASP B 1124 -71.65 23.03 35.76
C ASP B 1124 -70.54 22.02 35.45
N VAL B 1125 -69.99 22.05 34.24
CA VAL B 1125 -69.05 21.03 33.78
C VAL B 1125 -67.62 21.50 33.83
N VAL B 1126 -67.37 22.80 33.62
CA VAL B 1126 -66.00 23.30 33.63
C VAL B 1126 -65.44 23.25 35.04
N ILE B 1127 -64.12 23.12 35.15
CA ILE B 1127 -63.44 23.01 36.42
C ILE B 1127 -62.62 24.29 36.62
N GLY B 1128 -62.78 24.93 37.77
CA GLY B 1128 -62.08 26.15 38.08
C GLY B 1128 -62.83 27.43 37.75
N ILE B 1129 -64.07 27.34 37.29
CA ILE B 1129 -64.82 28.54 36.94
C ILE B 1129 -65.10 29.37 38.19
N VAL B 1130 -65.18 30.69 38.00
CA VAL B 1130 -65.37 31.61 39.11
C VAL B 1130 -66.65 32.41 38.91
N ASN B 1131 -66.99 33.25 39.88
CA ASN B 1131 -68.20 34.06 39.87
C ASN B 1131 -67.85 35.50 39.57
N ASN B 1132 -68.49 36.08 38.56
CA ASN B 1132 -68.34 37.49 38.26
C ASN B 1132 -69.46 37.91 37.32
N THR B 1133 -69.62 39.22 37.19
CA THR B 1133 -70.63 39.79 36.30
C THR B 1133 -70.01 40.13 34.95
N VAL B 1134 -70.84 40.06 33.90
CA VAL B 1134 -70.43 40.38 32.55
C VAL B 1134 -71.20 41.62 32.10
N TYR B 1135 -70.49 42.71 31.87
CA TYR B 1135 -71.12 43.97 31.49
C TYR B 1135 -71.74 43.85 30.10
N ASP B 1136 -72.86 44.53 29.90
CA ASP B 1136 -73.54 44.57 28.62
C ASP B 1136 -73.56 46.00 28.10
N PRO B 1137 -73.11 46.24 26.86
CA PRO B 1137 -73.09 47.62 26.35
C PRO B 1137 -74.45 48.15 25.96
N LEU B 1138 -75.39 47.30 25.58
CA LEU B 1138 -76.69 47.75 25.08
C LEU B 1138 -77.67 48.06 26.20
N GLN B 1139 -77.39 47.63 27.43
CA GLN B 1139 -78.27 47.96 28.55
C GLN B 1139 -78.35 49.46 28.82
N PRO B 1140 -77.24 50.21 28.93
CA PRO B 1140 -77.37 51.66 29.07
C PRO B 1140 -78.07 52.32 27.88
N GLU B 1141 -77.86 51.78 26.68
CA GLU B 1141 -78.53 52.32 25.51
C GLU B 1141 -80.04 52.16 25.61
N LEU B 1142 -80.51 50.99 26.04
CA LEU B 1142 -81.94 50.79 26.17
C LEU B 1142 -82.50 51.51 27.40
N ASP B 1143 -81.65 51.86 28.36
CA ASP B 1143 -82.13 52.56 29.55
C ASP B 1143 -82.72 53.91 29.20
N SER B 1144 -82.06 54.65 28.31
CA SER B 1144 -82.56 55.96 27.90
C SER B 1144 -83.56 55.84 26.78
N CYS C 15 17.50 4.46 -74.57
CA CYS C 15 17.39 5.84 -74.09
C CYS C 15 17.20 6.81 -75.24
N VAL C 16 16.07 7.52 -75.24
CA VAL C 16 15.74 8.51 -76.25
C VAL C 16 15.66 9.86 -75.57
N ASN C 17 16.46 10.82 -76.06
CA ASN C 17 16.42 12.16 -75.50
C ASN C 17 15.15 12.88 -75.95
N LEU C 18 14.50 13.55 -74.99
CA LEU C 18 13.26 14.25 -75.26
C LEU C 18 13.31 15.61 -74.60
N THR C 19 12.90 16.65 -75.34
CA THR C 19 12.96 18.02 -74.82
C THR C 19 11.67 18.78 -75.13
N THR C 20 10.70 18.14 -75.79
CA THR C 20 9.47 18.82 -76.18
C THR C 20 8.60 19.24 -75.00
N ARG C 21 8.91 18.77 -73.80
CA ARG C 21 8.12 19.15 -72.63
C ARG C 21 8.20 20.66 -72.41
N THR C 22 7.10 21.25 -72.00
CA THR C 22 7.05 22.68 -71.72
C THR C 22 7.50 22.94 -70.29
N GLN C 23 8.50 23.81 -70.15
CA GLN C 23 9.06 24.15 -68.85
C GLN C 23 8.15 25.15 -68.15
N LEU C 24 7.68 24.79 -66.96
CA LEU C 24 6.74 25.58 -66.19
C LEU C 24 6.75 25.10 -64.74
N PRO C 25 6.79 26.00 -63.77
CA PRO C 25 6.73 25.58 -62.36
C PRO C 25 5.46 24.81 -62.07
N PRO C 26 5.54 23.77 -61.27
CA PRO C 26 4.35 22.95 -61.00
C PRO C 26 3.30 23.71 -60.23
N ALA C 27 2.03 23.36 -60.48
CA ALA C 27 0.95 24.05 -59.80
C ALA C 27 0.80 23.55 -58.37
N TYR C 28 0.02 24.27 -57.58
CA TYR C 28 -0.29 23.87 -56.22
C TYR C 28 -1.79 23.98 -56.00
N THR C 29 -2.35 23.02 -55.28
CA THR C 29 -3.79 23.03 -55.01
C THR C 29 -4.03 22.48 -53.62
N ASN C 30 -5.29 22.52 -53.19
CA ASN C 30 -5.69 22.16 -51.84
C ASN C 30 -6.03 20.68 -51.78
N SER C 31 -5.48 19.98 -50.78
CA SER C 31 -5.72 18.55 -50.65
C SER C 31 -7.17 18.25 -50.32
N PHE C 32 -7.89 19.20 -49.73
CA PHE C 32 -9.29 19.03 -49.31
C PHE C 32 -9.34 17.85 -48.33
N THR C 33 -10.19 16.85 -48.55
CA THR C 33 -10.32 15.76 -47.59
C THR C 33 -9.92 14.43 -48.21
N ARG C 34 -8.80 14.41 -48.93
CA ARG C 34 -8.28 13.19 -49.51
C ARG C 34 -7.12 12.65 -48.68
N GLY C 35 -6.96 11.33 -48.70
CA GLY C 35 -5.84 10.70 -48.03
C GLY C 35 -6.21 9.94 -46.77
N VAL C 36 -7.43 9.41 -46.73
CA VAL C 36 -7.92 8.66 -45.58
C VAL C 36 -7.96 7.18 -45.95
N TYR C 37 -7.23 6.37 -45.21
CA TYR C 37 -7.11 4.94 -45.47
C TYR C 37 -7.40 4.16 -44.20
N TYR C 38 -7.83 2.92 -44.38
CA TYR C 38 -8.10 2.05 -43.24
C TYR C 38 -6.80 1.79 -42.50
N PRO C 39 -6.72 2.09 -41.20
CA PRO C 39 -5.45 1.95 -40.49
C PRO C 39 -5.11 0.52 -40.08
N ASP C 40 -6.07 -0.40 -40.16
CA ASP C 40 -5.83 -1.78 -39.76
C ASP C 40 -6.81 -2.67 -40.51
N LYS C 41 -6.58 -3.98 -40.46
CA LYS C 41 -7.36 -4.96 -41.19
C LYS C 41 -8.62 -5.36 -40.45
N VAL C 42 -8.79 -4.92 -39.21
CA VAL C 42 -9.95 -5.29 -38.39
C VAL C 42 -11.18 -4.57 -38.92
N PHE C 43 -12.34 -4.99 -38.42
CA PHE C 43 -13.63 -4.46 -38.82
C PHE C 43 -14.32 -3.83 -37.63
N ARG C 44 -14.85 -2.63 -37.81
CA ARG C 44 -15.64 -1.94 -36.80
C ARG C 44 -16.84 -1.31 -37.46
N SER C 45 -17.98 -1.32 -36.76
CA SER C 45 -19.22 -0.80 -37.31
C SER C 45 -19.89 0.12 -36.28
N SER C 46 -20.38 1.26 -36.75
CA SER C 46 -21.13 2.21 -35.92
C SER C 46 -20.32 2.65 -34.70
N VAL C 47 -19.02 2.84 -34.88
CA VAL C 47 -18.12 3.23 -33.81
C VAL C 47 -17.25 4.38 -34.30
N LEU C 48 -17.12 5.43 -33.48
CA LEU C 48 -16.20 6.53 -33.75
C LEU C 48 -14.88 6.21 -33.08
N HIS C 49 -13.81 6.10 -33.86
CA HIS C 49 -12.53 5.64 -33.36
C HIS C 49 -11.47 6.71 -33.56
N SER C 50 -10.74 7.05 -32.50
CA SER C 50 -9.65 8.01 -32.57
C SER C 50 -8.33 7.25 -32.58
N THR C 51 -7.49 7.52 -33.57
CA THR C 51 -6.25 6.79 -33.72
C THR C 51 -5.15 7.69 -34.29
N GLN C 52 -3.91 7.38 -33.95
CA GLN C 52 -2.75 8.13 -34.42
C GLN C 52 -2.01 7.31 -35.45
N ASP C 53 -1.69 7.92 -36.59
CA ASP C 53 -1.00 7.23 -37.67
C ASP C 53 -0.48 8.29 -38.64
N LEU C 54 0.12 7.84 -39.74
CA LEU C 54 0.62 8.73 -40.78
C LEU C 54 -0.53 9.02 -41.76
N PHE C 55 -0.92 10.28 -41.86
CA PHE C 55 -2.02 10.70 -42.71
C PHE C 55 -1.62 11.95 -43.48
N LEU C 56 -2.45 12.30 -44.45
CA LEU C 56 -2.28 13.55 -45.19
C LEU C 56 -3.07 14.65 -44.50
N PRO C 57 -2.43 15.68 -43.95
CA PRO C 57 -3.18 16.74 -43.28
C PRO C 57 -4.15 17.43 -44.23
N PHE C 58 -5.33 17.75 -43.70
CA PHE C 58 -6.38 18.35 -44.52
C PHE C 58 -5.97 19.74 -45.00
N PHE C 59 -6.47 20.10 -46.18
CA PHE C 59 -6.27 21.43 -46.76
C PHE C 59 -4.79 21.77 -46.88
N SER C 60 -3.99 20.79 -47.29
CA SER C 60 -2.57 21.00 -47.49
C SER C 60 -2.28 21.34 -48.95
N ASN C 61 -1.07 21.83 -49.19
CA ASN C 61 -0.64 22.22 -50.53
C ASN C 61 -0.05 21.01 -51.23
N VAL C 62 -0.74 20.49 -52.24
CA VAL C 62 -0.28 19.34 -53.00
C VAL C 62 0.07 19.79 -54.41
N THR C 63 1.03 19.10 -55.03
CA THR C 63 1.61 19.53 -56.30
C THR C 63 0.81 18.97 -57.47
N TRP C 64 0.56 19.83 -58.46
CA TRP C 64 -0.30 19.54 -59.60
C TRP C 64 0.54 19.61 -60.87
N PHE C 65 0.44 18.55 -61.69
CA PHE C 65 1.05 18.50 -63.00
C PHE C 65 -0.02 18.20 -64.05
N HIS C 66 0.16 18.78 -65.24
CA HIS C 66 -0.73 18.57 -66.38
C HIS C 66 0.01 17.80 -67.47
N VAL C 67 -0.73 17.01 -68.24
CA VAL C 67 -0.19 16.25 -69.35
C VAL C 67 -1.10 16.47 -70.55
N ILE C 68 -0.51 16.91 -71.67
CA ILE C 68 -1.26 17.14 -72.90
C ILE C 68 -0.30 17.15 -74.09
N LYS C 75 1.69 21.15 -75.43
CA LYS C 75 2.65 20.05 -75.47
C LYS C 75 3.34 19.91 -74.12
N ARG C 76 2.66 19.27 -73.17
CA ARG C 76 3.12 19.16 -71.80
C ARG C 76 3.58 17.74 -71.52
N PHE C 77 4.74 17.61 -70.86
CA PHE C 77 5.25 16.32 -70.43
C PHE C 77 5.91 16.52 -69.07
N ASP C 78 5.22 16.10 -68.02
CA ASP C 78 5.67 16.30 -66.65
C ASP C 78 6.22 14.98 -66.11
N ASN C 79 7.54 14.83 -66.13
CA ASN C 79 8.24 13.70 -65.54
C ASN C 79 9.39 14.22 -64.70
N PRO C 80 9.10 14.81 -63.54
CA PRO C 80 10.17 15.33 -62.69
C PRO C 80 10.71 14.28 -61.73
N VAL C 81 11.63 14.68 -60.87
CA VAL C 81 12.17 13.81 -59.83
C VAL C 81 11.73 14.39 -58.49
N LEU C 82 11.03 13.59 -57.69
CA LEU C 82 10.41 14.06 -56.47
C LEU C 82 10.91 13.27 -55.27
N PRO C 83 11.18 13.91 -54.13
CA PRO C 83 11.61 13.16 -52.95
C PRO C 83 10.49 12.29 -52.40
N PHE C 84 10.89 11.23 -51.69
CA PHE C 84 9.93 10.26 -51.17
C PHE C 84 9.42 10.61 -49.78
N ASN C 85 10.32 11.02 -48.88
CA ASN C 85 9.99 11.32 -47.48
C ASN C 85 9.47 10.02 -46.85
N ASP C 86 8.35 10.06 -46.12
CA ASP C 86 7.89 8.86 -45.43
C ASP C 86 6.84 8.11 -46.25
N GLY C 87 5.87 8.81 -46.81
CA GLY C 87 4.85 8.17 -47.62
C GLY C 87 4.34 9.13 -48.66
N VAL C 88 3.75 8.58 -49.71
CA VAL C 88 3.35 9.37 -50.87
C VAL C 88 1.88 9.12 -51.18
N TYR C 89 1.13 10.19 -51.37
CA TYR C 89 -0.23 10.12 -51.88
C TYR C 89 -0.22 10.61 -53.32
N PHE C 90 -0.58 9.73 -54.26
CA PHE C 90 -0.52 10.02 -55.69
C PHE C 90 -1.92 9.86 -56.26
N ALA C 91 -2.44 10.92 -56.87
CA ALA C 91 -3.76 10.90 -57.48
C ALA C 91 -3.65 11.31 -58.94
N SER C 92 -4.61 10.85 -59.75
CA SER C 92 -4.57 11.12 -61.19
C SER C 92 -6.00 11.28 -61.71
N ILE C 93 -6.28 12.44 -62.30
CA ILE C 93 -7.47 12.63 -63.12
C ILE C 93 -7.12 12.17 -64.52
N GLU C 94 -7.67 11.04 -64.92
CA GLU C 94 -7.18 10.27 -66.06
C GLU C 94 -8.32 9.86 -66.97
N LYS C 95 -8.03 9.85 -68.27
CA LYS C 95 -8.90 9.27 -69.27
C LYS C 95 -8.00 8.57 -70.29
N SER C 96 -8.41 7.37 -70.71
CA SER C 96 -7.70 6.49 -71.63
C SER C 96 -6.41 5.92 -71.05
N ASN C 97 -6.07 6.26 -69.80
CA ASN C 97 -4.98 5.61 -69.06
C ASN C 97 -3.63 5.78 -69.75
N ILE C 98 -3.17 7.03 -69.83
CA ILE C 98 -1.82 7.30 -70.30
C ILE C 98 -0.78 6.81 -69.28
N ILE C 99 -1.00 7.11 -67.99
CA ILE C 99 -0.04 6.69 -66.97
C ILE C 99 -0.01 5.18 -66.87
N ARG C 100 1.18 4.61 -66.71
CA ARG C 100 1.34 3.17 -66.78
C ARG C 100 2.13 2.59 -65.60
N GLY C 101 3.03 3.36 -65.00
CA GLY C 101 3.87 2.77 -63.99
C GLY C 101 4.54 3.78 -63.10
N TRP C 102 5.29 3.26 -62.14
CA TRP C 102 6.03 4.04 -61.15
C TRP C 102 7.42 3.45 -60.98
N ILE C 103 8.37 4.34 -60.68
CA ILE C 103 9.76 4.00 -60.45
C ILE C 103 10.13 4.44 -59.04
N PHE C 104 11.01 3.68 -58.39
CA PHE C 104 11.42 3.98 -57.02
C PHE C 104 12.90 3.68 -56.84
N GLY C 105 13.51 4.36 -55.88
CA GLY C 105 14.93 4.17 -55.61
C GLY C 105 15.52 5.40 -54.94
N THR C 106 16.85 5.46 -54.97
CA THR C 106 17.58 6.60 -54.41
C THR C 106 18.31 7.40 -55.47
N THR C 107 19.16 6.75 -56.27
CA THR C 107 19.91 7.42 -57.31
C THR C 107 19.45 7.09 -58.71
N LEU C 108 18.52 6.14 -58.86
CA LEU C 108 17.87 5.83 -60.14
C LEU C 108 18.91 5.42 -61.20
N ASP C 109 19.87 4.61 -60.78
CA ASP C 109 20.90 4.11 -61.69
C ASP C 109 21.33 2.73 -61.19
N SER C 110 22.46 2.24 -61.70
CA SER C 110 22.96 0.93 -61.32
C SER C 110 23.78 0.96 -60.03
N LYS C 111 23.97 2.13 -59.41
CA LYS C 111 24.69 2.19 -58.15
C LYS C 111 23.85 1.63 -57.01
N THR C 112 22.58 2.04 -56.92
CA THR C 112 21.71 1.67 -55.82
C THR C 112 20.48 0.95 -56.34
N GLN C 113 20.01 -0.03 -55.57
CA GLN C 113 18.88 -0.85 -55.99
C GLN C 113 17.62 0.00 -56.13
N SER C 114 16.77 -0.40 -57.08
CA SER C 114 15.57 0.37 -57.42
C SER C 114 14.37 -0.57 -57.42
N LEU C 115 13.22 -0.04 -57.83
CA LEU C 115 11.99 -0.81 -57.90
C LEU C 115 11.13 -0.25 -59.03
N LEU C 116 10.43 -1.14 -59.73
CA LEU C 116 9.56 -0.77 -60.84
C LEU C 116 8.20 -1.42 -60.63
N ILE C 117 7.14 -0.66 -60.90
CA ILE C 117 5.79 -1.20 -60.97
C ILE C 117 5.17 -0.75 -62.28
N VAL C 118 4.63 -1.69 -63.04
CA VAL C 118 4.05 -1.37 -64.34
C VAL C 118 2.70 -2.08 -64.45
N ASN C 119 1.78 -1.46 -65.19
CA ASN C 119 0.45 -2.01 -65.44
C ASN C 119 0.22 -1.95 -66.94
N ASN C 120 0.65 -2.99 -67.65
CA ASN C 120 0.45 -3.06 -69.10
C ASN C 120 -0.99 -3.50 -69.39
N ALA C 121 -1.28 -3.77 -70.66
CA ALA C 121 -2.62 -4.19 -71.05
C ALA C 121 -2.96 -5.59 -70.54
N THR C 122 -1.99 -6.35 -70.04
CA THR C 122 -2.22 -7.72 -69.61
C THR C 122 -2.38 -7.83 -68.10
N ASN C 123 -1.43 -7.32 -67.33
CA ASN C 123 -1.43 -7.50 -65.89
C ASN C 123 -0.60 -6.38 -65.27
N VAL C 124 -0.24 -6.56 -63.99
CA VAL C 124 0.72 -5.68 -63.32
C VAL C 124 1.98 -6.49 -63.02
N VAL C 125 3.12 -5.88 -63.27
CA VAL C 125 4.42 -6.50 -63.02
C VAL C 125 5.18 -5.62 -62.04
N ILE C 126 5.63 -6.22 -60.93
CA ILE C 126 6.41 -5.53 -59.92
C ILE C 126 7.78 -6.18 -59.87
N LYS C 127 8.82 -5.40 -60.06
CA LYS C 127 10.18 -5.91 -60.15
C LYS C 127 11.11 -5.10 -59.26
N VAL C 128 12.14 -5.74 -58.74
CA VAL C 128 13.20 -5.09 -57.99
C VAL C 128 14.51 -5.52 -58.62
N CYS C 129 15.12 -4.64 -59.39
CA CYS C 129 16.35 -4.98 -60.11
C CYS C 129 17.24 -3.75 -60.21
N GLU C 130 18.52 -3.99 -60.50
CA GLU C 130 19.51 -2.93 -60.60
C GLU C 130 19.47 -2.30 -61.99
N PHE C 131 18.37 -1.61 -62.26
CA PHE C 131 18.19 -0.93 -63.54
C PHE C 131 19.16 0.23 -63.68
N GLN C 132 19.49 0.53 -64.94
CA GLN C 132 20.19 1.77 -65.30
C GLN C 132 19.18 2.62 -66.06
N PHE C 133 18.53 3.53 -65.34
CA PHE C 133 17.41 4.28 -65.90
C PHE C 133 17.90 5.36 -66.84
N CYS C 134 17.15 5.56 -67.93
CA CYS C 134 17.47 6.59 -68.90
C CYS C 134 17.17 7.97 -68.30
N ASN C 135 17.67 9.00 -69.00
CA ASN C 135 17.41 10.37 -68.55
C ASN C 135 15.94 10.72 -68.63
N ASP C 136 15.26 10.28 -69.69
CA ASP C 136 13.83 10.54 -69.89
C ASP C 136 13.14 9.26 -70.34
N PRO C 137 12.97 8.29 -69.44
CA PRO C 137 12.19 7.09 -69.79
C PRO C 137 10.73 7.43 -69.99
N PHE C 138 10.07 6.66 -70.85
CA PHE C 138 8.66 6.86 -71.17
C PHE C 138 8.15 5.61 -71.88
N LEU C 139 6.92 5.69 -72.39
CA LEU C 139 6.30 4.59 -73.11
C LEU C 139 5.60 5.14 -74.35
N ASP C 140 5.50 4.29 -75.37
CA ASP C 140 4.88 4.68 -76.62
C ASP C 140 3.79 3.71 -77.04
N MET C 148 -2.12 1.15 -79.13
CA MET C 148 -1.27 -0.01 -78.92
C MET C 148 0.14 0.38 -78.48
N GLU C 149 0.72 -0.42 -77.60
CA GLU C 149 2.04 -0.15 -77.03
C GLU C 149 2.99 -1.28 -77.39
N SER C 150 4.09 -0.93 -78.07
CA SER C 150 5.14 -1.90 -78.36
C SER C 150 6.54 -1.30 -78.24
N GLU C 151 6.68 -0.05 -77.80
CA GLU C 151 7.96 0.61 -77.65
C GLU C 151 8.25 0.77 -76.17
N PHE C 152 9.10 -0.09 -75.63
CA PHE C 152 9.41 -0.12 -74.20
C PHE C 152 10.77 0.51 -73.99
N ARG C 153 10.80 1.66 -73.29
CA ARG C 153 12.05 2.39 -73.05
C ARG C 153 11.99 2.95 -71.63
N VAL C 154 12.52 2.17 -70.68
CA VAL C 154 12.55 2.58 -69.28
C VAL C 154 13.98 2.51 -68.76
N TYR C 155 14.62 1.35 -68.91
CA TYR C 155 15.97 1.12 -68.41
C TYR C 155 16.81 0.47 -69.50
N SER C 156 18.12 0.44 -69.26
CA SER C 156 19.06 -0.13 -70.21
C SER C 156 19.66 -1.46 -69.76
N SER C 157 19.79 -1.69 -68.46
CA SER C 157 20.42 -2.91 -67.97
C SER C 157 19.64 -3.43 -66.77
N ALA C 158 19.77 -4.73 -66.52
CA ALA C 158 19.10 -5.38 -65.40
C ALA C 158 19.88 -6.64 -65.05
N ASN C 159 20.66 -6.59 -63.97
CA ASN C 159 21.49 -7.72 -63.57
C ASN C 159 21.13 -8.27 -62.20
N ASN C 160 21.06 -7.44 -61.17
CA ASN C 160 20.83 -7.88 -59.80
C ASN C 160 19.36 -7.72 -59.46
N CYS C 161 18.62 -8.83 -59.46
CA CYS C 161 17.19 -8.83 -59.19
C CYS C 161 16.91 -9.54 -57.86
N THR C 162 16.00 -8.97 -57.07
CA THR C 162 15.66 -9.49 -55.76
C THR C 162 14.30 -10.16 -55.71
N PHE C 163 13.23 -9.47 -56.09
CA PHE C 163 11.88 -9.98 -55.94
C PHE C 163 11.07 -9.76 -57.21
N GLU C 164 10.08 -10.63 -57.42
CA GLU C 164 9.20 -10.57 -58.58
C GLU C 164 7.77 -10.84 -58.12
N TYR C 165 6.81 -10.21 -58.80
CA TYR C 165 5.41 -10.45 -58.48
C TYR C 165 4.55 -10.10 -59.69
N VAL C 166 3.51 -10.90 -59.91
CA VAL C 166 2.55 -10.71 -60.99
C VAL C 166 1.15 -10.76 -60.41
N SER C 167 0.30 -9.80 -60.79
CA SER C 167 -1.08 -9.76 -60.31
C SER C 167 -1.95 -9.15 -61.40
N GLN C 168 -3.25 -9.05 -61.11
CA GLN C 168 -4.20 -8.53 -62.08
C GLN C 168 -4.00 -7.02 -62.27
N PRO C 169 -4.37 -6.50 -63.43
CA PRO C 169 -4.19 -5.07 -63.70
C PRO C 169 -4.94 -4.19 -62.68
N PHE C 170 -4.30 -3.09 -62.29
CA PHE C 170 -4.91 -2.19 -61.33
C PHE C 170 -6.08 -1.43 -61.93
N LEU C 171 -5.95 -0.99 -63.18
CA LEU C 171 -6.94 -0.12 -63.80
C LEU C 171 -7.87 -0.92 -64.71
N ASN C 180 -14.64 14.91 -71.75
CA ASN C 180 -14.95 14.94 -70.32
C ASN C 180 -14.14 13.88 -69.57
N PHE C 181 -13.36 14.32 -68.59
CA PHE C 181 -12.60 13.39 -67.77
C PHE C 181 -13.54 12.45 -67.02
N LYS C 182 -13.24 11.17 -67.06
CA LYS C 182 -14.12 10.15 -66.51
C LYS C 182 -13.47 9.23 -65.48
N ASN C 183 -12.14 9.21 -65.38
CA ASN C 183 -11.44 8.33 -64.46
C ASN C 183 -10.67 9.13 -63.43
N LEU C 184 -10.61 8.61 -62.21
CA LEU C 184 -9.74 9.18 -61.18
C LEU C 184 -9.16 8.02 -60.37
N ARG C 185 -7.85 8.03 -60.21
CA ARG C 185 -7.12 6.94 -59.56
C ARG C 185 -6.38 7.49 -58.35
N GLU C 186 -6.57 6.85 -57.20
CA GLU C 186 -5.94 7.27 -55.95
C GLU C 186 -5.07 6.14 -55.42
N PHE C 187 -3.85 6.48 -55.01
CA PHE C 187 -2.93 5.51 -54.45
C PHE C 187 -2.19 6.16 -53.29
N VAL C 188 -1.93 5.36 -52.25
CA VAL C 188 -1.03 5.74 -51.18
C VAL C 188 0.03 4.66 -51.02
N PHE C 189 1.29 5.07 -51.13
CA PHE C 189 2.43 4.17 -51.03
C PHE C 189 3.18 4.49 -49.76
N LYS C 190 3.34 3.49 -48.89
CA LYS C 190 4.03 3.69 -47.62
C LYS C 190 5.12 2.64 -47.44
N ASN C 191 6.34 3.11 -47.19
CA ASN C 191 7.50 2.22 -47.04
C ASN C 191 7.98 2.34 -45.60
N ILE C 192 7.47 1.46 -44.74
CA ILE C 192 7.75 1.49 -43.31
C ILE C 192 8.04 0.08 -42.82
N ASP C 193 9.04 -0.05 -41.95
CA ASP C 193 9.39 -1.33 -41.31
C ASP C 193 9.75 -2.38 -42.37
N GLY C 194 10.48 -1.95 -43.39
CA GLY C 194 10.84 -2.84 -44.47
C GLY C 194 9.66 -3.38 -45.25
N TYR C 195 8.51 -2.73 -45.14
CA TYR C 195 7.28 -3.17 -45.78
C TYR C 195 6.74 -2.05 -46.66
N PHE C 196 6.44 -2.38 -47.91
CA PHE C 196 5.90 -1.44 -48.87
C PHE C 196 4.42 -1.76 -49.04
N LYS C 197 3.57 -0.84 -48.61
CA LYS C 197 2.12 -1.00 -48.64
C LYS C 197 1.54 -0.11 -49.72
N ILE C 198 0.70 -0.70 -50.57
CA ILE C 198 0.02 0.00 -51.65
C ILE C 198 -1.47 -0.01 -51.35
N TYR C 199 -2.07 1.17 -51.31
CA TYR C 199 -3.49 1.32 -51.04
C TYR C 199 -4.12 2.03 -52.24
N SER C 200 -5.18 1.45 -52.80
CA SER C 200 -5.66 1.90 -54.11
C SER C 200 -7.17 2.11 -54.10
N LYS C 201 -7.60 2.98 -55.02
CA LYS C 201 -9.02 3.26 -55.21
C LYS C 201 -9.25 3.83 -56.61
N HIS C 202 -10.35 3.43 -57.23
CA HIS C 202 -10.78 3.94 -58.52
C HIS C 202 -12.10 4.68 -58.36
N THR C 203 -12.31 5.73 -59.17
CA THR C 203 -13.54 6.49 -59.11
C THR C 203 -13.95 6.95 -60.51
N PRO C 204 -15.16 6.60 -60.95
CA PRO C 204 -15.66 7.11 -62.25
C PRO C 204 -16.18 8.53 -62.09
N ILE C 205 -15.72 9.42 -62.95
CA ILE C 205 -16.16 10.82 -62.90
C ILE C 205 -16.63 11.27 -64.28
N ASP C 212 -9.72 20.39 -61.23
CA ASP C 212 -8.99 20.26 -59.98
C ASP C 212 -9.45 19.04 -59.20
N LEU C 213 -8.92 18.87 -58.00
CA LEU C 213 -9.30 17.74 -57.16
C LEU C 213 -10.78 17.85 -56.79
N PRO C 214 -11.54 16.76 -56.78
CA PRO C 214 -12.97 16.85 -56.48
C PRO C 214 -13.21 17.11 -55.00
N GLN C 215 -14.35 17.75 -54.74
CA GLN C 215 -14.76 18.06 -53.37
C GLN C 215 -15.65 16.94 -52.85
N GLY C 216 -15.11 16.11 -51.96
CA GLY C 216 -15.86 14.99 -51.43
C GLY C 216 -14.99 14.20 -50.48
N PHE C 217 -15.48 13.02 -50.10
CA PHE C 217 -14.76 12.12 -49.22
C PHE C 217 -14.80 10.72 -49.81
N SER C 218 -13.69 9.99 -49.69
CA SER C 218 -13.61 8.63 -50.19
C SER C 218 -12.55 7.87 -49.41
N ALA C 219 -12.98 6.83 -48.69
CA ALA C 219 -12.05 5.99 -47.96
C ALA C 219 -11.18 5.18 -48.93
N LEU C 220 -9.99 4.83 -48.47
CA LEU C 220 -9.00 4.15 -49.30
C LEU C 220 -8.79 2.75 -48.76
N GLU C 221 -9.27 1.76 -49.50
CA GLU C 221 -9.16 0.37 -49.06
C GLU C 221 -7.72 -0.13 -49.20
N PRO C 222 -7.28 -1.01 -48.30
CA PRO C 222 -5.94 -1.60 -48.45
C PRO C 222 -5.89 -2.54 -49.63
N LEU C 223 -4.85 -2.40 -50.45
CA LEU C 223 -4.70 -3.24 -51.63
C LEU C 223 -3.67 -4.36 -51.46
N VAL C 224 -2.41 -4.03 -51.23
CA VAL C 224 -1.33 -5.01 -51.28
C VAL C 224 -0.23 -4.59 -50.30
N ASP C 225 0.52 -5.58 -49.80
CA ASP C 225 1.74 -5.35 -49.03
C ASP C 225 2.85 -6.23 -49.56
N LEU C 226 4.09 -5.71 -49.53
CA LEU C 226 5.27 -6.45 -49.97
C LEU C 226 6.38 -6.31 -48.93
N PRO C 227 7.18 -7.35 -48.71
CA PRO C 227 8.38 -7.23 -47.84
C PRO C 227 9.63 -6.86 -48.63
N ILE C 228 9.71 -5.61 -49.05
CA ILE C 228 10.82 -5.16 -49.89
C ILE C 228 12.01 -4.76 -49.05
N GLY C 229 11.84 -3.74 -48.20
CA GLY C 229 12.90 -3.32 -47.31
C GLY C 229 14.16 -2.79 -47.97
N ILE C 230 14.01 -1.90 -48.95
CA ILE C 230 15.15 -1.30 -49.64
C ILE C 230 15.08 0.21 -49.50
N ASN C 231 16.22 0.86 -49.73
CA ASN C 231 16.30 2.30 -49.63
C ASN C 231 15.61 2.97 -50.82
N ILE C 232 14.70 3.89 -50.52
CA ILE C 232 14.04 4.70 -51.54
C ILE C 232 13.99 6.14 -51.04
N THR C 233 14.42 7.09 -51.87
CA THR C 233 14.32 8.51 -51.55
C THR C 233 13.70 9.35 -52.65
N ARG C 234 13.72 8.90 -53.89
CA ARG C 234 13.10 9.63 -55.00
C ARG C 234 12.38 8.64 -55.91
N PHE C 235 11.39 9.12 -56.63
CA PHE C 235 10.52 8.26 -57.41
C PHE C 235 10.10 8.97 -58.69
N GLN C 236 9.78 8.17 -59.71
CA GLN C 236 9.40 8.67 -61.02
C GLN C 236 8.05 8.08 -61.42
N THR C 237 7.35 8.78 -62.31
CA THR C 237 6.10 8.31 -62.90
C THR C 237 6.34 7.95 -64.35
N LEU C 238 5.58 6.98 -64.84
CA LEU C 238 5.73 6.46 -66.19
C LEU C 238 4.51 6.81 -67.03
N LEU C 239 4.75 7.42 -68.19
CA LEU C 239 3.69 7.86 -69.09
C LEU C 239 3.81 7.12 -70.42
N ALA C 240 2.66 6.89 -71.05
CA ALA C 240 2.60 6.21 -72.35
C ALA C 240 2.21 7.23 -73.41
N LEU C 241 3.18 7.64 -74.22
CA LEU C 241 2.94 8.64 -75.25
C LEU C 241 2.24 8.01 -76.45
N HIS C 242 1.33 8.76 -77.05
CA HIS C 242 0.64 8.34 -78.26
C HIS C 242 1.32 8.95 -79.48
N ARG C 243 1.66 8.12 -80.46
CA ARG C 243 2.40 8.53 -81.63
C ARG C 243 1.46 8.62 -82.83
N SER C 244 1.52 9.74 -83.54
CA SER C 244 0.67 9.95 -84.71
C SER C 244 1.51 10.29 -85.94
N GLY C 254 4.87 13.11 -85.05
CA GLY C 254 5.61 12.93 -83.81
C GLY C 254 4.84 12.14 -82.76
N TRP C 255 4.82 12.65 -81.53
CA TRP C 255 4.13 12.01 -80.43
C TRP C 255 3.19 13.01 -79.76
N THR C 256 2.03 12.52 -79.35
CA THR C 256 1.01 13.33 -78.71
C THR C 256 0.64 12.73 -77.36
N ALA C 257 0.51 13.59 -76.36
CA ALA C 257 0.14 13.17 -75.02
C ALA C 257 -1.34 13.48 -74.77
N GLY C 258 -2.07 12.51 -74.25
CA GLY C 258 -3.47 12.70 -73.97
C GLY C 258 -3.71 13.66 -72.82
N ALA C 259 -4.91 14.23 -72.79
CA ALA C 259 -5.25 15.21 -71.78
C ALA C 259 -5.50 14.51 -70.44
N ALA C 260 -4.67 14.84 -69.45
CA ALA C 260 -4.80 14.26 -68.12
C ALA C 260 -4.08 15.15 -67.12
N ALA C 261 -4.27 14.87 -65.84
CA ALA C 261 -3.61 15.61 -64.78
C ALA C 261 -3.32 14.68 -63.62
N TYR C 262 -2.37 15.06 -62.77
CA TYR C 262 -2.11 14.28 -61.57
C TYR C 262 -1.56 15.18 -60.47
N TYR C 263 -1.63 14.66 -59.25
CA TYR C 263 -1.30 15.39 -58.04
C TYR C 263 -0.49 14.49 -57.11
N VAL C 264 0.43 15.11 -56.37
CA VAL C 264 1.35 14.41 -55.48
C VAL C 264 1.36 15.12 -54.14
N GLY C 265 1.33 14.35 -53.05
CA GLY C 265 1.41 14.91 -51.71
C GLY C 265 2.17 14.00 -50.78
N TYR C 266 2.60 14.58 -49.66
CA TYR C 266 3.44 13.89 -48.68
C TYR C 266 2.67 13.74 -47.36
N LEU C 267 2.97 12.68 -46.63
CA LEU C 267 2.27 12.37 -45.40
C LEU C 267 3.02 12.87 -44.17
N GLN C 268 2.28 13.01 -43.08
CA GLN C 268 2.82 13.43 -41.79
C GLN C 268 2.12 12.63 -40.70
N PRO C 269 2.79 12.41 -39.56
CA PRO C 269 2.15 11.66 -38.46
C PRO C 269 1.27 12.58 -37.63
N ARG C 270 0.04 12.12 -37.35
CA ARG C 270 -0.90 12.89 -36.56
C ARG C 270 -2.06 11.99 -36.15
N THR C 271 -3.00 12.57 -35.42
CA THR C 271 -4.14 11.84 -34.87
C THR C 271 -5.41 12.23 -35.62
N PHE C 272 -6.20 11.23 -35.99
CA PHE C 272 -7.47 11.42 -36.69
C PHE C 272 -8.60 10.76 -35.91
N LEU C 273 -9.82 11.21 -36.22
CA LEU C 273 -11.04 10.60 -35.70
C LEU C 273 -11.85 10.11 -36.88
N LEU C 274 -12.19 8.82 -36.88
CA LEU C 274 -12.81 8.14 -38.01
C LEU C 274 -14.21 7.70 -37.62
N LYS C 275 -15.17 7.89 -38.53
CA LYS C 275 -16.55 7.50 -38.32
C LYS C 275 -16.87 6.29 -39.19
N TYR C 276 -17.11 5.15 -38.55
CA TYR C 276 -17.51 3.93 -39.24
C TYR C 276 -19.03 3.88 -39.33
N ASN C 277 -19.55 3.50 -40.49
CA ASN C 277 -20.98 3.29 -40.65
C ASN C 277 -21.35 1.92 -40.09
N GLU C 278 -22.61 1.53 -40.25
CA GLU C 278 -23.04 0.21 -39.78
C GLU C 278 -22.46 -0.92 -40.63
N ASN C 279 -21.99 -0.61 -41.84
CA ASN C 279 -21.43 -1.63 -42.73
C ASN C 279 -19.92 -1.72 -42.66
N GLY C 280 -19.28 -0.99 -41.77
CA GLY C 280 -17.84 -1.00 -41.67
C GLY C 280 -17.11 -0.17 -42.70
N THR C 281 -17.81 0.72 -43.40
CA THR C 281 -17.20 1.57 -44.42
C THR C 281 -16.99 2.97 -43.85
N ILE C 282 -15.77 3.48 -43.97
CA ILE C 282 -15.45 4.80 -43.44
C ILE C 282 -16.21 5.86 -44.22
N THR C 283 -16.96 6.69 -43.50
CA THR C 283 -17.77 7.72 -44.13
C THR C 283 -17.28 9.14 -43.87
N ASP C 284 -16.54 9.38 -42.79
CA ASP C 284 -16.04 10.72 -42.51
C ASP C 284 -14.86 10.63 -41.56
N ALA C 285 -14.03 11.67 -41.59
CA ALA C 285 -12.87 11.77 -40.72
C ALA C 285 -12.67 13.22 -40.32
N VAL C 286 -12.08 13.41 -39.14
CA VAL C 286 -11.82 14.73 -38.58
C VAL C 286 -10.37 14.77 -38.10
N ASP C 287 -9.62 15.76 -38.57
CA ASP C 287 -8.27 15.98 -38.06
C ASP C 287 -8.36 16.60 -36.67
N CYS C 288 -7.46 16.19 -35.78
CA CYS C 288 -7.48 16.67 -34.41
C CYS C 288 -6.51 17.82 -34.15
N ALA C 289 -5.88 18.37 -35.20
CA ALA C 289 -4.94 19.47 -35.00
C ALA C 289 -5.05 20.54 -36.08
N LEU C 290 -6.18 20.64 -36.77
CA LEU C 290 -6.30 21.62 -37.85
C LEU C 290 -6.67 22.99 -37.30
N ASP C 291 -7.83 23.10 -36.67
CA ASP C 291 -8.35 24.36 -36.15
C ASP C 291 -9.04 24.09 -34.83
N PRO C 292 -9.27 25.14 -34.01
CA PRO C 292 -9.83 24.89 -32.67
C PRO C 292 -11.13 24.12 -32.66
N LEU C 293 -11.99 24.33 -33.66
CA LEU C 293 -13.24 23.56 -33.73
C LEU C 293 -12.93 22.08 -33.89
N SER C 294 -11.93 21.75 -34.71
CA SER C 294 -11.54 20.35 -34.87
C SER C 294 -11.00 19.76 -33.57
N GLU C 295 -10.22 20.54 -32.82
CA GLU C 295 -9.72 20.07 -31.53
C GLU C 295 -10.88 19.82 -30.57
N THR C 296 -11.87 20.72 -30.56
CA THR C 296 -13.04 20.52 -29.71
C THR C 296 -13.80 19.26 -30.11
N LYS C 297 -13.99 19.05 -31.41
CA LYS C 297 -14.67 17.84 -31.86
C LYS C 297 -13.90 16.59 -31.45
N CYS C 298 -12.58 16.61 -31.60
CA CYS C 298 -11.75 15.47 -31.21
C CYS C 298 -11.85 15.21 -29.72
N THR C 299 -11.85 16.26 -28.90
CA THR C 299 -11.93 16.10 -27.45
C THR C 299 -13.30 15.54 -27.04
N LEU C 300 -14.38 16.09 -27.61
CA LEU C 300 -15.72 15.66 -27.23
C LEU C 300 -16.09 14.29 -27.78
N LYS C 301 -15.28 13.72 -28.68
CA LYS C 301 -15.56 12.41 -29.28
C LYS C 301 -16.93 12.41 -29.95
N SER C 302 -17.24 13.50 -30.64
CA SER C 302 -18.52 13.62 -31.35
C SER C 302 -18.33 14.53 -32.54
N PHE C 303 -19.20 14.35 -33.54
CA PHE C 303 -19.17 15.18 -34.74
C PHE C 303 -20.06 16.41 -34.65
N THR C 304 -20.85 16.52 -33.58
CA THR C 304 -21.70 17.69 -33.36
C THR C 304 -21.41 18.25 -31.98
N VAL C 305 -21.19 19.55 -31.91
CA VAL C 305 -20.86 20.24 -30.66
C VAL C 305 -21.96 21.24 -30.36
N GLU C 306 -22.56 21.12 -29.19
CA GLU C 306 -23.62 22.04 -28.77
C GLU C 306 -23.00 23.34 -28.26
N LYS C 307 -23.80 24.41 -28.31
CA LYS C 307 -23.34 25.72 -27.89
C LYS C 307 -22.86 25.69 -26.45
N GLY C 308 -21.71 26.31 -26.19
CA GLY C 308 -21.19 26.40 -24.85
C GLY C 308 -19.68 26.60 -24.87
N ILE C 309 -19.11 26.59 -23.67
CA ILE C 309 -17.67 26.74 -23.48
C ILE C 309 -17.08 25.36 -23.18
N TYR C 310 -15.96 25.05 -23.82
CA TYR C 310 -15.29 23.77 -23.64
C TYR C 310 -13.81 24.02 -23.42
N GLN C 311 -13.27 23.45 -22.35
CA GLN C 311 -11.84 23.56 -22.06
C GLN C 311 -11.09 22.62 -22.98
N THR C 312 -10.38 23.18 -23.97
CA THR C 312 -9.80 22.36 -25.02
C THR C 312 -8.47 21.73 -24.61
N SER C 313 -7.46 22.55 -24.37
CA SER C 313 -6.12 21.98 -24.20
C SER C 313 -5.24 22.97 -23.45
N ASN C 314 -3.93 22.73 -23.50
CA ASN C 314 -2.93 23.63 -22.95
C ASN C 314 -1.92 23.98 -24.02
N PHE C 315 -1.48 25.23 -24.02
CA PHE C 315 -0.46 25.70 -24.95
C PHE C 315 0.85 25.89 -24.20
N ARG C 316 1.94 25.45 -24.81
CA ARG C 316 3.28 25.51 -24.23
C ARG C 316 4.24 26.03 -25.29
N VAL C 317 5.27 26.75 -24.85
CA VAL C 317 6.31 27.25 -25.73
C VAL C 317 7.44 26.23 -25.76
N GLN C 318 7.60 25.56 -26.90
CA GLN C 318 8.63 24.54 -27.02
C GLN C 318 10.01 25.19 -27.01
N PRO C 319 11.02 24.48 -26.50
CA PRO C 319 12.38 25.04 -26.48
C PRO C 319 13.02 25.02 -27.87
N THR C 320 14.05 25.85 -28.02
CA THR C 320 14.75 26.02 -29.29
C THR C 320 16.15 25.47 -29.27
N GLU C 321 16.99 25.90 -28.33
CA GLU C 321 18.38 25.51 -28.30
C GLU C 321 18.68 24.57 -27.14
N SER C 322 19.88 24.00 -27.15
CA SER C 322 20.38 23.16 -26.09
C SER C 322 21.72 23.70 -25.62
N ILE C 323 21.89 23.84 -24.32
CA ILE C 323 23.11 24.38 -23.73
C ILE C 323 23.61 23.40 -22.67
N VAL C 324 24.91 23.14 -22.68
CA VAL C 324 25.56 22.29 -21.69
C VAL C 324 26.72 23.05 -21.09
N ARG C 325 26.84 23.01 -19.76
CA ARG C 325 27.94 23.69 -19.07
C ARG C 325 28.53 22.76 -18.03
N PHE C 326 29.83 22.51 -18.15
CA PHE C 326 30.59 21.64 -17.27
C PHE C 326 31.81 22.40 -16.75
N PRO C 327 32.41 21.95 -15.66
CA PRO C 327 33.59 22.65 -15.13
C PRO C 327 34.74 22.65 -16.12
N ASN C 328 35.55 23.69 -16.06
CA ASN C 328 36.63 23.91 -17.00
C ASN C 328 37.91 23.16 -16.63
N ILE C 329 37.82 22.14 -15.78
CA ILE C 329 39.01 21.37 -15.43
C ILE C 329 39.43 20.52 -16.62
N THR C 330 40.74 20.28 -16.72
CA THR C 330 41.27 19.42 -17.77
C THR C 330 42.47 18.64 -17.20
N ASN C 331 42.19 17.42 -16.75
CA ASN C 331 43.22 16.58 -16.16
C ASN C 331 42.74 15.13 -16.12
N LEU C 332 43.50 14.22 -16.74
CA LEU C 332 43.09 12.83 -16.77
C LEU C 332 43.20 12.20 -15.38
N CYS C 333 42.20 11.43 -15.01
CA CYS C 333 42.20 10.79 -13.70
C CYS C 333 43.25 9.68 -13.66
N PRO C 334 43.85 9.43 -12.49
CA PRO C 334 44.88 8.38 -12.38
C PRO C 334 44.31 6.97 -12.29
N PHE C 335 43.63 6.56 -13.36
CA PHE C 335 43.07 5.21 -13.42
C PHE C 335 44.10 4.17 -13.81
N ASP C 336 45.14 4.56 -14.54
CA ASP C 336 46.14 3.59 -14.99
C ASP C 336 46.91 3.01 -13.80
N GLU C 337 47.26 3.84 -12.82
CA GLU C 337 48.05 3.37 -11.70
C GLU C 337 47.25 2.54 -10.71
N VAL C 338 45.93 2.44 -10.90
CA VAL C 338 45.09 1.60 -10.05
C VAL C 338 44.81 0.25 -10.73
N PHE C 339 44.39 0.28 -11.99
CA PHE C 339 44.07 -0.96 -12.69
C PHE C 339 45.31 -1.73 -13.11
N ASN C 340 46.36 -1.03 -13.56
CA ASN C 340 47.56 -1.68 -14.09
C ASN C 340 48.64 -1.84 -13.03
N ALA C 341 48.28 -1.80 -11.76
CA ALA C 341 49.26 -1.99 -10.69
C ALA C 341 49.77 -3.44 -10.70
N THR C 342 51.03 -3.61 -10.31
CA THR C 342 51.64 -4.93 -10.33
C THR C 342 51.18 -5.79 -9.17
N ARG C 343 50.94 -5.20 -8.00
CA ARG C 343 50.62 -5.97 -6.79
C ARG C 343 49.43 -5.33 -6.11
N PHE C 344 48.29 -6.03 -6.12
CA PHE C 344 47.12 -5.62 -5.36
C PHE C 344 47.24 -6.10 -3.92
N ALA C 345 46.57 -5.38 -3.02
CA ALA C 345 46.61 -5.73 -1.61
C ALA C 345 45.72 -6.93 -1.32
N SER C 346 45.95 -7.54 -0.16
CA SER C 346 45.14 -8.66 0.27
C SER C 346 43.72 -8.19 0.59
N VAL C 347 42.78 -9.15 0.60
CA VAL C 347 41.37 -8.79 0.74
C VAL C 347 41.10 -8.19 2.10
N TYR C 348 41.68 -8.76 3.17
CA TYR C 348 41.39 -8.25 4.51
C TYR C 348 41.94 -6.84 4.70
N ALA C 349 43.15 -6.58 4.22
CA ALA C 349 43.72 -5.23 4.23
C ALA C 349 43.55 -4.57 2.87
N TRP C 350 42.29 -4.37 2.48
CA TRP C 350 42.01 -3.79 1.17
C TRP C 350 42.41 -2.32 1.13
N ASN C 351 42.90 -1.89 -0.03
CA ASN C 351 43.40 -0.54 -0.21
C ASN C 351 42.26 0.42 -0.54
N ARG C 352 42.52 1.71 -0.28
CA ARG C 352 41.57 2.76 -0.60
C ARG C 352 42.30 3.90 -1.30
N LYS C 353 41.71 4.39 -2.39
CA LYS C 353 42.26 5.49 -3.15
C LYS C 353 41.16 6.51 -3.43
N ARG C 354 41.50 7.79 -3.37
CA ARG C 354 40.56 8.87 -3.61
C ARG C 354 40.85 9.48 -4.97
N ILE C 355 39.82 9.64 -5.79
CA ILE C 355 39.94 10.22 -7.12
C ILE C 355 39.15 11.53 -7.12
N SER C 356 39.82 12.62 -7.48
CA SER C 356 39.17 13.93 -7.46
C SER C 356 39.94 14.89 -8.36
N ASN C 357 39.28 15.98 -8.72
CA ASN C 357 39.88 17.08 -9.49
C ASN C 357 40.47 16.57 -10.81
N CYS C 358 39.71 15.75 -11.52
CA CYS C 358 40.18 15.20 -12.79
C CYS C 358 38.98 14.77 -13.63
N VAL C 359 39.15 14.85 -14.94
CA VAL C 359 38.14 14.32 -15.86
C VAL C 359 38.31 12.80 -15.95
N ALA C 360 37.21 12.09 -15.80
CA ALA C 360 37.22 10.63 -15.73
C ALA C 360 36.66 10.07 -17.03
N ASP C 361 37.52 9.44 -17.83
CA ASP C 361 37.14 8.78 -19.07
C ASP C 361 37.11 7.28 -18.82
N TYR C 362 35.94 6.67 -18.99
CA TYR C 362 35.76 5.25 -18.74
C TYR C 362 35.84 4.40 -20.00
N SER C 363 36.16 5.01 -21.15
CA SER C 363 36.27 4.24 -22.38
C SER C 363 37.47 3.29 -22.33
N VAL C 364 38.51 3.66 -21.58
CA VAL C 364 39.71 2.84 -21.53
C VAL C 364 39.44 1.51 -20.82
N LEU C 365 38.55 1.52 -19.82
CA LEU C 365 38.34 0.37 -18.95
C LEU C 365 37.89 -0.88 -19.71
N TYR C 366 37.61 -0.78 -21.00
CA TYR C 366 37.21 -1.92 -21.80
C TYR C 366 38.38 -2.66 -22.43
N ASN C 367 39.60 -2.28 -22.06
CA ASN C 367 40.81 -2.97 -22.57
C ASN C 367 41.24 -4.08 -21.59
N LEU C 368 40.37 -4.42 -20.64
CA LEU C 368 40.71 -5.45 -19.61
C LEU C 368 40.50 -6.86 -20.19
N ALA C 369 40.79 -7.90 -19.41
CA ALA C 369 40.54 -9.29 -19.86
C ALA C 369 39.22 -9.33 -20.62
N PRO C 370 39.06 -10.13 -21.70
CA PRO C 370 37.82 -10.06 -22.50
C PRO C 370 36.55 -10.39 -21.74
N PHE C 371 36.63 -11.04 -20.58
CA PHE C 371 35.42 -11.43 -19.86
C PHE C 371 35.35 -10.79 -18.48
N PHE C 372 35.71 -9.51 -18.38
CA PHE C 372 35.68 -8.81 -17.11
C PHE C 372 34.25 -8.45 -16.75
N THR C 373 33.85 -8.76 -15.52
CA THR C 373 32.54 -8.35 -15.02
C THR C 373 32.58 -6.87 -14.66
N PHE C 374 31.60 -6.11 -15.17
CA PHE C 374 31.51 -4.66 -15.06
C PHE C 374 30.16 -4.26 -14.48
N LYS C 375 29.78 -4.84 -13.36
CA LYS C 375 28.37 -4.79 -12.97
C LYS C 375 28.16 -3.64 -12.00
N CYS C 376 27.09 -2.86 -12.22
CA CYS C 376 26.90 -1.58 -11.55
C CYS C 376 25.59 -1.55 -10.78
N TYR C 377 25.54 -0.69 -9.77
CA TYR C 377 24.36 -0.47 -8.94
C TYR C 377 24.02 1.00 -8.90
N GLY C 378 22.81 1.35 -9.31
CA GLY C 378 22.32 2.71 -9.27
C GLY C 378 22.64 3.55 -10.48
N VAL C 379 23.56 3.11 -11.33
CA VAL C 379 23.93 3.83 -12.55
C VAL C 379 24.15 2.82 -13.66
N SER C 380 23.64 3.11 -14.84
CA SER C 380 23.88 2.25 -16.00
C SER C 380 25.32 2.38 -16.46
N PRO C 381 26.06 1.28 -16.59
CA PRO C 381 27.48 1.39 -16.98
C PRO C 381 27.67 1.95 -18.38
N THR C 382 26.65 1.88 -19.24
CA THR C 382 26.81 2.31 -20.62
C THR C 382 27.11 3.80 -20.72
N LYS C 383 26.45 4.57 -19.84
CA LYS C 383 26.60 6.05 -19.88
C LYS C 383 27.15 6.57 -18.55
N LEU C 384 28.34 6.13 -18.16
CA LEU C 384 28.98 6.64 -16.92
C LEU C 384 29.90 7.81 -17.32
N ASN C 385 29.91 8.18 -18.60
CA ASN C 385 30.83 9.24 -19.08
C ASN C 385 30.12 10.59 -19.14
N ASP C 386 28.86 10.65 -18.69
CA ASP C 386 28.08 11.90 -18.81
C ASP C 386 27.81 12.49 -17.42
N LEU C 387 27.20 11.72 -16.52
CA LEU C 387 26.83 12.24 -15.18
C LEU C 387 28.08 12.65 -14.41
N CYS C 388 27.94 13.56 -13.44
CA CYS C 388 29.08 14.02 -12.62
C CYS C 388 28.97 13.44 -11.21
N PHE C 389 30.11 13.14 -10.57
CA PHE C 389 30.10 12.53 -9.22
C PHE C 389 30.79 13.48 -8.24
N THR C 390 30.32 13.52 -6.99
CA THR C 390 30.90 14.45 -5.98
C THR C 390 32.33 14.00 -5.66
N ASN C 391 32.50 12.76 -5.22
CA ASN C 391 33.86 12.22 -4.92
C ASN C 391 33.90 10.75 -5.32
N VAL C 392 35.09 10.22 -5.62
CA VAL C 392 35.18 8.82 -6.12
C VAL C 392 36.16 8.04 -5.25
N TYR C 393 35.73 6.88 -4.73
CA TYR C 393 36.60 6.02 -3.95
C TYR C 393 36.84 4.73 -4.71
N ALA C 394 38.09 4.29 -4.77
CA ALA C 394 38.46 3.07 -5.47
C ALA C 394 39.09 2.11 -4.47
N ASP C 395 38.52 0.91 -4.35
CA ASP C 395 39.05 -0.13 -3.49
C ASP C 395 39.48 -1.32 -4.34
N SER C 396 40.69 -1.82 -4.11
CA SER C 396 41.25 -2.87 -4.94
C SER C 396 41.71 -4.03 -4.07
N PHE C 397 41.47 -5.25 -4.54
CA PHE C 397 41.98 -6.44 -3.86
C PHE C 397 41.94 -7.62 -4.83
N VAL C 398 42.29 -8.79 -4.32
CA VAL C 398 42.32 -10.03 -5.09
C VAL C 398 41.63 -11.11 -4.28
N ILE C 399 40.66 -11.81 -4.89
CA ILE C 399 39.87 -12.80 -4.19
C ILE C 399 39.78 -14.08 -5.03
N ARG C 400 39.10 -15.06 -4.47
CA ARG C 400 38.92 -16.34 -5.15
C ARG C 400 37.84 -16.22 -6.23
N GLY C 401 37.87 -17.16 -7.17
CA GLY C 401 36.93 -17.12 -8.28
C GLY C 401 35.49 -17.31 -7.83
N ASP C 402 35.25 -18.28 -6.94
CA ASP C 402 33.90 -18.55 -6.49
C ASP C 402 33.34 -17.43 -5.63
N GLU C 403 34.19 -16.71 -4.92
CA GLU C 403 33.76 -15.71 -3.96
C GLU C 403 33.45 -14.36 -4.61
N VAL C 404 33.66 -14.21 -5.91
CA VAL C 404 33.41 -12.93 -6.56
C VAL C 404 31.95 -12.54 -6.49
N ARG C 405 31.06 -13.51 -6.36
CA ARG C 405 29.63 -13.21 -6.23
C ARG C 405 29.28 -12.66 -4.86
N GLN C 406 30.18 -12.80 -3.87
CA GLN C 406 29.90 -12.30 -2.54
C GLN C 406 30.08 -10.79 -2.44
N ILE C 407 30.64 -10.15 -3.47
CA ILE C 407 30.83 -8.69 -3.45
C ILE C 407 29.58 -8.09 -4.04
N ALA C 408 28.60 -7.84 -3.18
CA ALA C 408 27.31 -7.28 -3.56
C ALA C 408 26.57 -6.88 -2.29
N PRO C 409 25.78 -5.81 -2.34
CA PRO C 409 25.01 -5.42 -1.16
C PRO C 409 24.01 -6.52 -0.76
N GLY C 410 23.91 -6.73 0.55
CA GLY C 410 22.97 -7.70 1.08
C GLY C 410 23.41 -9.15 1.00
N GLN C 411 24.59 -9.42 0.47
CA GLN C 411 25.08 -10.79 0.40
C GLN C 411 25.70 -11.20 1.73
N THR C 412 25.83 -12.52 1.92
CA THR C 412 26.36 -13.08 3.14
C THR C 412 27.35 -14.19 2.81
N GLY C 413 28.25 -14.44 3.75
CA GLY C 413 29.28 -15.43 3.58
C GLY C 413 30.51 -15.04 4.36
N ASN C 414 31.61 -15.75 4.11
CA ASN C 414 32.85 -15.47 4.80
C ASN C 414 33.40 -14.10 4.42
N ILE C 415 33.51 -13.83 3.12
CA ILE C 415 34.09 -12.58 2.66
C ILE C 415 33.15 -11.41 2.96
N ALA C 416 31.85 -11.60 2.73
CA ALA C 416 30.90 -10.51 2.92
C ALA C 416 30.77 -10.12 4.38
N ASP C 417 31.22 -10.98 5.30
CA ASP C 417 31.07 -10.69 6.71
C ASP C 417 32.38 -10.30 7.38
N TYR C 418 33.44 -11.09 7.19
CA TYR C 418 34.66 -10.92 7.97
C TYR C 418 35.78 -10.19 7.23
N ASN C 419 35.61 -9.84 5.97
CA ASN C 419 36.67 -9.20 5.21
C ASN C 419 36.25 -7.91 4.53
N TYR C 420 35.03 -7.85 4.01
CA TYR C 420 34.61 -6.69 3.22
C TYR C 420 33.09 -6.66 3.17
N LYS C 421 32.49 -5.61 3.71
CA LYS C 421 31.04 -5.46 3.75
C LYS C 421 30.64 -4.23 2.96
N LEU C 422 29.65 -4.40 2.08
CA LEU C 422 29.10 -3.31 1.29
C LEU C 422 27.79 -2.82 1.89
N PRO C 423 27.57 -1.50 1.91
CA PRO C 423 26.30 -0.98 2.43
C PRO C 423 25.13 -1.41 1.56
N ASP C 424 23.96 -1.51 2.20
CA ASP C 424 22.77 -1.97 1.48
C ASP C 424 22.40 -0.99 0.37
N ASP C 425 22.42 0.31 0.66
CA ASP C 425 22.11 1.34 -0.33
C ASP C 425 23.38 1.78 -1.09
N PHE C 426 24.09 0.80 -1.63
CA PHE C 426 25.35 1.09 -2.31
C PHE C 426 25.10 1.58 -3.73
N THR C 427 25.87 2.57 -4.15
CA THR C 427 25.85 3.05 -5.53
C THR C 427 27.28 3.04 -6.07
N GLY C 428 27.43 2.58 -7.31
CA GLY C 428 28.74 2.47 -7.92
C GLY C 428 28.89 1.16 -8.62
N CYS C 429 30.10 0.88 -9.09
CA CYS C 429 30.33 -0.27 -9.95
C CYS C 429 31.39 -1.19 -9.36
N VAL C 430 31.35 -2.45 -9.78
CA VAL C 430 32.37 -3.42 -9.43
C VAL C 430 32.91 -4.03 -10.72
N ILE C 431 34.24 -4.06 -10.83
CA ILE C 431 34.93 -4.58 -12.00
C ILE C 431 35.85 -5.69 -11.54
N ALA C 432 35.59 -6.91 -11.99
CA ALA C 432 36.34 -8.08 -11.56
C ALA C 432 36.81 -8.86 -12.78
N TRP C 433 38.09 -9.15 -12.86
CA TRP C 433 38.62 -9.89 -13.99
C TRP C 433 39.65 -10.92 -13.54
N ASN C 434 39.71 -12.04 -14.26
CA ASN C 434 40.67 -13.09 -13.98
C ASN C 434 42.09 -12.60 -14.25
N SER C 435 43.01 -12.93 -13.36
CA SER C 435 44.40 -12.54 -13.48
C SER C 435 45.31 -13.71 -13.12
N ASN C 436 44.98 -14.89 -13.65
CA ASN C 436 45.77 -16.08 -13.36
C ASN C 436 47.18 -16.00 -13.92
N LYS C 437 47.44 -15.07 -14.84
CA LYS C 437 48.76 -14.95 -15.45
C LYS C 437 49.71 -14.09 -14.63
N LEU C 438 49.23 -13.39 -13.60
CA LEU C 438 50.07 -12.51 -12.81
C LEU C 438 50.07 -12.80 -11.32
N ASP C 439 49.18 -13.66 -10.82
CA ASP C 439 49.07 -13.94 -9.40
C ASP C 439 49.13 -15.43 -9.12
N SER C 440 49.93 -16.17 -9.88
CA SER C 440 50.02 -17.61 -9.73
C SER C 440 51.48 -18.04 -9.69
N LYS C 441 51.80 -18.96 -8.77
CA LYS C 441 53.12 -19.56 -8.68
C LYS C 441 52.99 -21.07 -8.70
N VAL C 442 53.88 -21.74 -9.42
CA VAL C 442 53.87 -23.20 -9.44
C VAL C 442 54.13 -23.74 -8.04
N SER C 443 55.10 -23.15 -7.34
CA SER C 443 55.31 -23.50 -5.94
C SER C 443 54.09 -23.12 -5.10
N GLY C 444 53.50 -21.97 -5.37
CA GLY C 444 52.32 -21.53 -4.65
C GLY C 444 52.44 -20.14 -4.07
N ASN C 445 51.51 -19.26 -4.42
CA ASN C 445 51.49 -17.90 -3.90
C ASN C 445 50.85 -17.90 -2.52
N TYR C 446 51.55 -17.32 -1.55
CA TYR C 446 51.11 -17.30 -0.16
C TYR C 446 50.90 -15.89 0.36
N ASN C 447 51.13 -14.86 -0.45
CA ASN C 447 51.08 -13.48 0.01
C ASN C 447 49.65 -12.95 0.12
N TYR C 448 48.66 -13.68 -0.36
CA TYR C 448 47.26 -13.25 -0.31
C TYR C 448 46.58 -13.97 0.84
N LEU C 449 46.18 -13.22 1.86
CA LEU C 449 45.58 -13.77 3.06
C LEU C 449 44.13 -13.31 3.18
N TYR C 450 43.35 -14.05 3.96
CA TYR C 450 41.95 -13.71 4.19
C TYR C 450 41.54 -14.16 5.58
N ARG C 451 40.67 -13.37 6.20
CA ARG C 451 40.21 -13.64 7.56
C ARG C 451 39.12 -14.70 7.54
N LEU C 452 39.16 -15.60 8.52
CA LEU C 452 38.18 -16.67 8.64
C LEU C 452 37.34 -16.61 9.90
N PHE C 453 37.88 -16.13 11.01
CA PHE C 453 37.17 -16.08 12.29
C PHE C 453 37.15 -14.67 12.83
N ARG C 454 35.96 -14.22 13.24
CA ARG C 454 35.81 -12.91 13.86
C ARG C 454 34.67 -12.99 14.87
N LYS C 455 34.74 -12.12 15.88
CA LYS C 455 33.70 -12.10 16.91
C LYS C 455 32.35 -11.69 16.33
N SER C 456 32.34 -10.69 15.46
CA SER C 456 31.08 -10.17 14.93
C SER C 456 31.29 -9.70 13.50
N ASN C 457 30.16 -9.52 12.80
CA ASN C 457 30.20 -9.10 11.41
C ASN C 457 30.74 -7.67 11.29
N LEU C 458 31.39 -7.40 10.16
CA LEU C 458 31.90 -6.06 9.89
C LEU C 458 30.78 -5.14 9.46
N LYS C 459 30.77 -3.93 10.01
CA LYS C 459 29.88 -2.90 9.50
C LYS C 459 30.38 -2.42 8.14
N PRO C 460 29.49 -1.88 7.31
CA PRO C 460 29.90 -1.53 5.94
C PRO C 460 31.09 -0.58 5.92
N PHE C 461 32.01 -0.85 5.01
CA PHE C 461 33.21 -0.03 4.80
C PHE C 461 34.02 0.10 6.10
N GLU C 462 34.52 -1.04 6.58
CA GLU C 462 35.40 -1.07 7.74
C GLU C 462 36.56 -2.00 7.44
N ARG C 463 37.73 -1.65 7.97
CA ARG C 463 38.93 -2.47 7.86
C ARG C 463 39.32 -2.99 9.23
N ASP C 464 39.79 -4.25 9.28
CA ASP C 464 40.17 -4.88 10.54
C ASP C 464 41.34 -5.83 10.24
N ILE C 465 42.54 -5.39 10.56
CA ILE C 465 43.74 -6.19 10.36
C ILE C 465 44.27 -6.76 11.66
N SER C 466 43.43 -6.85 12.69
CA SER C 466 43.85 -7.45 13.95
C SER C 466 44.16 -8.93 13.77
N THR C 467 45.22 -9.38 14.44
CA THR C 467 45.70 -10.76 14.32
C THR C 467 45.67 -11.49 15.66
N GLU C 468 44.88 -11.01 16.61
CA GLU C 468 44.78 -11.65 17.91
C GLU C 468 44.12 -13.02 17.79
N ILE C 469 44.57 -13.95 18.63
CA ILE C 469 44.09 -15.32 18.55
C ILE C 469 42.60 -15.38 18.88
N TYR C 470 41.89 -16.28 18.20
CA TYR C 470 40.44 -16.40 18.32
C TYR C 470 40.09 -17.50 19.31
N GLN C 471 39.20 -17.17 20.25
CA GLN C 471 38.76 -18.10 21.28
C GLN C 471 37.40 -18.67 20.87
N ALA C 472 37.41 -19.90 20.34
CA ALA C 472 36.18 -20.56 19.94
C ALA C 472 35.45 -21.21 21.10
N GLY C 473 36.08 -21.35 22.26
CA GLY C 473 35.45 -22.02 23.38
C GLY C 473 35.33 -21.16 24.62
N ASN C 474 35.47 -21.77 25.79
CA ASN C 474 35.34 -21.09 27.07
C ASN C 474 36.69 -20.82 27.74
N LYS C 475 37.60 -21.78 27.68
CA LYS C 475 38.90 -21.60 28.29
C LYS C 475 39.71 -20.56 27.51
N PRO C 476 40.20 -19.52 28.16
CA PRO C 476 40.91 -18.44 27.45
C PRO C 476 42.16 -18.95 26.74
N CYS C 477 42.41 -18.42 25.55
CA CYS C 477 43.57 -18.84 24.78
C CYS C 477 44.87 -18.33 25.39
N ASN C 478 44.88 -17.06 25.82
CA ASN C 478 46.08 -16.42 26.39
C ASN C 478 47.25 -16.47 25.41
N GLY C 479 46.96 -16.30 24.12
CA GLY C 479 48.00 -16.17 23.13
C GLY C 479 48.63 -17.46 22.64
N VAL C 480 47.91 -18.58 22.68
CA VAL C 480 48.40 -19.84 22.15
C VAL C 480 47.37 -20.40 21.18
N ALA C 481 47.84 -21.11 20.17
CA ALA C 481 46.97 -21.72 19.17
C ALA C 481 46.72 -23.19 19.53
N GLY C 482 46.02 -23.38 20.64
CA GLY C 482 45.71 -24.69 21.17
C GLY C 482 44.32 -25.17 20.79
N PHE C 483 43.76 -26.01 21.65
CA PHE C 483 42.42 -26.53 21.43
C PHE C 483 41.40 -25.39 21.43
N ASN C 484 40.54 -25.37 20.41
CA ASN C 484 39.51 -24.34 20.25
C ASN C 484 40.11 -22.94 20.23
N CYS C 485 41.36 -22.83 19.75
CA CYS C 485 42.02 -21.53 19.64
C CYS C 485 42.66 -21.48 18.26
N TYR C 486 41.90 -20.99 17.29
CA TYR C 486 42.31 -21.00 15.89
C TYR C 486 42.86 -19.65 15.49
N PHE C 487 43.92 -19.65 14.70
CA PHE C 487 44.39 -18.43 14.06
C PHE C 487 43.37 -17.98 13.03
N PRO C 488 42.95 -16.71 13.05
CA PRO C 488 41.83 -16.30 12.18
C PRO C 488 42.18 -16.07 10.73
N LEU C 489 43.46 -16.00 10.37
CA LEU C 489 43.87 -15.71 9.01
C LEU C 489 44.35 -16.97 8.32
N ARG C 490 43.90 -17.17 7.07
CA ARG C 490 44.35 -18.26 6.22
C ARG C 490 44.87 -17.68 4.92
N SER C 491 45.46 -18.54 4.10
CA SER C 491 46.16 -18.12 2.89
C SER C 491 45.48 -18.67 1.65
N TYR C 492 45.50 -17.87 0.58
CA TYR C 492 45.05 -18.30 -0.74
C TYR C 492 46.26 -18.88 -1.47
N SER C 493 46.45 -20.19 -1.35
CA SER C 493 47.59 -20.86 -1.98
C SER C 493 47.31 -20.98 -3.48
N PHE C 494 47.47 -19.86 -4.18
CA PHE C 494 47.18 -19.83 -5.61
C PHE C 494 48.21 -20.63 -6.39
N ARG C 495 47.74 -21.36 -7.39
CA ARG C 495 48.59 -22.14 -8.27
C ARG C 495 48.03 -22.09 -9.69
N PRO C 496 48.89 -22.14 -10.70
CA PRO C 496 48.40 -22.10 -12.09
C PRO C 496 47.57 -23.30 -12.49
N THR C 497 47.67 -24.42 -11.76
CA THR C 497 46.97 -25.64 -12.13
C THR C 497 45.60 -25.75 -11.49
N TYR C 498 45.16 -24.74 -10.74
CA TYR C 498 43.85 -24.78 -10.12
C TYR C 498 42.75 -24.66 -11.17
N GLY C 499 41.53 -25.00 -10.76
CA GLY C 499 40.39 -24.82 -11.62
C GLY C 499 39.98 -23.37 -11.75
N VAL C 500 38.94 -23.16 -12.55
CA VAL C 500 38.43 -21.79 -12.74
C VAL C 500 37.87 -21.26 -11.44
N GLY C 501 37.24 -22.12 -10.64
CA GLY C 501 36.62 -21.71 -9.39
C GLY C 501 37.59 -21.29 -8.30
N HIS C 502 38.89 -21.49 -8.48
CA HIS C 502 39.88 -21.12 -7.48
C HIS C 502 41.01 -20.28 -8.03
N GLN C 503 40.98 -19.92 -9.30
CA GLN C 503 41.98 -19.02 -9.84
C GLN C 503 41.76 -17.61 -9.28
N PRO C 504 42.83 -16.84 -9.08
CA PRO C 504 42.67 -15.50 -8.49
C PRO C 504 41.92 -14.58 -9.44
N TYR C 505 41.14 -13.68 -8.85
CA TYR C 505 40.42 -12.64 -9.59
C TYR C 505 40.71 -11.30 -8.94
N ARG C 506 41.11 -10.33 -9.76
CA ARG C 506 41.35 -8.98 -9.28
C ARG C 506 40.02 -8.22 -9.31
N VAL C 507 39.72 -7.52 -8.22
CA VAL C 507 38.46 -6.82 -8.04
C VAL C 507 38.75 -5.37 -7.69
N VAL C 508 38.09 -4.45 -8.39
CA VAL C 508 38.16 -3.03 -8.12
C VAL C 508 36.73 -2.52 -7.99
N VAL C 509 36.42 -1.89 -6.86
CA VAL C 509 35.10 -1.36 -6.58
C VAL C 509 35.20 0.16 -6.60
N LEU C 510 34.40 0.79 -7.47
CA LEU C 510 34.31 2.24 -7.54
C LEU C 510 33.02 2.67 -6.86
N SER C 511 33.16 3.48 -5.81
CA SER C 511 32.02 3.98 -5.05
C SER C 511 31.92 5.49 -5.27
N PHE C 512 30.74 5.94 -5.69
CA PHE C 512 30.47 7.35 -5.88
C PHE C 512 29.60 7.89 -4.74
N GLU C 513 29.55 9.22 -4.67
CA GLU C 513 28.73 9.92 -3.69
C GLU C 513 27.96 11.04 -4.37
N LEU C 514 27.27 10.69 -5.46
CA LEU C 514 26.52 11.64 -6.27
C LEU C 514 25.67 12.55 -5.39
N LEU C 515 25.95 13.85 -5.46
CA LEU C 515 25.36 14.82 -4.55
C LEU C 515 25.35 16.18 -5.25
N HIS C 516 24.65 17.14 -4.66
CA HIS C 516 24.55 18.49 -5.18
C HIS C 516 25.78 19.34 -4.90
N ALA C 517 26.75 18.79 -4.18
CA ALA C 517 27.98 19.51 -3.90
C ALA C 517 28.77 19.75 -5.20
N PRO C 518 29.65 20.76 -5.22
CA PRO C 518 30.46 21.01 -6.42
C PRO C 518 31.18 19.76 -6.91
N ALA C 519 30.81 19.29 -8.09
CA ALA C 519 31.37 18.07 -8.65
C ALA C 519 32.83 18.31 -9.05
N THR C 520 33.76 17.72 -8.32
CA THR C 520 35.17 17.87 -8.63
C THR C 520 35.66 16.86 -9.67
N VAL C 521 34.87 15.84 -9.98
CA VAL C 521 35.20 14.86 -11.01
C VAL C 521 34.04 14.84 -11.99
N CYS C 522 34.30 15.26 -13.24
CA CYS C 522 33.24 15.20 -14.29
C CYS C 522 33.81 14.53 -15.54
N GLY C 523 33.01 13.71 -16.23
CA GLY C 523 33.42 12.99 -17.39
C GLY C 523 33.63 13.89 -18.59
N PRO C 524 34.07 13.30 -19.70
CA PRO C 524 34.41 14.09 -20.89
C PRO C 524 33.16 14.64 -21.57
N LYS C 525 32.99 15.96 -21.50
CA LYS C 525 31.90 16.65 -22.19
C LYS C 525 32.46 17.95 -22.76
N LYS C 526 31.61 18.70 -23.44
CA LYS C 526 32.01 19.93 -24.10
C LYS C 526 31.18 21.09 -23.56
N SER C 527 31.85 22.20 -23.27
CA SER C 527 31.16 23.41 -22.85
C SER C 527 30.51 24.10 -24.04
N THR C 528 29.55 24.98 -23.74
CA THR C 528 28.82 25.68 -24.78
C THR C 528 28.55 27.10 -24.28
N ASN C 529 28.42 28.03 -25.23
CA ASN C 529 28.18 29.42 -24.89
C ASN C 529 26.86 29.57 -24.15
N LEU C 530 26.80 30.59 -23.28
CA LEU C 530 25.64 30.81 -22.43
C LEU C 530 24.57 31.54 -23.24
N VAL C 531 23.38 30.95 -23.32
CA VAL C 531 22.24 31.54 -24.02
C VAL C 531 21.19 31.92 -22.97
N LYS C 532 20.73 33.16 -23.02
CA LYS C 532 19.87 33.70 -21.98
C LYS C 532 18.56 34.22 -22.57
N ASN C 533 17.53 34.23 -21.73
CA ASN C 533 16.25 34.87 -22.01
C ASN C 533 15.51 34.20 -23.16
N LYS C 534 15.47 32.87 -23.16
CA LYS C 534 14.64 32.13 -24.10
C LYS C 534 14.48 30.70 -23.59
N CYS C 535 13.51 30.00 -24.17
CA CYS C 535 13.22 28.61 -23.79
C CYS C 535 14.31 27.71 -24.34
N VAL C 536 15.18 27.22 -23.45
CA VAL C 536 16.35 26.43 -23.80
C VAL C 536 16.37 25.19 -22.93
N ASN C 537 16.92 24.10 -23.48
CA ASN C 537 17.18 22.89 -22.72
C ASN C 537 18.59 22.95 -22.15
N PHE C 538 18.69 23.07 -20.84
CA PHE C 538 19.96 23.30 -20.15
C PHE C 538 20.43 22.03 -19.45
N ASN C 539 21.75 21.91 -19.37
CA ASN C 539 22.39 20.78 -18.68
C ASN C 539 23.56 21.34 -17.89
N PHE C 540 23.36 21.50 -16.57
CA PHE C 540 24.35 22.03 -15.66
C PHE C 540 24.86 20.89 -14.77
N ASN C 541 26.08 20.44 -15.02
CA ASN C 541 26.74 19.42 -14.20
C ASN C 541 25.89 18.15 -14.11
N GLY C 542 25.36 17.72 -15.25
CA GLY C 542 24.50 16.56 -15.31
C GLY C 542 23.07 16.80 -14.89
N LEU C 543 22.75 17.99 -14.40
CA LEU C 543 21.38 18.36 -14.05
C LEU C 543 20.69 18.85 -15.32
N LYS C 544 19.74 18.08 -15.82
CA LYS C 544 19.03 18.42 -17.04
C LYS C 544 17.73 19.14 -16.71
N GLY C 545 17.32 20.02 -17.62
CA GLY C 545 16.06 20.72 -17.44
C GLY C 545 15.74 21.54 -18.67
N THR C 546 14.56 22.13 -18.66
CA THR C 546 14.08 22.98 -19.74
C THR C 546 13.46 24.23 -19.15
N GLY C 547 13.85 25.40 -19.65
CA GLY C 547 13.29 26.63 -19.12
C GLY C 547 14.00 27.84 -19.66
N VAL C 548 13.80 28.96 -18.98
CA VAL C 548 14.37 30.25 -19.35
C VAL C 548 15.35 30.65 -18.27
N LEU C 549 16.55 31.02 -18.68
CA LEU C 549 17.63 31.42 -17.79
C LEU C 549 17.71 32.94 -17.78
N THR C 550 17.58 33.53 -16.59
CA THR C 550 17.64 34.97 -16.46
C THR C 550 18.72 35.35 -15.44
N GLU C 551 19.25 36.56 -15.60
CA GLU C 551 20.18 37.07 -14.60
C GLU C 551 19.49 37.20 -13.26
N SER C 552 20.16 36.75 -12.21
CA SER C 552 19.56 36.62 -10.89
C SER C 552 20.08 37.70 -9.96
N ASN C 553 19.17 38.32 -9.22
CA ASN C 553 19.52 39.26 -8.17
C ASN C 553 19.60 38.59 -6.79
N LYS C 554 19.46 37.27 -6.72
CA LYS C 554 19.62 36.57 -5.47
C LYS C 554 21.06 36.69 -4.98
N LYS C 555 21.23 36.66 -3.65
CA LYS C 555 22.51 36.99 -3.05
C LYS C 555 22.99 35.92 -2.08
N PHE C 556 22.79 34.65 -2.42
CA PHE C 556 23.19 33.60 -1.48
C PHE C 556 24.70 33.58 -1.31
N LEU C 557 25.15 33.06 -0.17
CA LEU C 557 26.55 33.17 0.22
C LEU C 557 27.45 32.39 -0.74
N PRO C 558 28.73 32.75 -0.83
CA PRO C 558 29.61 32.13 -1.82
C PRO C 558 29.69 30.61 -1.70
N PHE C 559 29.66 30.06 -0.49
CA PHE C 559 29.75 28.61 -0.36
C PHE C 559 28.51 27.92 -0.91
N GLN C 560 27.35 28.58 -0.84
CA GLN C 560 26.12 27.97 -1.33
C GLN C 560 26.15 27.85 -2.85
N GLN C 561 25.68 26.72 -3.35
CA GLN C 561 25.75 26.40 -4.77
C GLN C 561 24.40 26.40 -5.46
N PHE C 562 23.44 25.63 -4.95
CA PHE C 562 22.13 25.50 -5.57
C PHE C 562 21.10 26.33 -4.81
N GLY C 563 19.92 26.46 -5.42
CA GLY C 563 18.82 27.14 -4.78
C GLY C 563 17.50 26.44 -5.04
N ARG C 564 16.80 26.07 -3.97
CA ARG C 564 15.54 25.37 -4.09
C ARG C 564 14.39 26.29 -3.72
N ASP C 565 13.17 25.75 -3.72
CA ASP C 565 11.96 26.53 -3.54
C ASP C 565 11.04 25.79 -2.58
N ILE C 566 9.79 26.25 -2.50
CA ILE C 566 8.80 25.62 -1.64
C ILE C 566 8.54 24.19 -2.09
N ALA C 567 8.42 23.97 -3.40
CA ALA C 567 8.12 22.66 -3.96
C ALA C 567 9.34 21.75 -3.99
N ASP C 568 10.47 22.19 -3.46
CA ASP C 568 11.69 21.39 -3.38
C ASP C 568 12.20 21.02 -4.78
N THR C 569 12.41 22.04 -5.60
CA THR C 569 13.04 21.88 -6.91
C THR C 569 14.00 23.05 -7.13
N THR C 570 15.03 22.82 -7.93
CA THR C 570 16.07 23.82 -8.14
C THR C 570 15.55 24.90 -9.08
N ASP C 571 15.49 26.14 -8.60
CA ASP C 571 15.10 27.28 -9.43
C ASP C 571 16.21 28.29 -9.63
N ALA C 572 17.22 28.30 -8.76
CA ALA C 572 18.37 29.18 -8.90
C ALA C 572 19.63 28.33 -8.92
N VAL C 573 20.55 28.66 -9.83
CA VAL C 573 21.74 27.86 -10.06
C VAL C 573 22.94 28.81 -10.19
N ARG C 574 24.14 28.24 -10.03
CA ARG C 574 25.38 28.97 -10.20
C ARG C 574 26.22 28.26 -11.26
N ASP C 575 26.67 29.02 -12.26
CA ASP C 575 27.38 28.42 -13.39
C ASP C 575 28.75 27.91 -12.95
N PRO C 576 29.19 26.75 -13.45
CA PRO C 576 30.53 26.27 -13.08
C PRO C 576 31.66 27.08 -13.69
N GLN C 577 31.58 27.38 -14.99
CA GLN C 577 32.68 28.07 -15.66
C GLN C 577 32.90 29.47 -15.09
N THR C 578 31.82 30.24 -14.97
CA THR C 578 31.87 31.58 -14.41
C THR C 578 30.89 31.66 -13.25
N LEU C 579 31.39 32.03 -12.07
CA LEU C 579 30.57 32.02 -10.87
C LEU C 579 29.56 33.15 -10.89
N GLU C 580 28.43 32.95 -11.57
CA GLU C 580 27.34 33.90 -11.60
C GLU C 580 26.03 33.20 -11.33
N ILE C 581 25.03 33.96 -10.96
CA ILE C 581 23.76 33.43 -10.46
C ILE C 581 22.73 33.51 -11.59
N LEU C 582 22.01 32.41 -11.81
CA LEU C 582 20.97 32.36 -12.82
C LEU C 582 19.66 31.89 -12.19
N ASP C 583 18.56 32.51 -12.61
CA ASP C 583 17.22 32.09 -12.22
C ASP C 583 16.60 31.28 -13.35
N ILE C 584 15.99 30.16 -12.99
CA ILE C 584 15.36 29.24 -13.93
C ILE C 584 13.86 29.42 -13.81
N THR C 585 13.20 29.69 -14.94
CA THR C 585 11.75 29.84 -14.94
C THR C 585 11.15 28.95 -16.02
N PRO C 586 10.12 28.17 -15.71
CA PRO C 586 9.49 27.34 -16.76
C PRO C 586 8.96 28.21 -17.88
N CYS C 587 9.07 27.69 -19.10
CA CYS C 587 8.66 28.44 -20.29
C CYS C 587 7.16 28.71 -20.27
N SER C 588 6.77 29.77 -20.96
CA SER C 588 5.39 30.25 -20.93
C SER C 588 4.40 29.16 -21.32
N PHE C 589 3.40 28.93 -20.48
CA PHE C 589 2.38 27.92 -20.71
C PHE C 589 1.05 28.44 -20.19
N GLY C 590 -0.03 27.77 -20.61
CA GLY C 590 -1.33 28.12 -20.11
C GLY C 590 -2.40 27.22 -20.68
N GLY C 591 -3.64 27.52 -20.30
CA GLY C 591 -4.80 26.77 -20.77
C GLY C 591 -5.54 27.52 -21.86
N VAL C 592 -6.09 26.77 -22.81
CA VAL C 592 -6.82 27.32 -23.94
C VAL C 592 -8.18 26.63 -24.03
N SER C 593 -9.23 27.44 -24.14
CA SER C 593 -10.61 26.96 -24.25
C SER C 593 -11.27 27.60 -25.45
N VAL C 594 -12.33 26.95 -25.95
CA VAL C 594 -12.98 27.34 -27.18
C VAL C 594 -14.42 27.74 -26.89
N ILE C 595 -14.78 28.96 -27.28
CA ILE C 595 -16.16 29.43 -27.23
C ILE C 595 -16.79 29.16 -28.58
N THR C 596 -17.98 28.54 -28.57
CA THR C 596 -18.63 28.26 -29.84
C THR C 596 -20.14 28.14 -29.68
N PRO C 597 -20.91 28.65 -30.64
CA PRO C 597 -22.33 28.29 -30.71
C PRO C 597 -22.49 26.87 -31.22
N GLY C 598 -23.73 26.41 -31.22
CA GLY C 598 -24.00 25.06 -31.68
C GLY C 598 -23.58 24.89 -33.13
N THR C 599 -22.96 23.74 -33.43
CA THR C 599 -22.59 23.44 -34.80
C THR C 599 -23.80 23.27 -35.70
N ASN C 600 -24.98 23.02 -35.13
CA ASN C 600 -26.19 22.90 -35.93
C ASN C 600 -26.56 24.22 -36.59
N THR C 601 -26.14 25.35 -36.00
CA THR C 601 -26.53 26.66 -36.52
C THR C 601 -25.37 27.45 -37.12
N SER C 602 -24.13 27.21 -36.68
CA SER C 602 -22.98 27.92 -37.20
C SER C 602 -21.72 27.14 -36.84
N ASN C 603 -20.59 27.59 -37.40
CA ASN C 603 -19.32 26.94 -37.12
C ASN C 603 -18.19 27.92 -36.86
N GLN C 604 -18.49 29.14 -36.41
CA GLN C 604 -17.45 30.07 -36.00
C GLN C 604 -17.11 29.86 -34.53
N VAL C 605 -15.84 30.10 -34.19
CA VAL C 605 -15.34 29.86 -32.84
C VAL C 605 -14.51 31.05 -32.40
N ALA C 606 -14.35 31.15 -31.08
CA ALA C 606 -13.46 32.11 -30.45
C ALA C 606 -12.56 31.37 -29.47
N VAL C 607 -11.42 31.97 -29.16
CA VAL C 607 -10.40 31.31 -28.34
C VAL C 607 -10.16 32.13 -27.09
N LEU C 608 -10.21 31.48 -25.94
CA LEU C 608 -9.92 32.12 -24.66
C LEU C 608 -8.64 31.51 -24.09
N TYR C 609 -7.64 32.36 -23.88
CA TYR C 609 -6.40 31.96 -23.22
C TYR C 609 -6.53 32.36 -21.76
N GLN C 610 -6.45 31.37 -20.87
CA GLN C 610 -6.77 31.59 -19.46
C GLN C 610 -5.58 32.16 -18.70
N GLY C 611 -5.83 33.21 -17.93
CA GLY C 611 -4.85 33.73 -17.00
C GLY C 611 -3.54 34.15 -17.62
N VAL C 612 -3.59 34.87 -18.74
CA VAL C 612 -2.38 35.34 -19.40
C VAL C 612 -2.71 36.62 -20.16
N ASN C 613 -1.81 37.59 -20.04
CA ASN C 613 -1.93 38.80 -20.85
C ASN C 613 -1.50 38.49 -22.28
N CYS C 614 -2.45 38.55 -23.21
CA CYS C 614 -2.20 38.10 -24.58
C CYS C 614 -1.28 39.02 -25.36
N THR C 615 -0.74 40.06 -24.73
CA THR C 615 0.41 40.74 -25.33
C THR C 615 1.68 39.90 -25.22
N GLU C 616 1.62 38.74 -24.57
CA GLU C 616 2.75 37.83 -24.43
C GLU C 616 2.45 36.44 -24.97
N VAL C 617 1.67 36.35 -26.04
CA VAL C 617 1.37 35.06 -26.64
C VAL C 617 1.70 35.07 -28.13
N ASN C 638 -10.17 42.64 -32.72
CA ASN C 638 -10.82 41.38 -32.39
C ASN C 638 -10.19 40.73 -31.16
N VAL C 639 -9.43 41.51 -30.41
CA VAL C 639 -8.74 41.04 -29.22
C VAL C 639 -9.28 41.80 -28.02
N PHE C 640 -9.74 41.08 -27.01
CA PHE C 640 -10.28 41.65 -25.79
C PHE C 640 -9.52 41.14 -24.58
N GLN C 641 -9.22 42.03 -23.64
CA GLN C 641 -8.47 41.69 -22.45
C GLN C 641 -9.43 41.67 -21.26
N THR C 642 -9.71 40.47 -20.75
CA THR C 642 -10.59 40.30 -19.60
C THR C 642 -9.76 39.91 -18.38
N ARG C 643 -10.44 39.87 -17.23
CA ARG C 643 -9.78 39.44 -16.00
C ARG C 643 -9.38 37.97 -16.07
N ALA C 644 -10.24 37.12 -16.64
CA ALA C 644 -9.96 35.69 -16.67
C ALA C 644 -8.89 35.33 -17.69
N GLY C 645 -8.58 36.22 -18.61
CA GLY C 645 -7.59 35.92 -19.65
C GLY C 645 -7.79 36.84 -20.84
N CYS C 646 -7.43 36.33 -22.02
CA CYS C 646 -7.61 37.08 -23.25
C CYS C 646 -8.52 36.34 -24.21
N LEU C 647 -9.40 37.09 -24.86
CA LEU C 647 -10.38 36.55 -25.80
C LEU C 647 -10.02 36.99 -27.21
N ILE C 648 -9.99 36.06 -28.15
CA ILE C 648 -9.67 36.32 -29.54
C ILE C 648 -10.82 35.82 -30.40
N GLY C 649 -11.27 36.64 -31.33
CA GLY C 649 -12.36 36.29 -32.22
C GLY C 649 -13.69 36.92 -31.86
N ALA C 650 -13.78 37.60 -30.71
CA ALA C 650 -15.02 38.24 -30.28
C ALA C 650 -14.77 39.72 -30.05
N GLU C 651 -15.74 40.53 -30.40
CA GLU C 651 -15.65 41.99 -30.27
C GLU C 651 -16.47 42.45 -29.08
N TYR C 652 -15.94 43.44 -28.35
CA TYR C 652 -16.62 43.95 -27.18
C TYR C 652 -17.72 44.93 -27.56
N VAL C 653 -18.84 44.85 -26.85
CA VAL C 653 -20.02 45.66 -27.14
C VAL C 653 -20.44 46.35 -25.84
N ASN C 654 -20.74 47.65 -25.93
CA ASN C 654 -21.12 48.41 -24.76
C ASN C 654 -22.54 48.10 -24.29
N ASN C 655 -23.30 47.32 -25.06
CA ASN C 655 -24.66 46.99 -24.67
C ASN C 655 -24.65 45.96 -23.53
N SER C 656 -25.84 45.51 -23.14
CA SER C 656 -25.99 44.57 -22.05
C SER C 656 -27.20 43.69 -22.30
N TYR C 657 -27.01 42.38 -22.17
CA TYR C 657 -28.08 41.41 -22.34
C TYR C 657 -27.92 40.34 -21.25
N GLU C 658 -28.78 39.33 -21.30
CA GLU C 658 -28.64 38.21 -20.38
C GLU C 658 -27.49 37.31 -20.82
N CYS C 659 -26.96 36.56 -19.86
CA CYS C 659 -25.81 35.70 -20.13
C CYS C 659 -26.23 34.48 -20.93
N ASP C 660 -25.47 34.17 -21.98
CA ASP C 660 -25.69 33.00 -22.81
C ASP C 660 -24.56 31.98 -22.68
N ILE C 661 -23.32 32.41 -22.93
CA ILE C 661 -22.15 31.56 -22.72
C ILE C 661 -21.28 32.25 -21.68
N PRO C 662 -21.26 31.77 -20.43
CA PRO C 662 -20.56 32.50 -19.37
C PRO C 662 -19.05 32.40 -19.52
N ILE C 663 -18.42 33.55 -19.77
CA ILE C 663 -16.96 33.63 -19.82
C ILE C 663 -16.37 33.70 -18.42
N GLY C 664 -16.74 34.73 -17.67
CA GLY C 664 -16.27 34.90 -16.31
C GLY C 664 -16.02 36.36 -16.00
N ALA C 665 -15.84 36.65 -14.71
CA ALA C 665 -15.57 38.00 -14.22
C ALA C 665 -16.65 38.99 -14.67
N GLY C 666 -17.89 38.51 -14.72
CA GLY C 666 -19.00 39.36 -15.14
C GLY C 666 -19.13 39.55 -16.63
N ILE C 667 -18.34 38.84 -17.43
CA ILE C 667 -18.37 38.96 -18.88
C ILE C 667 -18.95 37.67 -19.46
N CYS C 668 -19.87 37.80 -20.40
CA CYS C 668 -20.47 36.68 -21.10
C CYS C 668 -20.31 36.89 -22.60
N ALA C 669 -20.63 35.85 -23.37
CA ALA C 669 -20.50 35.89 -24.81
C ALA C 669 -21.76 35.30 -25.45
N SER C 670 -22.05 35.75 -26.66
CA SER C 670 -23.24 35.30 -27.38
C SER C 670 -23.03 35.50 -28.87
N TYR C 671 -23.90 34.85 -29.65
CA TYR C 671 -23.87 34.94 -31.10
C TYR C 671 -25.19 35.52 -31.59
N GLN C 672 -25.12 36.52 -32.45
CA GLN C 672 -26.32 37.15 -32.99
C GLN C 672 -26.34 37.11 -34.51
N SER C 688 -21.64 37.24 -36.31
CA SER C 688 -20.38 37.31 -35.58
C SER C 688 -20.60 37.06 -34.10
N ILE C 689 -19.53 36.74 -33.39
CA ILE C 689 -19.57 36.44 -31.97
C ILE C 689 -19.24 37.70 -31.19
N ILE C 690 -20.06 38.04 -30.20
CA ILE C 690 -19.88 39.24 -29.40
C ILE C 690 -19.71 38.86 -27.95
N ALA C 691 -19.05 39.74 -27.20
CA ALA C 691 -18.85 39.58 -25.76
C ALA C 691 -19.25 40.88 -25.07
N TYR C 692 -19.90 40.74 -23.91
CA TYR C 692 -20.47 41.90 -23.25
C TYR C 692 -20.56 41.66 -21.75
N THR C 693 -20.71 42.75 -21.00
CA THR C 693 -21.03 42.64 -19.59
C THR C 693 -22.49 42.22 -19.43
N MET C 694 -22.73 41.20 -18.62
CA MET C 694 -24.07 40.67 -18.47
C MET C 694 -24.97 41.69 -17.78
N SER C 695 -26.23 41.74 -18.21
CA SER C 695 -27.20 42.64 -17.62
C SER C 695 -27.85 41.97 -16.42
N LEU C 696 -27.80 42.65 -15.27
CA LEU C 696 -28.29 42.05 -14.04
C LEU C 696 -29.79 41.79 -14.10
N GLY C 697 -30.55 42.74 -14.63
CA GLY C 697 -31.98 42.58 -14.75
C GLY C 697 -32.64 43.87 -15.15
N ALA C 698 -33.97 43.82 -15.25
CA ALA C 698 -34.74 44.99 -15.62
C ALA C 698 -34.72 46.01 -14.50
N GLU C 699 -34.24 47.21 -14.78
CA GLU C 699 -34.23 48.26 -13.79
C GLU C 699 -35.64 48.75 -13.50
N ASN C 700 -35.92 49.03 -12.23
CA ASN C 700 -37.26 49.45 -11.83
C ASN C 700 -37.14 50.28 -10.55
N SER C 701 -38.09 51.19 -10.38
CA SER C 701 -38.17 52.03 -9.18
C SER C 701 -39.61 52.09 -8.74
N VAL C 702 -39.85 51.90 -7.44
CA VAL C 702 -41.20 51.96 -6.88
C VAL C 702 -41.37 53.30 -6.19
N ALA C 703 -42.58 53.85 -6.28
CA ALA C 703 -42.89 55.17 -5.73
C ALA C 703 -43.34 54.99 -4.28
N TYR C 704 -42.43 55.25 -3.35
CA TYR C 704 -42.73 55.12 -1.93
C TYR C 704 -43.05 56.49 -1.35
N SER C 705 -44.13 56.57 -0.58
CA SER C 705 -44.49 57.79 0.12
C SER C 705 -45.25 57.41 1.39
N ASN C 706 -45.13 58.25 2.41
CA ASN C 706 -45.64 57.97 3.73
C ASN C 706 -47.14 58.19 3.88
N ASN C 707 -47.89 58.35 2.79
CA ASN C 707 -49.35 58.37 2.90
C ASN C 707 -50.04 57.68 1.72
N SER C 708 -49.33 56.84 0.97
CA SER C 708 -49.89 56.19 -0.21
C SER C 708 -49.78 54.68 -0.08
N ILE C 709 -50.76 53.98 -0.64
CA ILE C 709 -50.79 52.52 -0.64
C ILE C 709 -51.23 52.05 -2.02
N ALA C 710 -50.99 50.77 -2.30
CA ALA C 710 -51.40 50.14 -3.54
C ALA C 710 -52.11 48.84 -3.22
N ILE C 711 -53.31 48.67 -3.78
CA ILE C 711 -54.12 47.49 -3.49
C ILE C 711 -54.49 46.80 -4.79
N PRO C 712 -54.36 45.48 -4.89
CA PRO C 712 -54.75 44.78 -6.11
C PRO C 712 -56.25 44.81 -6.32
N THR C 713 -56.66 44.74 -7.58
CA THR C 713 -58.07 44.68 -7.93
C THR C 713 -58.43 43.46 -8.76
N ASN C 714 -57.46 42.63 -9.11
CA ASN C 714 -57.72 41.43 -9.89
C ASN C 714 -56.67 40.39 -9.54
N PHE C 715 -56.87 39.17 -10.03
CA PHE C 715 -55.95 38.10 -9.70
C PHE C 715 -55.71 37.21 -10.90
N THR C 716 -54.80 36.27 -10.74
CA THR C 716 -54.45 35.30 -11.76
C THR C 716 -54.12 33.98 -11.10
N ILE C 717 -54.77 32.92 -11.54
CA ILE C 717 -54.46 31.56 -11.08
C ILE C 717 -53.36 31.00 -11.97
N SER C 718 -52.17 30.85 -11.40
CA SER C 718 -51.01 30.40 -12.16
C SER C 718 -50.71 28.95 -11.82
N VAL C 719 -50.08 28.26 -12.77
CA VAL C 719 -49.64 26.88 -12.58
C VAL C 719 -48.18 26.80 -12.98
N THR C 720 -47.36 26.19 -12.13
CA THR C 720 -45.94 26.03 -12.38
C THR C 720 -45.55 24.56 -12.24
N THR C 721 -44.44 24.20 -12.87
CA THR C 721 -43.94 22.83 -12.83
C THR C 721 -42.62 22.78 -12.09
N GLU C 722 -42.38 21.68 -11.39
CA GLU C 722 -41.13 21.48 -10.66
C GLU C 722 -40.74 20.01 -10.75
N ILE C 723 -39.53 19.73 -11.21
CA ILE C 723 -39.06 18.37 -11.46
C ILE C 723 -38.05 18.01 -10.39
N LEU C 724 -38.19 16.82 -9.80
CA LEU C 724 -37.29 16.36 -8.75
C LEU C 724 -36.90 14.91 -9.00
N PRO C 725 -35.62 14.59 -9.13
CA PRO C 725 -35.22 13.18 -9.21
C PRO C 725 -35.42 12.50 -7.87
N VAL C 726 -35.64 11.19 -7.92
CA VAL C 726 -35.94 10.42 -6.71
C VAL C 726 -34.94 9.29 -6.54
N SER C 727 -34.81 8.45 -7.57
CA SER C 727 -33.95 7.27 -7.49
C SER C 727 -33.11 7.15 -8.75
N MET C 728 -31.97 6.49 -8.63
CA MET C 728 -31.11 6.18 -9.76
C MET C 728 -31.16 4.69 -10.06
N THR C 729 -30.36 4.28 -11.04
CA THR C 729 -30.41 2.90 -11.51
C THR C 729 -29.68 1.98 -10.53
N LYS C 730 -30.35 0.90 -10.13
CA LYS C 730 -29.75 -0.09 -9.26
C LYS C 730 -28.79 -0.96 -10.06
N THR C 731 -27.50 -0.87 -9.76
CA THR C 731 -26.48 -1.59 -10.50
C THR C 731 -25.75 -2.57 -9.59
N SER C 732 -25.15 -3.57 -10.22
CA SER C 732 -24.34 -4.56 -9.52
C SER C 732 -23.23 -5.00 -10.45
N VAL C 733 -22.12 -5.43 -9.87
CA VAL C 733 -20.92 -5.75 -10.63
C VAL C 733 -20.41 -7.12 -10.21
N ASP C 734 -19.99 -7.91 -11.19
CA ASP C 734 -19.35 -9.20 -10.96
C ASP C 734 -17.85 -8.99 -10.94
N CYS C 735 -17.22 -9.30 -9.80
CA CYS C 735 -15.81 -9.00 -9.62
C CYS C 735 -14.94 -9.77 -10.62
N THR C 736 -14.97 -11.10 -10.53
CA THR C 736 -13.98 -11.92 -11.22
C THR C 736 -14.06 -11.78 -12.75
N MET C 737 -15.26 -11.68 -13.32
CA MET C 737 -15.37 -11.66 -14.77
C MET C 737 -14.90 -10.31 -15.33
N TYR C 738 -14.96 -9.25 -14.52
CA TYR C 738 -14.42 -7.97 -14.97
C TYR C 738 -12.92 -7.90 -14.75
N ILE C 739 -12.47 -8.21 -13.53
CA ILE C 739 -11.05 -8.11 -13.21
C ILE C 739 -10.24 -9.10 -14.04
N CYS C 740 -10.76 -10.31 -14.23
CA CYS C 740 -10.12 -11.33 -15.03
C CYS C 740 -10.83 -11.45 -16.37
N GLY C 741 -10.45 -12.46 -17.15
CA GLY C 741 -11.14 -12.74 -18.39
C GLY C 741 -11.83 -14.10 -18.34
N ASP C 742 -11.83 -14.81 -19.46
CA ASP C 742 -12.35 -16.17 -19.48
C ASP C 742 -11.35 -17.18 -18.93
N SER C 743 -10.12 -16.76 -18.64
CA SER C 743 -9.12 -17.67 -18.11
C SER C 743 -9.46 -18.06 -16.67
N THR C 744 -8.86 -19.14 -16.22
CA THR C 744 -9.11 -19.68 -14.88
C THR C 744 -8.01 -19.37 -13.88
N GLU C 745 -6.75 -19.48 -14.28
CA GLU C 745 -5.64 -19.22 -13.36
C GLU C 745 -5.57 -17.76 -12.94
N CYS C 746 -6.21 -16.86 -13.67
CA CYS C 746 -6.26 -15.46 -13.24
C CYS C 746 -6.99 -15.34 -11.90
N SER C 747 -8.10 -16.08 -11.75
CA SER C 747 -8.79 -16.10 -10.46
C SER C 747 -7.90 -16.70 -9.37
N ASN C 748 -7.11 -17.72 -9.72
CA ASN C 748 -6.18 -18.30 -8.76
C ASN C 748 -5.17 -17.26 -8.29
N LEU C 749 -4.66 -16.45 -9.22
CA LEU C 749 -3.77 -15.35 -8.84
C LEU C 749 -4.49 -14.34 -7.96
N LEU C 750 -5.76 -14.06 -8.27
CA LEU C 750 -6.53 -13.10 -7.48
C LEU C 750 -6.71 -13.56 -6.05
N LEU C 751 -6.94 -14.87 -5.84
CA LEU C 751 -7.33 -15.36 -4.51
C LEU C 751 -6.39 -14.90 -3.40
N GLN C 752 -5.18 -14.47 -3.72
CA GLN C 752 -4.24 -13.98 -2.72
C GLN C 752 -4.29 -12.47 -2.53
N TYR C 753 -5.14 -11.76 -3.28
CA TYR C 753 -5.11 -10.31 -3.28
C TYR C 753 -6.01 -9.67 -2.22
N GLY C 754 -6.85 -10.45 -1.54
CA GLY C 754 -7.68 -9.93 -0.49
C GLY C 754 -9.14 -10.24 -0.76
N SER C 755 -10.02 -9.48 -0.10
CA SER C 755 -11.46 -9.66 -0.17
C SER C 755 -12.17 -8.38 -0.58
N PHE C 756 -11.67 -7.71 -1.62
CA PHE C 756 -12.31 -6.48 -2.08
C PHE C 756 -13.68 -6.74 -2.64
N CYS C 757 -13.91 -7.93 -3.20
CA CYS C 757 -15.20 -8.27 -3.77
C CYS C 757 -16.31 -8.16 -2.73
N THR C 758 -16.04 -8.59 -1.49
CA THR C 758 -17.03 -8.49 -0.44
C THR C 758 -17.42 -7.03 -0.17
N GLN C 759 -16.41 -6.15 -0.09
CA GLN C 759 -16.68 -4.74 0.17
C GLN C 759 -17.50 -4.14 -0.97
N LEU C 760 -17.13 -4.46 -2.21
CA LEU C 760 -17.86 -3.92 -3.35
C LEU C 760 -19.30 -4.39 -3.37
N LYS C 761 -19.51 -5.69 -3.15
CA LYS C 761 -20.87 -6.21 -3.13
C LYS C 761 -21.69 -5.57 -2.02
N ARG C 762 -21.10 -5.42 -0.83
CA ARG C 762 -21.83 -4.81 0.28
C ARG C 762 -22.23 -3.38 -0.06
N ALA C 763 -21.30 -2.61 -0.64
CA ALA C 763 -21.62 -1.23 -1.00
C ALA C 763 -22.72 -1.16 -2.04
N LEU C 764 -22.65 -2.03 -3.06
CA LEU C 764 -23.65 -1.97 -4.13
C LEU C 764 -25.03 -2.40 -3.63
N THR C 765 -25.11 -3.43 -2.79
CA THR C 765 -26.41 -3.79 -2.23
C THR C 765 -26.95 -2.69 -1.32
N GLY C 766 -26.06 -2.03 -0.57
CA GLY C 766 -26.50 -0.89 0.22
C GLY C 766 -27.10 0.20 -0.65
N ILE C 767 -26.45 0.52 -1.76
CA ILE C 767 -26.98 1.54 -2.67
C ILE C 767 -28.33 1.11 -3.24
N ALA C 768 -28.45 -0.16 -3.64
CA ALA C 768 -29.71 -0.62 -4.23
C ALA C 768 -30.86 -0.55 -3.23
N VAL C 769 -30.64 -1.05 -2.00
CA VAL C 769 -31.70 -1.00 -1.02
C VAL C 769 -32.02 0.46 -0.66
N GLU C 770 -31.01 1.34 -0.68
CA GLU C 770 -31.29 2.75 -0.45
C GLU C 770 -32.17 3.34 -1.55
N GLN C 771 -31.94 2.94 -2.81
CA GLN C 771 -32.79 3.43 -3.89
C GLN C 771 -34.23 2.97 -3.71
N ASP C 772 -34.41 1.69 -3.38
CA ASP C 772 -35.77 1.18 -3.17
C ASP C 772 -36.44 1.89 -1.98
N LYS C 773 -35.67 2.11 -0.91
CA LYS C 773 -36.21 2.85 0.24
C LYS C 773 -36.60 4.26 -0.14
N ASN C 774 -35.79 4.92 -0.98
CA ASN C 774 -36.11 6.26 -1.42
C ASN C 774 -37.43 6.30 -2.17
N THR C 775 -37.59 5.39 -3.14
CA THR C 775 -38.83 5.37 -3.90
C THR C 775 -40.04 5.11 -3.00
N GLN C 776 -39.93 4.11 -2.13
CA GLN C 776 -41.05 3.76 -1.25
C GLN C 776 -41.38 4.91 -0.30
N GLU C 777 -40.36 5.59 0.23
CA GLU C 777 -40.59 6.72 1.11
C GLU C 777 -41.26 7.87 0.39
N VAL C 778 -40.83 8.15 -0.84
CA VAL C 778 -41.40 9.30 -1.56
C VAL C 778 -42.85 9.04 -1.92
N PHE C 779 -43.17 7.85 -2.44
CA PHE C 779 -44.51 7.63 -2.98
C PHE C 779 -45.47 6.98 -2.00
N ALA C 780 -45.05 5.93 -1.30
CA ALA C 780 -45.96 5.16 -0.44
C ALA C 780 -46.21 5.95 0.85
N GLN C 781 -47.18 6.86 0.77
CA GLN C 781 -47.57 7.66 1.93
C GLN C 781 -49.04 7.56 2.28
N VAL C 782 -49.82 6.72 1.61
CA VAL C 782 -51.23 6.53 1.91
C VAL C 782 -51.49 5.04 2.11
N LYS C 783 -52.26 4.71 3.14
CA LYS C 783 -52.61 3.34 3.44
C LYS C 783 -53.92 2.90 2.80
N GLN C 784 -54.53 3.77 2.00
CA GLN C 784 -55.76 3.45 1.28
C GLN C 784 -55.59 3.81 -0.18
N ILE C 785 -56.31 3.11 -1.05
CA ILE C 785 -56.28 3.39 -2.47
C ILE C 785 -57.65 3.90 -2.90
N TYR C 786 -57.81 5.22 -2.91
CA TYR C 786 -59.08 5.83 -3.28
C TYR C 786 -59.29 5.77 -4.78
N LYS C 787 -60.56 5.76 -5.18
CA LYS C 787 -60.94 5.78 -6.58
C LYS C 787 -61.81 7.00 -6.85
N THR C 788 -61.53 7.69 -7.95
CA THR C 788 -62.31 8.86 -8.31
C THR C 788 -63.73 8.45 -8.65
N PRO C 789 -64.71 9.32 -8.36
CA PRO C 789 -66.10 8.98 -8.70
C PRO C 789 -66.28 8.90 -10.20
N PRO C 790 -67.23 8.09 -10.68
CA PRO C 790 -67.39 7.94 -12.13
C PRO C 790 -67.76 9.23 -12.85
N ILE C 791 -68.53 10.10 -12.22
CA ILE C 791 -68.94 11.37 -12.83
C ILE C 791 -67.90 12.42 -12.52
N LYS C 792 -67.22 12.91 -13.56
CA LYS C 792 -66.13 13.86 -13.40
C LYS C 792 -66.62 15.30 -13.61
N TYR C 793 -67.50 15.74 -12.72
CA TYR C 793 -67.98 17.11 -12.71
C TYR C 793 -67.62 17.73 -11.37
N PHE C 794 -66.91 18.85 -11.39
CA PHE C 794 -66.41 19.51 -10.19
C PHE C 794 -66.68 21.01 -10.26
N GLY C 795 -67.90 21.37 -10.65
CA GLY C 795 -68.29 22.77 -10.69
C GLY C 795 -67.52 23.61 -11.69
N GLY C 796 -67.31 23.09 -12.90
CA GLY C 796 -66.62 23.82 -13.94
C GLY C 796 -65.13 23.59 -14.01
N PHE C 797 -64.55 22.89 -13.02
CA PHE C 797 -63.12 22.59 -13.06
C PHE C 797 -62.89 21.33 -13.88
N ASN C 798 -61.82 21.35 -14.68
CA ASN C 798 -61.52 20.30 -15.64
C ASN C 798 -60.21 19.62 -15.22
N PHE C 799 -60.30 18.32 -14.92
CA PHE C 799 -59.15 17.54 -14.48
C PHE C 799 -58.82 16.41 -15.43
N SER C 800 -59.32 16.47 -16.67
CA SER C 800 -59.09 15.38 -17.62
C SER C 800 -57.61 15.24 -17.98
N GLN C 801 -56.85 16.33 -17.88
CA GLN C 801 -55.45 16.29 -18.29
C GLN C 801 -54.55 15.60 -17.28
N ILE C 802 -55.00 15.47 -16.02
CA ILE C 802 -54.16 14.87 -14.98
C ILE C 802 -54.72 13.55 -14.46
N LEU C 803 -56.02 13.30 -14.59
CA LEU C 803 -56.57 12.04 -14.12
C LEU C 803 -56.20 10.91 -15.07
N PRO C 804 -56.17 9.67 -14.57
CA PRO C 804 -55.84 8.54 -15.44
C PRO C 804 -56.85 8.38 -16.56
N ASP C 805 -56.36 7.95 -17.72
CA ASP C 805 -57.22 7.75 -18.89
C ASP C 805 -57.37 6.25 -19.16
N PRO C 806 -58.55 5.69 -18.97
CA PRO C 806 -58.72 4.24 -19.19
C PRO C 806 -58.49 3.80 -20.63
N SER C 807 -58.57 4.73 -21.59
CA SER C 807 -58.40 4.35 -22.99
C SER C 807 -57.01 3.78 -23.26
N LYS C 808 -55.97 4.43 -22.73
CA LYS C 808 -54.63 3.90 -22.88
C LYS C 808 -54.48 2.61 -22.09
N PRO C 809 -53.82 1.60 -22.65
CA PRO C 809 -53.64 0.34 -21.91
C PRO C 809 -52.86 0.49 -20.62
N SER C 810 -51.92 1.42 -20.56
CA SER C 810 -51.07 1.59 -19.38
C SER C 810 -51.76 2.33 -18.25
N LYS C 811 -52.95 2.90 -18.49
CA LYS C 811 -53.70 3.62 -17.46
C LYS C 811 -52.88 4.78 -16.89
N ARG C 812 -52.58 5.73 -17.77
CA ARG C 812 -51.75 6.87 -17.40
C ARG C 812 -52.36 8.16 -17.94
N SER C 813 -52.05 9.25 -17.24
CA SER C 813 -52.52 10.56 -17.67
C SER C 813 -51.75 11.01 -18.90
N PRO C 814 -52.35 11.86 -19.74
CA PRO C 814 -51.61 12.39 -20.91
C PRO C 814 -50.32 13.08 -20.54
N ILE C 815 -50.28 13.78 -19.40
CA ILE C 815 -49.04 14.42 -18.96
C ILE C 815 -47.98 13.37 -18.67
N GLU C 816 -48.38 12.27 -18.02
CA GLU C 816 -47.43 11.19 -17.72
C GLU C 816 -46.91 10.57 -19.01
N ASP C 817 -47.79 10.36 -19.99
CA ASP C 817 -47.36 9.81 -21.27
C ASP C 817 -46.38 10.74 -21.97
N LEU C 818 -46.65 12.04 -21.95
CA LEU C 818 -45.73 13.01 -22.54
C LEU C 818 -44.38 12.99 -21.84
N LEU C 819 -44.39 12.89 -20.51
CA LEU C 819 -43.15 12.84 -19.76
C LEU C 819 -42.35 11.59 -20.11
N PHE C 820 -43.02 10.45 -20.22
CA PHE C 820 -42.33 9.22 -20.60
C PHE C 820 -41.75 9.32 -22.01
N ASN C 821 -42.50 9.88 -22.94
CA ASN C 821 -42.02 9.97 -24.32
C ASN C 821 -40.92 11.01 -24.47
N LYS C 822 -40.85 11.99 -23.57
CA LYS C 822 -39.81 13.01 -23.66
C LYS C 822 -38.47 12.58 -23.08
N VAL C 823 -38.42 11.46 -22.37
CA VAL C 823 -37.19 10.98 -21.75
C VAL C 823 -36.85 9.61 -22.34
N THR C 824 -35.61 9.46 -22.80
CA THR C 824 -35.14 8.20 -23.37
C THR C 824 -34.36 7.41 -22.34
N ALA C 849 -24.50 -0.60 -24.33
CA ALA C 849 -25.89 -0.95 -24.58
C ALA C 849 -26.28 -2.20 -23.81
N GLN C 850 -25.88 -3.36 -24.30
CA GLN C 850 -26.20 -4.65 -23.69
C GLN C 850 -24.97 -5.55 -23.64
N LYS C 851 -23.83 -4.97 -23.24
CA LYS C 851 -22.58 -5.71 -23.10
C LYS C 851 -22.44 -6.13 -21.64
N PHE C 852 -22.72 -7.40 -21.36
CA PHE C 852 -22.65 -7.93 -20.00
C PHE C 852 -21.27 -8.51 -19.75
N LYS C 853 -20.30 -7.61 -19.55
CA LYS C 853 -18.96 -8.00 -19.13
C LYS C 853 -18.81 -7.95 -17.63
N GLY C 854 -19.72 -8.62 -16.91
CA GLY C 854 -19.76 -8.59 -15.47
C GLY C 854 -20.63 -7.49 -14.90
N LEU C 855 -21.03 -6.53 -15.74
CA LEU C 855 -21.85 -5.41 -15.28
C LEU C 855 -23.32 -5.72 -15.51
N THR C 856 -24.13 -5.54 -14.46
CA THR C 856 -25.54 -5.89 -14.50
C THR C 856 -26.36 -4.69 -14.04
N VAL C 857 -27.67 -4.77 -14.28
CA VAL C 857 -28.62 -3.74 -13.87
C VAL C 857 -29.79 -4.45 -13.20
N LEU C 858 -29.98 -4.20 -11.91
CA LEU C 858 -31.07 -4.83 -11.19
C LEU C 858 -32.38 -4.07 -11.43
N PRO C 859 -33.50 -4.76 -11.64
CA PRO C 859 -34.75 -4.06 -11.88
C PRO C 859 -35.26 -3.41 -10.61
N PRO C 860 -35.99 -2.31 -10.71
CA PRO C 860 -36.58 -1.69 -9.52
C PRO C 860 -37.69 -2.55 -8.94
N LEU C 861 -37.89 -2.41 -7.63
CA LEU C 861 -38.90 -3.20 -6.94
C LEU C 861 -40.31 -2.80 -7.36
N LEU C 862 -40.56 -1.50 -7.46
CA LEU C 862 -41.90 -0.99 -7.79
C LEU C 862 -41.97 -0.71 -9.29
N THR C 863 -42.88 -1.41 -9.97
CA THR C 863 -43.09 -1.16 -11.39
C THR C 863 -43.78 0.19 -11.59
N ASP C 864 -43.70 0.69 -12.82
CA ASP C 864 -44.27 2.00 -13.12
C ASP C 864 -45.77 2.03 -12.93
N GLU C 865 -46.45 0.90 -13.15
CA GLU C 865 -47.89 0.85 -12.96
C GLU C 865 -48.25 1.10 -11.50
N MET C 866 -47.48 0.53 -10.56
CA MET C 866 -47.76 0.74 -9.15
C MET C 866 -47.57 2.20 -8.75
N ILE C 867 -46.52 2.84 -9.27
CA ILE C 867 -46.30 4.25 -8.98
C ILE C 867 -47.42 5.10 -9.55
N ALA C 868 -47.87 4.78 -10.77
CA ALA C 868 -49.01 5.48 -11.34
C ALA C 868 -50.26 5.29 -10.50
N GLN C 869 -50.44 4.09 -9.95
CA GLN C 869 -51.58 3.84 -9.08
C GLN C 869 -51.51 4.67 -7.80
N TYR C 870 -50.32 4.78 -7.21
CA TYR C 870 -50.15 5.66 -6.05
C TYR C 870 -50.49 7.10 -6.40
N THR C 871 -50.01 7.59 -7.54
CA THR C 871 -50.30 8.97 -7.93
C THR C 871 -51.79 9.17 -8.16
N SER C 872 -52.45 8.21 -8.79
CA SER C 872 -53.89 8.31 -9.00
C SER C 872 -54.65 8.34 -7.68
N ALA C 873 -54.24 7.50 -6.74
CA ALA C 873 -54.88 7.50 -5.42
C ALA C 873 -54.68 8.84 -4.72
N LEU C 874 -53.47 9.40 -4.80
CA LEU C 874 -53.22 10.71 -4.20
C LEU C 874 -54.09 11.78 -4.84
N LEU C 875 -54.22 11.76 -6.17
CA LEU C 875 -55.05 12.74 -6.84
C LEU C 875 -56.52 12.61 -6.44
N ALA C 876 -57.04 11.38 -6.39
CA ALA C 876 -58.42 11.18 -5.99
C ALA C 876 -58.65 11.65 -4.56
N GLY C 877 -57.71 11.35 -3.67
CA GLY C 877 -57.85 11.79 -2.29
C GLY C 877 -57.83 13.30 -2.15
N THR C 878 -56.91 13.97 -2.84
CA THR C 878 -56.81 15.42 -2.73
C THR C 878 -57.92 16.15 -3.48
N ILE C 879 -58.60 15.48 -4.40
CA ILE C 879 -59.73 16.10 -5.08
C ILE C 879 -61.02 15.92 -4.28
N THR C 880 -61.34 14.69 -3.88
CA THR C 880 -62.62 14.41 -3.27
C THR C 880 -62.68 14.68 -1.78
N SER C 881 -61.54 14.88 -1.12
CA SER C 881 -61.53 14.95 0.35
C SER C 881 -60.69 16.11 0.88
N GLY C 882 -60.24 17.01 0.02
CA GLY C 882 -59.43 18.11 0.50
C GLY C 882 -58.11 17.64 1.06
N TRP C 883 -57.80 18.06 2.28
CA TRP C 883 -56.58 17.68 2.95
C TRP C 883 -56.81 16.77 4.16
N THR C 884 -58.06 16.52 4.53
CA THR C 884 -58.34 15.73 5.72
C THR C 884 -57.89 14.28 5.57
N PHE C 885 -57.76 13.78 4.34
CA PHE C 885 -57.33 12.40 4.14
C PHE C 885 -55.88 12.20 4.53
N GLY C 886 -55.10 13.26 4.70
CA GLY C 886 -53.73 13.17 5.13
C GLY C 886 -53.53 13.18 6.63
N ALA C 887 -54.59 13.32 7.41
CA ALA C 887 -54.48 13.39 8.87
C ALA C 887 -55.56 12.56 9.57
N GLY C 888 -56.15 11.59 8.87
CA GLY C 888 -57.18 10.77 9.44
C GLY C 888 -58.10 10.21 8.38
N PRO C 889 -59.33 9.88 8.76
CA PRO C 889 -60.29 9.39 7.77
C PRO C 889 -60.65 10.48 6.76
N ALA C 890 -60.84 10.04 5.52
CA ALA C 890 -61.17 10.97 4.45
C ALA C 890 -62.62 11.44 4.57
N LEU C 891 -62.82 12.74 4.44
CA LEU C 891 -64.15 13.34 4.52
C LEU C 891 -64.43 14.09 3.23
N GLN C 892 -65.54 13.78 2.58
CA GLN C 892 -65.84 14.39 1.29
C GLN C 892 -66.34 15.82 1.47
N ILE C 893 -65.90 16.69 0.56
CA ILE C 893 -66.28 18.10 0.58
C ILE C 893 -66.46 18.55 -0.87
N PRO C 894 -67.53 19.29 -1.19
CA PRO C 894 -67.67 19.82 -2.55
C PRO C 894 -66.49 20.70 -2.92
N PHE C 895 -66.03 20.55 -4.16
CA PHE C 895 -64.80 21.21 -4.58
C PHE C 895 -64.86 22.74 -4.47
N PRO C 896 -65.94 23.42 -4.88
CA PRO C 896 -65.99 24.87 -4.65
C PRO C 896 -65.84 25.26 -3.20
N MET C 897 -66.40 24.46 -2.28
CA MET C 897 -66.21 24.75 -0.86
C MET C 897 -64.75 24.59 -0.47
N GLN C 898 -64.06 23.60 -1.04
CA GLN C 898 -62.64 23.43 -0.76
C GLN C 898 -61.83 24.62 -1.27
N MET C 899 -62.17 25.12 -2.46
CA MET C 899 -61.50 26.32 -2.96
C MET C 899 -61.79 27.53 -2.07
N ALA C 900 -63.01 27.64 -1.55
CA ALA C 900 -63.32 28.73 -0.63
C ALA C 900 -62.47 28.62 0.63
N TYR C 901 -62.31 27.40 1.15
CA TYR C 901 -61.45 27.18 2.30
C TYR C 901 -60.02 27.61 2.00
N ARG C 902 -59.51 27.24 0.82
CA ARG C 902 -58.13 27.53 0.49
C ARG C 902 -57.90 29.03 0.29
N PHE C 903 -58.88 29.73 -0.31
CA PHE C 903 -58.79 31.18 -0.35
C PHE C 903 -58.83 31.78 1.04
N ASN C 904 -59.68 31.25 1.92
CA ASN C 904 -59.70 31.72 3.30
C ASN C 904 -58.36 31.50 3.97
N GLY C 905 -57.60 30.50 3.50
CA GLY C 905 -56.29 30.25 4.08
C GLY C 905 -55.29 31.36 3.84
N ILE C 906 -55.32 31.94 2.63
CA ILE C 906 -54.30 32.92 2.24
C ILE C 906 -54.75 34.33 2.61
N GLY C 907 -55.91 34.45 3.23
CA GLY C 907 -56.38 35.74 3.68
C GLY C 907 -57.34 36.45 2.75
N VAL C 908 -58.12 35.72 1.97
CA VAL C 908 -59.13 36.29 1.09
C VAL C 908 -60.47 35.64 1.43
N THR C 909 -61.50 36.47 1.59
CA THR C 909 -62.80 35.98 2.01
C THR C 909 -63.43 35.09 0.95
N GLN C 910 -64.41 34.30 1.38
CA GLN C 910 -65.01 33.28 0.52
C GLN C 910 -65.85 33.90 -0.60
N ASN C 911 -66.47 35.05 -0.35
CA ASN C 911 -67.34 35.64 -1.35
C ASN C 911 -66.59 35.98 -2.62
N VAL C 912 -65.28 36.24 -2.52
CA VAL C 912 -64.48 36.50 -3.70
C VAL C 912 -64.51 35.31 -4.64
N LEU C 913 -64.34 34.10 -4.10
CA LEU C 913 -64.48 32.90 -4.92
C LEU C 913 -65.92 32.72 -5.37
N TYR C 914 -66.87 32.78 -4.43
CA TYR C 914 -68.24 32.41 -4.74
C TYR C 914 -68.88 33.35 -5.75
N GLU C 915 -68.31 34.53 -5.96
CA GLU C 915 -68.83 35.44 -6.97
C GLU C 915 -68.08 35.34 -8.30
N ASN C 916 -66.89 34.74 -8.33
CA ASN C 916 -66.08 34.64 -9.54
C ASN C 916 -65.70 33.19 -9.80
N GLN C 917 -66.66 32.28 -9.63
CA GLN C 917 -66.37 30.86 -9.77
C GLN C 917 -66.03 30.49 -11.21
N LYS C 918 -66.88 30.91 -12.16
CA LYS C 918 -66.69 30.50 -13.55
C LYS C 918 -65.41 31.08 -14.13
N LEU C 919 -65.10 32.33 -13.81
CA LEU C 919 -63.88 32.94 -14.30
C LEU C 919 -62.65 32.21 -13.79
N ILE C 920 -62.65 31.83 -12.50
CA ILE C 920 -61.52 31.10 -11.94
C ILE C 920 -61.40 29.73 -12.59
N ALA C 921 -62.52 29.06 -12.84
CA ALA C 921 -62.48 27.76 -13.51
C ALA C 921 -61.88 27.88 -14.91
N ASN C 922 -62.30 28.92 -15.65
CA ASN C 922 -61.76 29.12 -16.98
C ASN C 922 -60.26 29.40 -16.93
N GLN C 923 -59.83 30.23 -15.98
CA GLN C 923 -58.40 30.52 -15.84
C GLN C 923 -57.62 29.26 -15.52
N PHE C 924 -58.15 28.42 -14.63
CA PHE C 924 -57.46 27.19 -14.25
C PHE C 924 -57.34 26.23 -15.43
N ASN C 925 -58.42 26.07 -16.20
CA ASN C 925 -58.36 25.19 -17.36
C ASN C 925 -57.37 25.70 -18.40
N SER C 926 -57.39 27.01 -18.66
CA SER C 926 -56.45 27.59 -19.62
C SER C 926 -55.02 27.40 -19.14
N ALA C 927 -54.78 27.56 -17.83
CA ALA C 927 -53.44 27.34 -17.29
C ALA C 927 -53.00 25.90 -17.48
N ILE C 928 -53.90 24.95 -17.24
CA ILE C 928 -53.54 23.54 -17.42
C ILE C 928 -53.17 23.26 -18.87
N GLY C 929 -53.97 23.76 -19.81
CA GLY C 929 -53.64 23.58 -21.22
C GLY C 929 -52.32 24.21 -21.60
N LYS C 930 -52.06 25.42 -21.08
CA LYS C 930 -50.80 26.09 -21.37
C LYS C 930 -49.62 25.31 -20.81
N ILE C 931 -49.75 24.74 -19.61
CA ILE C 931 -48.69 23.91 -19.05
C ILE C 931 -48.43 22.71 -19.93
N GLN C 932 -49.51 22.06 -20.40
CA GLN C 932 -49.34 20.88 -21.27
C GLN C 932 -48.55 21.27 -22.53
N ASP C 933 -48.95 22.37 -23.17
CA ASP C 933 -48.29 22.79 -24.40
C ASP C 933 -46.84 23.20 -24.16
N SER C 934 -46.59 23.97 -23.09
CA SER C 934 -45.24 24.43 -22.81
C SER C 934 -44.31 23.27 -22.50
N LEU C 935 -44.79 22.29 -21.72
CA LEU C 935 -43.96 21.13 -21.44
C LEU C 935 -43.72 20.32 -22.70
N SER C 936 -44.71 20.26 -23.60
CA SER C 936 -44.53 19.55 -24.85
C SER C 936 -43.47 20.21 -25.72
N SER C 937 -43.47 21.54 -25.79
CA SER C 937 -42.65 22.26 -26.76
C SER C 937 -41.28 22.68 -26.22
N THR C 938 -40.94 22.33 -24.99
CA THR C 938 -39.67 22.72 -24.41
C THR C 938 -38.75 21.51 -24.29
N PRO C 939 -37.58 21.53 -24.92
CA PRO C 939 -36.68 20.36 -24.86
C PRO C 939 -35.87 20.29 -23.58
N SER C 940 -35.51 21.44 -23.02
CA SER C 940 -34.63 21.51 -21.86
C SER C 940 -35.39 21.51 -20.53
N ALA C 941 -36.72 21.36 -20.57
CA ALA C 941 -37.49 21.39 -19.33
C ALA C 941 -37.16 20.21 -18.43
N LEU C 942 -36.87 19.05 -19.02
CA LEU C 942 -36.63 17.81 -18.29
C LEU C 942 -35.14 17.53 -18.12
N GLY C 943 -34.34 18.57 -17.89
CA GLY C 943 -32.90 18.42 -17.88
C GLY C 943 -32.38 17.51 -16.77
N LYS C 944 -33.02 17.53 -15.61
CA LYS C 944 -32.44 16.85 -14.44
C LYS C 944 -32.45 15.33 -14.59
N LEU C 945 -33.59 14.76 -14.97
CA LEU C 945 -33.68 13.31 -15.10
C LEU C 945 -32.80 12.79 -16.24
N GLN C 946 -32.81 13.49 -17.37
CA GLN C 946 -31.92 13.13 -18.46
C GLN C 946 -30.46 13.25 -18.03
N ASP C 947 -30.16 14.24 -17.19
CA ASP C 947 -28.80 14.40 -16.69
C ASP C 947 -28.40 13.21 -15.82
N VAL C 948 -29.31 12.74 -14.96
CA VAL C 948 -29.01 11.58 -14.13
C VAL C 948 -28.75 10.36 -15.00
N VAL C 949 -29.61 10.13 -15.99
CA VAL C 949 -29.46 8.96 -16.87
C VAL C 949 -28.14 9.05 -17.62
N ASN C 950 -27.83 10.23 -18.16
CA ASN C 950 -26.59 10.41 -18.91
C ASN C 950 -25.37 10.20 -18.03
N HIS C 951 -25.40 10.73 -16.81
CA HIS C 951 -24.27 10.55 -15.90
C HIS C 951 -24.03 9.08 -15.61
N ASN C 952 -25.10 8.35 -15.28
CA ASN C 952 -24.92 6.94 -14.95
C ASN C 952 -24.41 6.15 -16.16
N ALA C 953 -25.02 6.36 -17.33
CA ALA C 953 -24.60 5.62 -18.51
C ALA C 953 -23.16 5.95 -18.89
N GLN C 954 -22.80 7.23 -18.81
CA GLN C 954 -21.45 7.63 -19.18
C GLN C 954 -20.42 7.08 -18.21
N ALA C 955 -20.73 7.08 -16.91
CA ALA C 955 -19.80 6.49 -15.94
C ALA C 955 -19.61 5.00 -16.19
N LEU C 956 -20.70 4.28 -16.45
CA LEU C 956 -20.58 2.84 -16.73
C LEU C 956 -19.79 2.60 -18.01
N ASN C 957 -20.03 3.40 -19.04
CA ASN C 957 -19.29 3.26 -20.29
C ASN C 957 -17.81 3.57 -20.09
N THR C 958 -17.49 4.58 -19.28
CA THR C 958 -16.09 4.86 -18.98
C THR C 958 -15.44 3.69 -18.26
N LEU C 959 -16.15 3.09 -17.31
CA LEU C 959 -15.61 1.92 -16.63
C LEU C 959 -15.32 0.80 -17.60
N VAL C 960 -16.28 0.47 -18.48
CA VAL C 960 -16.06 -0.66 -19.38
C VAL C 960 -15.01 -0.33 -20.43
N LYS C 961 -14.85 0.94 -20.80
CA LYS C 961 -13.83 1.30 -21.78
C LYS C 961 -12.44 1.26 -21.17
N GLN C 962 -12.32 1.60 -19.89
CA GLN C 962 -11.00 1.62 -19.25
C GLN C 962 -10.36 0.24 -19.18
N LEU C 963 -11.15 -0.82 -19.37
CA LEU C 963 -10.60 -2.17 -19.31
C LEU C 963 -9.56 -2.44 -20.39
N SER C 964 -9.61 -1.71 -21.50
CA SER C 964 -8.73 -1.96 -22.64
C SER C 964 -7.46 -1.13 -22.60
N SER C 965 -6.98 -0.76 -21.42
CA SER C 965 -5.76 0.01 -21.28
C SER C 965 -4.60 -0.90 -20.86
N LYS C 966 -3.40 -0.58 -21.35
CA LYS C 966 -2.25 -1.43 -21.11
C LYS C 966 -1.72 -1.31 -19.68
N PHE C 967 -1.83 -0.13 -19.08
CA PHE C 967 -1.29 0.15 -17.75
C PHE C 967 0.22 -0.15 -17.70
N GLY C 968 0.91 0.16 -18.79
CA GLY C 968 2.35 -0.04 -18.87
C GLY C 968 2.79 -1.46 -19.19
N ALA C 969 1.86 -2.40 -19.35
CA ALA C 969 2.21 -3.76 -19.68
C ALA C 969 2.52 -3.87 -21.18
N ILE C 970 3.12 -5.01 -21.55
CA ILE C 970 3.46 -5.25 -22.94
C ILE C 970 2.20 -5.40 -23.79
N SER C 971 1.16 -6.01 -23.24
CA SER C 971 -0.10 -6.16 -23.94
C SER C 971 -1.25 -6.13 -22.94
N SER C 972 -2.44 -5.81 -23.44
CA SER C 972 -3.65 -5.73 -22.63
C SER C 972 -4.44 -7.03 -22.61
N VAL C 973 -3.98 -8.06 -23.30
CA VAL C 973 -4.65 -9.35 -23.36
C VAL C 973 -3.91 -10.31 -22.44
N LEU C 974 -4.56 -10.71 -21.34
CA LEU C 974 -3.91 -11.57 -20.37
C LEU C 974 -3.61 -12.96 -20.96
N ASN C 975 -4.50 -13.45 -21.81
CA ASN C 975 -4.28 -14.75 -22.45
C ASN C 975 -3.03 -14.70 -23.33
N ASP C 976 -2.82 -13.59 -24.04
CA ASP C 976 -1.60 -13.43 -24.81
C ASP C 976 -0.37 -13.43 -23.92
N ILE C 977 -0.46 -12.76 -22.77
CA ILE C 977 0.70 -12.68 -21.86
C ILE C 977 1.04 -14.06 -21.32
N PHE C 978 0.03 -14.85 -20.93
CA PHE C 978 0.30 -16.14 -20.32
C PHE C 978 0.96 -17.10 -21.30
N SER C 979 0.58 -17.04 -22.57
CA SER C 979 1.10 -17.95 -23.59
C SER C 979 2.40 -17.46 -24.20
N ARG C 980 2.99 -16.38 -23.70
CA ARG C 980 4.15 -15.76 -24.32
C ARG C 980 5.38 -15.73 -23.43
N LEU C 981 5.24 -15.45 -22.14
CA LEU C 981 6.38 -15.20 -21.28
C LEU C 981 6.53 -16.28 -20.21
N ASP C 982 7.69 -16.27 -19.58
CA ASP C 982 7.97 -17.15 -18.45
C ASP C 982 7.05 -16.74 -17.30
N PRO C 983 6.37 -17.69 -16.65
CA PRO C 983 5.35 -17.33 -15.65
C PRO C 983 5.86 -16.42 -14.54
N PRO C 984 7.13 -16.55 -14.09
CA PRO C 984 7.61 -15.60 -13.07
C PRO C 984 7.44 -14.13 -13.41
N GLU C 985 7.64 -13.72 -14.67
CA GLU C 985 7.50 -12.32 -15.05
C GLU C 985 6.11 -11.98 -15.58
N ALA C 986 5.45 -12.93 -16.24
CA ALA C 986 4.03 -12.75 -16.52
C ALA C 986 3.24 -12.51 -15.25
N GLU C 987 3.71 -13.06 -14.13
CA GLU C 987 3.10 -12.78 -12.84
C GLU C 987 3.18 -11.29 -12.51
N VAL C 988 4.33 -10.68 -12.74
CA VAL C 988 4.47 -9.24 -12.48
C VAL C 988 3.56 -8.44 -13.41
N GLN C 989 3.53 -8.82 -14.68
CA GLN C 989 2.66 -8.13 -15.64
C GLN C 989 1.20 -8.18 -15.20
N ILE C 990 0.73 -9.37 -14.84
CA ILE C 990 -0.65 -9.53 -14.41
C ILE C 990 -0.90 -8.80 -13.10
N ASP C 991 0.10 -8.76 -12.21
CA ASP C 991 -0.05 -8.01 -10.97
C ASP C 991 -0.30 -6.53 -11.27
N ARG C 992 0.48 -5.95 -12.18
CA ARG C 992 0.28 -4.55 -12.53
C ARG C 992 -1.11 -4.34 -13.14
N LEU C 993 -1.51 -5.23 -14.04
CA LEU C 993 -2.83 -5.09 -14.68
C LEU C 993 -3.95 -5.16 -13.65
N ILE C 994 -3.86 -6.12 -12.72
CA ILE C 994 -4.90 -6.30 -11.71
C ILE C 994 -4.96 -5.09 -10.80
N THR C 995 -3.80 -4.57 -10.38
CA THR C 995 -3.80 -3.38 -9.53
C THR C 995 -4.46 -2.20 -10.23
N GLY C 996 -4.14 -1.99 -11.50
CA GLY C 996 -4.77 -0.89 -12.22
C GLY C 996 -6.27 -1.03 -12.32
N ARG C 997 -6.73 -2.24 -12.68
CA ARG C 997 -8.17 -2.45 -12.83
C ARG C 997 -8.89 -2.31 -11.49
N LEU C 998 -8.28 -2.80 -10.40
CA LEU C 998 -8.88 -2.65 -9.08
C LEU C 998 -8.96 -1.19 -8.67
N GLN C 999 -7.93 -0.40 -9.00
CA GLN C 999 -7.99 1.03 -8.72
C GLN C 999 -9.15 1.69 -9.46
N SER C 1000 -9.33 1.33 -10.74
CA SER C 1000 -10.44 1.87 -11.50
C SER C 1000 -11.78 1.50 -10.86
N LEU C 1001 -11.92 0.24 -10.44
CA LEU C 1001 -13.18 -0.19 -9.84
C LEU C 1001 -13.45 0.53 -8.52
N GLN C 1002 -12.40 0.75 -7.73
CA GLN C 1002 -12.55 1.52 -6.49
C GLN C 1002 -13.03 2.94 -6.78
N THR C 1003 -12.44 3.58 -7.79
CA THR C 1003 -12.88 4.92 -8.17
C THR C 1003 -14.36 4.93 -8.55
N TYR C 1004 -14.78 3.94 -9.34
CA TYR C 1004 -16.18 3.88 -9.75
C TYR C 1004 -17.10 3.71 -8.54
N VAL C 1005 -16.70 2.85 -7.59
CA VAL C 1005 -17.54 2.64 -6.41
C VAL C 1005 -17.68 3.92 -5.61
N THR C 1006 -16.57 4.65 -5.45
CA THR C 1006 -16.64 5.90 -4.69
C THR C 1006 -17.55 6.92 -5.36
N GLN C 1007 -17.44 7.05 -6.69
CA GLN C 1007 -18.32 7.97 -7.41
C GLN C 1007 -19.77 7.57 -7.25
N GLN C 1008 -20.05 6.26 -7.32
CA GLN C 1008 -21.41 5.77 -7.12
C GLN C 1008 -21.94 6.14 -5.74
N LEU C 1009 -21.10 5.98 -4.72
CA LEU C 1009 -21.53 6.31 -3.36
C LEU C 1009 -21.88 7.79 -3.24
N ILE C 1010 -21.04 8.67 -3.79
CA ILE C 1010 -21.31 10.10 -3.69
C ILE C 1010 -22.60 10.47 -4.42
N ARG C 1011 -22.78 9.93 -5.62
CA ARG C 1011 -24.00 10.22 -6.38
C ARG C 1011 -25.23 9.71 -5.65
N ALA C 1012 -25.13 8.53 -5.04
CA ALA C 1012 -26.25 7.99 -4.28
C ALA C 1012 -26.60 8.88 -3.11
N ALA C 1013 -25.59 9.42 -2.40
CA ALA C 1013 -25.87 10.32 -1.30
C ALA C 1013 -26.61 11.57 -1.78
N GLU C 1014 -26.15 12.15 -2.89
CA GLU C 1014 -26.81 13.35 -3.41
C GLU C 1014 -28.25 13.05 -3.81
N ILE C 1015 -28.46 11.92 -4.49
CA ILE C 1015 -29.81 11.56 -4.92
C ILE C 1015 -30.71 11.30 -3.72
N ARG C 1016 -30.15 10.73 -2.65
CA ARG C 1016 -30.94 10.50 -1.44
C ARG C 1016 -31.37 11.82 -0.82
N ALA C 1017 -30.47 12.81 -0.80
CA ALA C 1017 -30.85 14.12 -0.29
C ALA C 1017 -31.99 14.72 -1.13
N SER C 1018 -31.88 14.60 -2.46
CA SER C 1018 -32.95 15.11 -3.32
C SER C 1018 -34.26 14.37 -3.07
N ALA C 1019 -34.19 13.07 -2.83
CA ALA C 1019 -35.39 12.29 -2.55
C ALA C 1019 -36.03 12.71 -1.23
N ASN C 1020 -35.22 13.01 -0.22
CA ASN C 1020 -35.77 13.53 1.04
C ASN C 1020 -36.47 14.86 0.82
N LEU C 1021 -35.87 15.74 0.02
CA LEU C 1021 -36.54 17.01 -0.29
C LEU C 1021 -37.87 16.77 -1.00
N ALA C 1022 -37.88 15.83 -1.96
CA ALA C 1022 -39.12 15.53 -2.67
C ALA C 1022 -40.18 14.98 -1.74
N ALA C 1023 -39.79 14.11 -0.80
CA ALA C 1023 -40.74 13.57 0.16
C ALA C 1023 -41.32 14.67 1.03
N THR C 1024 -40.49 15.61 1.47
CA THR C 1024 -40.99 16.73 2.24
C THR C 1024 -41.99 17.56 1.44
N LYS C 1025 -41.67 17.83 0.17
CA LYS C 1025 -42.58 18.60 -0.67
C LYS C 1025 -43.91 17.87 -0.85
N MET C 1026 -43.86 16.55 -1.08
CA MET C 1026 -45.09 15.79 -1.23
C MET C 1026 -45.92 15.81 0.05
N SER C 1027 -45.25 15.69 1.21
CA SER C 1027 -45.98 15.70 2.47
C SER C 1027 -46.65 17.04 2.74
N GLU C 1028 -45.95 18.14 2.44
CA GLU C 1028 -46.46 19.46 2.82
C GLU C 1028 -47.33 20.12 1.75
N CYS C 1029 -46.84 20.27 0.52
CA CYS C 1029 -47.59 21.01 -0.48
C CYS C 1029 -48.78 20.25 -1.04
N VAL C 1030 -48.74 18.92 -1.08
CA VAL C 1030 -49.81 18.13 -1.67
C VAL C 1030 -50.90 17.85 -0.64
N LEU C 1031 -50.53 17.17 0.44
CA LEU C 1031 -51.49 16.76 1.46
C LEU C 1031 -51.98 17.92 2.31
N GLY C 1032 -51.61 19.14 1.99
CA GLY C 1032 -52.08 20.29 2.76
C GLY C 1032 -51.64 21.56 2.08
N GLN C 1033 -51.93 22.68 2.75
CA GLN C 1033 -51.56 24.00 2.26
C GLN C 1033 -50.44 24.55 3.13
N SER C 1034 -49.42 25.10 2.48
CA SER C 1034 -48.21 25.56 3.17
C SER C 1034 -48.12 27.07 3.11
N LYS C 1035 -47.77 27.68 4.25
CA LYS C 1035 -47.56 29.11 4.33
C LYS C 1035 -46.10 29.51 4.11
N ARG C 1036 -45.22 28.55 3.84
CA ARG C 1036 -43.83 28.87 3.58
C ARG C 1036 -43.70 29.50 2.20
N VAL C 1037 -42.97 30.61 2.14
CA VAL C 1037 -42.87 31.38 0.90
C VAL C 1037 -41.95 30.65 -0.06
N ASP C 1038 -42.39 30.53 -1.32
CA ASP C 1038 -41.63 29.97 -2.43
C ASP C 1038 -41.32 28.49 -2.26
N PHE C 1039 -41.83 27.85 -1.20
CA PHE C 1039 -41.58 26.42 -1.03
C PHE C 1039 -42.40 25.60 -2.02
N CYS C 1040 -43.62 26.04 -2.32
CA CYS C 1040 -44.47 25.30 -3.24
C CYS C 1040 -44.94 26.18 -4.39
N GLY C 1041 -44.02 26.93 -4.98
CA GLY C 1041 -44.31 27.72 -6.15
C GLY C 1041 -44.20 29.21 -5.89
N LYS C 1042 -44.16 29.97 -6.97
CA LYS C 1042 -44.08 31.42 -6.90
C LYS C 1042 -45.46 32.02 -6.67
N GLY C 1043 -45.56 32.89 -5.68
CA GLY C 1043 -46.84 33.48 -5.33
C GLY C 1043 -47.49 32.78 -4.15
N TYR C 1044 -48.71 33.21 -3.85
CA TYR C 1044 -49.47 32.60 -2.77
C TYR C 1044 -49.92 31.21 -3.19
N HIS C 1045 -49.65 30.21 -2.34
CA HIS C 1045 -49.90 28.83 -2.71
C HIS C 1045 -51.35 28.45 -2.48
N LEU C 1046 -51.90 27.68 -3.41
CA LEU C 1046 -53.25 27.14 -3.31
C LEU C 1046 -53.28 25.63 -3.18
N MET C 1047 -52.64 24.91 -4.10
CA MET C 1047 -52.53 23.46 -3.99
C MET C 1047 -51.46 22.97 -4.95
N SER C 1048 -51.35 21.65 -5.06
CA SER C 1048 -50.40 21.05 -5.98
C SER C 1048 -50.87 19.64 -6.33
N PHE C 1049 -50.36 19.15 -7.47
CA PHE C 1049 -50.68 17.81 -7.95
C PHE C 1049 -49.39 17.08 -8.35
N PRO C 1050 -49.27 15.81 -7.99
CA PRO C 1050 -48.08 15.04 -8.38
C PRO C 1050 -48.27 14.26 -9.67
N GLN C 1051 -47.15 14.00 -10.34
CA GLN C 1051 -47.10 13.15 -11.52
C GLN C 1051 -45.81 12.36 -11.50
N SER C 1052 -45.87 11.12 -11.97
CA SER C 1052 -44.66 10.30 -12.01
C SER C 1052 -43.82 10.65 -13.23
N ALA C 1053 -42.57 10.21 -13.20
CA ALA C 1053 -41.64 10.42 -14.31
C ALA C 1053 -40.48 9.45 -14.15
N PRO C 1054 -39.78 9.12 -15.25
CA PRO C 1054 -38.67 8.17 -15.14
C PRO C 1054 -37.63 8.63 -14.14
N HIS C 1055 -37.51 7.89 -13.03
CA HIS C 1055 -36.58 8.22 -11.96
C HIS C 1055 -36.86 9.60 -11.36
N GLY C 1056 -38.14 9.94 -11.20
CA GLY C 1056 -38.42 11.22 -10.59
C GLY C 1056 -39.90 11.53 -10.52
N VAL C 1057 -40.20 12.70 -9.98
CA VAL C 1057 -41.56 13.18 -9.79
C VAL C 1057 -41.66 14.60 -10.31
N VAL C 1058 -42.86 15.00 -10.71
CA VAL C 1058 -43.13 16.32 -11.25
C VAL C 1058 -44.33 16.90 -10.50
N PHE C 1059 -44.16 18.08 -9.93
CA PHE C 1059 -45.21 18.74 -9.18
C PHE C 1059 -45.78 19.89 -10.01
N LEU C 1060 -47.10 19.96 -10.08
CA LEU C 1060 -47.81 21.08 -10.67
C LEU C 1060 -48.38 21.90 -9.53
N HIS C 1061 -47.79 23.06 -9.28
CA HIS C 1061 -48.23 23.96 -8.22
C HIS C 1061 -49.26 24.93 -8.79
N VAL C 1062 -50.44 24.96 -8.18
CA VAL C 1062 -51.50 25.91 -8.52
C VAL C 1062 -51.47 27.00 -7.46
N THR C 1063 -51.27 28.24 -7.88
CA THR C 1063 -50.96 29.35 -7.00
C THR C 1063 -51.74 30.58 -7.41
N TYR C 1064 -51.72 31.57 -6.51
CA TYR C 1064 -52.50 32.80 -6.60
C TYR C 1064 -51.56 33.97 -6.80
N VAL C 1065 -51.85 34.84 -7.77
CA VAL C 1065 -51.00 35.99 -8.06
C VAL C 1065 -51.85 37.24 -8.19
N PRO C 1066 -51.66 38.26 -7.35
CA PRO C 1066 -52.40 39.51 -7.52
C PRO C 1066 -51.97 40.25 -8.78
N ALA C 1067 -52.88 41.08 -9.29
CA ALA C 1067 -52.64 41.83 -10.51
C ALA C 1067 -53.63 42.98 -10.60
N GLN C 1068 -53.33 43.92 -11.49
CA GLN C 1068 -54.14 45.12 -11.72
C GLN C 1068 -54.28 45.93 -10.42
N GLU C 1069 -53.14 46.39 -9.92
CA GLU C 1069 -53.13 47.17 -8.69
C GLU C 1069 -53.58 48.60 -8.96
N LYS C 1070 -54.13 49.23 -7.93
CA LYS C 1070 -54.58 50.60 -7.98
C LYS C 1070 -54.10 51.34 -6.73
N ASN C 1071 -53.68 52.59 -6.92
CA ASN C 1071 -53.15 53.39 -5.83
C ASN C 1071 -54.27 54.05 -5.04
N PHE C 1072 -53.97 54.37 -3.79
CA PHE C 1072 -54.94 54.97 -2.89
C PHE C 1072 -54.20 55.78 -1.83
N THR C 1073 -54.94 56.66 -1.17
CA THR C 1073 -54.42 57.45 -0.06
C THR C 1073 -54.95 56.86 1.24
N THR C 1074 -54.06 56.65 2.20
CA THR C 1074 -54.34 55.88 3.39
C THR C 1074 -54.02 56.64 4.66
N ALA C 1075 -54.41 56.07 5.80
CA ALA C 1075 -54.19 56.64 7.11
C ALA C 1075 -54.20 55.52 8.14
N PRO C 1076 -53.42 55.64 9.22
CA PRO C 1076 -53.34 54.52 10.17
C PRO C 1076 -54.59 54.33 11.00
N ALA C 1077 -55.16 55.40 11.57
CA ALA C 1077 -56.30 55.28 12.45
C ALA C 1077 -57.26 56.43 12.19
N ILE C 1078 -58.43 56.37 12.83
CA ILE C 1078 -59.47 57.37 12.65
C ILE C 1078 -59.76 58.01 14.00
N CYS C 1079 -59.68 59.34 14.07
CA CYS C 1079 -60.06 60.06 15.28
C CYS C 1079 -61.50 60.53 15.14
N HIS C 1080 -62.34 60.15 16.10
CA HIS C 1080 -63.77 60.44 16.04
C HIS C 1080 -64.30 60.55 17.46
N ASP C 1081 -64.88 61.71 17.80
CA ASP C 1081 -65.38 61.99 19.14
C ASP C 1081 -64.28 61.87 20.19
N GLY C 1082 -63.05 62.14 19.81
CA GLY C 1082 -61.92 61.98 20.70
C GLY C 1082 -61.45 60.56 20.89
N LYS C 1083 -62.01 59.61 20.16
CA LYS C 1083 -61.65 58.20 20.26
C LYS C 1083 -60.87 57.77 19.02
N ALA C 1084 -59.93 56.87 19.22
CA ALA C 1084 -59.12 56.32 18.13
C ALA C 1084 -59.69 54.98 17.72
N HIS C 1085 -60.05 54.87 16.44
CA HIS C 1085 -60.57 53.63 15.87
C HIS C 1085 -59.53 53.04 14.94
N PHE C 1086 -59.26 51.74 15.11
CA PHE C 1086 -58.34 50.98 14.30
C PHE C 1086 -59.09 49.86 13.59
N PRO C 1087 -58.66 49.49 12.38
CA PRO C 1087 -59.34 48.40 11.67
C PRO C 1087 -59.15 47.06 12.36
N ARG C 1088 -60.13 46.18 12.17
CA ARG C 1088 -60.05 44.86 12.80
C ARG C 1088 -59.11 43.94 12.04
N GLU C 1089 -59.33 43.79 10.73
CA GLU C 1089 -58.39 43.07 9.89
C GLU C 1089 -58.02 43.81 8.61
N GLY C 1090 -58.83 44.74 8.14
CA GLY C 1090 -58.59 45.45 6.90
C GLY C 1090 -57.62 46.58 7.03
N VAL C 1091 -57.82 47.60 6.19
CA VAL C 1091 -56.96 48.78 6.16
C VAL C 1091 -57.79 49.94 5.62
N PHE C 1092 -57.49 51.14 6.09
CA PHE C 1092 -58.24 52.32 5.71
C PHE C 1092 -57.68 52.93 4.42
N VAL C 1093 -58.55 53.15 3.45
CA VAL C 1093 -58.16 53.76 2.18
C VAL C 1093 -59.15 54.87 1.86
N SER C 1094 -58.77 55.71 0.91
CA SER C 1094 -59.60 56.83 0.48
C SER C 1094 -59.34 57.11 -0.99
N ASN C 1095 -60.41 57.20 -1.77
CA ASN C 1095 -60.30 57.50 -3.20
C ASN C 1095 -60.18 58.99 -3.48
N GLY C 1096 -60.21 59.83 -2.44
CA GLY C 1096 -60.07 61.26 -2.63
C GLY C 1096 -61.10 62.07 -1.87
N THR C 1097 -62.29 61.52 -1.73
CA THR C 1097 -63.38 62.22 -1.06
C THR C 1097 -63.90 61.49 0.17
N HIS C 1098 -64.04 60.17 0.11
CA HIS C 1098 -64.60 59.39 1.20
C HIS C 1098 -63.57 58.36 1.66
N TRP C 1099 -63.83 57.79 2.83
CA TRP C 1099 -62.96 56.79 3.44
C TRP C 1099 -63.68 55.45 3.52
N PHE C 1100 -62.91 54.37 3.34
CA PHE C 1100 -63.44 53.02 3.42
C PHE C 1100 -62.40 52.14 4.10
N VAL C 1101 -62.84 50.95 4.51
CA VAL C 1101 -61.96 49.92 5.05
C VAL C 1101 -62.08 48.70 4.16
N THR C 1102 -60.95 48.15 3.75
CA THR C 1102 -60.94 47.03 2.81
C THR C 1102 -59.81 46.06 3.14
N GLN C 1103 -60.00 44.82 2.72
CA GLN C 1103 -59.00 43.79 2.97
C GLN C 1103 -57.72 44.09 2.19
N ARG C 1104 -56.63 43.47 2.63
CA ARG C 1104 -55.31 43.82 2.11
C ARG C 1104 -55.11 43.29 0.70
N ASN C 1105 -55.53 42.07 0.42
CA ASN C 1105 -55.19 41.39 -0.82
C ASN C 1105 -56.24 41.56 -1.91
N PHE C 1106 -57.33 42.28 -1.66
CA PHE C 1106 -58.36 42.47 -2.65
C PHE C 1106 -59.10 43.76 -2.35
N TYR C 1107 -59.64 44.39 -3.39
CA TYR C 1107 -60.30 45.68 -3.24
C TYR C 1107 -61.81 45.49 -3.19
N GLU C 1108 -62.41 45.78 -2.04
CA GLU C 1108 -63.85 45.87 -1.90
C GLU C 1108 -64.18 46.85 -0.77
N PRO C 1109 -64.48 48.10 -1.09
CA PRO C 1109 -64.66 49.10 -0.04
C PRO C 1109 -65.88 48.81 0.82
N GLN C 1110 -65.80 49.22 2.08
CA GLN C 1110 -66.89 49.07 3.03
C GLN C 1110 -67.04 50.36 3.82
N ILE C 1111 -68.25 50.61 4.28
CA ILE C 1111 -68.52 51.77 5.12
C ILE C 1111 -67.93 51.52 6.51
N ILE C 1112 -67.29 52.53 7.06
CA ILE C 1112 -66.61 52.39 8.35
C ILE C 1112 -67.67 52.42 9.45
N THR C 1113 -67.91 51.28 10.06
CA THR C 1113 -68.84 51.15 11.17
C THR C 1113 -68.07 50.72 12.42
N THR C 1114 -68.82 50.47 13.50
CA THR C 1114 -68.23 49.99 14.73
C THR C 1114 -68.07 48.47 14.77
N ASP C 1115 -68.58 47.76 13.75
CA ASP C 1115 -68.45 46.32 13.72
C ASP C 1115 -67.05 45.89 13.28
N ASN C 1116 -66.44 46.65 12.37
CA ASN C 1116 -65.15 46.30 11.79
C ASN C 1116 -64.00 47.15 12.32
N THR C 1117 -64.24 47.95 13.36
CA THR C 1117 -63.19 48.75 13.98
C THR C 1117 -63.26 48.58 15.48
N PHE C 1118 -62.13 48.81 16.14
CA PHE C 1118 -62.05 48.74 17.59
C PHE C 1118 -61.34 49.97 18.14
N VAL C 1119 -61.69 50.34 19.36
CA VAL C 1119 -61.27 51.60 19.97
C VAL C 1119 -60.12 51.34 20.93
N SER C 1120 -59.13 52.22 20.94
CA SER C 1120 -58.02 52.12 21.89
C SER C 1120 -57.50 53.53 22.15
N GLY C 1121 -57.92 54.11 23.27
CA GLY C 1121 -57.40 55.39 23.70
C GLY C 1121 -57.90 56.55 22.85
N ASN C 1122 -57.40 57.74 23.18
CA ASN C 1122 -57.72 58.94 22.43
C ASN C 1122 -56.78 59.09 21.24
N CYS C 1123 -57.04 60.13 20.43
CA CYS C 1123 -56.29 60.36 19.20
C CYS C 1123 -55.21 61.43 19.37
N ASP C 1124 -54.60 61.51 20.55
CA ASP C 1124 -53.56 62.48 20.82
C ASP C 1124 -52.16 61.88 20.85
N VAL C 1125 -52.02 60.58 20.61
CA VAL C 1125 -50.74 59.90 20.70
C VAL C 1125 -50.30 59.33 19.35
N VAL C 1126 -51.23 58.80 18.57
CA VAL C 1126 -50.89 58.22 17.28
C VAL C 1126 -50.54 59.33 16.30
N ILE C 1127 -49.56 59.07 15.44
CA ILE C 1127 -49.08 60.05 14.47
C ILE C 1127 -49.72 59.75 13.12
N GLY C 1128 -50.27 60.78 12.50
CA GLY C 1128 -50.88 60.64 11.18
C GLY C 1128 -52.36 60.34 11.18
N ILE C 1129 -53.03 60.42 12.33
CA ILE C 1129 -54.46 60.14 12.38
C ILE C 1129 -55.22 61.24 11.65
N VAL C 1130 -56.39 60.89 11.12
CA VAL C 1130 -57.19 61.79 10.29
C VAL C 1130 -58.61 61.85 10.83
N ASN C 1131 -59.21 63.04 10.78
CA ASN C 1131 -60.58 63.22 11.22
C ASN C 1131 -61.56 62.55 10.26
N ASN C 1132 -62.61 61.98 10.83
CA ASN C 1132 -63.72 61.39 10.07
C ASN C 1132 -64.79 60.96 11.04
N THR C 1133 -65.96 60.63 10.51
CA THR C 1133 -67.05 60.09 11.31
C THR C 1133 -67.21 58.60 11.03
N VAL C 1134 -67.74 57.88 12.02
CA VAL C 1134 -67.94 56.44 11.95
C VAL C 1134 -69.42 56.17 12.09
N TYR C 1135 -70.00 55.48 11.11
CA TYR C 1135 -71.41 55.12 11.16
C TYR C 1135 -71.67 54.11 12.27
N ASP C 1136 -72.83 54.22 12.91
CA ASP C 1136 -73.23 53.31 13.96
C ASP C 1136 -74.48 52.55 13.53
N PRO C 1137 -74.43 51.22 13.44
CA PRO C 1137 -75.63 50.49 13.01
C PRO C 1137 -76.77 50.55 14.01
N LEU C 1138 -76.47 50.77 15.29
CA LEU C 1138 -77.51 50.75 16.32
C LEU C 1138 -78.37 52.00 16.30
N GLN C 1139 -77.81 53.14 15.91
CA GLN C 1139 -78.51 54.42 16.08
C GLN C 1139 -79.87 54.47 15.40
N PRO C 1140 -80.02 54.08 14.12
CA PRO C 1140 -81.37 54.10 13.52
C PRO C 1140 -82.35 53.17 14.21
N GLU C 1141 -81.88 52.13 14.89
CA GLU C 1141 -82.80 51.19 15.53
C GLU C 1141 -83.51 51.83 16.71
N LEU C 1142 -82.75 52.48 17.60
CA LEU C 1142 -83.41 53.20 18.70
C LEU C 1142 -83.86 54.59 18.29
N ASP C 1143 -83.59 55.01 17.05
CA ASP C 1143 -84.23 56.22 16.54
C ASP C 1143 -85.74 56.07 16.49
N SER C 1144 -86.22 54.90 16.07
CA SER C 1144 -87.65 54.61 16.04
C SER C 1144 -88.21 54.48 17.46
N ASP D 1 66.22 -55.46 17.01
CA ASP D 1 65.01 -56.17 17.40
C ASP D 1 64.38 -55.57 18.64
N ILE D 2 63.06 -55.66 18.74
CA ILE D 2 62.31 -55.17 19.89
C ILE D 2 62.12 -56.35 20.85
N GLN D 3 62.64 -56.20 22.07
CA GLN D 3 62.52 -57.22 23.09
C GLN D 3 61.39 -56.82 24.04
N MET D 4 60.41 -57.70 24.19
CA MET D 4 59.16 -57.38 24.83
C MET D 4 58.73 -58.51 25.76
N THR D 5 58.11 -58.14 26.88
CA THR D 5 57.74 -59.08 27.92
C THR D 5 56.36 -58.72 28.48
N GLN D 6 55.68 -59.73 29.02
CA GLN D 6 54.35 -59.54 29.57
C GLN D 6 54.32 -59.99 31.03
N SER D 7 53.48 -59.33 31.82
CA SER D 7 53.37 -59.56 33.26
C SER D 7 51.92 -59.72 33.66
N PRO D 8 51.59 -60.71 34.51
CA PRO D 8 52.60 -61.62 35.06
C PRO D 8 52.80 -62.86 34.19
N SER D 9 53.82 -63.67 34.50
CA SER D 9 54.07 -64.90 33.75
C SER D 9 52.94 -65.90 33.98
N THR D 10 52.46 -66.01 35.22
CA THR D 10 51.36 -66.89 35.56
C THR D 10 50.40 -66.15 36.48
N LEU D 11 49.11 -66.23 36.17
CA LEU D 11 48.07 -65.57 36.96
C LEU D 11 46.95 -66.55 37.26
N SER D 12 46.52 -66.57 38.52
CA SER D 12 45.43 -67.43 38.96
C SER D 12 44.16 -66.60 39.03
N ALA D 13 43.13 -67.04 38.31
CA ALA D 13 41.87 -66.30 38.24
C ALA D 13 40.72 -67.28 38.44
N SER D 14 39.52 -66.72 38.59
CA SER D 14 38.31 -67.50 38.83
C SER D 14 37.21 -67.04 37.88
N VAL D 15 36.15 -67.85 37.81
CA VAL D 15 35.02 -67.52 36.95
C VAL D 15 34.33 -66.26 37.46
N GLY D 16 34.00 -65.36 36.53
CA GLY D 16 33.37 -64.11 36.87
C GLY D 16 34.30 -63.04 37.38
N ASP D 17 35.59 -63.30 37.42
CA ASP D 17 36.56 -62.34 37.95
C ASP D 17 37.05 -61.42 36.85
N ARG D 18 37.48 -60.22 37.24
CA ARG D 18 38.09 -59.24 36.35
C ARG D 18 39.59 -59.25 36.57
N VAL D 19 40.34 -59.53 35.51
CA VAL D 19 41.79 -59.64 35.58
C VAL D 19 42.39 -58.82 34.44
N THR D 20 43.70 -58.59 34.53
CA THR D 20 44.41 -57.83 33.52
C THR D 20 45.78 -58.46 33.28
N ILE D 21 46.24 -58.33 32.03
CA ILE D 21 47.57 -58.77 31.62
C ILE D 21 48.26 -57.60 30.94
N THR D 22 49.48 -57.29 31.36
CA THR D 22 50.23 -56.17 30.81
C THR D 22 51.32 -56.71 29.87
N CYS D 23 51.67 -55.90 28.87
CA CYS D 23 52.61 -56.33 27.85
C CYS D 23 53.39 -55.10 27.41
N ARG D 24 54.69 -55.07 27.69
CA ARG D 24 55.54 -53.91 27.47
C ARG D 24 56.70 -54.28 26.55
N ALA D 25 56.96 -53.43 25.57
CA ALA D 25 58.07 -53.61 24.64
C ALA D 25 59.29 -52.82 25.11
N SER D 26 60.39 -52.99 24.37
CA SER D 26 61.62 -52.28 24.70
C SER D 26 61.51 -50.81 24.37
N GLN D 27 61.26 -50.48 23.10
CA GLN D 27 61.08 -49.11 22.65
C GLN D 27 59.67 -48.96 22.09
N SER D 28 59.41 -47.78 21.50
CA SER D 28 58.09 -47.51 20.94
C SER D 28 57.85 -48.38 19.71
N ILE D 29 56.66 -49.00 19.66
CA ILE D 29 56.28 -49.83 18.52
C ILE D 29 55.02 -49.25 17.91
N SER D 30 54.75 -47.97 18.20
CA SER D 30 53.52 -47.28 17.79
C SER D 30 52.36 -48.08 18.38
N SER D 31 51.32 -48.40 17.61
CA SER D 31 50.17 -49.15 18.12
C SER D 31 50.01 -50.48 17.39
N TRP D 32 51.10 -50.99 16.81
CA TRP D 32 51.08 -52.24 16.06
C TRP D 32 51.33 -53.39 17.04
N LEU D 33 50.25 -54.00 17.52
CA LEU D 33 50.38 -55.16 18.39
C LEU D 33 49.11 -55.99 18.29
N ALA D 34 49.27 -57.31 18.43
CA ALA D 34 48.17 -58.25 18.33
C ALA D 34 48.21 -59.23 19.49
N TRP D 35 47.04 -59.73 19.87
CA TRP D 35 46.86 -60.63 21.00
C TRP D 35 46.31 -61.96 20.51
N TYR D 36 46.80 -63.04 21.13
CA TYR D 36 46.38 -64.40 20.71
C TYR D 36 46.16 -65.31 21.93
N GLN D 37 45.13 -66.14 21.88
CA GLN D 37 44.81 -67.10 22.91
C GLN D 37 45.08 -68.51 22.41
N GLN D 38 45.62 -69.35 23.29
CA GLN D 38 46.01 -70.71 22.95
C GLN D 38 45.55 -71.66 24.05
N LYS D 39 44.52 -72.45 23.74
CA LYS D 39 44.27 -73.63 24.54
C LYS D 39 45.39 -74.64 24.31
N PRO D 40 45.96 -75.20 25.38
CA PRO D 40 47.06 -76.16 25.21
C PRO D 40 46.71 -77.31 24.29
N GLY D 41 47.36 -77.36 23.13
CA GLY D 41 47.14 -78.43 22.17
C GLY D 41 46.53 -78.03 20.84
N LYS D 42 46.12 -76.77 20.68
CA LYS D 42 45.56 -76.31 19.42
C LYS D 42 46.20 -74.99 18.99
N ALA D 43 45.82 -74.55 17.78
CA ALA D 43 46.36 -73.33 17.19
C ALA D 43 45.79 -72.08 17.85
N PRO D 44 46.57 -71.02 17.94
CA PRO D 44 46.06 -69.77 18.53
C PRO D 44 45.07 -69.07 17.62
N LYS D 45 44.17 -68.31 18.24
CA LYS D 45 43.22 -67.45 17.56
C LYS D 45 43.51 -66.01 17.94
N LEU D 46 43.46 -65.11 16.96
CA LEU D 46 43.69 -63.70 17.24
C LEU D 46 42.45 -63.11 17.91
N LEU D 47 42.68 -62.20 18.85
CA LEU D 47 41.62 -61.50 19.55
C LEU D 47 41.62 -60.02 19.21
N ILE D 48 42.74 -59.35 19.40
CA ILE D 48 42.85 -57.90 19.21
C ILE D 48 43.99 -57.63 18.25
N TYR D 49 43.75 -56.79 17.26
CA TYR D 49 44.80 -56.26 16.41
C TYR D 49 44.70 -54.74 16.41
N LYS D 50 45.84 -54.08 16.23
CA LYS D 50 46.02 -52.65 16.46
C LYS D 50 45.79 -52.28 17.92
N ALA D 51 45.77 -53.27 18.82
CA ALA D 51 45.65 -53.08 20.27
C ALA D 51 44.31 -52.48 20.68
N SER D 52 43.43 -52.21 19.72
CA SER D 52 42.13 -51.63 20.05
C SER D 52 40.98 -52.37 19.39
N SER D 53 41.20 -52.94 18.21
CA SER D 53 40.13 -53.50 17.41
C SER D 53 39.67 -54.85 17.93
N LEU D 54 38.37 -55.06 17.94
CA LEU D 54 37.76 -56.33 18.32
C LEU D 54 37.44 -57.13 17.06
N GLU D 55 37.98 -58.33 16.97
CA GLU D 55 37.69 -59.18 15.82
C GLU D 55 36.22 -59.60 15.80
N SER D 56 35.70 -59.82 14.60
CA SER D 56 34.36 -60.38 14.47
C SER D 56 34.31 -61.79 15.03
N GLY D 57 33.31 -62.05 15.87
CA GLY D 57 33.14 -63.33 16.51
C GLY D 57 33.78 -63.44 17.87
N VAL D 58 34.80 -62.63 18.15
CA VAL D 58 35.42 -62.57 19.47
C VAL D 58 34.47 -61.84 20.41
N PRO D 59 34.19 -62.38 21.59
CA PRO D 59 33.26 -61.69 22.50
C PRO D 59 33.76 -60.32 22.89
N SER D 60 32.82 -59.38 23.00
CA SER D 60 33.14 -57.99 23.30
C SER D 60 33.62 -57.78 24.73
N ARG D 61 33.51 -58.79 25.59
CA ARG D 61 33.95 -58.64 26.97
C ARG D 61 35.44 -58.37 27.05
N PHE D 62 36.23 -59.03 26.22
CA PHE D 62 37.68 -58.79 26.18
C PHE D 62 37.95 -57.35 25.79
N SER D 63 38.85 -56.70 26.52
CA SER D 63 39.13 -55.29 26.27
C SER D 63 40.63 -55.08 26.10
N GLY D 64 41.01 -54.33 25.08
CA GLY D 64 42.40 -53.95 24.85
C GLY D 64 42.58 -52.45 25.02
N SER D 65 43.69 -52.07 25.64
CA SER D 65 43.97 -50.65 25.88
C SER D 65 45.47 -50.42 25.86
N GLY D 66 45.92 -49.54 24.97
CA GLY D 66 47.34 -49.24 24.89
C GLY D 66 47.69 -48.25 23.79
N SER D 67 48.78 -47.52 23.98
CA SER D 67 49.26 -46.56 23.00
C SER D 67 50.59 -46.95 22.38
N GLY D 68 51.61 -47.19 23.20
CA GLY D 68 52.89 -47.64 22.72
C GLY D 68 53.85 -47.90 23.85
N THR D 69 54.52 -49.06 23.83
CA THR D 69 55.48 -49.57 24.81
C THR D 69 54.78 -50.07 26.08
N GLU D 70 53.49 -49.82 26.24
CA GLU D 70 52.71 -50.46 27.31
C GLU D 70 51.31 -50.75 26.78
N PHE D 71 50.87 -51.99 26.94
CA PHE D 71 49.54 -52.40 26.51
C PHE D 71 48.94 -53.29 27.60
N THR D 72 47.61 -53.31 27.66
CA THR D 72 46.90 -54.12 28.64
C THR D 72 45.71 -54.79 27.98
N LEU D 73 45.46 -56.03 28.39
CA LEU D 73 44.25 -56.75 28.01
C LEU D 73 43.51 -57.12 29.29
N THR D 74 42.25 -56.74 29.37
CA THR D 74 41.44 -56.87 30.58
C THR D 74 40.21 -57.72 30.30
N ILE D 75 39.87 -58.55 31.28
CA ILE D 75 38.69 -59.39 31.27
C ILE D 75 37.80 -58.95 32.43
N SER D 76 36.55 -58.57 32.12
CA SER D 76 35.65 -58.10 33.15
C SER D 76 34.98 -59.26 33.88
N SER D 77 34.33 -60.15 33.15
CA SER D 77 33.66 -61.33 33.71
C SER D 77 34.27 -62.56 33.06
N LEU D 78 35.02 -63.34 33.83
CA LEU D 78 35.73 -64.50 33.31
C LEU D 78 34.84 -65.74 33.34
N GLN D 79 35.05 -66.59 32.35
CA GLN D 79 34.39 -67.89 32.23
C GLN D 79 35.43 -68.99 32.14
N PRO D 80 35.07 -70.24 32.48
CA PRO D 80 36.07 -71.32 32.50
C PRO D 80 36.75 -71.56 31.17
N ASP D 81 36.22 -71.02 30.06
CA ASP D 81 36.87 -71.14 28.77
C ASP D 81 37.94 -70.09 28.54
N ASP D 82 38.18 -69.19 29.49
CA ASP D 82 39.19 -68.15 29.37
C ASP D 82 40.56 -68.59 29.89
N PHE D 83 40.65 -69.77 30.50
CA PHE D 83 41.93 -70.26 31.01
C PHE D 83 42.75 -70.81 29.86
N ALA D 84 43.74 -70.05 29.40
CA ALA D 84 44.55 -70.43 28.25
C ALA D 84 45.88 -69.70 28.35
N THR D 85 46.63 -69.72 27.26
CA THR D 85 47.91 -69.02 27.15
C THR D 85 47.72 -67.78 26.29
N TYR D 86 48.12 -66.63 26.80
CA TYR D 86 47.93 -65.36 26.11
C TYR D 86 49.27 -64.87 25.58
N TYR D 87 49.29 -64.50 24.30
CA TYR D 87 50.51 -64.17 23.58
C TYR D 87 50.37 -62.81 22.92
N CYS D 88 51.38 -61.95 23.09
CA CYS D 88 51.47 -60.72 22.33
C CYS D 88 52.34 -60.94 21.10
N GLN D 89 52.15 -60.08 20.10
CA GLN D 89 53.10 -60.01 19.00
C GLN D 89 53.10 -58.59 18.44
N GLN D 90 54.28 -57.98 18.36
CA GLN D 90 54.44 -56.68 17.73
C GLN D 90 54.83 -56.87 16.27
N TYR D 91 54.30 -56.02 15.40
CA TYR D 91 54.61 -56.09 13.97
C TYR D 91 55.08 -54.75 13.45
N ASN D 92 55.70 -53.95 14.31
CA ASN D 92 56.42 -52.75 13.90
C ASN D 92 57.85 -53.14 13.60
N SER D 93 58.32 -52.79 12.39
CA SER D 93 59.62 -53.22 11.87
C SER D 93 59.66 -54.74 11.72
N TYR D 94 60.65 -55.25 10.99
CA TYR D 94 60.72 -56.67 10.71
C TYR D 94 61.17 -57.44 11.95
N SER D 95 61.32 -58.75 11.78
CA SER D 95 61.67 -59.66 12.88
C SER D 95 60.64 -59.57 14.01
N HIS D 96 59.40 -59.94 13.68
CA HIS D 96 58.30 -59.88 14.62
C HIS D 96 58.53 -60.84 15.80
N THR D 97 58.73 -60.29 16.99
CA THR D 97 58.90 -61.09 18.19
C THR D 97 57.54 -61.42 18.80
N PHE D 98 57.55 -62.33 19.76
CA PHE D 98 56.34 -62.78 20.44
C PHE D 98 56.51 -62.66 21.95
N GLY D 99 55.49 -63.14 22.68
CA GLY D 99 55.49 -63.12 24.12
C GLY D 99 55.95 -64.44 24.73
N GLN D 100 56.15 -64.41 26.04
CA GLN D 100 56.59 -65.59 26.75
C GLN D 100 55.48 -66.62 26.86
N GLY D 101 54.26 -66.17 27.15
CA GLY D 101 53.14 -67.06 27.36
C GLY D 101 52.62 -67.05 28.77
N THR D 102 51.48 -66.40 28.98
CA THR D 102 50.89 -66.26 30.31
C THR D 102 49.81 -67.32 30.49
N LYS D 103 49.95 -68.13 31.53
CA LYS D 103 49.01 -69.21 31.83
C LYS D 103 47.99 -68.71 32.85
N LEU D 104 46.71 -68.91 32.54
CA LEU D 104 45.62 -68.56 33.46
C LEU D 104 45.05 -69.86 34.02
N GLU D 105 44.97 -69.94 35.35
CA GLU D 105 44.59 -71.18 36.02
C GLU D 105 43.59 -70.88 37.13
N ILE D 106 42.92 -71.94 37.59
CA ILE D 106 42.02 -71.83 38.72
C ILE D 106 42.79 -72.08 40.01
N LYS D 107 42.22 -71.63 41.12
CA LYS D 107 42.81 -71.87 42.44
C LYS D 107 42.50 -73.28 42.88
N ARG D 108 43.52 -74.02 43.28
CA ARG D 108 43.37 -75.39 43.73
C ARG D 108 43.01 -75.45 45.20
N GLN E 1 35.25 -69.31 7.91
CA GLN E 1 35.01 -69.05 6.49
C GLN E 1 36.03 -69.75 5.62
N VAL E 2 37.30 -69.43 5.84
CA VAL E 2 38.40 -69.99 5.06
C VAL E 2 39.03 -71.14 5.85
N GLN E 3 39.07 -72.32 5.23
CA GLN E 3 39.66 -73.50 5.85
C GLN E 3 41.14 -73.58 5.49
N LEU E 4 41.97 -73.78 6.51
CA LEU E 4 43.41 -73.93 6.35
C LEU E 4 43.80 -75.36 6.66
N VAL E 5 44.49 -76.02 5.73
CA VAL E 5 44.94 -77.39 5.92
C VAL E 5 46.44 -77.45 5.65
N GLN E 6 47.18 -78.07 6.56
CA GLN E 6 48.62 -78.23 6.44
C GLN E 6 48.95 -79.69 6.12
N SER E 7 50.24 -79.97 6.05
CA SER E 7 50.72 -81.32 5.79
C SER E 7 50.69 -82.12 7.09
N GLY E 8 51.24 -83.35 7.05
CA GLY E 8 51.29 -84.19 8.22
C GLY E 8 52.61 -84.08 8.97
N ALA E 9 52.66 -84.75 10.12
CA ALA E 9 53.90 -84.82 10.87
C ALA E 9 54.93 -85.64 10.11
N GLU E 10 56.20 -85.19 10.18
CA GLU E 10 57.27 -85.81 9.41
C GLU E 10 58.46 -86.05 10.33
N VAL E 11 59.07 -87.23 10.20
CA VAL E 11 60.28 -87.60 10.92
C VAL E 11 61.39 -87.75 9.90
N LYS E 12 62.51 -87.07 10.12
CA LYS E 12 63.58 -87.11 9.13
C LYS E 12 64.92 -86.87 9.83
N LYS E 13 65.98 -87.43 9.22
CA LYS E 13 67.32 -87.18 9.71
C LYS E 13 67.67 -85.70 9.56
N PRO E 14 68.50 -85.18 10.46
CA PRO E 14 68.85 -83.74 10.39
C PRO E 14 69.54 -83.34 9.10
N GLY E 15 70.21 -84.26 8.43
CA GLY E 15 70.93 -83.92 7.21
C GLY E 15 70.08 -83.94 5.96
N SER E 16 69.06 -83.09 5.88
CA SER E 16 68.19 -83.01 4.71
C SER E 16 67.33 -81.75 4.84
N SER E 17 66.40 -81.59 3.89
CA SER E 17 65.50 -80.45 3.84
C SER E 17 64.06 -80.94 3.82
N VAL E 18 63.16 -80.13 4.38
CA VAL E 18 61.75 -80.49 4.51
C VAL E 18 60.91 -79.46 3.79
N LYS E 19 59.93 -79.94 3.01
CA LYS E 19 58.96 -79.10 2.33
C LYS E 19 57.59 -79.31 2.96
N VAL E 20 56.93 -78.21 3.33
CA VAL E 20 55.65 -78.22 4.02
C VAL E 20 54.66 -77.39 3.21
N SER E 21 53.47 -77.94 3.00
CA SER E 21 52.42 -77.30 2.21
C SER E 21 51.30 -76.77 3.10
N CYS E 22 50.59 -75.77 2.58
CA CYS E 22 49.49 -75.14 3.30
C CYS E 22 48.47 -74.66 2.29
N LYS E 23 47.27 -75.23 2.33
CA LYS E 23 46.20 -74.91 1.40
C LYS E 23 45.10 -74.14 2.12
N ALA E 24 44.68 -73.03 1.53
CA ALA E 24 43.59 -72.21 2.06
C ALA E 24 42.42 -72.27 1.07
N SER E 25 41.22 -72.48 1.60
CA SER E 25 40.02 -72.58 0.78
C SER E 25 38.97 -71.60 1.30
N GLY E 26 38.54 -70.68 0.44
CA GLY E 26 37.51 -69.73 0.81
C GLY E 26 37.80 -68.32 0.36
N GLY E 27 36.85 -67.71 -0.35
CA GLY E 27 37.01 -66.34 -0.81
C GLY E 27 38.05 -66.23 -1.92
N THR E 28 38.33 -64.99 -2.29
CA THR E 28 39.38 -64.73 -3.28
C THR E 28 40.75 -64.98 -2.66
N PHE E 29 41.61 -65.66 -3.42
CA PHE E 29 42.93 -66.02 -2.92
C PHE E 29 43.96 -64.93 -3.19
N SER E 30 43.73 -64.10 -4.21
CA SER E 30 44.71 -63.10 -4.62
C SER E 30 44.87 -61.96 -3.61
N SER E 31 43.99 -61.86 -2.61
CA SER E 31 44.05 -60.79 -1.63
C SER E 31 44.65 -61.24 -0.31
N TYR E 32 45.30 -62.40 -0.28
CA TYR E 32 45.76 -62.99 0.96
C TYR E 32 47.29 -63.00 1.03
N SER E 33 47.81 -63.12 2.24
CA SER E 33 49.24 -63.23 2.50
C SER E 33 49.46 -64.35 3.51
N PHE E 34 50.65 -64.95 3.48
CA PHE E 34 50.93 -66.13 4.30
C PHE E 34 52.13 -65.90 5.20
N ILE E 35 52.00 -66.25 6.48
CA ILE E 35 53.11 -66.23 7.41
C ILE E 35 53.32 -67.65 7.94
N TRP E 36 54.55 -67.98 8.27
CA TRP E 36 54.89 -69.27 8.86
C TRP E 36 55.48 -69.03 10.24
N VAL E 37 54.91 -69.68 11.25
CA VAL E 37 55.28 -69.43 12.63
C VAL E 37 55.57 -70.76 13.32
N ARG E 38 56.53 -70.70 14.26
CA ARG E 38 57.01 -71.95 14.89
C ARG E 38 56.51 -72.07 16.32
N GLN E 39 56.41 -73.32 16.79
CA GLN E 39 55.98 -73.60 18.16
C GLN E 39 56.85 -74.75 18.68
N ALA E 40 57.79 -74.42 19.56
CA ALA E 40 58.63 -75.43 20.16
C ALA E 40 58.02 -75.92 21.47
N PRO E 41 58.20 -77.19 21.81
CA PRO E 41 57.55 -77.73 23.02
C PRO E 41 57.98 -77.05 24.31
N GLY E 42 59.23 -76.62 24.43
CA GLY E 42 59.75 -76.09 25.67
C GLY E 42 59.64 -74.60 25.88
N GLN E 43 59.09 -73.86 24.93
CA GLN E 43 58.95 -72.41 25.04
C GLN E 43 57.85 -71.95 24.08
N GLY E 44 57.79 -70.64 23.85
CA GLY E 44 56.67 -70.03 23.16
C GLY E 44 56.85 -69.91 21.66
N LEU E 45 56.37 -68.80 21.12
CA LEU E 45 56.25 -68.56 19.68
C LEU E 45 57.48 -67.86 19.13
N GLU E 46 57.75 -68.12 17.85
CA GLU E 46 58.76 -67.36 17.11
C GLU E 46 58.36 -67.34 15.64
N TRP E 47 58.31 -66.14 15.07
CA TRP E 47 57.95 -65.96 13.66
C TRP E 47 59.19 -66.10 12.78
N MET E 48 59.00 -66.62 11.57
CA MET E 48 60.07 -66.77 10.60
C MET E 48 59.88 -65.89 9.37
N GLY E 49 58.77 -66.06 8.65
CA GLY E 49 58.65 -65.43 7.35
C GLY E 49 57.23 -65.06 6.99
N ARG E 50 57.12 -64.00 6.19
CA ARG E 50 55.87 -63.48 5.67
C ARG E 50 56.02 -63.30 4.15
N ILE E 51 54.96 -63.65 3.43
CA ILE E 51 54.95 -63.68 1.98
C ILE E 51 53.69 -63.01 1.48
N ILE E 52 53.86 -62.06 0.56
CA ILE E 52 52.76 -61.50 -0.21
C ILE E 52 52.98 -61.92 -1.67
N PRO E 53 52.27 -62.95 -2.14
CA PRO E 53 52.52 -63.44 -3.51
C PRO E 53 51.94 -62.53 -4.58
N ILE E 54 50.77 -61.95 -4.35
CA ILE E 54 50.16 -61.07 -5.35
C ILE E 54 51.02 -59.84 -5.58
N LEU E 55 51.66 -59.33 -4.52
CA LEU E 55 52.62 -58.25 -4.65
C LEU E 55 54.06 -58.73 -4.60
N GLY E 56 54.28 -60.00 -4.25
CA GLY E 56 55.59 -60.61 -4.32
C GLY E 56 56.66 -60.04 -3.40
N ILE E 57 56.33 -59.85 -2.13
CA ILE E 57 57.31 -59.43 -1.14
C ILE E 57 57.55 -60.59 -0.17
N ALA E 58 58.82 -60.96 0.00
CA ALA E 58 59.23 -62.00 0.93
C ALA E 58 60.05 -61.37 2.05
N ASN E 59 59.79 -61.80 3.28
CA ASN E 59 60.51 -61.26 4.43
C ASN E 59 60.70 -62.37 5.46
N TYR E 60 61.95 -62.83 5.62
CA TYR E 60 62.29 -63.90 6.54
C TYR E 60 62.96 -63.34 7.78
N ALA E 61 62.93 -64.13 8.85
CA ALA E 61 63.51 -63.71 10.12
C ALA E 61 65.02 -63.56 10.00
N GLN E 62 65.57 -62.68 10.85
CA GLN E 62 66.99 -62.37 10.78
C GLN E 62 67.87 -63.58 11.05
N LYS E 63 67.36 -64.56 11.79
CA LYS E 63 68.12 -65.77 12.08
C LYS E 63 67.78 -66.93 11.14
N PHE E 64 67.17 -66.64 9.99
CA PHE E 64 66.75 -67.69 9.06
C PHE E 64 67.18 -67.40 7.62
N GLN E 65 68.23 -66.62 7.41
CA GLN E 65 68.72 -66.40 6.05
C GLN E 65 69.30 -67.68 5.48
N GLY E 66 68.92 -67.99 4.24
CA GLY E 66 69.50 -69.09 3.51
C GLY E 66 69.08 -70.48 3.98
N ARG E 67 68.20 -70.56 4.98
CA ARG E 67 67.77 -71.84 5.52
C ARG E 67 66.34 -72.21 5.15
N VAL E 68 65.44 -71.23 5.09
CA VAL E 68 64.05 -71.46 4.73
C VAL E 68 63.63 -70.47 3.66
N THR E 69 62.89 -70.95 2.66
CA THR E 69 62.29 -70.11 1.65
C THR E 69 60.83 -70.53 1.47
N ILE E 70 59.95 -69.53 1.37
CA ILE E 70 58.51 -69.76 1.26
C ILE E 70 58.04 -69.17 -0.06
N THR E 71 57.29 -69.96 -0.83
CA THR E 71 56.78 -69.58 -2.14
C THR E 71 55.28 -69.90 -2.17
N ALA E 72 54.56 -69.29 -3.11
CA ALA E 72 53.13 -69.54 -3.24
C ALA E 72 52.81 -69.92 -4.67
N ASP E 73 51.85 -70.83 -4.82
CA ASP E 73 51.37 -71.28 -6.12
C ASP E 73 49.95 -70.77 -6.31
N LYS E 74 49.74 -70.00 -7.40
CA LYS E 74 48.44 -69.42 -7.69
C LYS E 74 47.45 -70.44 -8.21
N SER E 75 47.91 -71.36 -9.07
CA SER E 75 46.99 -72.35 -9.65
C SER E 75 46.37 -73.24 -8.59
N THR E 76 47.20 -73.77 -7.68
CA THR E 76 46.70 -74.57 -6.57
C THR E 76 46.24 -73.71 -5.39
N THR E 77 46.49 -72.40 -5.43
CA THR E 77 46.16 -71.49 -4.34
C THR E 77 46.76 -72.00 -3.02
N THR E 78 48.04 -72.34 -3.07
CA THR E 78 48.71 -72.96 -1.92
C THR E 78 49.99 -72.21 -1.60
N ALA E 79 50.55 -72.53 -0.44
CA ALA E 79 51.84 -72.01 -0.02
C ALA E 79 52.75 -73.17 0.37
N TYR E 80 54.04 -73.00 0.14
CA TYR E 80 55.03 -74.02 0.45
C TYR E 80 56.21 -73.37 1.15
N MET E 81 56.77 -74.07 2.13
CA MET E 81 58.03 -73.67 2.74
C MET E 81 59.01 -74.82 2.60
N GLU E 82 60.23 -74.52 2.18
CA GLU E 82 61.31 -75.49 2.21
C GLU E 82 62.38 -74.99 3.18
N LEU E 83 62.77 -75.85 4.12
CA LEU E 83 63.79 -75.52 5.10
C LEU E 83 64.93 -76.52 4.97
N SER E 84 66.15 -76.02 4.86
CA SER E 84 67.35 -76.83 4.72
C SER E 84 68.19 -76.74 5.97
N SER E 85 69.14 -77.69 6.09
CA SER E 85 70.05 -77.77 7.23
C SER E 85 69.27 -77.93 8.54
N LEU E 86 68.57 -79.07 8.62
CA LEU E 86 67.81 -79.39 9.82
C LEU E 86 68.75 -79.61 10.99
N ARG E 87 68.46 -78.95 12.12
CA ARG E 87 69.24 -79.09 13.34
C ARG E 87 68.42 -79.82 14.40
N SER E 88 69.13 -80.41 15.36
CA SER E 88 68.49 -81.22 16.39
C SER E 88 67.46 -80.42 17.19
N GLU E 89 67.75 -79.16 17.46
CA GLU E 89 66.84 -78.31 18.22
C GLU E 89 65.65 -77.82 17.40
N ASP E 90 65.63 -78.21 16.12
CA ASP E 90 64.56 -77.74 15.18
C ASP E 90 63.39 -78.72 15.16
N THR E 91 63.27 -79.58 16.19
CA THR E 91 62.10 -80.45 16.29
C THR E 91 60.97 -79.73 17.03
N ALA E 92 59.88 -79.45 16.31
CA ALA E 92 58.75 -78.69 16.86
C ALA E 92 57.62 -78.70 15.82
N VAL E 93 56.55 -77.95 16.12
CA VAL E 93 55.38 -77.92 15.26
C VAL E 93 55.32 -76.58 14.53
N TYR E 94 54.81 -76.61 13.29
CA TYR E 94 54.73 -75.45 12.43
C TYR E 94 53.27 -75.06 12.25
N TYR E 95 52.98 -73.75 12.34
CA TYR E 95 51.66 -73.24 12.02
C TYR E 95 51.74 -72.32 10.82
N CYS E 96 50.89 -72.59 9.82
CA CYS E 96 50.70 -71.72 8.67
C CYS E 96 49.53 -70.79 8.95
N ALA E 97 49.80 -69.49 8.99
CA ALA E 97 48.77 -68.51 9.33
C ALA E 97 48.59 -67.56 8.14
N ARG E 98 47.42 -66.94 8.09
CA ARG E 98 47.00 -66.20 6.91
C ARG E 98 46.53 -64.80 7.31
N GLY E 99 46.95 -63.81 6.55
CA GLY E 99 46.53 -62.43 6.74
C GLY E 99 45.77 -61.93 5.53
N THR E 100 44.88 -60.96 5.75
CA THR E 100 43.96 -60.49 4.73
C THR E 100 44.21 -59.02 4.44
N GLU E 101 44.04 -58.63 3.18
CA GLU E 101 44.19 -57.22 2.80
C GLU E 101 43.19 -56.35 3.54
N TYR E 102 41.95 -56.82 3.66
CA TYR E 102 40.95 -56.14 4.48
C TYR E 102 41.32 -56.36 5.95
N GLY E 103 42.05 -55.42 6.51
CA GLY E 103 42.64 -55.59 7.83
C GLY E 103 44.13 -55.32 7.81
N ASP E 104 44.94 -56.34 8.04
CA ASP E 104 46.38 -56.18 8.00
C ASP E 104 47.03 -57.46 7.50
N TYR E 105 48.15 -57.31 6.80
CA TYR E 105 48.90 -58.47 6.33
C TYR E 105 49.66 -59.14 7.48
N ASP E 106 50.25 -58.34 8.37
CA ASP E 106 51.08 -58.90 9.42
C ASP E 106 50.25 -59.75 10.39
N VAL E 107 49.05 -59.30 10.73
CA VAL E 107 48.20 -60.09 11.62
C VAL E 107 47.75 -61.36 10.90
N SER E 108 47.44 -62.38 11.71
CA SER E 108 47.01 -63.69 11.15
C SER E 108 45.55 -63.95 11.55
N HIS E 109 44.62 -63.78 10.62
CA HIS E 109 43.20 -63.97 10.90
C HIS E 109 42.87 -65.45 11.09
N ASP E 110 43.43 -66.31 10.25
CA ASP E 110 43.17 -67.74 10.31
C ASP E 110 44.48 -68.51 10.51
N TRP E 111 44.37 -69.70 11.11
CA TRP E 111 45.52 -70.52 11.45
C TRP E 111 45.29 -71.96 11.01
N GLY E 112 46.39 -72.63 10.68
CA GLY E 112 46.35 -74.04 10.36
C GLY E 112 46.52 -74.92 11.59
N GLN E 113 46.32 -76.22 11.38
CA GLN E 113 46.44 -77.18 12.48
C GLN E 113 47.89 -77.46 12.85
N GLY E 114 48.83 -77.26 11.94
CA GLY E 114 50.23 -77.43 12.23
C GLY E 114 50.79 -78.77 11.80
N THR E 115 52.11 -78.78 11.59
CA THR E 115 52.83 -79.98 11.19
C THR E 115 53.96 -80.22 12.19
N LEU E 116 53.99 -81.40 12.77
CA LEU E 116 55.06 -81.75 13.71
C LEU E 116 56.26 -82.30 12.95
N VAL E 117 57.32 -81.51 12.86
CA VAL E 117 58.54 -81.93 12.19
C VAL E 117 59.57 -82.28 13.26
N THR E 118 60.17 -83.46 13.13
CA THR E 118 61.13 -83.94 14.11
C THR E 118 62.34 -84.55 13.42
N VAL E 119 63.50 -84.37 14.05
CA VAL E 119 64.77 -84.85 13.55
C VAL E 119 65.49 -85.60 14.65
N SER E 120 66.08 -86.74 14.29
CA SER E 120 66.82 -87.58 15.23
C SER E 120 67.65 -88.57 14.43
N SER E 121 68.27 -89.51 15.12
CA SER E 121 69.07 -90.55 14.47
C SER E 121 68.46 -91.93 14.70
N ASP F 1 63.40 -29.01 -12.61
CA ASP F 1 64.11 -27.87 -12.04
C ASP F 1 64.37 -26.88 -13.18
N ILE F 2 64.42 -25.60 -12.85
CA ILE F 2 64.59 -24.55 -13.84
C ILE F 2 66.00 -23.99 -13.73
N GLN F 3 66.71 -23.93 -14.85
CA GLN F 3 68.10 -23.48 -14.87
C GLN F 3 68.18 -22.00 -15.22
N MET F 4 69.09 -21.30 -14.55
CA MET F 4 69.29 -19.87 -14.74
C MET F 4 70.67 -19.64 -15.34
N THR F 5 70.74 -18.89 -16.43
CA THR F 5 72.00 -18.56 -17.08
C THR F 5 72.13 -17.05 -17.20
N GLN F 6 73.35 -16.55 -17.05
CA GLN F 6 73.63 -15.13 -17.06
C GLN F 6 74.66 -14.81 -18.14
N SER F 7 74.46 -13.71 -18.85
CA SER F 7 75.34 -13.30 -19.93
C SER F 7 75.58 -11.80 -19.91
N PRO F 8 76.80 -11.36 -20.20
CA PRO F 8 77.97 -12.23 -20.36
C PRO F 8 78.58 -12.60 -19.01
N SER F 9 79.44 -13.62 -19.00
CA SER F 9 80.00 -14.12 -17.73
C SER F 9 80.81 -13.03 -17.03
N THR F 10 81.64 -12.31 -17.77
CA THR F 10 82.37 -11.18 -17.24
C THR F 10 82.30 -10.03 -18.24
N LEU F 11 81.93 -8.85 -17.75
CA LEU F 11 81.71 -7.70 -18.62
C LEU F 11 82.40 -6.49 -17.99
N SER F 12 83.14 -5.75 -18.81
CA SER F 12 83.90 -4.60 -18.36
C SER F 12 83.27 -3.32 -18.89
N ALA F 13 83.23 -2.29 -18.05
CA ALA F 13 82.70 -0.98 -18.40
C ALA F 13 83.48 0.09 -17.66
N SER F 14 82.99 1.33 -17.75
CA SER F 14 83.62 2.45 -17.08
C SER F 14 82.53 3.35 -16.49
N VAL F 15 82.94 4.24 -15.60
CA VAL F 15 82.01 5.14 -14.94
C VAL F 15 81.31 6.01 -15.98
N GLY F 16 79.99 6.15 -15.83
CA GLY F 16 79.20 6.99 -16.70
C GLY F 16 78.68 6.33 -17.96
N ASP F 17 78.82 5.01 -18.09
CA ASP F 17 78.41 4.32 -19.31
C ASP F 17 76.98 3.79 -19.18
N ARG F 18 76.55 3.06 -20.20
CA ARG F 18 75.24 2.42 -20.26
C ARG F 18 75.46 0.92 -20.30
N VAL F 19 74.98 0.19 -19.29
CA VAL F 19 75.31 -1.23 -19.23
C VAL F 19 74.04 -2.07 -19.16
N THR F 20 74.08 -3.22 -19.84
CA THR F 20 72.97 -4.16 -19.90
C THR F 20 73.48 -5.57 -19.63
N ILE F 21 72.72 -6.34 -18.86
CA ILE F 21 73.03 -7.72 -18.53
C ILE F 21 71.81 -8.57 -18.86
N THR F 22 72.02 -9.71 -19.52
CA THR F 22 70.93 -10.56 -19.95
C THR F 22 70.88 -11.82 -19.09
N CYS F 23 69.67 -12.29 -18.80
CA CYS F 23 69.45 -13.46 -17.97
C CYS F 23 68.41 -14.34 -18.66
N ARG F 24 68.70 -15.64 -18.77
CA ARG F 24 67.87 -16.56 -19.52
C ARG F 24 67.48 -17.74 -18.65
N ALA F 25 66.27 -18.24 -18.85
CA ALA F 25 65.74 -19.38 -18.12
C ALA F 25 65.50 -20.55 -19.07
N SER F 26 65.65 -21.76 -18.53
CA SER F 26 65.45 -22.96 -19.34
C SER F 26 64.01 -23.07 -19.81
N GLN F 27 63.05 -22.81 -18.92
CA GLN F 27 61.63 -22.91 -19.23
C GLN F 27 60.93 -21.69 -18.65
N SER F 28 59.76 -21.38 -19.21
CA SER F 28 59.04 -20.16 -18.85
C SER F 28 58.76 -20.09 -17.36
N ILE F 29 59.10 -18.95 -16.75
CA ILE F 29 58.92 -18.72 -15.33
C ILE F 29 57.98 -17.55 -15.07
N SER F 30 57.12 -17.24 -16.03
CA SER F 30 56.25 -16.05 -15.97
C SER F 30 57.10 -14.81 -15.72
N SER F 31 56.60 -13.89 -14.91
CA SER F 31 57.29 -12.64 -14.61
C SER F 31 57.99 -12.67 -13.26
N TRP F 32 58.11 -13.84 -12.64
CA TRP F 32 58.72 -13.97 -11.32
C TRP F 32 60.23 -14.02 -11.49
N LEU F 33 60.90 -12.95 -11.07
CA LEU F 33 62.36 -12.88 -11.13
C LEU F 33 62.83 -11.84 -10.14
N ALA F 34 64.10 -11.93 -9.77
CA ALA F 34 64.71 -11.00 -8.85
C ALA F 34 66.19 -10.89 -9.15
N TRP F 35 66.76 -9.72 -8.90
CA TRP F 35 68.15 -9.41 -9.19
C TRP F 35 68.85 -8.98 -7.90
N TYR F 36 70.06 -9.49 -7.69
CA TYR F 36 70.84 -9.19 -6.51
C TYR F 36 72.19 -8.60 -6.88
N GLN F 37 72.68 -7.69 -6.05
CA GLN F 37 74.01 -7.11 -6.18
C GLN F 37 74.80 -7.45 -4.93
N GLN F 38 76.02 -7.97 -5.13
CA GLN F 38 76.86 -8.41 -4.03
C GLN F 38 78.26 -7.83 -4.17
N LYS F 39 78.72 -7.18 -3.12
CA LYS F 39 80.10 -6.71 -2.97
C LYS F 39 81.01 -7.87 -2.58
N PRO F 40 82.30 -7.79 -2.88
CA PRO F 40 83.23 -8.84 -2.46
C PRO F 40 83.32 -8.92 -0.94
N GLY F 41 82.91 -10.06 -0.41
CA GLY F 41 82.99 -10.30 1.02
C GLY F 41 81.85 -9.73 1.84
N LYS F 42 80.86 -9.10 1.22
CA LYS F 42 79.73 -8.51 1.92
C LYS F 42 78.43 -9.20 1.52
N ALA F 43 77.43 -9.05 2.36
CA ALA F 43 76.14 -9.68 2.11
C ALA F 43 75.46 -9.03 0.92
N PRO F 44 74.87 -9.81 0.02
CA PRO F 44 74.15 -9.24 -1.12
C PRO F 44 72.89 -8.51 -0.68
N LYS F 45 72.41 -7.63 -1.54
CA LYS F 45 71.19 -6.87 -1.30
C LYS F 45 70.26 -6.99 -2.50
N LEU F 46 68.97 -6.80 -2.25
CA LEU F 46 67.97 -6.82 -3.30
C LEU F 46 67.84 -5.44 -3.92
N LEU F 47 67.70 -5.40 -5.24
CA LEU F 47 67.53 -4.16 -5.98
C LEU F 47 66.28 -4.16 -6.86
N ILE F 48 65.95 -5.30 -7.47
CA ILE F 48 64.73 -5.44 -8.26
C ILE F 48 64.10 -6.78 -7.95
N TYR F 49 62.79 -6.77 -7.65
CA TYR F 49 62.00 -8.00 -7.56
C TYR F 49 60.78 -7.84 -8.46
N LYS F 50 60.15 -8.98 -8.77
CA LYS F 50 59.07 -9.08 -9.74
C LYS F 50 59.52 -8.71 -11.16
N ALA F 51 60.83 -8.53 -11.35
CA ALA F 51 61.47 -8.30 -12.65
C ALA F 51 61.16 -6.92 -13.22
N SER F 52 60.26 -6.17 -12.58
CA SER F 52 59.96 -4.82 -13.04
C SER F 52 59.99 -3.82 -11.90
N SER F 53 59.61 -4.26 -10.70
CA SER F 53 59.51 -3.36 -9.56
C SER F 53 60.90 -2.99 -9.03
N LEU F 54 60.98 -1.84 -8.38
CA LEU F 54 62.22 -1.36 -7.79
C LEU F 54 62.11 -1.32 -6.27
N GLU F 55 63.11 -1.89 -5.60
CA GLU F 55 63.16 -1.86 -4.16
C GLU F 55 63.32 -0.43 -3.65
N SER F 56 62.64 -0.12 -2.56
CA SER F 56 62.71 1.22 -1.98
C SER F 56 64.12 1.54 -1.52
N GLY F 57 64.58 2.75 -1.81
CA GLY F 57 65.91 3.20 -1.45
C GLY F 57 66.96 2.96 -2.51
N VAL F 58 66.70 2.08 -3.46
CA VAL F 58 67.61 1.82 -4.58
C VAL F 58 67.57 3.01 -5.53
N PRO F 59 68.70 3.47 -6.05
CA PRO F 59 68.67 4.53 -7.07
C PRO F 59 67.88 4.10 -8.29
N SER F 60 67.18 5.06 -8.89
CA SER F 60 66.31 4.80 -10.03
C SER F 60 67.08 4.42 -11.29
N ARG F 61 68.41 4.54 -11.28
CA ARG F 61 69.22 4.21 -12.44
C ARG F 61 69.07 2.76 -12.88
N PHE F 62 68.70 1.87 -11.96
CA PHE F 62 68.49 0.46 -12.29
C PHE F 62 67.12 0.27 -12.92
N SER F 63 67.06 -0.57 -13.96
CA SER F 63 65.76 -0.89 -14.54
C SER F 63 65.81 -2.25 -15.21
N GLY F 64 64.78 -3.06 -14.99
CA GLY F 64 64.72 -4.38 -15.57
C GLY F 64 63.49 -4.58 -16.45
N SER F 65 63.56 -5.54 -17.37
CA SER F 65 62.45 -5.81 -18.28
C SER F 65 62.54 -7.24 -18.78
N GLY F 66 61.40 -7.89 -18.89
CA GLY F 66 61.35 -9.26 -19.37
C GLY F 66 59.99 -9.86 -19.13
N SER F 67 59.64 -10.83 -19.98
CA SER F 67 58.34 -11.49 -19.93
C SER F 67 58.44 -12.97 -19.63
N GLY F 68 59.28 -13.70 -20.36
CA GLY F 68 59.43 -15.13 -20.16
C GLY F 68 60.53 -15.73 -21.00
N THR F 69 61.37 -16.56 -20.38
CA THR F 69 62.53 -17.21 -21.00
C THR F 69 63.57 -16.20 -21.50
N GLU F 70 63.38 -14.91 -21.20
CA GLU F 70 64.32 -13.88 -21.63
C GLU F 70 64.08 -12.66 -20.76
N PHE F 71 65.10 -12.24 -20.00
CA PHE F 71 65.01 -11.09 -19.13
C PHE F 71 66.30 -10.30 -19.22
N THR F 72 66.23 -9.03 -18.82
CA THR F 72 67.41 -8.18 -18.87
C THR F 72 67.32 -7.11 -17.79
N LEU F 73 68.49 -6.70 -17.32
CA LEU F 73 68.62 -5.58 -16.39
C LEU F 73 69.59 -4.58 -17.01
N THR F 74 69.45 -3.31 -16.62
CA THR F 74 70.37 -2.30 -17.13
C THR F 74 70.59 -1.23 -16.08
N ILE F 75 71.79 -0.66 -16.12
CA ILE F 75 72.18 0.50 -15.31
C ILE F 75 72.42 1.65 -16.27
N SER F 76 71.73 2.77 -16.01
CA SER F 76 71.80 3.94 -16.88
C SER F 76 73.15 4.64 -16.76
N SER F 77 73.60 4.89 -15.53
CA SER F 77 74.83 5.63 -15.28
C SER F 77 75.70 4.81 -14.34
N LEU F 78 76.88 4.42 -14.80
CA LEU F 78 77.80 3.65 -13.98
C LEU F 78 78.43 4.54 -12.92
N GLN F 79 78.47 4.04 -11.68
CA GLN F 79 79.12 4.71 -10.57
C GLN F 79 80.30 3.87 -10.07
N PRO F 80 81.25 4.48 -9.37
CA PRO F 80 82.40 3.71 -8.87
C PRO F 80 82.00 2.60 -7.91
N ASP F 81 80.84 2.70 -7.26
CA ASP F 81 80.40 1.69 -6.31
C ASP F 81 79.53 0.61 -6.94
N ASP F 82 79.30 0.67 -8.24
CA ASP F 82 78.43 -0.30 -8.92
C ASP F 82 79.19 -1.55 -9.36
N PHE F 83 80.52 -1.54 -9.31
CA PHE F 83 81.32 -2.66 -9.80
C PHE F 83 81.26 -3.77 -8.77
N ALA F 84 80.51 -4.84 -9.07
CA ALA F 84 80.25 -5.91 -8.13
C ALA F 84 79.69 -7.10 -8.90
N THR F 85 79.23 -8.11 -8.16
CA THR F 85 78.65 -9.30 -8.76
C THR F 85 77.13 -9.16 -8.80
N TYR F 86 76.53 -9.58 -9.92
CA TYR F 86 75.09 -9.45 -10.12
C TYR F 86 74.50 -10.82 -10.39
N TYR F 87 73.39 -11.13 -9.72
CA TYR F 87 72.85 -12.49 -9.66
C TYR F 87 71.37 -12.48 -10.01
N CYS F 88 70.93 -13.55 -10.69
CA CYS F 88 69.51 -13.78 -10.93
C CYS F 88 68.94 -14.71 -9.86
N GLN F 89 67.61 -14.66 -9.71
CA GLN F 89 66.92 -15.66 -8.92
C GLN F 89 65.47 -15.74 -9.38
N GLN F 90 64.98 -16.97 -9.56
CA GLN F 90 63.59 -17.18 -9.96
C GLN F 90 62.87 -17.90 -8.84
N TYR F 91 61.69 -17.40 -8.47
CA TYR F 91 60.89 -18.01 -7.42
C TYR F 91 59.56 -18.52 -7.96
N ASN F 92 59.58 -19.07 -9.16
CA ASN F 92 58.47 -19.81 -9.72
C ASN F 92 58.85 -21.29 -9.71
N SER F 93 57.98 -22.11 -9.09
CA SER F 93 58.28 -23.51 -8.80
C SER F 93 59.42 -23.61 -7.79
N TYR F 94 59.47 -24.70 -7.02
CA TYR F 94 60.40 -24.79 -5.92
C TYR F 94 61.82 -24.98 -6.45
N SER F 95 62.77 -25.08 -5.52
CA SER F 95 64.20 -25.11 -5.84
C SER F 95 64.60 -23.84 -6.59
N HIS F 96 64.53 -22.72 -5.87
CA HIS F 96 64.78 -21.41 -6.44
C HIS F 96 66.26 -21.24 -6.76
N THR F 97 66.65 -21.53 -8.01
CA THR F 97 68.05 -21.53 -8.39
C THR F 97 68.56 -20.11 -8.61
N PHE F 98 69.87 -19.94 -8.46
CA PHE F 98 70.55 -18.70 -8.75
C PHE F 98 71.24 -18.80 -10.11
N GLY F 99 72.05 -17.80 -10.46
CA GLY F 99 72.84 -17.82 -11.66
C GLY F 99 74.32 -17.96 -11.34
N GLN F 100 75.11 -18.22 -12.40
CA GLN F 100 76.54 -18.41 -12.20
C GLN F 100 77.22 -17.13 -11.74
N GLY F 101 76.80 -15.99 -12.27
CA GLY F 101 77.34 -14.72 -11.81
C GLY F 101 77.98 -13.85 -12.87
N THR F 102 77.55 -12.60 -12.94
CA THR F 102 78.17 -11.60 -13.80
C THR F 102 78.99 -10.63 -12.95
N LYS F 103 80.17 -10.30 -13.45
CA LYS F 103 81.10 -9.41 -12.75
C LYS F 103 81.23 -8.10 -13.50
N LEU F 104 81.25 -7.00 -12.75
CA LEU F 104 81.39 -5.66 -13.28
C LEU F 104 82.69 -5.05 -12.79
N GLU F 105 83.47 -4.49 -13.71
CA GLU F 105 84.79 -3.95 -13.39
C GLU F 105 85.08 -2.68 -14.17
N ILE F 106 86.34 -2.24 -14.14
CA ILE F 106 86.76 -0.99 -14.77
C ILE F 106 87.76 -1.30 -15.88
N LYS F 107 87.81 -0.44 -16.88
CA LYS F 107 88.81 -0.55 -17.94
C LYS F 107 90.16 -0.07 -17.43
N ARG F 108 91.22 -0.75 -17.86
CA ARG F 108 92.57 -0.40 -17.45
C ARG F 108 93.47 -0.17 -18.66
N GLN G 1 66.04 -0.24 9.67
CA GLN G 1 64.97 -0.52 10.62
C GLN G 1 65.11 -1.91 11.22
N VAL G 2 64.91 -2.93 10.39
CA VAL G 2 65.00 -4.32 10.81
C VAL G 2 66.43 -4.80 10.58
N GLN G 3 67.05 -5.32 11.63
CA GLN G 3 68.44 -5.77 11.57
C GLN G 3 68.53 -7.23 11.96
N LEU G 4 69.45 -7.94 11.31
CA LEU G 4 69.67 -9.36 11.53
C LEU G 4 71.05 -9.59 12.12
N VAL G 5 71.10 -10.36 13.20
CA VAL G 5 72.34 -10.73 13.87
C VAL G 5 72.47 -12.25 13.84
N GLN G 6 73.57 -12.74 13.27
CA GLN G 6 73.78 -14.16 13.11
C GLN G 6 75.00 -14.60 13.94
N SER G 7 75.06 -15.89 14.24
CA SER G 7 76.04 -16.42 15.17
C SER G 7 77.44 -16.39 14.55
N GLY G 8 78.44 -16.79 15.34
CA GLY G 8 79.82 -16.72 14.92
C GLY G 8 80.28 -17.96 14.17
N ALA G 9 81.50 -17.88 13.67
CA ALA G 9 82.06 -18.92 12.81
C ALA G 9 82.24 -20.23 13.58
N GLU G 10 82.21 -21.33 12.84
CA GLU G 10 82.30 -22.68 13.41
C GLU G 10 83.37 -23.49 12.69
N VAL G 11 84.16 -24.23 13.47
CA VAL G 11 85.13 -25.18 12.95
C VAL G 11 84.87 -26.51 13.64
N LYS G 12 84.34 -27.46 12.86
CA LYS G 12 83.92 -28.70 13.54
C LYS G 12 84.29 -29.93 12.72
N LYS G 13 84.08 -31.10 13.33
CA LYS G 13 84.38 -32.39 12.72
C LYS G 13 83.30 -32.75 11.69
N PRO G 14 83.61 -33.67 10.77
CA PRO G 14 82.58 -34.08 9.79
C PRO G 14 81.35 -34.72 10.41
N GLY G 15 81.51 -35.61 11.39
CA GLY G 15 80.43 -36.45 11.86
C GLY G 15 79.61 -35.96 13.03
N SER G 16 78.81 -34.91 12.85
CA SER G 16 77.93 -34.41 13.89
C SER G 16 76.89 -33.50 13.25
N SER G 17 76.09 -32.83 14.09
CA SER G 17 75.06 -31.92 13.62
C SER G 17 75.35 -30.52 14.13
N VAL G 18 75.00 -29.53 13.31
CA VAL G 18 75.45 -28.15 13.48
C VAL G 18 74.23 -27.24 13.63
N LYS G 19 74.36 -26.24 14.50
CA LYS G 19 73.30 -25.30 14.87
C LYS G 19 73.66 -23.90 14.41
N VAL G 20 72.69 -23.20 13.81
CA VAL G 20 72.85 -21.81 13.39
C VAL G 20 71.66 -21.01 13.88
N SER G 21 71.94 -19.84 14.45
CA SER G 21 70.90 -18.96 14.96
C SER G 21 70.84 -17.67 14.15
N CYS G 22 69.67 -17.02 14.18
CA CYS G 22 69.45 -15.78 13.45
C CYS G 22 68.42 -14.94 14.20
N LYS G 23 68.85 -13.79 14.71
CA LYS G 23 67.98 -12.90 15.48
C LYS G 23 67.57 -11.71 14.61
N ALA G 24 66.27 -11.41 14.57
CA ALA G 24 65.73 -10.32 13.80
C ALA G 24 65.10 -9.30 14.73
N SER G 25 65.44 -8.03 14.53
CA SER G 25 64.93 -6.95 15.36
C SER G 25 64.27 -5.88 14.49
N GLY G 26 63.11 -5.41 14.93
CA GLY G 26 62.38 -4.37 14.22
C GLY G 26 61.13 -4.91 13.56
N GLY G 27 60.05 -4.13 13.64
CA GLY G 27 58.81 -4.51 13.02
C GLY G 27 58.08 -5.62 13.77
N THR G 28 57.10 -6.20 13.10
CA THR G 28 56.29 -7.27 13.64
C THR G 28 56.84 -8.62 13.20
N PHE G 29 57.08 -9.51 14.17
CA PHE G 29 57.66 -10.81 13.89
C PHE G 29 56.70 -11.76 13.18
N SER G 30 55.39 -11.57 13.34
CA SER G 30 54.45 -12.49 12.72
C SER G 30 54.35 -12.28 11.22
N SER G 31 54.75 -11.10 10.72
CA SER G 31 54.68 -10.78 9.31
C SER G 31 55.98 -11.04 8.57
N TYR G 32 56.74 -12.04 9.00
CA TYR G 32 58.07 -12.31 8.46
C TYR G 32 58.15 -13.72 7.90
N SER G 33 58.98 -13.90 6.88
CA SER G 33 59.33 -15.21 6.37
C SER G 33 60.85 -15.35 6.41
N PHE G 34 61.34 -16.52 6.81
CA PHE G 34 62.77 -16.69 7.02
C PHE G 34 63.34 -17.68 6.00
N ILE G 35 64.37 -17.25 5.27
CA ILE G 35 64.94 -18.03 4.18
C ILE G 35 66.44 -18.18 4.41
N TRP G 36 66.99 -19.33 4.02
CA TRP G 36 68.39 -19.63 4.27
C TRP G 36 69.12 -19.87 2.95
N VAL G 37 70.32 -19.29 2.83
CA VAL G 37 71.12 -19.36 1.61
C VAL G 37 72.52 -19.81 1.97
N ARG G 38 73.19 -20.50 1.04
CA ARG G 38 74.59 -20.90 1.21
C ARG G 38 75.44 -20.29 0.11
N GLN G 39 76.68 -19.94 0.46
CA GLN G 39 77.65 -19.41 -0.49
C GLN G 39 78.95 -20.16 -0.31
N ALA G 40 79.31 -20.95 -1.31
CA ALA G 40 80.58 -21.66 -1.30
C ALA G 40 81.73 -20.67 -1.43
N PRO G 41 82.91 -21.00 -0.88
CA PRO G 41 84.01 -20.02 -0.89
C PRO G 41 84.45 -19.59 -2.29
N GLY G 42 84.33 -20.46 -3.28
CA GLY G 42 84.76 -20.12 -4.62
C GLY G 42 83.64 -20.09 -5.64
N GLN G 43 82.40 -20.27 -5.19
CA GLN G 43 81.25 -20.31 -6.06
C GLN G 43 80.16 -19.35 -5.56
N GLY G 44 79.08 -19.27 -6.32
CA GLY G 44 78.01 -18.32 -6.05
C GLY G 44 77.06 -18.80 -4.97
N LEU G 45 75.97 -18.05 -4.83
CA LEU G 45 74.96 -18.35 -3.82
C LEU G 45 74.20 -19.61 -4.16
N GLU G 46 73.64 -20.25 -3.13
CA GLU G 46 72.87 -21.47 -3.29
C GLU G 46 71.67 -21.44 -2.34
N TRP G 47 70.51 -21.81 -2.86
CA TRP G 47 69.27 -21.81 -2.08
C TRP G 47 69.15 -23.09 -1.26
N MET G 48 68.67 -22.93 -0.02
CA MET G 48 68.32 -24.08 0.81
C MET G 48 66.82 -24.22 1.01
N GLY G 49 66.17 -23.21 1.58
CA GLY G 49 64.77 -23.36 1.94
C GLY G 49 64.22 -22.14 2.63
N ARG G 50 62.92 -22.25 2.91
CA ARG G 50 62.12 -21.14 3.44
C ARG G 50 61.15 -21.67 4.49
N ILE G 51 60.87 -20.83 5.48
CA ILE G 51 59.91 -21.10 6.54
C ILE G 51 58.94 -19.92 6.63
N ILE G 52 57.65 -20.23 6.69
CA ILE G 52 56.60 -19.27 6.98
C ILE G 52 56.09 -19.61 8.37
N PRO G 53 56.47 -18.85 9.41
CA PRO G 53 56.07 -19.23 10.77
C PRO G 53 54.60 -19.03 11.04
N ILE G 54 54.02 -17.92 10.57
CA ILE G 54 52.62 -17.63 10.90
C ILE G 54 51.70 -18.64 10.23
N LEU G 55 52.04 -19.08 9.02
CA LEU G 55 51.36 -20.21 8.40
C LEU G 55 51.97 -21.55 8.79
N GLY G 56 53.17 -21.54 9.36
CA GLY G 56 53.81 -22.76 9.80
C GLY G 56 54.07 -23.75 8.70
N ILE G 57 54.61 -23.29 7.58
CA ILE G 57 54.93 -24.18 6.45
C ILE G 57 56.41 -24.08 6.16
N ALA G 58 57.02 -25.23 5.83
CA ALA G 58 58.45 -25.33 5.60
C ALA G 58 58.71 -25.93 4.23
N ASN G 59 59.81 -25.51 3.62
CA ASN G 59 60.23 -26.11 2.35
C ASN G 59 61.74 -26.06 2.25
N TYR G 60 62.33 -27.13 1.75
CA TYR G 60 63.77 -27.27 1.65
C TYR G 60 64.15 -27.74 0.26
N ALA G 61 65.41 -27.53 -0.10
CA ALA G 61 65.92 -28.03 -1.36
C ALA G 61 65.91 -29.55 -1.38
N GLN G 62 65.75 -30.12 -2.58
CA GLN G 62 65.64 -31.57 -2.71
C GLN G 62 66.92 -32.27 -2.28
N LYS G 63 68.07 -31.66 -2.54
CA LYS G 63 69.36 -32.28 -2.21
C LYS G 63 69.76 -32.08 -0.75
N PHE G 64 68.99 -31.31 0.01
CA PHE G 64 69.15 -31.22 1.47
C PHE G 64 67.99 -31.86 2.23
N GLN G 65 67.13 -32.62 1.54
CA GLN G 65 66.02 -33.27 2.22
C GLN G 65 66.53 -34.28 3.24
N GLY G 66 65.94 -34.23 4.44
CA GLY G 66 66.33 -35.11 5.51
C GLY G 66 67.58 -34.70 6.26
N ARG G 67 68.21 -33.59 5.90
CA ARG G 67 69.43 -33.13 6.54
C ARG G 67 69.29 -31.78 7.24
N VAL G 68 68.43 -30.90 6.74
CA VAL G 68 68.28 -29.55 7.26
C VAL G 68 66.88 -29.39 7.84
N THR G 69 66.79 -28.79 9.02
CA THR G 69 65.53 -28.44 9.65
C THR G 69 65.59 -26.98 10.04
N ILE G 70 64.58 -26.21 9.62
CA ILE G 70 64.50 -24.78 9.88
C ILE G 70 63.27 -24.52 10.73
N THR G 71 63.46 -23.87 11.88
CA THR G 71 62.38 -23.56 12.80
C THR G 71 62.44 -22.09 13.19
N ALA G 72 61.35 -21.61 13.75
CA ALA G 72 61.25 -20.24 14.24
C ALA G 72 60.66 -20.24 15.64
N ASP G 73 61.12 -19.29 16.46
CA ASP G 73 60.67 -19.15 17.83
C ASP G 73 60.13 -17.74 18.03
N LYS G 74 58.87 -17.64 18.45
CA LYS G 74 58.24 -16.36 18.72
C LYS G 74 58.68 -15.78 20.06
N SER G 75 58.96 -16.63 21.05
CA SER G 75 59.27 -16.15 22.39
C SER G 75 60.49 -15.23 22.38
N THR G 76 61.59 -15.70 21.79
CA THR G 76 62.78 -14.88 21.63
C THR G 76 62.93 -14.31 20.23
N THR G 77 61.96 -14.57 19.35
CA THR G 77 61.91 -14.02 17.99
C THR G 77 63.20 -14.33 17.23
N THR G 78 63.43 -15.62 17.01
CA THR G 78 64.65 -16.08 16.35
C THR G 78 64.33 -17.15 15.32
N ALA G 79 65.30 -17.43 14.47
CA ALA G 79 65.24 -18.52 13.50
C ALA G 79 66.41 -19.45 13.76
N TYR G 80 66.11 -20.75 13.81
CA TYR G 80 67.09 -21.77 14.16
C TYR G 80 67.22 -22.76 13.01
N MET G 81 68.45 -23.20 12.76
CA MET G 81 68.76 -24.13 11.69
C MET G 81 69.60 -25.28 12.23
N GLU G 82 69.17 -26.50 11.96
CA GLU G 82 69.93 -27.71 12.27
C GLU G 82 70.31 -28.40 10.97
N LEU G 83 71.60 -28.74 10.83
CA LEU G 83 72.06 -29.49 9.68
C LEU G 83 72.83 -30.72 10.16
N SER G 84 72.51 -31.87 9.59
CA SER G 84 73.05 -33.14 10.05
C SER G 84 73.77 -33.86 8.90
N SER G 85 74.59 -34.84 9.29
CA SER G 85 75.37 -35.65 8.34
C SER G 85 76.25 -34.77 7.45
N LEU G 86 77.04 -33.93 8.11
CA LEU G 86 77.92 -33.02 7.39
C LEU G 86 79.04 -33.77 6.68
N ARG G 87 79.62 -33.11 5.68
CA ARG G 87 80.69 -33.69 4.89
C ARG G 87 81.72 -32.60 4.57
N SER G 88 82.59 -32.90 3.61
CA SER G 88 83.77 -32.06 3.38
C SER G 88 83.41 -30.70 2.79
N GLU G 89 82.73 -30.68 1.65
CA GLU G 89 82.62 -29.46 0.85
C GLU G 89 81.63 -28.45 1.42
N ASP G 90 80.96 -28.76 2.53
CA ASP G 90 79.99 -27.84 3.12
C ASP G 90 80.64 -26.60 3.71
N THR G 91 81.97 -26.54 3.76
CA THR G 91 82.68 -25.36 4.25
C THR G 91 82.25 -24.15 3.43
N ALA G 92 81.52 -23.23 4.04
CA ALA G 92 80.92 -22.14 3.27
C ALA G 92 80.37 -21.09 4.23
N VAL G 93 79.75 -20.07 3.64
CA VAL G 93 79.09 -19.00 4.41
C VAL G 93 77.59 -19.23 4.35
N TYR G 94 76.94 -19.11 5.49
CA TYR G 94 75.50 -19.31 5.61
C TYR G 94 74.83 -17.98 5.87
N TYR G 95 73.79 -17.69 5.10
CA TYR G 95 73.13 -16.40 5.09
C TYR G 95 71.68 -16.57 5.53
N CYS G 96 71.27 -15.76 6.50
CA CYS G 96 69.88 -15.68 6.95
C CYS G 96 69.25 -14.44 6.35
N ALA G 97 68.10 -14.61 5.68
CA ALA G 97 67.42 -13.49 5.04
C ALA G 97 65.94 -13.51 5.39
N ARG G 98 65.33 -12.34 5.32
CA ARG G 98 63.96 -12.13 5.77
C ARG G 98 63.12 -11.54 4.64
N GLY G 99 61.90 -12.03 4.51
CA GLY G 99 60.97 -11.53 3.52
C GLY G 99 59.72 -10.98 4.18
N THR G 100 59.25 -9.85 3.64
CA THR G 100 58.10 -9.14 4.17
C THR G 100 56.81 -9.69 3.58
N GLU G 101 55.71 -9.48 4.32
CA GLU G 101 54.41 -9.95 3.86
C GLU G 101 53.86 -9.04 2.76
N TYR G 102 54.14 -7.73 2.87
CA TYR G 102 53.75 -6.81 1.81
C TYR G 102 54.45 -7.16 0.50
N GLY G 103 55.74 -7.46 0.56
CA GLY G 103 56.43 -8.03 -0.57
C GLY G 103 56.23 -9.53 -0.65
N ASP G 104 57.06 -10.17 -1.47
CA ASP G 104 57.00 -11.63 -1.60
C ASP G 104 57.68 -12.29 -0.40
N TYR G 105 57.10 -13.39 0.06
CA TYR G 105 57.80 -14.25 1.01
C TYR G 105 59.05 -14.86 0.38
N ASP G 106 58.93 -15.28 -0.89
CA ASP G 106 60.03 -15.94 -1.56
C ASP G 106 61.25 -15.04 -1.73
N VAL G 107 61.05 -13.76 -2.01
CA VAL G 107 62.15 -12.84 -2.20
C VAL G 107 62.75 -12.50 -0.84
N SER G 108 64.01 -12.06 -0.84
CA SER G 108 64.75 -11.76 0.37
C SER G 108 65.04 -10.27 0.44
N HIS G 109 64.52 -9.62 1.47
CA HIS G 109 64.71 -8.18 1.62
C HIS G 109 65.91 -7.84 2.50
N ASP G 110 65.89 -8.29 3.75
CA ASP G 110 66.96 -8.02 4.71
C ASP G 110 67.89 -9.21 4.81
N TRP G 111 69.18 -8.92 4.96
CA TRP G 111 70.21 -9.96 4.96
C TRP G 111 71.09 -9.81 6.20
N GLY G 112 71.55 -10.96 6.70
CA GLY G 112 72.48 -10.98 7.81
C GLY G 112 73.94 -10.95 7.35
N GLN G 113 74.84 -10.96 8.34
CA GLN G 113 76.26 -10.90 8.02
C GLN G 113 76.76 -12.20 7.42
N GLY G 114 76.17 -13.33 7.78
CA GLY G 114 76.66 -14.61 7.33
C GLY G 114 77.62 -15.24 8.33
N THR G 115 77.65 -16.57 8.32
CA THR G 115 78.50 -17.34 9.22
C THR G 115 79.38 -18.28 8.43
N LEU G 116 80.68 -18.27 8.73
CA LEU G 116 81.63 -19.18 8.09
C LEU G 116 81.66 -20.48 8.88
N VAL G 117 81.41 -21.59 8.19
CA VAL G 117 81.43 -22.91 8.81
C VAL G 117 82.40 -23.79 8.04
N THR G 118 83.31 -24.42 8.77
CA THR G 118 84.35 -25.26 8.19
C THR G 118 84.29 -26.65 8.81
N VAL G 119 84.43 -27.65 7.94
CA VAL G 119 84.48 -29.06 8.31
C VAL G 119 85.83 -29.60 7.84
N SER G 120 86.62 -30.11 8.78
CA SER G 120 87.95 -30.60 8.46
C SER G 120 88.33 -31.69 9.47
N SER G 121 89.59 -32.11 9.41
CA SER G 121 90.08 -33.14 10.32
C SER G 121 91.27 -32.63 11.12
#